data_8G9V
#
_entry.id   8G9V
#
_cell.length_a   96.150
_cell.length_b   161.560
_cell.length_c   100.770
_cell.angle_alpha   90.00
_cell.angle_beta   95.05
_cell.angle_gamma   90.00
#
_symmetry.space_group_name_H-M   'P 1 21 1'
#
loop_
_entity.id
_entity.type
_entity.pdbx_description
1 polymer '17-beta-hydroxysteroid dehydrogenase 13'
2 non-polymer NICOTINAMIDE-ADENINE-DINUCLEOTIDE
3 non-polymer '4-{[2,5-dimethyl-3-(4-methylbenzene-1-sulfonyl)benzene-1-sulfonyl]amino}benzoic acid'
4 non-polymer 'O-DODECANYL OCTAETHYLENE GLYCOL'
5 non-polymer 'SULFATE ION'
6 water water
#
_entity_poly.entity_id   1
_entity_poly.type   'polypeptide(L)'
_entity_poly.pdbx_seq_one_letter_code
;MGNIILEILLLLITIIYSYLESLVKFFIPQRRKSVAGEIVLITGAGHGIGRQTTYEFAKRKSRLVLWDINKHGVEETAAE
CRKLGVTAHAYVVDCSNREEIYRSLNQVKKEVGDVTIVVNNAGTVYPADLLSTKDEEITKTFEVNILGHFWITKALLPSM
MKRNHGHIVTVASVCGHEGIPYLIPYCSSKFAAVGFHRGLTSELQALGKTGIKTSCLCPVFVNTGFTKNPSTRLWPVLET
DEVVRSLIDGILTNKKMIFVPSYINIFLRLQKFLPERASAILNRMQNIQFEAVVGHKIKMKGSGHHHHHHHHHHH
;
_entity_poly.pdbx_strand_id   A,B,C,D,E,F,G,H
#
loop_
_chem_comp.id
_chem_comp.type
_chem_comp.name
_chem_comp.formula
CE1 non-polymer 'O-DODECANYL OCTAETHYLENE GLYCOL' 'C28 H58 O9'
NAD non-polymer NICOTINAMIDE-ADENINE-DINUCLEOTIDE 'C21 H27 N7 O14 P2'
SO4 non-polymer 'SULFATE ION' 'O4 S -2'
YYC non-polymer '4-{[2,5-dimethyl-3-(4-methylbenzene-1-sulfonyl)benzene-1-sulfonyl]amino}benzoic acid' 'C22 H21 N O6 S2'
#
# COMPACT_ATOMS: atom_id res chain seq x y z
N GLY A 2 -14.12 9.58 36.54
CA GLY A 2 -13.54 10.33 35.43
C GLY A 2 -14.34 11.53 34.98
N ASN A 3 -15.25 12.02 35.88
CA ASN A 3 -16.23 13.12 35.85
C ASN A 3 -16.63 13.68 34.46
N ILE A 4 -15.70 14.28 33.71
CA ILE A 4 -15.95 14.88 32.40
C ILE A 4 -16.43 13.86 31.36
N ILE A 5 -15.79 12.66 31.28
CA ILE A 5 -16.25 11.65 30.30
C ILE A 5 -17.59 11.05 30.73
N LEU A 6 -17.84 10.94 32.05
CA LEU A 6 -19.14 10.45 32.55
C LEU A 6 -20.27 11.37 32.06
N GLU A 7 -20.01 12.66 32.02
CA GLU A 7 -20.94 13.67 31.56
C GLU A 7 -21.08 13.68 30.07
N ILE A 8 -19.98 13.55 29.30
CA ILE A 8 -20.11 13.48 27.85
C ILE A 8 -20.89 12.23 27.44
N LEU A 9 -20.81 11.14 28.24
CA LEU A 9 -21.58 9.94 27.99
C LEU A 9 -23.05 10.26 28.22
N LEU A 10 -23.41 10.90 29.34
CA LEU A 10 -24.79 11.23 29.61
C LEU A 10 -25.38 12.16 28.58
N LEU A 11 -24.71 13.27 28.25
CA LEU A 11 -25.22 14.18 27.21
C LEU A 11 -25.38 13.48 25.85
N LEU A 12 -24.53 12.49 25.58
CA LEU A 12 -24.56 11.70 24.36
C LEU A 12 -25.75 10.75 24.38
N ILE A 13 -26.04 10.12 25.54
CA ILE A 13 -27.16 9.18 25.70
C ILE A 13 -28.45 9.93 25.43
N THR A 14 -28.68 11.05 26.12
CA THR A 14 -29.89 11.83 25.97
C THR A 14 -29.94 12.53 24.60
N ILE A 15 -28.81 12.76 23.92
CA ILE A 15 -28.85 13.35 22.57
C ILE A 15 -29.46 12.33 21.61
N ILE A 16 -28.98 11.08 21.64
CA ILE A 16 -29.50 10.06 20.71
C ILE A 16 -30.93 9.60 21.11
N TYR A 17 -31.35 9.82 22.37
CA TYR A 17 -32.71 9.55 22.83
C TYR A 17 -33.68 10.39 22.01
N SER A 18 -33.29 11.64 21.67
CA SER A 18 -34.09 12.51 20.82
C SER A 18 -33.76 12.37 19.34
N TYR A 19 -32.47 12.12 18.96
CA TYR A 19 -32.07 11.98 17.54
C TYR A 19 -33.00 11.03 16.77
N LEU A 20 -32.83 9.70 16.89
CA LEU A 20 -33.72 8.79 16.17
C LEU A 20 -34.51 7.87 17.13
N GLU A 21 -34.23 7.91 18.47
CA GLU A 21 -35.02 7.10 19.41
C GLU A 21 -36.42 7.70 19.64
N SER A 22 -36.55 9.04 19.52
CA SER A 22 -37.86 9.67 19.61
C SER A 22 -38.37 10.22 18.26
N LEU A 23 -37.68 9.90 17.13
CA LEU A 23 -38.04 10.24 15.74
C LEU A 23 -37.87 9.00 14.83
N PRO A 29 -40.15 8.17 10.21
CA PRO A 29 -40.77 7.32 9.17
C PRO A 29 -39.78 6.33 8.55
N GLN A 30 -39.45 5.27 9.32
CA GLN A 30 -38.46 4.21 9.01
C GLN A 30 -38.46 3.67 7.58
N ARG A 31 -37.31 3.78 6.90
CA ARG A 31 -37.16 3.24 5.56
C ARG A 31 -36.56 1.83 5.60
N ARG A 32 -37.03 0.97 4.71
CA ARG A 32 -36.56 -0.39 4.58
C ARG A 32 -35.94 -0.55 3.19
N LYS A 33 -34.74 -1.11 3.17
CA LYS A 33 -34.01 -1.27 1.92
C LYS A 33 -34.48 -2.48 1.10
N SER A 34 -34.00 -2.57 -0.14
CA SER A 34 -34.34 -3.67 -1.01
C SER A 34 -33.12 -4.57 -1.15
N VAL A 35 -33.33 -5.86 -0.91
CA VAL A 35 -32.26 -6.84 -1.11
C VAL A 35 -32.45 -7.61 -2.45
N ALA A 36 -33.32 -7.11 -3.36
CA ALA A 36 -33.57 -7.73 -4.64
C ALA A 36 -32.32 -7.60 -5.51
N GLY A 37 -31.93 -8.70 -6.15
CA GLY A 37 -30.75 -8.69 -7.01
C GLY A 37 -29.41 -8.82 -6.32
N GLU A 38 -29.39 -8.59 -5.00
CA GLU A 38 -28.22 -8.70 -4.16
C GLU A 38 -27.74 -10.15 -4.13
N ILE A 39 -26.42 -10.40 -4.09
CA ILE A 39 -25.90 -11.76 -3.99
C ILE A 39 -25.76 -12.10 -2.51
N VAL A 40 -26.62 -12.98 -2.01
CA VAL A 40 -26.66 -13.33 -0.60
C VAL A 40 -26.09 -14.71 -0.31
N LEU A 41 -25.07 -14.79 0.54
CA LEU A 41 -24.48 -16.07 0.93
C LEU A 41 -25.04 -16.43 2.30
N ILE A 42 -25.67 -17.61 2.43
CA ILE A 42 -26.18 -18.04 3.72
C ILE A 42 -25.51 -19.33 4.15
N THR A 43 -24.69 -19.29 5.21
CA THR A 43 -24.03 -20.50 5.69
C THR A 43 -24.99 -21.24 6.65
N GLY A 44 -24.86 -22.57 6.76
CA GLY A 44 -25.74 -23.37 7.58
C GLY A 44 -27.18 -23.35 7.09
N ALA A 45 -27.35 -23.23 5.75
CA ALA A 45 -28.65 -23.09 5.06
C ALA A 45 -29.46 -24.38 4.88
N GLY A 46 -28.95 -25.49 5.41
CA GLY A 46 -29.61 -26.78 5.28
C GLY A 46 -30.63 -27.12 6.34
N HIS A 47 -30.86 -26.21 7.29
CA HIS A 47 -31.81 -26.45 8.36
C HIS A 47 -32.02 -25.20 9.23
N GLY A 48 -33.06 -25.22 10.07
CA GLY A 48 -33.39 -24.18 11.03
C GLY A 48 -33.38 -22.74 10.55
N ILE A 49 -32.71 -21.86 11.32
CA ILE A 49 -32.62 -20.43 11.05
C ILE A 49 -32.09 -20.14 9.65
N GLY A 50 -31.04 -20.83 9.25
CA GLY A 50 -30.44 -20.63 7.93
C GLY A 50 -31.38 -20.97 6.81
N ARG A 51 -32.13 -22.07 6.96
CA ARG A 51 -33.09 -22.50 5.95
C ARG A 51 -34.23 -21.50 5.80
N GLN A 52 -34.82 -21.04 6.91
CA GLN A 52 -35.92 -20.10 6.86
C GLN A 52 -35.48 -18.71 6.35
N THR A 53 -34.26 -18.29 6.73
CA THR A 53 -33.70 -17.02 6.29
C THR A 53 -33.54 -17.02 4.78
N THR A 54 -33.07 -18.15 4.23
CA THR A 54 -32.92 -18.37 2.80
C THR A 54 -34.22 -18.11 2.05
N TYR A 55 -35.34 -18.64 2.58
CA TYR A 55 -36.66 -18.48 1.97
C TYR A 55 -37.10 -17.02 1.98
N GLU A 56 -36.73 -16.24 2.99
CA GLU A 56 -37.06 -14.82 3.05
C GLU A 56 -36.34 -14.01 2.00
N PHE A 57 -35.10 -14.39 1.69
CA PHE A 57 -34.33 -13.71 0.66
C PHE A 57 -34.85 -14.12 -0.74
N ALA A 58 -35.25 -15.41 -0.90
CA ALA A 58 -35.81 -15.95 -2.15
C ALA A 58 -37.11 -15.22 -2.47
N LYS A 59 -37.95 -14.98 -1.45
CA LYS A 59 -39.21 -14.26 -1.62
C LYS A 59 -38.95 -12.81 -2.05
N ARG A 60 -37.86 -12.20 -1.56
CA ARG A 60 -37.50 -10.82 -1.90
C ARG A 60 -36.68 -10.68 -3.19
N LYS A 61 -36.58 -11.77 -3.97
CA LYS A 61 -35.90 -11.86 -5.25
C LYS A 61 -34.40 -11.55 -5.18
N SER A 62 -33.72 -12.10 -4.15
CA SER A 62 -32.28 -11.98 -4.02
C SER A 62 -31.63 -13.14 -4.78
N ARG A 63 -30.38 -12.95 -5.18
CA ARG A 63 -29.61 -14.00 -5.84
C ARG A 63 -29.01 -14.81 -4.69
N LEU A 64 -29.22 -16.14 -4.64
CA LEU A 64 -28.80 -16.93 -3.49
C LEU A 64 -27.65 -17.91 -3.67
N VAL A 65 -26.72 -17.92 -2.70
CA VAL A 65 -25.63 -18.87 -2.62
C VAL A 65 -25.78 -19.57 -1.25
N LEU A 66 -26.02 -20.88 -1.25
CA LEU A 66 -26.27 -21.62 -0.02
C LEU A 66 -25.11 -22.52 0.33
N TRP A 67 -24.72 -22.55 1.61
CA TRP A 67 -23.60 -23.37 2.07
C TRP A 67 -24.02 -24.20 3.26
N ASP A 68 -23.57 -25.47 3.34
CA ASP A 68 -23.82 -26.36 4.46
C ASP A 68 -22.96 -27.63 4.35
N ILE A 69 -22.61 -28.27 5.48
CA ILE A 69 -21.89 -29.55 5.46
C ILE A 69 -22.81 -30.70 5.04
N ASN A 70 -24.11 -30.60 5.38
CA ASN A 70 -25.15 -31.57 5.12
C ASN A 70 -25.67 -31.40 3.69
N LYS A 71 -25.16 -32.24 2.77
CA LYS A 71 -25.49 -32.22 1.34
C LYS A 71 -26.98 -32.36 1.08
N HIS A 72 -27.67 -33.24 1.81
CA HIS A 72 -29.10 -33.44 1.60
C HIS A 72 -29.94 -32.23 2.02
N GLY A 73 -29.60 -31.66 3.15
CA GLY A 73 -30.28 -30.50 3.69
C GLY A 73 -30.16 -29.26 2.83
N VAL A 74 -28.94 -28.95 2.35
CA VAL A 74 -28.73 -27.77 1.51
C VAL A 74 -29.41 -27.95 0.13
N GLU A 75 -29.48 -29.19 -0.37
CA GLU A 75 -30.15 -29.50 -1.64
C GLU A 75 -31.67 -29.35 -1.49
N GLU A 76 -32.21 -29.77 -0.33
CA GLU A 76 -33.62 -29.67 0.02
C GLU A 76 -34.04 -28.18 0.09
N THR A 77 -33.16 -27.30 0.61
CA THR A 77 -33.40 -25.86 0.71
C THR A 77 -33.39 -25.21 -0.67
N ALA A 78 -32.43 -25.61 -1.51
CA ALA A 78 -32.30 -25.10 -2.89
C ALA A 78 -33.50 -25.51 -3.75
N ALA A 79 -34.10 -26.69 -3.47
CA ALA A 79 -35.27 -27.19 -4.17
C ALA A 79 -36.48 -26.35 -3.82
N GLU A 80 -36.62 -25.99 -2.54
CA GLU A 80 -37.73 -25.14 -2.11
C GLU A 80 -37.58 -23.70 -2.62
N CYS A 81 -36.35 -23.26 -2.84
CA CYS A 81 -36.07 -21.94 -3.41
C CYS A 81 -36.58 -21.88 -4.85
N ARG A 82 -36.40 -22.98 -5.61
CA ARG A 82 -36.87 -23.05 -6.98
C ARG A 82 -38.40 -22.91 -7.02
N LYS A 83 -39.11 -23.51 -6.03
CA LYS A 83 -40.57 -23.40 -5.88
C LYS A 83 -40.96 -21.94 -5.55
N LEU A 84 -40.11 -21.22 -4.80
CA LEU A 84 -40.31 -19.80 -4.46
C LEU A 84 -39.97 -18.82 -5.60
N GLY A 85 -39.44 -19.34 -6.72
CA GLY A 85 -39.11 -18.56 -7.91
C GLY A 85 -37.65 -18.24 -8.12
N VAL A 86 -36.76 -18.62 -7.18
CA VAL A 86 -35.33 -18.31 -7.32
C VAL A 86 -34.49 -19.57 -7.42
N THR A 87 -33.65 -19.71 -8.47
CA THR A 87 -32.77 -20.88 -8.56
C THR A 87 -31.51 -20.56 -7.75
N ALA A 88 -31.33 -21.24 -6.62
CA ALA A 88 -30.19 -21.01 -5.74
C ALA A 88 -28.95 -21.81 -6.16
N HIS A 89 -27.78 -21.36 -5.74
CA HIS A 89 -26.53 -22.05 -6.01
C HIS A 89 -26.13 -22.72 -4.73
N ALA A 90 -26.45 -24.00 -4.56
CA ALA A 90 -26.13 -24.73 -3.34
C ALA A 90 -24.74 -25.37 -3.43
N TYR A 91 -24.00 -25.35 -2.32
CA TYR A 91 -22.65 -25.91 -2.23
C TYR A 91 -22.48 -26.65 -0.91
N VAL A 92 -21.66 -27.69 -0.91
CA VAL A 92 -21.36 -28.43 0.30
C VAL A 92 -19.99 -27.95 0.79
N VAL A 93 -19.99 -27.04 1.76
CA VAL A 93 -18.75 -26.48 2.27
C VAL A 93 -18.72 -26.61 3.79
N ASP A 94 -17.55 -27.00 4.33
CA ASP A 94 -17.31 -27.14 5.76
C ASP A 94 -16.73 -25.83 6.23
N CYS A 95 -17.55 -25.02 6.94
CA CYS A 95 -17.14 -23.70 7.41
C CYS A 95 -16.07 -23.70 8.51
N SER A 96 -15.65 -24.89 8.97
CA SER A 96 -14.55 -25.00 9.91
C SER A 96 -13.19 -24.94 9.16
N ASN A 97 -13.16 -25.42 7.90
CA ASN A 97 -11.99 -25.49 7.03
C ASN A 97 -11.69 -24.19 6.30
N ARG A 98 -10.56 -23.54 6.63
CA ARG A 98 -10.14 -22.29 6.01
C ARG A 98 -9.86 -22.46 4.53
N GLU A 99 -9.13 -23.52 4.12
CA GLU A 99 -8.79 -23.77 2.72
C GLU A 99 -10.03 -24.13 1.90
N GLU A 100 -10.98 -24.86 2.51
CA GLU A 100 -12.20 -25.24 1.80
C GLU A 100 -13.10 -24.02 1.55
N ILE A 101 -13.13 -23.08 2.49
CA ILE A 101 -13.91 -21.85 2.39
C ILE A 101 -13.37 -21.03 1.21
N TYR A 102 -12.04 -20.84 1.13
CA TYR A 102 -11.40 -20.07 0.09
C TYR A 102 -11.62 -20.69 -1.28
N ARG A 103 -11.46 -22.02 -1.42
CA ARG A 103 -11.67 -22.73 -2.70
C ARG A 103 -13.13 -22.54 -3.13
N SER A 104 -14.08 -22.70 -2.22
CA SER A 104 -15.49 -22.55 -2.54
C SER A 104 -15.86 -21.12 -2.87
N LEU A 105 -15.22 -20.13 -2.23
CA LEU A 105 -15.49 -18.73 -2.55
C LEU A 105 -14.94 -18.33 -3.91
N ASN A 106 -13.86 -18.97 -4.38
CA ASN A 106 -13.38 -18.70 -5.74
C ASN A 106 -14.41 -19.24 -6.75
N GLN A 107 -15.02 -20.40 -6.43
CA GLN A 107 -16.04 -21.03 -7.25
C GLN A 107 -17.27 -20.13 -7.30
N VAL A 108 -17.66 -19.55 -6.13
CA VAL A 108 -18.77 -18.61 -6.04
C VAL A 108 -18.50 -17.36 -6.89
N LYS A 109 -17.25 -16.85 -6.86
CA LYS A 109 -16.88 -15.69 -7.67
C LYS A 109 -17.05 -16.01 -9.17
N LYS A 110 -16.59 -17.18 -9.60
CA LYS A 110 -16.66 -17.61 -11.00
C LYS A 110 -18.09 -17.89 -11.48
N GLU A 111 -18.89 -18.61 -10.67
CA GLU A 111 -20.24 -19.04 -11.04
C GLU A 111 -21.37 -18.05 -10.73
N VAL A 112 -21.25 -17.31 -9.63
CA VAL A 112 -22.32 -16.40 -9.21
C VAL A 112 -21.89 -14.92 -9.30
N GLY A 113 -20.75 -14.60 -8.68
CA GLY A 113 -20.23 -13.24 -8.68
C GLY A 113 -19.74 -12.84 -7.30
N ASP A 114 -19.67 -11.54 -7.05
CA ASP A 114 -19.23 -10.99 -5.76
C ASP A 114 -20.37 -10.93 -4.76
N VAL A 115 -20.26 -11.66 -3.65
CA VAL A 115 -21.28 -11.67 -2.59
C VAL A 115 -21.40 -10.26 -1.99
N THR A 116 -22.63 -9.81 -1.77
CA THR A 116 -22.97 -8.49 -1.25
C THR A 116 -23.47 -8.57 0.19
N ILE A 117 -24.23 -9.63 0.53
CA ILE A 117 -24.73 -9.84 1.89
C ILE A 117 -24.25 -11.21 2.34
N VAL A 118 -23.61 -11.29 3.53
CA VAL A 118 -23.13 -12.55 4.08
C VAL A 118 -23.84 -12.83 5.41
N VAL A 119 -24.53 -13.97 5.51
CA VAL A 119 -25.17 -14.35 6.75
C VAL A 119 -24.39 -15.51 7.31
N ASN A 120 -23.49 -15.23 8.27
CA ASN A 120 -22.64 -16.23 8.92
C ASN A 120 -23.50 -16.92 9.96
N ASN A 121 -24.28 -17.90 9.52
CA ASN A 121 -25.22 -18.59 10.37
C ASN A 121 -24.73 -19.93 10.87
N ALA A 122 -23.93 -20.69 10.08
CA ALA A 122 -23.46 -22.03 10.48
C ALA A 122 -22.83 -22.04 11.87
N GLY A 123 -23.23 -22.98 12.68
CA GLY A 123 -22.77 -23.06 14.06
C GLY A 123 -22.80 -24.49 14.58
N THR A 124 -22.03 -24.72 15.64
CA THR A 124 -21.94 -26.05 16.23
C THR A 124 -21.88 -25.99 17.76
N VAL A 125 -22.41 -27.02 18.42
CA VAL A 125 -22.42 -27.10 19.87
C VAL A 125 -22.32 -28.55 20.31
N TYR A 126 -21.60 -28.80 21.41
CA TYR A 126 -21.46 -30.13 21.98
C TYR A 126 -21.72 -30.00 23.47
N PRO A 127 -23.00 -29.89 23.91
CA PRO A 127 -23.28 -29.69 25.35
C PRO A 127 -22.68 -30.71 26.30
N ALA A 128 -21.91 -30.21 27.29
CA ALA A 128 -21.22 -31.00 28.32
C ALA A 128 -20.54 -30.09 29.30
N ASP A 129 -20.35 -30.56 30.53
CA ASP A 129 -19.57 -29.81 31.52
C ASP A 129 -18.10 -29.82 31.07
N LEU A 130 -17.34 -28.76 31.31
CA LEU A 130 -15.96 -28.62 30.84
C LEU A 130 -15.10 -29.90 30.90
N LEU A 131 -15.15 -30.66 32.01
CA LEU A 131 -14.34 -31.87 32.16
C LEU A 131 -14.79 -33.05 31.29
N SER A 132 -16.05 -33.02 30.82
CA SER A 132 -16.60 -34.05 29.93
C SER A 132 -16.50 -33.68 28.45
N THR A 133 -16.01 -32.47 28.14
CA THR A 133 -15.87 -32.05 26.75
C THR A 133 -14.71 -32.80 26.09
N LYS A 134 -14.74 -32.90 24.77
CA LYS A 134 -13.66 -33.51 23.99
C LYS A 134 -12.89 -32.34 23.42
N ASP A 135 -11.55 -32.35 23.51
CA ASP A 135 -10.74 -31.26 23.01
C ASP A 135 -10.94 -30.97 21.50
N GLU A 136 -11.25 -32.02 20.70
CA GLU A 136 -11.51 -31.87 19.26
C GLU A 136 -12.78 -31.07 19.06
N GLU A 137 -13.80 -31.28 19.92
CA GLU A 137 -15.09 -30.60 19.89
C GLU A 137 -14.95 -29.15 20.30
N ILE A 138 -14.04 -28.85 21.24
CA ILE A 138 -13.76 -27.48 21.68
C ILE A 138 -13.16 -26.71 20.50
N THR A 139 -12.18 -27.32 19.80
CA THR A 139 -11.53 -26.71 18.64
C THR A 139 -12.56 -26.51 17.53
N LYS A 140 -13.39 -27.53 17.27
CA LYS A 140 -14.42 -27.46 16.25
C LYS A 140 -15.44 -26.37 16.54
N THR A 141 -15.78 -26.14 17.82
CA THR A 141 -16.74 -25.11 18.20
C THR A 141 -16.19 -23.73 17.81
N PHE A 142 -14.88 -23.50 18.02
CA PHE A 142 -14.28 -22.22 17.66
C PHE A 142 -14.09 -22.07 16.14
N GLU A 143 -13.70 -23.16 15.46
CA GLU A 143 -13.47 -23.14 14.01
C GLU A 143 -14.72 -22.76 13.26
N VAL A 144 -15.88 -23.26 13.67
CA VAL A 144 -17.15 -22.95 13.02
C VAL A 144 -17.78 -21.64 13.52
N ASN A 145 -17.96 -21.48 14.83
CA ASN A 145 -18.67 -20.34 15.41
C ASN A 145 -17.94 -18.99 15.31
N ILE A 146 -16.59 -18.98 15.16
CA ILE A 146 -15.89 -17.68 15.08
C ILE A 146 -14.80 -17.66 14.00
N LEU A 147 -13.87 -18.62 13.97
CA LEU A 147 -12.80 -18.60 12.99
C LEU A 147 -13.31 -18.58 11.54
N GLY A 148 -14.39 -19.32 11.25
CA GLY A 148 -15.00 -19.33 9.93
C GLY A 148 -15.53 -17.98 9.51
N HIS A 149 -15.98 -17.18 10.48
CA HIS A 149 -16.47 -15.81 10.25
C HIS A 149 -15.32 -14.93 9.76
N PHE A 150 -14.10 -15.14 10.30
CA PHE A 150 -12.91 -14.38 9.92
C PHE A 150 -12.48 -14.67 8.47
N TRP A 151 -12.48 -15.95 8.07
CA TRP A 151 -12.05 -16.28 6.73
C TRP A 151 -13.06 -15.87 5.67
N ILE A 152 -14.38 -16.03 5.95
CA ILE A 152 -15.42 -15.67 4.98
C ILE A 152 -15.42 -14.15 4.80
N THR A 153 -15.33 -13.40 5.91
CA THR A 153 -15.31 -11.94 5.84
C THR A 153 -14.07 -11.44 5.11
N LYS A 154 -12.86 -11.87 5.50
CA LYS A 154 -11.62 -11.44 4.83
C LYS A 154 -11.64 -11.65 3.32
N ALA A 155 -12.32 -12.72 2.86
CA ALA A 155 -12.41 -13.05 1.44
C ALA A 155 -13.44 -12.20 0.71
N LEU A 156 -14.58 -11.91 1.34
CA LEU A 156 -15.65 -11.15 0.70
C LEU A 156 -15.59 -9.65 0.88
N LEU A 157 -14.90 -9.20 1.92
CA LEU A 157 -14.80 -7.80 2.26
C LEU A 157 -14.15 -6.93 1.21
N PRO A 158 -13.05 -7.33 0.53
CA PRO A 158 -12.43 -6.43 -0.47
C PRO A 158 -13.36 -5.84 -1.54
N SER A 159 -14.28 -6.66 -2.10
CA SER A 159 -15.24 -6.21 -3.10
C SER A 159 -16.23 -5.22 -2.49
N MET A 160 -16.69 -5.50 -1.26
CA MET A 160 -17.62 -4.62 -0.56
C MET A 160 -16.96 -3.27 -0.26
N MET A 161 -15.65 -3.27 0.03
CA MET A 161 -14.88 -2.07 0.33
C MET A 161 -14.76 -1.23 -0.91
N LYS A 162 -14.44 -1.86 -2.05
CA LYS A 162 -14.32 -1.17 -3.34
C LYS A 162 -15.63 -0.46 -3.73
N ARG A 163 -16.79 -1.12 -3.53
CA ARG A 163 -18.09 -0.54 -3.85
C ARG A 163 -18.72 0.27 -2.71
N ASN A 164 -18.14 0.23 -1.48
CA ASN A 164 -18.71 0.83 -0.26
C ASN A 164 -20.16 0.33 -0.05
N HIS A 165 -20.37 -0.96 -0.30
CA HIS A 165 -21.68 -1.54 -0.21
C HIS A 165 -21.59 -2.98 0.17
N GLY A 166 -22.29 -3.34 1.22
CA GLY A 166 -22.32 -4.71 1.70
C GLY A 166 -23.06 -4.84 3.00
N HIS A 167 -23.18 -6.08 3.49
CA HIS A 167 -23.83 -6.33 4.76
C HIS A 167 -23.27 -7.61 5.37
N ILE A 168 -22.61 -7.49 6.52
CA ILE A 168 -22.08 -8.65 7.22
C ILE A 168 -23.00 -8.95 8.41
N VAL A 169 -23.69 -10.08 8.36
CA VAL A 169 -24.59 -10.53 9.42
C VAL A 169 -23.90 -11.63 10.23
N THR A 170 -23.64 -11.36 11.50
CA THR A 170 -23.02 -12.33 12.40
C THR A 170 -24.12 -12.96 13.20
N VAL A 171 -24.34 -14.29 13.06
CA VAL A 171 -25.37 -14.95 13.86
C VAL A 171 -24.71 -15.46 15.14
N ALA A 172 -24.81 -14.68 16.22
CA ALA A 172 -24.20 -15.05 17.48
C ALA A 172 -25.26 -15.75 18.40
N SER A 173 -25.68 -15.24 19.60
CA SER A 173 -26.62 -15.85 20.55
C SER A 173 -26.66 -15.01 21.83
N VAL A 174 -27.67 -15.22 22.71
CA VAL A 174 -27.63 -14.57 24.06
C VAL A 174 -26.42 -15.08 24.85
N CYS A 175 -25.92 -16.31 24.51
CA CYS A 175 -24.71 -16.90 25.05
C CYS A 175 -23.42 -16.14 24.68
N GLY A 176 -23.53 -15.12 23.81
CA GLY A 176 -22.45 -14.21 23.48
C GLY A 176 -22.42 -12.99 24.40
N HIS A 177 -23.43 -12.90 25.30
CA HIS A 177 -23.63 -11.85 26.29
C HIS A 177 -23.54 -12.37 27.73
N GLU A 178 -23.85 -13.65 27.95
CA GLU A 178 -23.73 -14.26 29.27
C GLU A 178 -23.40 -15.76 29.13
N GLY A 179 -22.48 -16.24 29.95
CA GLY A 179 -22.10 -17.64 30.00
C GLY A 179 -23.10 -18.47 30.78
N ILE A 180 -23.37 -19.68 30.28
CA ILE A 180 -24.32 -20.57 30.90
C ILE A 180 -23.65 -21.95 31.13
N PRO A 181 -24.08 -22.70 32.18
CA PRO A 181 -23.42 -23.98 32.47
C PRO A 181 -23.58 -25.02 31.39
N TYR A 182 -22.63 -25.95 31.31
CA TYR A 182 -22.63 -27.07 30.37
C TYR A 182 -22.54 -26.64 28.89
N LEU A 183 -22.14 -25.38 28.64
CA LEU A 183 -21.98 -24.80 27.31
C LEU A 183 -20.81 -23.78 27.33
N ILE A 184 -19.77 -24.00 28.16
CA ILE A 184 -18.62 -23.07 28.28
C ILE A 184 -17.89 -22.83 26.95
N PRO A 185 -17.46 -23.84 26.16
CA PRO A 185 -16.80 -23.54 24.88
C PRO A 185 -17.74 -22.86 23.89
N TYR A 186 -19.04 -23.19 23.93
CA TYR A 186 -20.01 -22.59 23.02
C TYR A 186 -20.22 -21.11 23.34
N CYS A 187 -20.39 -20.78 24.62
CA CYS A 187 -20.56 -19.40 25.04
C CYS A 187 -19.30 -18.61 24.73
N SER A 188 -18.11 -19.18 24.97
CA SER A 188 -16.84 -18.52 24.67
C SER A 188 -16.74 -18.19 23.16
N SER A 189 -17.08 -19.14 22.28
CA SER A 189 -17.05 -18.92 20.84
C SER A 189 -18.09 -17.87 20.41
N LYS A 190 -19.29 -17.85 21.06
CA LYS A 190 -20.35 -16.88 20.75
C LYS A 190 -20.00 -15.46 21.26
N PHE A 191 -19.22 -15.37 22.35
CA PHE A 191 -18.73 -14.10 22.87
C PHE A 191 -17.75 -13.53 21.85
N ALA A 192 -16.88 -14.40 21.28
CA ALA A 192 -15.92 -14.05 20.24
C ALA A 192 -16.66 -13.55 18.99
N ALA A 193 -17.80 -14.15 18.64
CA ALA A 193 -18.62 -13.72 17.49
C ALA A 193 -19.16 -12.31 17.73
N VAL A 194 -19.61 -12.02 18.95
CA VAL A 194 -20.11 -10.69 19.28
C VAL A 194 -18.98 -9.68 19.19
N GLY A 195 -17.80 -10.02 19.74
CA GLY A 195 -16.62 -9.18 19.73
C GLY A 195 -16.14 -8.87 18.34
N PHE A 196 -16.24 -9.87 17.44
CA PHE A 196 -15.87 -9.74 16.03
C PHE A 196 -16.79 -8.70 15.37
N HIS A 197 -18.09 -8.78 15.60
CA HIS A 197 -19.05 -7.84 15.05
C HIS A 197 -18.78 -6.41 15.58
N ARG A 198 -18.55 -6.29 16.89
CA ARG A 198 -18.29 -4.99 17.49
C ARG A 198 -17.05 -4.33 16.93
N GLY A 199 -16.00 -5.13 16.74
CA GLY A 199 -14.73 -4.66 16.19
C GLY A 199 -14.84 -4.32 14.73
N LEU A 200 -15.56 -5.15 13.95
CA LEU A 200 -15.78 -4.94 12.53
C LEU A 200 -16.53 -3.64 12.30
N THR A 201 -17.57 -3.37 13.11
CA THR A 201 -18.35 -2.16 13.05
C THR A 201 -17.46 -0.91 13.26
N SER A 202 -16.57 -0.95 14.27
CA SER A 202 -15.66 0.17 14.55
C SER A 202 -14.65 0.34 13.44
N GLU A 203 -14.09 -0.77 12.94
CA GLU A 203 -13.06 -0.69 11.93
C GLU A 203 -13.59 -0.17 10.63
N LEU A 204 -14.80 -0.56 10.24
CA LEU A 204 -15.43 -0.04 9.03
C LEU A 204 -15.65 1.47 9.12
N GLN A 205 -16.02 1.92 10.30
CA GLN A 205 -16.25 3.33 10.57
C GLN A 205 -14.92 4.10 10.46
N ALA A 206 -13.83 3.56 11.04
CA ALA A 206 -12.49 4.14 10.98
C ALA A 206 -11.92 4.13 9.57
N LEU A 207 -12.20 3.10 8.79
CA LEU A 207 -11.76 3.02 7.40
C LEU A 207 -12.61 3.86 6.42
N GLY A 208 -13.73 4.43 6.89
CA GLY A 208 -14.65 5.23 6.12
C GLY A 208 -15.53 4.43 5.19
N LYS A 209 -15.67 3.10 5.45
CA LYS A 209 -16.46 2.15 4.65
C LYS A 209 -17.79 1.77 5.33
N THR A 210 -18.59 2.77 5.70
CA THR A 210 -19.87 2.59 6.40
C THR A 210 -20.99 2.05 5.53
N GLY A 211 -20.86 2.12 4.21
CA GLY A 211 -21.84 1.50 3.31
C GLY A 211 -21.86 -0.02 3.42
N ILE A 212 -20.88 -0.61 4.12
CA ILE A 212 -20.84 -2.02 4.42
C ILE A 212 -21.48 -2.07 5.81
N LYS A 213 -22.77 -2.38 5.87
CA LYS A 213 -23.50 -2.47 7.12
C LYS A 213 -23.16 -3.75 7.87
N THR A 214 -23.41 -3.77 9.19
CA THR A 214 -23.15 -4.93 10.03
C THR A 214 -24.36 -5.16 10.93
N SER A 215 -24.70 -6.43 11.17
CA SER A 215 -25.81 -6.84 12.04
C SER A 215 -25.39 -8.06 12.86
N CYS A 216 -25.82 -8.15 14.10
CA CYS A 216 -25.50 -9.26 14.98
C CYS A 216 -26.78 -9.82 15.55
N LEU A 217 -27.13 -11.07 15.20
CA LEU A 217 -28.34 -11.70 15.68
C LEU A 217 -28.07 -12.46 16.97
N CYS A 218 -28.70 -12.07 18.08
CA CYS A 218 -28.54 -12.74 19.35
C CYS A 218 -29.86 -13.29 19.89
N PRO A 219 -30.32 -14.46 19.44
CA PRO A 219 -31.58 -15.00 19.95
C PRO A 219 -31.41 -15.86 21.19
N VAL A 220 -32.53 -16.06 21.92
CA VAL A 220 -32.57 -16.97 23.08
C VAL A 220 -32.81 -18.39 22.51
N PHE A 221 -33.07 -19.42 23.35
CA PHE A 221 -33.30 -20.78 22.85
C PHE A 221 -34.42 -20.84 21.79
N VAL A 222 -34.07 -21.34 20.59
CA VAL A 222 -34.97 -21.54 19.45
C VAL A 222 -35.18 -23.04 19.27
N ASN A 223 -36.41 -23.44 19.01
CA ASN A 223 -36.82 -24.82 18.79
C ASN A 223 -36.38 -25.33 17.38
N THR A 224 -35.06 -25.52 17.16
CA THR A 224 -34.54 -26.02 15.87
C THR A 224 -33.83 -27.38 15.95
N GLY A 225 -33.71 -27.94 17.15
CA GLY A 225 -33.00 -29.19 17.33
C GLY A 225 -31.50 -29.05 17.51
N PHE A 226 -30.98 -27.80 17.46
CA PHE A 226 -29.58 -27.43 17.68
C PHE A 226 -29.15 -27.97 19.07
N THR A 227 -29.96 -27.68 20.08
CA THR A 227 -29.82 -28.21 21.43
C THR A 227 -31.16 -28.89 21.77
N LYS A 228 -31.18 -29.96 22.58
CA LYS A 228 -32.45 -30.62 22.91
C LYS A 228 -33.35 -29.77 23.81
N ASN A 229 -34.66 -29.94 23.63
CA ASN A 229 -35.69 -29.19 24.36
C ASN A 229 -35.92 -29.75 25.77
N PRO A 230 -36.03 -28.88 26.78
CA PRO A 230 -36.25 -29.36 28.16
C PRO A 230 -37.65 -29.96 28.44
N LEU A 234 -42.62 -25.76 29.71
CA LEU A 234 -41.72 -25.66 30.86
C LEU A 234 -41.16 -24.20 30.93
N TRP A 235 -40.09 -23.89 30.18
CA TRP A 235 -39.53 -22.55 30.03
C TRP A 235 -40.08 -22.04 28.67
N PRO A 236 -40.35 -20.73 28.49
CA PRO A 236 -40.86 -20.26 27.17
C PRO A 236 -39.94 -20.64 26.00
N VAL A 237 -40.50 -21.18 24.88
CA VAL A 237 -39.66 -21.57 23.74
C VAL A 237 -39.87 -20.64 22.51
N LEU A 238 -38.80 -20.32 21.79
CA LEU A 238 -38.87 -19.44 20.63
C LEU A 238 -39.04 -20.23 19.37
N GLU A 239 -39.76 -19.70 18.39
CA GLU A 239 -39.99 -20.40 17.13
C GLU A 239 -39.13 -19.81 16.03
N THR A 240 -38.67 -20.65 15.11
CA THR A 240 -37.77 -20.22 14.04
C THR A 240 -38.30 -19.03 13.24
N ASP A 241 -39.61 -19.04 12.93
CA ASP A 241 -40.29 -17.98 12.20
C ASP A 241 -40.17 -16.59 12.86
N GLU A 242 -40.26 -16.53 14.19
CA GLU A 242 -40.13 -15.26 14.91
C GLU A 242 -38.69 -14.73 14.77
N VAL A 243 -37.70 -15.62 14.89
CA VAL A 243 -36.29 -15.26 14.81
C VAL A 243 -35.98 -14.72 13.43
N VAL A 244 -36.46 -15.41 12.39
CA VAL A 244 -36.22 -15.00 11.02
C VAL A 244 -36.94 -13.68 10.69
N ARG A 245 -38.12 -13.46 11.27
CA ARG A 245 -38.86 -12.22 11.10
C ARG A 245 -38.06 -11.06 11.73
N SER A 246 -37.46 -11.27 12.90
CA SER A 246 -36.66 -10.26 13.56
C SER A 246 -35.34 -10.01 12.84
N LEU A 247 -34.76 -11.05 12.26
CA LEU A 247 -33.51 -10.97 11.52
C LEU A 247 -33.71 -10.16 10.23
N ILE A 248 -34.77 -10.47 9.44
CA ILE A 248 -35.03 -9.79 8.19
C ILE A 248 -35.36 -8.33 8.45
N ASP A 249 -36.18 -8.04 9.46
CA ASP A 249 -36.53 -6.65 9.81
C ASP A 249 -35.28 -5.87 10.20
N GLY A 250 -34.35 -6.52 10.90
CA GLY A 250 -33.11 -5.91 11.31
C GLY A 250 -32.19 -5.65 10.14
N ILE A 251 -32.06 -6.63 9.21
CA ILE A 251 -31.20 -6.48 8.03
C ILE A 251 -31.67 -5.33 7.17
N LEU A 252 -32.99 -5.27 6.85
CA LEU A 252 -33.58 -4.24 6.00
C LEU A 252 -33.55 -2.85 6.63
N THR A 253 -33.57 -2.77 7.97
CA THR A 253 -33.53 -1.47 8.66
C THR A 253 -32.14 -1.12 9.24
N ASN A 254 -31.09 -1.88 8.85
CA ASN A 254 -29.69 -1.74 9.24
C ASN A 254 -29.46 -1.73 10.74
N LYS A 255 -30.25 -2.54 11.47
CA LYS A 255 -30.14 -2.71 12.92
C LYS A 255 -28.79 -3.40 13.19
N LYS A 256 -27.97 -2.85 14.10
CA LYS A 256 -26.68 -3.45 14.41
C LYS A 256 -26.78 -4.59 15.40
N MET A 257 -27.52 -4.43 16.50
CA MET A 257 -27.66 -5.47 17.50
C MET A 257 -29.09 -5.93 17.53
N ILE A 258 -29.35 -7.15 17.04
CA ILE A 258 -30.68 -7.72 16.95
C ILE A 258 -30.86 -8.80 18.01
N PHE A 259 -31.40 -8.47 19.18
CA PHE A 259 -31.71 -9.45 20.19
C PHE A 259 -33.09 -10.05 19.89
N VAL A 260 -33.27 -11.36 20.09
CA VAL A 260 -34.59 -11.99 19.87
C VAL A 260 -35.01 -12.74 21.14
N PRO A 261 -36.04 -12.28 21.87
CA PRO A 261 -36.85 -11.07 21.63
C PRO A 261 -36.07 -9.78 21.95
N SER A 262 -36.46 -8.68 21.30
CA SER A 262 -35.78 -7.40 21.47
C SER A 262 -35.51 -6.95 22.89
N TYR A 263 -36.45 -7.22 23.81
CA TYR A 263 -36.30 -6.79 25.20
C TYR A 263 -35.29 -7.55 26.04
N ILE A 264 -34.66 -8.64 25.51
CA ILE A 264 -33.69 -9.38 26.34
C ILE A 264 -32.44 -8.54 26.66
N ASN A 265 -32.26 -7.35 26.05
CA ASN A 265 -31.17 -6.45 26.43
C ASN A 265 -31.46 -5.83 27.82
N ILE A 266 -32.74 -5.68 28.20
CA ILE A 266 -33.12 -5.19 29.52
C ILE A 266 -32.80 -6.27 30.55
N PHE A 267 -33.12 -7.55 30.25
CA PHE A 267 -32.83 -8.69 31.12
C PHE A 267 -31.35 -8.82 31.41
N LEU A 268 -30.50 -8.62 30.38
CA LEU A 268 -29.05 -8.69 30.55
C LEU A 268 -28.59 -7.59 31.49
N ARG A 269 -29.18 -6.38 31.37
CA ARG A 269 -28.86 -5.21 32.20
C ARG A 269 -29.34 -5.34 33.66
N LEU A 270 -30.35 -6.17 33.90
CA LEU A 270 -30.89 -6.41 35.22
C LEU A 270 -30.27 -7.64 35.89
N GLN A 271 -29.16 -8.21 35.37
CA GLN A 271 -28.56 -9.43 35.95
C GLN A 271 -28.07 -9.22 37.40
N LYS A 272 -27.40 -8.09 37.68
CA LYS A 272 -26.94 -7.70 39.02
C LYS A 272 -28.09 -7.69 40.06
N PHE A 273 -29.34 -7.63 39.59
CA PHE A 273 -30.52 -7.59 40.43
C PHE A 273 -31.29 -8.92 40.47
N LEU A 274 -30.73 -10.02 39.94
CA LEU A 274 -31.43 -11.31 39.97
C LEU A 274 -31.46 -11.78 41.39
N PRO A 275 -32.65 -12.00 41.97
CA PRO A 275 -32.70 -12.43 43.38
C PRO A 275 -31.97 -13.75 43.59
N GLU A 276 -31.35 -13.96 44.76
CA GLU A 276 -30.66 -15.19 45.10
C GLU A 276 -31.59 -16.41 44.95
N ARG A 277 -32.87 -16.25 45.33
CA ARG A 277 -33.83 -17.33 45.19
C ARG A 277 -34.08 -17.73 43.76
N ALA A 278 -34.11 -16.74 42.85
CA ALA A 278 -34.34 -17.00 41.44
C ALA A 278 -33.12 -17.70 40.85
N SER A 279 -31.90 -17.26 41.21
CA SER A 279 -30.68 -17.90 40.72
C SER A 279 -30.63 -19.38 41.15
N ALA A 280 -31.09 -19.68 42.38
CA ALA A 280 -31.14 -21.03 42.91
C ALA A 280 -32.08 -21.93 42.08
N ILE A 281 -33.26 -21.41 41.65
CA ILE A 281 -34.21 -22.17 40.82
C ILE A 281 -33.61 -22.36 39.42
N LEU A 282 -33.08 -21.29 38.81
CA LEU A 282 -32.55 -21.35 37.45
C LEU A 282 -31.43 -22.33 37.36
N ASN A 283 -30.43 -22.24 38.28
CA ASN A 283 -29.32 -23.20 38.18
C ASN A 283 -29.68 -24.56 38.77
N ARG A 284 -30.97 -24.81 39.03
CA ARG A 284 -31.55 -26.09 39.43
C ARG A 284 -32.23 -26.68 38.17
N MET A 285 -32.89 -25.84 37.32
CA MET A 285 -33.45 -26.34 36.06
C MET A 285 -32.36 -26.61 35.02
N GLN A 286 -31.21 -25.92 35.10
CA GLN A 286 -30.08 -26.10 34.20
C GLN A 286 -29.47 -27.48 34.33
N ASN A 287 -29.42 -28.01 35.56
CA ASN A 287 -28.91 -29.36 35.78
C ASN A 287 -30.00 -30.40 35.64
N ILE A 288 -31.26 -30.03 35.90
CA ILE A 288 -32.38 -30.93 35.68
C ILE A 288 -32.53 -31.26 34.16
N GLN A 289 -32.11 -30.33 33.28
CA GLN A 289 -32.14 -30.57 31.84
C GLN A 289 -30.81 -31.11 31.31
N PHE A 290 -29.69 -30.91 32.04
CA PHE A 290 -28.41 -31.47 31.61
C PHE A 290 -28.49 -32.99 31.70
N GLU A 291 -29.08 -33.51 32.80
CA GLU A 291 -29.31 -34.94 33.05
C GLU A 291 -30.22 -35.62 31.99
N ALA A 292 -30.50 -34.91 30.87
CA ALA A 292 -31.30 -35.37 29.74
C ALA A 292 -30.65 -34.90 28.41
N GLY B 2 -40.95 4.15 22.28
CA GLY B 2 -39.51 3.99 22.17
C GLY B 2 -38.85 3.50 23.45
N ASN B 3 -39.67 3.02 24.43
CA ASN B 3 -39.26 2.50 25.75
C ASN B 3 -38.45 3.51 26.53
N ILE B 4 -38.76 4.81 26.34
CA ILE B 4 -38.07 5.95 26.91
C ILE B 4 -38.19 6.02 28.43
N ILE B 5 -39.37 5.75 28.98
CA ILE B 5 -39.57 5.77 30.43
C ILE B 5 -38.77 4.65 31.11
N LEU B 6 -38.86 3.46 30.51
CA LEU B 6 -38.18 2.27 30.97
C LEU B 6 -36.67 2.50 30.95
N GLU B 7 -36.18 3.11 29.86
CA GLU B 7 -34.75 3.38 29.65
C GLU B 7 -34.22 4.48 30.58
N ILE B 8 -35.03 5.52 30.88
CA ILE B 8 -34.59 6.56 31.82
C ILE B 8 -34.47 5.94 33.21
N LEU B 9 -35.41 5.07 33.59
CA LEU B 9 -35.38 4.41 34.89
C LEU B 9 -34.18 3.48 35.00
N LEU B 10 -33.87 2.76 33.93
CA LEU B 10 -32.72 1.86 33.90
C LEU B 10 -31.39 2.65 33.97
N LEU B 11 -31.38 3.87 33.41
CA LEU B 11 -30.21 4.74 33.44
C LEU B 11 -29.97 5.19 34.88
N LEU B 12 -31.03 5.65 35.57
CA LEU B 12 -30.92 6.10 36.96
C LEU B 12 -30.49 4.96 37.87
N ILE B 13 -31.03 3.75 37.66
CA ILE B 13 -30.68 2.57 38.46
C ILE B 13 -29.21 2.22 38.28
N THR B 14 -28.69 2.30 37.05
CA THR B 14 -27.29 1.98 36.78
C THR B 14 -26.38 2.97 37.49
N ILE B 15 -26.74 4.25 37.45
CA ILE B 15 -26.01 5.33 38.10
C ILE B 15 -26.06 5.21 39.63
N ILE B 16 -27.25 4.97 40.22
CA ILE B 16 -27.39 4.81 41.67
C ILE B 16 -26.62 3.59 42.13
N TYR B 17 -26.73 2.48 41.39
CA TYR B 17 -26.04 1.23 41.72
C TYR B 17 -24.55 1.42 41.65
N SER B 18 -24.05 2.11 40.62
CA SER B 18 -22.62 2.36 40.48
C SER B 18 -22.07 3.23 41.60
N TYR B 19 -22.90 4.15 42.11
CA TYR B 19 -22.54 5.01 43.22
C TYR B 19 -22.44 4.18 44.51
N LEU B 20 -23.46 3.37 44.80
CA LEU B 20 -23.50 2.51 45.96
C LEU B 20 -22.35 1.50 45.91
N GLU B 21 -21.96 1.05 44.68
CA GLU B 21 -20.86 0.12 44.49
C GLU B 21 -19.53 0.74 44.89
N SER B 22 -19.34 2.06 44.69
CA SER B 22 -18.12 2.75 45.09
C SER B 22 -18.09 2.91 46.61
N LEU B 23 -19.27 3.23 47.19
CA LEU B 23 -19.43 3.40 48.62
C LEU B 23 -19.05 2.13 49.37
N VAL B 24 -19.58 0.98 48.95
CA VAL B 24 -19.32 -0.30 49.60
C VAL B 24 -17.83 -0.66 49.51
N LYS B 25 -17.22 -0.41 48.33
CA LYS B 25 -15.79 -0.63 48.04
C LYS B 25 -14.90 0.15 49.00
N PHE B 26 -15.33 1.34 49.35
CA PHE B 26 -14.62 2.25 50.20
C PHE B 26 -14.83 2.02 51.72
N PHE B 27 -16.09 1.93 52.16
CA PHE B 27 -16.42 1.81 53.58
C PHE B 27 -16.45 0.41 54.15
N ILE B 28 -16.79 -0.59 53.34
CA ILE B 28 -16.86 -1.96 53.84
C ILE B 28 -15.69 -2.74 53.30
N PRO B 29 -14.58 -2.77 54.06
CA PRO B 29 -13.39 -3.48 53.58
C PRO B 29 -13.60 -4.99 53.65
N GLN B 30 -13.12 -5.71 52.64
CA GLN B 30 -13.30 -7.16 52.58
C GLN B 30 -12.15 -7.94 53.24
N ARG B 31 -12.46 -9.15 53.73
CA ARG B 31 -11.45 -10.04 54.30
C ARG B 31 -10.57 -10.51 53.12
N ARG B 32 -9.26 -10.68 53.35
CA ARG B 32 -8.36 -11.13 52.28
C ARG B 32 -7.56 -12.34 52.66
N LYS B 33 -7.79 -13.43 51.89
CA LYS B 33 -7.26 -14.77 52.08
C LYS B 33 -5.74 -14.90 52.01
N SER B 34 -5.24 -16.07 52.40
CA SER B 34 -3.82 -16.33 52.36
C SER B 34 -3.51 -17.26 51.17
N VAL B 35 -2.55 -16.84 50.37
CA VAL B 35 -2.10 -17.66 49.25
C VAL B 35 -0.74 -18.31 49.58
N ALA B 36 -0.32 -18.31 50.86
CA ALA B 36 0.93 -18.92 51.28
C ALA B 36 0.82 -20.43 51.13
N GLY B 37 1.85 -21.05 50.59
CA GLY B 37 1.88 -22.49 50.41
C GLY B 37 1.14 -23.02 49.20
N GLU B 38 0.26 -22.19 48.63
CA GLU B 38 -0.53 -22.51 47.46
C GLU B 38 0.40 -22.72 46.25
N ILE B 39 0.07 -23.68 45.34
CA ILE B 39 0.88 -23.89 44.14
C ILE B 39 0.30 -23.00 43.05
N VAL B 40 1.02 -21.95 42.69
CA VAL B 40 0.55 -20.96 41.74
C VAL B 40 1.25 -21.09 40.40
N LEU B 41 0.48 -21.29 39.32
CA LEU B 41 1.03 -21.35 37.97
C LEU B 41 0.81 -20.01 37.31
N ILE B 42 1.86 -19.34 36.85
CA ILE B 42 1.71 -18.07 36.15
C ILE B 42 2.24 -18.17 34.72
N THR B 43 1.34 -18.10 33.72
CA THR B 43 1.76 -18.15 32.34
C THR B 43 2.18 -16.73 31.88
N GLY B 44 3.07 -16.65 30.91
CA GLY B 44 3.58 -15.37 30.45
C GLY B 44 4.33 -14.63 31.55
N ALA B 45 5.06 -15.37 32.40
CA ALA B 45 5.78 -14.86 33.56
C ALA B 45 7.16 -14.26 33.28
N GLY B 46 7.55 -14.18 32.01
CA GLY B 46 8.85 -13.64 31.63
C GLY B 46 8.91 -12.15 31.41
N HIS B 47 7.79 -11.45 31.57
CA HIS B 47 7.74 -10.01 31.38
C HIS B 47 6.40 -9.43 31.82
N GLY B 48 6.34 -8.11 31.93
CA GLY B 48 5.14 -7.34 32.24
C GLY B 48 4.33 -7.77 33.44
N ILE B 49 3.02 -7.85 33.23
CA ILE B 49 2.04 -8.18 34.25
C ILE B 49 2.35 -9.54 34.90
N GLY B 50 2.70 -10.53 34.08
CA GLY B 50 3.03 -11.85 34.58
C GLY B 50 4.24 -11.87 35.48
N ARG B 51 5.28 -11.10 35.11
CA ARG B 51 6.50 -11.01 35.91
C ARG B 51 6.23 -10.35 37.26
N GLN B 52 5.51 -9.22 37.27
CA GLN B 52 5.23 -8.52 38.51
C GLN B 52 4.29 -9.29 39.41
N THR B 53 3.31 -9.99 38.82
CA THR B 53 2.35 -10.81 39.57
C THR B 53 3.09 -11.93 40.29
N THR B 54 4.07 -12.53 39.61
CA THR B 54 4.93 -13.56 40.16
C THR B 54 5.61 -13.08 41.45
N TYR B 55 6.16 -11.86 41.43
CA TYR B 55 6.85 -11.30 42.59
C TYR B 55 5.91 -11.08 43.76
N GLU B 56 4.63 -10.76 43.50
CA GLU B 56 3.66 -10.59 44.56
C GLU B 56 3.32 -11.91 45.25
N PHE B 57 3.30 -13.00 44.49
CA PHE B 57 3.05 -14.32 45.06
C PHE B 57 4.28 -14.82 45.82
N ALA B 58 5.50 -14.50 45.31
CA ALA B 58 6.77 -14.84 45.95
C ALA B 58 6.86 -14.14 47.30
N LYS B 59 6.45 -12.86 47.36
CA LYS B 59 6.45 -12.12 48.61
C LYS B 59 5.48 -12.74 49.63
N ARG B 60 4.36 -13.27 49.16
CA ARG B 60 3.36 -13.91 50.02
C ARG B 60 3.63 -15.39 50.35
N LYS B 61 4.84 -15.88 50.01
CA LYS B 61 5.32 -17.23 50.26
C LYS B 61 4.47 -18.31 49.60
N SER B 62 4.11 -18.10 48.33
CA SER B 62 3.41 -19.10 47.55
C SER B 62 4.45 -20.00 46.89
N ARG B 63 4.05 -21.20 46.53
CA ARG B 63 4.93 -22.11 45.78
C ARG B 63 4.72 -21.74 44.31
N LEU B 64 5.79 -21.43 43.55
CA LEU B 64 5.61 -20.91 42.19
C LEU B 64 6.03 -21.81 41.03
N VAL B 65 5.20 -21.83 39.99
CA VAL B 65 5.47 -22.54 38.73
C VAL B 65 5.35 -21.46 37.64
N LEU B 66 6.45 -21.16 36.94
CA LEU B 66 6.44 -20.09 35.95
C LEU B 66 6.53 -20.65 34.55
N TRP B 67 5.75 -20.11 33.63
CA TRP B 67 5.73 -20.58 32.24
C TRP B 67 5.88 -19.41 31.29
N ASP B 68 6.62 -19.58 30.21
CA ASP B 68 6.76 -18.53 29.19
C ASP B 68 7.50 -19.10 27.99
N ILE B 69 7.25 -18.58 26.76
CA ILE B 69 7.98 -19.00 25.56
C ILE B 69 9.39 -18.40 25.55
N ASN B 70 9.59 -17.23 26.19
CA ASN B 70 10.86 -16.51 26.25
C ASN B 70 11.74 -17.08 27.35
N LYS B 71 12.66 -17.99 26.99
CA LYS B 71 13.55 -18.70 27.92
C LYS B 71 14.36 -17.77 28.83
N HIS B 72 14.90 -16.68 28.29
CA HIS B 72 15.72 -15.77 29.08
C HIS B 72 14.90 -14.98 30.11
N GLY B 73 13.72 -14.52 29.68
CA GLY B 73 12.80 -13.77 30.52
C GLY B 73 12.26 -14.57 31.68
N VAL B 74 11.83 -15.84 31.45
CA VAL B 74 11.30 -16.68 32.53
C VAL B 74 12.40 -17.03 33.55
N GLU B 75 13.65 -17.22 33.07
CA GLU B 75 14.81 -17.51 33.90
C GLU B 75 15.15 -16.30 34.76
N GLU B 76 15.08 -15.09 34.18
CA GLU B 76 15.33 -13.80 34.84
C GLU B 76 14.30 -13.58 35.99
N THR B 77 13.03 -13.96 35.77
CA THR B 77 11.96 -13.85 36.77
C THR B 77 12.20 -14.83 37.92
N ALA B 78 12.59 -16.07 37.58
CA ALA B 78 12.89 -17.11 38.56
C ALA B 78 14.11 -16.75 39.44
N ALA B 79 15.07 -16.01 38.87
CA ALA B 79 16.26 -15.56 39.57
C ALA B 79 15.88 -14.49 40.61
N GLU B 80 15.00 -13.56 40.22
CA GLU B 80 14.53 -12.53 41.14
C GLU B 80 13.62 -13.12 42.25
N CYS B 81 12.92 -14.23 41.94
CA CYS B 81 12.11 -14.94 42.93
C CYS B 81 13.00 -15.50 44.02
N ARG B 82 14.19 -16.03 43.65
CA ARG B 82 15.13 -16.58 44.60
C ARG B 82 15.59 -15.50 45.58
N LYS B 83 15.80 -14.27 45.07
CA LYS B 83 16.16 -13.10 45.88
C LYS B 83 15.02 -12.74 46.86
N LEU B 84 13.77 -12.93 46.42
CA LEU B 84 12.58 -12.68 47.23
C LEU B 84 12.29 -13.80 48.27
N GLY B 85 13.08 -14.88 48.24
CA GLY B 85 12.97 -15.98 49.19
C GLY B 85 12.28 -17.23 48.69
N VAL B 86 11.79 -17.23 47.44
CA VAL B 86 11.09 -18.40 46.91
C VAL B 86 11.80 -18.97 45.68
N THR B 87 12.16 -20.28 45.70
CA THR B 87 12.79 -20.85 44.50
C THR B 87 11.64 -21.29 43.60
N ALA B 88 11.50 -20.63 42.46
CA ALA B 88 10.43 -20.91 41.52
C ALA B 88 10.81 -22.03 40.57
N HIS B 89 9.80 -22.69 40.00
CA HIS B 89 10.02 -23.75 39.02
C HIS B 89 9.72 -23.16 37.67
N ALA B 90 10.73 -22.69 36.95
CA ALA B 90 10.53 -22.06 35.65
C ALA B 90 10.56 -23.09 34.56
N TYR B 91 9.71 -22.94 33.56
CA TYR B 91 9.62 -23.85 32.41
C TYR B 91 9.41 -23.00 31.13
N VAL B 92 9.99 -23.40 30.00
CA VAL B 92 9.71 -22.69 28.76
C VAL B 92 8.68 -23.56 28.02
N VAL B 93 7.38 -23.16 28.12
CA VAL B 93 6.23 -23.85 27.54
C VAL B 93 5.44 -22.88 26.65
N ASP B 94 5.05 -23.34 25.45
CA ASP B 94 4.26 -22.58 24.47
C ASP B 94 2.79 -22.84 24.74
N CYS B 95 2.11 -21.85 25.30
CA CYS B 95 0.69 -21.95 25.65
C CYS B 95 -0.26 -22.05 24.46
N SER B 96 0.25 -21.95 23.22
CA SER B 96 -0.58 -22.14 22.04
C SER B 96 -0.75 -23.64 21.76
N ASN B 97 0.27 -24.45 22.10
CA ASN B 97 0.33 -25.90 21.88
C ASN B 97 -0.39 -26.73 22.96
N ARG B 98 -1.47 -27.40 22.58
CA ARG B 98 -2.25 -28.24 23.48
C ARG B 98 -1.47 -29.39 24.04
N GLU B 99 -0.75 -30.14 23.20
CA GLU B 99 0.02 -31.28 23.64
C GLU B 99 1.16 -30.83 24.55
N GLU B 100 1.86 -29.75 24.17
CA GLU B 100 2.96 -29.25 24.98
C GLU B 100 2.51 -28.85 26.38
N ILE B 101 1.30 -28.24 26.51
CA ILE B 101 0.72 -27.83 27.77
C ILE B 101 0.50 -29.06 28.66
N TYR B 102 -0.07 -30.14 28.10
CA TYR B 102 -0.37 -31.35 28.84
C TYR B 102 0.89 -32.03 29.33
N ARG B 103 1.87 -32.15 28.43
CA ARG B 103 3.17 -32.77 28.72
C ARG B 103 3.84 -32.02 29.86
N SER B 104 3.85 -30.66 29.82
CA SER B 104 4.46 -29.80 30.84
C SER B 104 3.70 -29.82 32.16
N LEU B 105 2.38 -29.97 32.13
CA LEU B 105 1.60 -30.07 33.35
C LEU B 105 1.81 -31.40 34.07
N ASN B 106 2.13 -32.48 33.34
CA ASN B 106 2.47 -33.75 33.97
C ASN B 106 3.85 -33.61 34.67
N GLN B 107 4.78 -32.84 34.07
CA GLN B 107 6.08 -32.56 34.65
C GLN B 107 5.90 -31.73 35.92
N VAL B 108 4.98 -30.73 35.89
CA VAL B 108 4.64 -29.91 37.06
C VAL B 108 4.03 -30.80 38.17
N LYS B 109 3.18 -31.78 37.82
CA LYS B 109 2.60 -32.70 38.80
C LYS B 109 3.71 -33.49 39.48
N LYS B 110 4.67 -34.01 38.70
CA LYS B 110 5.77 -34.82 39.21
C LYS B 110 6.79 -34.03 40.05
N GLU B 111 7.17 -32.84 39.59
CA GLU B 111 8.18 -32.03 40.25
C GLU B 111 7.69 -31.09 41.35
N VAL B 112 6.48 -30.54 41.19
CA VAL B 112 5.95 -29.56 42.14
C VAL B 112 4.70 -30.10 42.88
N GLY B 113 3.71 -30.56 42.14
CA GLY B 113 2.48 -31.07 42.71
C GLY B 113 1.25 -30.59 41.95
N ASP B 114 0.08 -30.60 42.60
CA ASP B 114 -1.16 -30.17 41.96
C ASP B 114 -1.32 -28.65 42.09
N VAL B 115 -1.42 -27.94 40.94
CA VAL B 115 -1.61 -26.50 40.92
C VAL B 115 -2.97 -26.14 41.58
N THR B 116 -2.98 -25.09 42.42
CA THR B 116 -4.14 -24.62 43.18
C THR B 116 -4.69 -23.32 42.62
N ILE B 117 -3.82 -22.42 42.14
CA ILE B 117 -4.21 -21.15 41.55
C ILE B 117 -3.54 -21.06 40.19
N VAL B 118 -4.31 -20.73 39.17
CA VAL B 118 -3.81 -20.60 37.82
C VAL B 118 -4.00 -19.16 37.37
N VAL B 119 -2.93 -18.48 36.94
CA VAL B 119 -3.06 -17.16 36.36
C VAL B 119 -2.77 -17.27 34.88
N ASN B 120 -3.82 -17.34 34.04
CA ASN B 120 -3.72 -17.47 32.59
C ASN B 120 -3.44 -16.08 32.03
N ASN B 121 -2.17 -15.69 32.08
CA ASN B 121 -1.76 -14.35 31.71
C ASN B 121 -1.19 -14.26 30.31
N ALA B 122 -0.48 -15.30 29.82
CA ALA B 122 0.13 -15.30 28.48
C ALA B 122 -0.82 -14.87 27.39
N GLY B 123 -0.40 -13.92 26.57
CA GLY B 123 -1.22 -13.36 25.50
C GLY B 123 -0.41 -12.87 24.33
N THR B 124 -1.08 -12.71 23.18
CA THR B 124 -0.44 -12.26 21.96
C THR B 124 -1.33 -11.30 21.15
N VAL B 125 -0.71 -10.39 20.39
CA VAL B 125 -1.44 -9.42 19.57
C VAL B 125 -0.65 -9.10 18.31
N TYR B 126 -1.36 -8.92 17.18
CA TYR B 126 -0.73 -8.55 15.93
C TYR B 126 -1.54 -7.39 15.36
N PRO B 127 -1.34 -6.14 15.84
CA PRO B 127 -2.18 -5.03 15.36
C PRO B 127 -2.14 -4.78 13.85
N ALA B 128 -3.33 -4.76 13.23
CA ALA B 128 -3.52 -4.54 11.78
C ALA B 128 -5.01 -4.45 11.47
N ASP B 129 -5.37 -3.74 10.38
CA ASP B 129 -6.76 -3.74 9.95
C ASP B 129 -7.08 -5.15 9.39
N LEU B 130 -8.31 -5.66 9.56
CA LEU B 130 -8.69 -7.01 9.16
C LEU B 130 -8.10 -7.51 7.81
N LEU B 131 -8.13 -6.68 6.76
CA LEU B 131 -7.63 -7.10 5.45
C LEU B 131 -6.10 -7.21 5.38
N SER B 132 -5.38 -6.56 6.31
CA SER B 132 -3.93 -6.65 6.39
C SER B 132 -3.43 -7.73 7.36
N THR B 133 -4.33 -8.41 8.08
CA THR B 133 -3.93 -9.44 9.02
C THR B 133 -3.48 -10.69 8.26
N LYS B 134 -2.63 -11.51 8.90
CA LYS B 134 -2.18 -12.78 8.35
C LYS B 134 -3.03 -13.82 9.08
N ASP B 135 -3.58 -14.79 8.33
CA ASP B 135 -4.41 -15.84 8.91
C ASP B 135 -3.70 -16.65 10.00
N GLU B 136 -2.36 -16.84 9.88
CA GLU B 136 -1.58 -17.58 10.88
C GLU B 136 -1.59 -16.84 12.22
N GLU B 137 -1.52 -15.50 12.15
CA GLU B 137 -1.54 -14.65 13.30
C GLU B 137 -2.93 -14.64 13.96
N ILE B 138 -4.01 -14.67 13.17
CA ILE B 138 -5.38 -14.75 13.70
C ILE B 138 -5.54 -16.07 14.48
N THR B 139 -5.05 -17.18 13.93
CA THR B 139 -5.12 -18.49 14.58
C THR B 139 -4.29 -18.45 15.85
N LYS B 140 -3.07 -17.89 15.81
CA LYS B 140 -2.20 -17.80 16.96
C LYS B 140 -2.80 -16.94 18.07
N THR B 141 -3.54 -15.87 17.71
CA THR B 141 -4.19 -15.01 18.70
C THR B 141 -5.22 -15.82 19.50
N PHE B 142 -5.99 -16.68 18.82
CA PHE B 142 -6.98 -17.52 19.50
C PHE B 142 -6.34 -18.67 20.28
N GLU B 143 -5.28 -19.28 19.75
CA GLU B 143 -4.60 -20.39 20.40
C GLU B 143 -4.01 -19.99 21.74
N VAL B 144 -3.41 -18.80 21.82
CA VAL B 144 -2.81 -18.31 23.07
C VAL B 144 -3.84 -17.64 23.99
N ASN B 145 -4.58 -16.62 23.48
CA ASN B 145 -5.50 -15.85 24.29
C ASN B 145 -6.74 -16.59 24.82
N ILE B 146 -7.18 -17.70 24.19
CA ILE B 146 -8.36 -18.39 24.69
C ILE B 146 -8.22 -19.92 24.68
N LEU B 147 -7.79 -20.55 23.57
CA LEU B 147 -7.71 -22.01 23.52
C LEU B 147 -6.78 -22.57 24.59
N GLY B 148 -5.66 -21.89 24.85
CA GLY B 148 -4.72 -22.30 25.88
C GLY B 148 -5.34 -22.29 27.28
N HIS B 149 -6.28 -21.37 27.51
CA HIS B 149 -7.00 -21.28 28.78
C HIS B 149 -7.84 -22.54 29.00
N PHE B 150 -8.45 -23.07 27.93
CA PHE B 150 -9.28 -24.27 27.97
C PHE B 150 -8.46 -25.50 28.31
N TRP B 151 -7.27 -25.65 27.72
CA TRP B 151 -6.46 -26.84 27.98
C TRP B 151 -5.81 -26.81 29.35
N ILE B 152 -5.33 -25.65 29.80
CA ILE B 152 -4.72 -25.54 31.12
C ILE B 152 -5.78 -25.79 32.21
N THR B 153 -6.97 -25.19 32.05
CA THR B 153 -8.06 -25.37 33.02
C THR B 153 -8.53 -26.81 33.02
N LYS B 154 -8.83 -27.42 31.87
CA LYS B 154 -9.28 -28.83 31.82
C LYS B 154 -8.31 -29.78 32.52
N ALA B 155 -7.01 -29.46 32.48
CA ALA B 155 -5.99 -30.32 33.07
C ALA B 155 -5.88 -30.15 34.58
N LEU B 156 -6.01 -28.91 35.06
CA LEU B 156 -5.87 -28.60 36.48
C LEU B 156 -7.15 -28.64 37.28
N LEU B 157 -8.29 -28.51 36.63
CA LEU B 157 -9.60 -28.47 37.28
C LEU B 157 -9.97 -29.75 38.03
N PRO B 158 -9.70 -30.97 37.52
CA PRO B 158 -10.08 -32.19 38.27
C PRO B 158 -9.63 -32.25 39.73
N SER B 159 -8.37 -31.87 40.03
CA SER B 159 -7.80 -31.85 41.39
C SER B 159 -8.54 -30.82 42.24
N MET B 160 -8.81 -29.63 41.66
CA MET B 160 -9.52 -28.56 42.34
C MET B 160 -10.95 -28.97 42.65
N MET B 161 -11.60 -29.74 41.76
CA MET B 161 -12.96 -30.23 41.93
C MET B 161 -13.00 -31.23 43.08
N LYS B 162 -12.05 -32.16 43.10
CA LYS B 162 -11.97 -33.20 44.12
C LYS B 162 -11.82 -32.58 45.51
N ARG B 163 -10.99 -31.55 45.61
CA ARG B 163 -10.67 -30.83 46.85
C ARG B 163 -11.67 -29.68 47.16
N ASN B 164 -12.55 -29.28 46.20
CA ASN B 164 -13.45 -28.12 46.24
C ASN B 164 -12.65 -26.85 46.62
N HIS B 165 -11.50 -26.70 46.00
CA HIS B 165 -10.59 -25.62 46.31
C HIS B 165 -9.71 -25.30 45.12
N GLY B 166 -9.74 -24.04 44.70
CA GLY B 166 -8.94 -23.58 43.59
C GLY B 166 -9.21 -22.13 43.25
N HIS B 167 -8.47 -21.60 42.27
CA HIS B 167 -8.66 -20.23 41.80
C HIS B 167 -8.22 -20.14 40.35
N ILE B 168 -9.14 -19.88 39.44
CA ILE B 168 -8.81 -19.70 38.03
C ILE B 168 -8.86 -18.21 37.70
N VAL B 169 -7.70 -17.62 37.41
CA VAL B 169 -7.59 -16.22 37.05
C VAL B 169 -7.44 -16.10 35.53
N THR B 170 -8.41 -15.49 34.86
CA THR B 170 -8.36 -15.28 33.42
C THR B 170 -7.91 -13.84 33.21
N VAL B 171 -6.75 -13.64 32.54
CA VAL B 171 -6.31 -12.27 32.25
C VAL B 171 -6.85 -11.89 30.86
N ALA B 172 -8.00 -11.20 30.83
CA ALA B 172 -8.60 -10.80 29.58
C ALA B 172 -8.16 -9.32 29.23
N SER B 173 -9.04 -8.27 29.12
CA SER B 173 -8.70 -6.89 28.77
C SER B 173 -10.01 -6.09 28.64
N VAL B 174 -9.95 -4.73 28.59
CA VAL B 174 -11.16 -3.94 28.27
C VAL B 174 -11.64 -4.28 26.85
N CYS B 175 -10.71 -4.78 25.97
CA CYS B 175 -11.01 -5.28 24.62
C CYS B 175 -11.88 -6.55 24.61
N GLY B 176 -12.12 -7.15 25.77
CA GLY B 176 -13.03 -8.27 25.94
C GLY B 176 -14.44 -7.79 26.26
N HIS B 177 -14.64 -6.47 26.40
CA HIS B 177 -15.88 -5.79 26.69
C HIS B 177 -16.31 -4.87 25.56
N GLU B 178 -15.35 -4.34 24.78
CA GLU B 178 -15.65 -3.50 23.63
C GLU B 178 -14.62 -3.69 22.52
N GLY B 179 -15.10 -3.76 21.27
CA GLY B 179 -14.27 -3.90 20.08
C GLY B 179 -13.69 -2.56 19.63
N ILE B 180 -12.47 -2.58 19.10
CA ILE B 180 -11.78 -1.37 18.70
C ILE B 180 -11.08 -1.59 17.32
N PRO B 181 -10.87 -0.51 16.52
CA PRO B 181 -10.21 -0.65 15.22
C PRO B 181 -8.78 -1.17 15.29
N TYR B 182 -8.38 -1.87 14.20
CA TYR B 182 -7.04 -2.42 14.00
C TYR B 182 -6.65 -3.49 15.02
N LEU B 183 -7.62 -4.03 15.79
CA LEU B 183 -7.40 -5.07 16.79
C LEU B 183 -8.59 -6.06 16.79
N ILE B 184 -9.27 -6.28 15.64
CA ILE B 184 -10.44 -7.17 15.58
C ILE B 184 -10.16 -8.61 16.06
N PRO B 185 -9.13 -9.35 15.60
CA PRO B 185 -8.91 -10.72 16.13
C PRO B 185 -8.53 -10.72 17.61
N TYR B 186 -7.81 -9.68 18.05
CA TYR B 186 -7.40 -9.56 19.45
C TYR B 186 -8.64 -9.32 20.35
N CYS B 187 -9.51 -8.40 19.97
CA CYS B 187 -10.74 -8.13 20.72
C CYS B 187 -11.62 -9.38 20.72
N SER B 188 -11.78 -10.05 19.57
CA SER B 188 -12.61 -11.25 19.48
C SER B 188 -12.08 -12.35 20.42
N SER B 189 -10.73 -12.61 20.45
CA SER B 189 -10.14 -13.59 21.34
C SER B 189 -10.26 -13.15 22.84
N LYS B 190 -10.22 -11.84 23.14
CA LYS B 190 -10.38 -11.36 24.52
C LYS B 190 -11.84 -11.45 24.97
N PHE B 191 -12.78 -11.30 24.05
CA PHE B 191 -14.22 -11.44 24.34
C PHE B 191 -14.46 -12.93 24.71
N ALA B 192 -13.80 -13.85 24.00
CA ALA B 192 -13.85 -15.27 24.24
C ALA B 192 -13.30 -15.58 25.62
N ALA B 193 -12.20 -14.90 26.05
CA ALA B 193 -11.62 -15.09 27.38
C ALA B 193 -12.60 -14.65 28.49
N VAL B 194 -13.32 -13.54 28.27
CA VAL B 194 -14.34 -13.05 29.20
C VAL B 194 -15.46 -14.08 29.28
N GLY B 195 -15.92 -14.55 28.12
CA GLY B 195 -16.99 -15.54 28.02
C GLY B 195 -16.65 -16.84 28.69
N PHE B 196 -15.38 -17.22 28.64
CA PHE B 196 -14.88 -18.45 29.25
C PHE B 196 -15.02 -18.33 30.75
N HIS B 197 -14.58 -17.18 31.32
CA HIS B 197 -14.67 -16.88 32.73
C HIS B 197 -16.14 -16.85 33.17
N ARG B 198 -17.01 -16.14 32.44
CA ARG B 198 -18.43 -16.05 32.78
C ARG B 198 -19.11 -17.41 32.78
N GLY B 199 -18.78 -18.26 31.82
CA GLY B 199 -19.34 -19.59 31.75
C GLY B 199 -18.78 -20.51 32.82
N LEU B 200 -17.48 -20.43 33.09
CA LEU B 200 -16.83 -21.24 34.11
C LEU B 200 -17.42 -20.92 35.47
N THR B 201 -17.62 -19.62 35.76
CA THR B 201 -18.22 -19.14 37.00
C THR B 201 -19.64 -19.73 37.20
N SER B 202 -20.46 -19.74 36.12
CA SER B 202 -21.82 -20.28 36.19
C SER B 202 -21.80 -21.77 36.39
N GLU B 203 -20.91 -22.47 35.67
CA GLU B 203 -20.87 -23.92 35.74
C GLU B 203 -20.43 -24.39 37.10
N LEU B 204 -19.41 -23.73 37.69
CA LEU B 204 -18.95 -24.09 39.03
C LEU B 204 -20.06 -23.88 40.07
N GLN B 205 -20.85 -22.82 39.91
CA GLN B 205 -21.97 -22.51 40.77
C GLN B 205 -23.06 -23.58 40.65
N ALA B 206 -23.39 -24.00 39.42
CA ALA B 206 -24.39 -25.03 39.14
C ALA B 206 -23.90 -26.40 39.65
N LEU B 207 -22.60 -26.68 39.56
CA LEU B 207 -22.03 -27.93 40.04
C LEU B 207 -21.83 -27.96 41.57
N GLY B 208 -22.04 -26.82 42.25
CA GLY B 208 -21.88 -26.70 43.69
C GLY B 208 -20.44 -26.55 44.16
N LYS B 209 -19.51 -26.31 43.24
CA LYS B 209 -18.09 -26.13 43.57
C LYS B 209 -17.79 -24.72 44.05
N THR B 210 -18.38 -24.37 45.20
CA THR B 210 -18.30 -23.09 45.89
C THR B 210 -16.85 -22.66 46.17
N GLY B 211 -16.01 -23.63 46.49
CA GLY B 211 -14.62 -23.41 46.86
C GLY B 211 -13.69 -23.05 45.73
N ILE B 212 -14.12 -23.27 44.47
CA ILE B 212 -13.28 -22.95 43.33
C ILE B 212 -13.61 -21.56 42.88
N LYS B 213 -12.70 -20.62 43.14
CA LYS B 213 -12.92 -19.21 42.82
C LYS B 213 -12.47 -18.88 41.40
N THR B 214 -13.07 -17.84 40.81
CA THR B 214 -12.73 -17.36 39.48
C THR B 214 -12.56 -15.83 39.53
N SER B 215 -11.59 -15.32 38.79
CA SER B 215 -11.35 -13.89 38.67
C SER B 215 -11.00 -13.58 37.22
N CYS B 216 -11.40 -12.39 36.74
CA CYS B 216 -11.12 -11.98 35.38
C CYS B 216 -10.52 -10.60 35.43
N LEU B 217 -9.28 -10.45 34.99
CA LEU B 217 -8.62 -9.16 34.98
C LEU B 217 -8.84 -8.46 33.64
N CYS B 218 -9.48 -7.28 33.67
CA CYS B 218 -9.73 -6.50 32.46
C CYS B 218 -9.11 -5.11 32.56
N PRO B 219 -7.80 -4.96 32.29
CA PRO B 219 -7.20 -3.63 32.36
C PRO B 219 -7.29 -2.84 31.05
N VAL B 220 -7.13 -1.50 31.16
CA VAL B 220 -7.03 -0.62 30.00
C VAL B 220 -5.54 -0.69 29.53
N PHE B 221 -5.09 0.15 28.57
CA PHE B 221 -3.71 0.14 28.10
C PHE B 221 -2.71 0.24 29.26
N VAL B 222 -1.79 -0.74 29.35
CA VAL B 222 -0.71 -0.83 30.33
C VAL B 222 0.59 -0.65 29.58
N ASN B 223 1.49 0.17 30.14
CA ASN B 223 2.80 0.47 29.60
C ASN B 223 3.78 -0.72 29.78
N THR B 224 3.56 -1.87 29.05
CA THR B 224 4.42 -3.07 29.11
C THR B 224 5.11 -3.41 27.81
N GLY B 225 4.87 -2.63 26.75
CA GLY B 225 5.45 -2.93 25.45
C GLY B 225 4.64 -3.89 24.62
N PHE B 226 3.59 -4.52 25.19
CA PHE B 226 2.67 -5.46 24.51
C PHE B 226 2.12 -4.78 23.21
N THR B 227 1.71 -3.54 23.37
CA THR B 227 1.30 -2.61 22.35
C THR B 227 2.08 -1.34 22.71
N LYS B 228 2.39 -0.53 21.69
CA LYS B 228 3.16 0.69 21.94
C LYS B 228 2.28 1.88 22.24
N ASN B 229 1.04 1.93 21.73
CA ASN B 229 0.16 3.05 21.98
C ASN B 229 -1.32 2.65 22.11
N PRO B 230 -2.08 3.35 22.97
CA PRO B 230 -3.51 3.02 23.17
C PRO B 230 -4.41 3.19 21.93
N SER B 231 -5.72 2.93 22.11
CA SER B 231 -6.75 3.07 21.08
C SER B 231 -7.65 4.30 21.33
N THR B 232 -8.08 4.48 22.60
CA THR B 232 -8.96 5.59 23.01
C THR B 232 -8.18 6.57 23.94
N PRO B 236 -5.97 7.79 30.30
CA PRO B 236 -4.60 7.56 30.81
C PRO B 236 -4.03 6.14 30.61
N VAL B 237 -2.68 6.07 30.63
CA VAL B 237 -1.89 4.86 30.43
C VAL B 237 -1.52 4.30 31.79
N LEU B 238 -1.81 3.03 31.99
CA LEU B 238 -1.57 2.38 33.26
C LEU B 238 -0.14 1.91 33.44
N GLU B 239 0.31 1.86 34.68
CA GLU B 239 1.61 1.31 35.00
C GLU B 239 1.42 -0.11 35.49
N THR B 240 2.39 -0.97 35.22
CA THR B 240 2.30 -2.39 35.59
C THR B 240 2.00 -2.61 37.05
N ASP B 241 2.62 -1.80 37.93
CA ASP B 241 2.45 -1.88 39.39
C ASP B 241 1.01 -1.67 39.82
N GLU B 242 0.30 -0.74 39.20
CA GLU B 242 -1.11 -0.50 39.54
C GLU B 242 -1.98 -1.69 39.15
N VAL B 243 -1.74 -2.26 37.98
CA VAL B 243 -2.49 -3.40 37.50
C VAL B 243 -2.28 -4.60 38.42
N VAL B 244 -1.02 -4.87 38.79
CA VAL B 244 -0.69 -5.99 39.66
C VAL B 244 -1.24 -5.78 41.06
N ARG B 245 -1.28 -4.53 41.53
CA ARG B 245 -1.85 -4.20 42.83
C ARG B 245 -3.34 -4.51 42.82
N SER B 246 -4.04 -4.17 41.73
CA SER B 246 -5.46 -4.43 41.59
C SER B 246 -5.73 -5.92 41.42
N LEU B 247 -4.85 -6.64 40.73
CA LEU B 247 -4.99 -8.06 40.50
C LEU B 247 -4.86 -8.84 41.81
N ILE B 248 -3.82 -8.52 42.61
CA ILE B 248 -3.60 -9.22 43.88
C ILE B 248 -4.72 -8.92 44.86
N ASP B 249 -5.16 -7.67 44.94
CA ASP B 249 -6.28 -7.31 45.81
C ASP B 249 -7.55 -8.05 45.40
N GLY B 250 -7.76 -8.23 44.11
CA GLY B 250 -8.90 -8.95 43.58
C GLY B 250 -8.84 -10.45 43.85
N ILE B 251 -7.65 -11.05 43.67
CA ILE B 251 -7.47 -12.47 43.93
C ILE B 251 -7.73 -12.79 45.40
N LEU B 252 -7.11 -12.03 46.32
CA LEU B 252 -7.26 -12.24 47.75
C LEU B 252 -8.67 -11.98 48.27
N THR B 253 -9.43 -11.09 47.60
CA THR B 253 -10.81 -10.80 48.02
C THR B 253 -11.87 -11.52 47.17
N ASN B 254 -11.45 -12.49 46.34
CA ASN B 254 -12.27 -13.32 45.46
C ASN B 254 -13.18 -12.52 44.52
N LYS B 255 -12.68 -11.35 44.06
CA LYS B 255 -13.35 -10.45 43.13
C LYS B 255 -13.46 -11.18 41.82
N LYS B 256 -14.68 -11.26 41.25
CA LYS B 256 -14.87 -11.97 39.99
C LYS B 256 -14.49 -11.14 38.78
N MET B 257 -14.90 -9.88 38.71
CA MET B 257 -14.55 -9.04 37.57
C MET B 257 -13.68 -7.89 38.08
N ILE B 258 -12.41 -7.91 37.71
CA ILE B 258 -11.45 -6.92 38.14
C ILE B 258 -11.09 -5.97 37.00
N PHE B 259 -11.77 -4.83 36.92
CA PHE B 259 -11.46 -3.81 35.93
C PHE B 259 -10.32 -2.94 36.45
N VAL B 260 -9.36 -2.55 35.59
CA VAL B 260 -8.28 -1.67 36.02
C VAL B 260 -8.21 -0.47 35.11
N PRO B 261 -8.55 0.75 35.58
CA PRO B 261 -9.02 1.13 36.93
C PRO B 261 -10.45 0.66 37.19
N SER B 262 -10.77 0.42 38.46
CA SER B 262 -12.07 -0.08 38.89
C SER B 262 -13.27 0.65 38.30
N TYR B 263 -13.17 1.98 38.17
CA TYR B 263 -14.28 2.80 37.67
C TYR B 263 -14.55 2.71 36.16
N ILE B 264 -13.66 2.07 35.36
CA ILE B 264 -13.91 1.96 33.93
C ILE B 264 -15.18 1.20 33.62
N ASN B 265 -15.67 0.36 34.54
CA ASN B 265 -16.95 -0.34 34.39
C ASN B 265 -18.12 0.64 34.35
N ILE B 266 -17.96 1.86 34.89
CA ILE B 266 -19.01 2.86 34.80
C ILE B 266 -19.16 3.28 33.35
N PHE B 267 -18.03 3.52 32.64
CA PHE B 267 -18.05 3.87 31.22
C PHE B 267 -18.70 2.78 30.41
N LEU B 268 -18.28 1.53 30.64
CA LEU B 268 -18.79 0.38 29.92
C LEU B 268 -20.27 0.18 30.16
N ARG B 269 -20.75 0.39 31.40
CA ARG B 269 -22.17 0.26 31.74
C ARG B 269 -22.99 1.31 31.02
N LEU B 270 -22.56 2.58 31.09
CA LEU B 270 -23.25 3.68 30.45
C LEU B 270 -23.31 3.53 28.94
N GLN B 271 -22.30 2.89 28.32
CA GLN B 271 -22.28 2.71 26.88
C GLN B 271 -23.38 1.77 26.41
N LYS B 272 -23.83 0.82 27.26
CA LYS B 272 -24.92 -0.08 26.89
C LYS B 272 -26.23 0.67 26.57
N PHE B 273 -26.33 1.94 26.99
CA PHE B 273 -27.48 2.83 26.77
C PHE B 273 -27.35 3.68 25.50
N LEU B 274 -26.38 3.39 24.64
CA LEU B 274 -26.08 4.13 23.42
C LEU B 274 -26.22 3.21 22.20
N PRO B 275 -26.65 3.74 21.03
CA PRO B 275 -26.61 2.93 19.80
C PRO B 275 -25.17 2.54 19.45
N GLU B 276 -24.96 1.41 18.79
CA GLU B 276 -23.60 0.98 18.43
C GLU B 276 -22.84 2.03 17.58
N ARG B 277 -23.54 2.76 16.67
CA ARG B 277 -22.95 3.82 15.85
C ARG B 277 -22.35 4.90 16.74
N ALA B 278 -23.06 5.27 17.82
CA ALA B 278 -22.62 6.30 18.76
C ALA B 278 -21.45 5.84 19.62
N SER B 279 -21.53 4.61 20.17
CA SER B 279 -20.45 4.11 21.02
C SER B 279 -19.16 3.95 20.22
N ALA B 280 -19.27 3.58 18.93
CA ALA B 280 -18.11 3.40 18.06
C ALA B 280 -17.43 4.73 17.78
N ILE B 281 -18.24 5.79 17.55
CA ILE B 281 -17.73 7.14 17.34
C ILE B 281 -17.05 7.58 18.61
N LEU B 282 -17.71 7.38 19.75
CA LEU B 282 -17.21 7.70 21.08
C LEU B 282 -15.82 7.14 21.37
N ASN B 283 -15.60 5.82 21.16
CA ASN B 283 -14.28 5.23 21.41
C ASN B 283 -13.23 5.49 20.31
N ARG B 284 -13.49 6.46 19.43
CA ARG B 284 -12.55 6.84 18.37
C ARG B 284 -12.17 8.34 18.43
N MET B 285 -12.71 9.09 19.42
CA MET B 285 -12.45 10.50 19.63
C MET B 285 -11.27 10.72 20.55
N GLN B 286 -10.56 11.83 20.33
CA GLN B 286 -9.45 12.33 21.13
C GLN B 286 -9.55 13.85 21.23
N ASN B 287 -10.37 14.35 22.19
CA ASN B 287 -10.64 15.77 22.43
C ASN B 287 -9.40 16.54 22.91
N ASN C 3 41.97 23.02 6.98
CA ASN C 3 41.72 21.60 6.67
C ASN C 3 41.81 21.23 5.21
N ILE C 4 42.29 22.17 4.37
CA ILE C 4 42.43 22.17 2.92
C ILE C 4 42.27 20.82 2.24
N ILE C 5 43.08 19.78 2.53
CA ILE C 5 42.97 18.50 1.80
C ILE C 5 41.63 17.84 1.99
N LEU C 6 41.18 17.79 3.22
CA LEU C 6 39.89 17.20 3.58
C LEU C 6 38.70 17.96 2.98
N GLU C 7 38.85 19.29 2.84
CA GLU C 7 37.80 20.13 2.28
C GLU C 7 37.81 20.17 0.72
N ILE C 8 38.98 19.97 0.08
CA ILE C 8 39.01 19.89 -1.37
C ILE C 8 38.47 18.52 -1.81
N LEU C 9 38.76 17.44 -1.03
CA LEU C 9 38.21 16.12 -1.32
C LEU C 9 36.69 16.11 -1.10
N LEU C 10 36.20 16.81 -0.07
CA LEU C 10 34.77 16.93 0.22
C LEU C 10 34.06 17.73 -0.91
N LEU C 11 34.77 18.71 -1.53
CA LEU C 11 34.23 19.49 -2.62
C LEU C 11 34.05 18.57 -3.84
N LEU C 12 35.09 17.78 -4.18
CA LEU C 12 35.02 16.86 -5.32
C LEU C 12 33.93 15.81 -5.14
N ILE C 13 33.78 15.29 -3.92
CA ILE C 13 32.76 14.31 -3.60
C ILE C 13 31.37 14.88 -3.77
N THR C 14 31.15 16.13 -3.34
CA THR C 14 29.85 16.81 -3.47
C THR C 14 29.49 17.02 -4.95
N ILE C 15 30.48 17.38 -5.74
CA ILE C 15 30.30 17.59 -7.17
C ILE C 15 30.03 16.25 -7.90
N ILE C 16 30.80 15.19 -7.58
CA ILE C 16 30.61 13.88 -8.22
C ILE C 16 29.25 13.32 -7.85
N TYR C 17 28.87 13.40 -6.56
CA TYR C 17 27.59 12.90 -6.07
C TYR C 17 26.44 13.64 -6.71
N SER C 18 26.56 14.96 -6.85
CA SER C 18 25.53 15.77 -7.48
C SER C 18 25.35 15.42 -8.94
N TYR C 19 26.44 15.05 -9.63
CA TYR C 19 26.42 14.63 -11.02
C TYR C 19 25.71 13.27 -11.16
N LEU C 20 26.09 12.31 -10.33
CA LEU C 20 25.51 10.97 -10.31
C LEU C 20 24.06 11.02 -9.94
N GLU C 21 23.67 11.91 -9.03
CA GLU C 21 22.29 12.04 -8.62
C GLU C 21 21.43 12.50 -9.79
N SER C 22 21.91 13.42 -10.60
CA SER C 22 21.15 13.91 -11.76
C SER C 22 20.98 12.80 -12.80
N LEU C 23 22.05 12.01 -12.99
CA LEU C 23 22.07 10.87 -13.89
C LEU C 23 21.01 9.85 -13.46
N VAL C 24 20.99 9.48 -12.15
CA VAL C 24 20.06 8.48 -11.67
C VAL C 24 18.63 8.95 -11.82
N LYS C 25 18.32 10.25 -11.56
CA LYS C 25 16.95 10.75 -11.73
C LYS C 25 16.52 10.57 -13.18
N PHE C 26 17.42 10.89 -14.11
CA PHE C 26 17.16 10.84 -15.52
C PHE C 26 17.03 9.41 -16.10
N PHE C 27 18.00 8.54 -15.85
CA PHE C 27 18.03 7.21 -16.42
C PHE C 27 17.25 6.15 -15.65
N ILE C 28 17.23 6.20 -14.33
CA ILE C 28 16.55 5.19 -13.53
C ILE C 28 15.29 5.75 -12.91
N PRO C 29 14.15 5.60 -13.62
CA PRO C 29 12.87 6.05 -13.06
C PRO C 29 12.35 5.16 -11.91
N GLN C 30 11.65 5.77 -10.97
CA GLN C 30 11.12 5.06 -9.81
C GLN C 30 9.72 4.49 -10.02
N ARG C 31 9.30 3.57 -9.11
CA ARG C 31 7.95 3.00 -9.13
C ARG C 31 7.00 4.05 -8.52
N ARG C 32 5.75 4.11 -9.01
CA ARG C 32 4.79 5.06 -8.45
C ARG C 32 3.71 4.31 -7.73
N LYS C 33 3.37 4.77 -6.54
CA LYS C 33 2.31 4.16 -5.76
C LYS C 33 0.93 4.74 -6.17
N SER C 34 -0.12 4.12 -5.65
CA SER C 34 -1.47 4.54 -5.92
C SER C 34 -2.03 5.19 -4.69
N VAL C 35 -2.57 6.39 -4.85
CA VAL C 35 -3.23 7.07 -3.74
C VAL C 35 -4.77 6.98 -3.86
N ALA C 36 -5.27 6.09 -4.72
CA ALA C 36 -6.70 5.91 -4.91
C ALA C 36 -7.31 5.31 -3.65
N GLY C 37 -8.44 5.85 -3.22
CA GLY C 37 -9.12 5.36 -2.02
C GLY C 37 -8.56 5.85 -0.70
N GLU C 38 -7.34 6.38 -0.71
CA GLU C 38 -6.67 6.92 0.46
C GLU C 38 -7.41 8.16 0.98
N ILE C 39 -7.49 8.36 2.33
CA ILE C 39 -8.14 9.55 2.87
C ILE C 39 -7.08 10.63 3.00
N VAL C 40 -7.15 11.64 2.16
CA VAL C 40 -6.15 12.72 2.08
C VAL C 40 -6.64 14.03 2.70
N LEU C 41 -5.94 14.56 3.71
CA LEU C 41 -6.29 15.84 4.31
C LEU C 41 -5.37 16.90 3.73
N ILE C 42 -5.92 17.97 3.14
CA ILE C 42 -5.07 19.05 2.59
C ILE C 42 -5.41 20.37 3.27
N THR C 43 -4.47 20.91 4.04
CA THR C 43 -4.67 22.20 4.71
C THR C 43 -4.29 23.33 3.76
N GLY C 44 -4.93 24.50 3.89
CA GLY C 44 -4.69 25.61 2.98
C GLY C 44 -5.16 25.32 1.57
N ALA C 45 -6.23 24.51 1.45
CA ALA C 45 -6.76 24.03 0.18
C ALA C 45 -7.66 25.02 -0.59
N GLY C 46 -7.81 26.22 -0.08
CA GLY C 46 -8.65 27.22 -0.70
C GLY C 46 -7.96 28.09 -1.73
N HIS C 47 -6.67 27.87 -1.99
CA HIS C 47 -5.92 28.65 -2.96
C HIS C 47 -4.52 28.07 -3.19
N GLY C 48 -3.87 28.53 -4.25
CA GLY C 48 -2.49 28.22 -4.61
C GLY C 48 -2.12 26.76 -4.66
N ILE C 49 -0.98 26.43 -4.05
CA ILE C 49 -0.42 25.10 -4.00
C ILE C 49 -1.40 24.08 -3.42
N GLY C 50 -2.09 24.44 -2.35
CA GLY C 50 -3.07 23.56 -1.73
C GLY C 50 -4.23 23.23 -2.61
N ARG C 51 -4.73 24.23 -3.35
CA ARG C 51 -5.86 24.05 -4.26
C ARG C 51 -5.47 23.15 -5.42
N GLN C 52 -4.30 23.38 -6.03
CA GLN C 52 -3.86 22.57 -7.16
C GLN C 52 -3.52 21.15 -6.75
N THR C 53 -2.93 20.97 -5.57
CA THR C 53 -2.59 19.66 -5.02
C THR C 53 -3.86 18.85 -4.84
N THR C 54 -4.92 19.49 -4.32
CA THR C 54 -6.22 18.88 -4.13
C THR C 54 -6.76 18.28 -5.45
N TYR C 55 -6.64 19.03 -6.55
CA TYR C 55 -7.11 18.57 -7.85
C TYR C 55 -6.33 17.37 -8.35
N GLU C 56 -5.04 17.28 -8.01
CA GLU C 56 -4.23 16.12 -8.39
C GLU C 56 -4.64 14.86 -7.65
N PHE C 57 -5.07 14.98 -6.40
CA PHE C 57 -5.54 13.84 -5.63
C PHE C 57 -6.95 13.44 -6.09
N ALA C 58 -7.79 14.44 -6.45
CA ALA C 58 -9.14 14.22 -6.97
C ALA C 58 -9.05 13.46 -8.29
N LYS C 59 -8.10 13.82 -9.17
CA LYS C 59 -7.91 13.12 -10.44
C LYS C 59 -7.48 11.67 -10.21
N ARG C 60 -6.70 11.41 -9.15
CA ARG C 60 -6.23 10.07 -8.82
C ARG C 60 -7.20 9.23 -7.98
N LYS C 61 -8.45 9.71 -7.84
CA LYS C 61 -9.54 9.10 -7.12
C LYS C 61 -9.25 8.84 -5.62
N SER C 62 -8.71 9.85 -4.95
CA SER C 62 -8.45 9.80 -3.51
C SER C 62 -9.70 10.32 -2.82
N ARG C 63 -9.90 9.92 -1.55
CA ARG C 63 -11.00 10.45 -0.76
C ARG C 63 -10.45 11.75 -0.15
N LEU C 64 -11.13 12.89 -0.32
CA LEU C 64 -10.55 14.17 0.13
C LEU C 64 -11.21 14.87 1.31
N VAL C 65 -10.39 15.44 2.20
CA VAL C 65 -10.81 16.26 3.34
C VAL C 65 -10.08 17.58 3.16
N LEU C 66 -10.78 18.69 2.95
CA LEU C 66 -10.14 19.98 2.69
C LEU C 66 -10.29 20.93 3.86
N TRP C 67 -9.24 21.65 4.21
CA TRP C 67 -9.25 22.59 5.32
C TRP C 67 -8.71 23.96 4.88
N ASP C 68 -9.33 25.05 5.35
CA ASP C 68 -8.88 26.41 5.07
C ASP C 68 -9.63 27.41 5.96
N ILE C 69 -9.02 28.54 6.28
CA ILE C 69 -9.71 29.59 7.05
C ILE C 69 -10.71 30.37 6.19
N ASN C 70 -10.45 30.44 4.88
CA ASN C 70 -11.22 31.14 3.87
C ASN C 70 -12.37 30.24 3.38
N LYS C 71 -13.57 30.44 3.95
CA LYS C 71 -14.77 29.66 3.63
C LYS C 71 -15.13 29.64 2.15
N HIS C 72 -15.02 30.77 1.46
CA HIS C 72 -15.37 30.82 0.04
C HIS C 72 -14.38 30.01 -0.83
N GLY C 73 -13.09 30.15 -0.52
CA GLY C 73 -12.01 29.48 -1.24
C GLY C 73 -12.06 27.96 -1.12
N VAL C 74 -12.26 27.45 0.11
CA VAL C 74 -12.33 26.00 0.33
C VAL C 74 -13.59 25.41 -0.33
N GLU C 75 -14.71 26.16 -0.35
CA GLU C 75 -15.95 25.75 -0.98
C GLU C 75 -15.81 25.70 -2.52
N GLU C 76 -15.08 26.68 -3.08
CA GLU C 76 -14.76 26.81 -4.51
C GLU C 76 -13.92 25.59 -4.96
N THR C 77 -12.96 25.16 -4.11
CA THR C 77 -12.11 24.01 -4.40
C THR C 77 -12.91 22.72 -4.37
N ALA C 78 -13.80 22.57 -3.37
CA ALA C 78 -14.65 21.39 -3.22
C ALA C 78 -15.64 21.25 -4.37
N ALA C 79 -16.09 22.39 -4.94
CA ALA C 79 -17.00 22.40 -6.07
C ALA C 79 -16.28 21.91 -7.34
N GLU C 80 -15.02 22.33 -7.53
CA GLU C 80 -14.24 21.87 -8.68
C GLU C 80 -13.85 20.38 -8.54
N CYS C 81 -13.74 19.89 -7.31
CA CYS C 81 -13.48 18.48 -7.04
C CYS C 81 -14.65 17.65 -7.50
N ARG C 82 -15.89 18.14 -7.29
CA ARG C 82 -17.09 17.42 -7.73
C ARG C 82 -17.08 17.28 -9.25
N LYS C 83 -16.62 18.32 -9.98
CA LYS C 83 -16.48 18.32 -11.44
C LYS C 83 -15.43 17.26 -11.86
N LEU C 84 -14.38 17.09 -11.06
CA LEU C 84 -13.31 16.11 -11.29
C LEU C 84 -13.71 14.66 -10.93
N GLY C 85 -14.89 14.48 -10.34
CA GLY C 85 -15.41 13.16 -9.99
C GLY C 85 -15.34 12.77 -8.54
N VAL C 86 -14.82 13.64 -7.67
CA VAL C 86 -14.70 13.31 -6.23
C VAL C 86 -15.46 14.32 -5.38
N THR C 87 -16.38 13.85 -4.50
CA THR C 87 -17.05 14.80 -3.60
C THR C 87 -16.14 14.94 -2.37
N ALA C 88 -15.58 16.13 -2.20
CA ALA C 88 -14.67 16.42 -1.11
C ALA C 88 -15.41 16.84 0.15
N HIS C 89 -14.79 16.67 1.32
CA HIS C 89 -15.38 17.09 2.59
C HIS C 89 -14.68 18.35 3.00
N ALA C 90 -15.24 19.52 2.70
CA ALA C 90 -14.59 20.79 3.01
C ALA C 90 -14.96 21.26 4.41
N TYR C 91 -14.00 21.85 5.11
CA TYR C 91 -14.19 22.37 6.46
C TYR C 91 -13.46 23.72 6.61
N VAL C 92 -13.98 24.59 7.48
CA VAL C 92 -13.35 25.87 7.76
C VAL C 92 -12.66 25.73 9.10
N VAL C 93 -11.34 25.50 9.05
CA VAL C 93 -10.57 25.30 10.26
C VAL C 93 -9.37 26.24 10.26
N ASP C 94 -9.07 26.85 11.40
CA ASP C 94 -7.93 27.74 11.60
C ASP C 94 -6.80 26.88 12.14
N CYS C 95 -5.81 26.60 11.30
CA CYS C 95 -4.67 25.74 11.65
C CYS C 95 -3.73 26.34 12.70
N SER C 96 -3.97 27.60 13.12
CA SER C 96 -3.18 28.19 14.20
C SER C 96 -3.71 27.71 15.57
N ASN C 97 -5.04 27.42 15.65
CA ASN C 97 -5.75 27.02 16.85
C ASN C 97 -5.64 25.51 17.14
N ARG C 98 -4.94 25.15 18.22
CA ARG C 98 -4.76 23.76 18.63
C ARG C 98 -6.10 23.12 18.95
N GLU C 99 -6.97 23.83 19.68
CA GLU C 99 -8.25 23.33 20.13
C GLU C 99 -9.20 23.11 18.94
N GLU C 100 -9.19 24.04 17.99
CA GLU C 100 -10.02 23.97 16.79
C GLU C 100 -9.60 22.84 15.86
N ILE C 101 -8.28 22.54 15.80
CA ILE C 101 -7.73 21.46 14.99
C ILE C 101 -8.23 20.13 15.53
N TYR C 102 -8.16 19.95 16.85
CA TYR C 102 -8.59 18.71 17.52
C TYR C 102 -10.07 18.49 17.36
N ARG C 103 -10.85 19.56 17.53
CA ARG C 103 -12.30 19.63 17.43
C ARG C 103 -12.73 19.14 16.03
N SER C 104 -12.07 19.69 14.99
CA SER C 104 -12.33 19.38 13.59
C SER C 104 -11.86 18.02 13.18
N LEU C 105 -10.77 17.54 13.75
CA LEU C 105 -10.28 16.20 13.44
C LEU C 105 -11.18 15.12 14.01
N ASN C 106 -11.88 15.40 15.13
CA ASN C 106 -12.85 14.45 15.67
C ASN C 106 -14.08 14.37 14.73
N GLN C 107 -14.45 15.50 14.13
CA GLN C 107 -15.53 15.58 13.16
C GLN C 107 -15.13 14.80 11.92
N VAL C 108 -13.86 14.93 11.46
CA VAL C 108 -13.33 14.19 10.30
C VAL C 108 -13.35 12.71 10.58
N LYS C 109 -12.99 12.30 11.82
CA LYS C 109 -13.02 10.88 12.19
C LYS C 109 -14.46 10.33 12.09
N LYS C 110 -15.45 11.08 12.62
CA LYS C 110 -16.86 10.69 12.60
C LYS C 110 -17.49 10.66 11.20
N GLU C 111 -17.26 11.71 10.38
CA GLU C 111 -17.84 11.88 9.06
C GLU C 111 -17.11 11.22 7.89
N VAL C 112 -15.76 11.17 7.94
CA VAL C 112 -14.98 10.63 6.84
C VAL C 112 -14.25 9.32 7.22
N GLY C 113 -13.52 9.37 8.33
CA GLY C 113 -12.74 8.24 8.83
C GLY C 113 -11.34 8.64 9.23
N ASP C 114 -10.41 7.69 9.23
CA ASP C 114 -9.04 7.95 9.62
C ASP C 114 -8.22 8.42 8.42
N VAL C 115 -7.65 9.64 8.50
CA VAL C 115 -6.80 10.21 7.47
C VAL C 115 -5.55 9.33 7.29
N THR C 116 -5.16 9.09 6.04
CA THR C 116 -4.02 8.25 5.64
C THR C 116 -2.85 9.09 5.11
N ILE C 117 -3.16 10.18 4.39
CA ILE C 117 -2.15 11.10 3.86
C ILE C 117 -2.47 12.51 4.37
N VAL C 118 -1.48 13.23 4.93
CA VAL C 118 -1.68 14.60 5.43
C VAL C 118 -0.77 15.54 4.67
N VAL C 119 -1.32 16.58 4.05
CA VAL C 119 -0.50 17.60 3.38
C VAL C 119 -0.63 18.87 4.17
N ASN C 120 0.35 19.14 5.07
CA ASN C 120 0.38 20.33 5.91
C ASN C 120 0.87 21.49 5.06
N ASN C 121 -0.05 22.08 4.31
CA ASN C 121 0.28 23.13 3.37
C ASN C 121 -0.01 24.53 3.89
N ALA C 122 -1.05 24.73 4.72
CA ALA C 122 -1.41 26.07 5.22
C ALA C 122 -0.21 26.81 5.82
N GLY C 123 -0.05 28.07 5.41
CA GLY C 123 1.07 28.90 5.84
C GLY C 123 0.74 30.37 5.84
N THR C 124 1.54 31.15 6.58
CA THR C 124 1.34 32.59 6.70
C THR C 124 2.68 33.34 6.74
N VAL C 125 2.67 34.59 6.25
CA VAL C 125 3.87 35.42 6.22
C VAL C 125 3.49 36.91 6.36
N TYR C 126 4.32 37.68 7.05
CA TYR C 126 4.12 39.10 7.23
C TYR C 126 5.45 39.76 6.96
N PRO C 127 5.85 39.92 5.69
CA PRO C 127 7.17 40.48 5.38
C PRO C 127 7.47 41.84 6.01
N ALA C 128 8.60 41.93 6.74
CA ALA C 128 9.09 43.14 7.41
C ALA C 128 10.44 42.85 8.04
N ASP C 129 11.28 43.89 8.21
CA ASP C 129 12.55 43.72 8.91
C ASP C 129 12.20 43.47 10.40
N LEU C 130 13.00 42.68 11.13
CA LEU C 130 12.74 42.32 12.52
C LEU C 130 12.19 43.44 13.41
N LEU C 131 12.76 44.66 13.34
CA LEU C 131 12.31 45.77 14.18
C LEU C 131 10.94 46.34 13.78
N SER C 132 10.49 46.09 12.55
CA SER C 132 9.17 46.51 12.06
C SER C 132 8.09 45.44 12.22
N THR C 133 8.44 44.25 12.68
CA THR C 133 7.48 43.18 12.86
C THR C 133 6.59 43.44 14.08
N LYS C 134 5.38 42.84 14.07
CA LYS C 134 4.43 42.88 15.17
C LYS C 134 4.59 41.55 15.89
N ASP C 135 4.67 41.57 17.21
CA ASP C 135 4.82 40.34 17.99
C ASP C 135 3.70 39.32 17.79
N GLU C 136 2.46 39.80 17.53
CA GLU C 136 1.32 38.91 17.28
C GLU C 136 1.51 38.18 15.95
N GLU C 137 2.09 38.86 14.95
CA GLU C 137 2.38 38.30 13.64
C GLU C 137 3.49 37.25 13.71
N ILE C 138 4.49 37.47 14.59
CA ILE C 138 5.58 36.52 14.81
C ILE C 138 4.99 35.24 15.41
N THR C 139 4.13 35.38 16.43
CA THR C 139 3.48 34.24 17.07
C THR C 139 2.60 33.51 16.07
N LYS C 140 1.81 34.26 15.28
CA LYS C 140 0.94 33.68 14.26
C LYS C 140 1.71 32.93 13.18
N THR C 141 2.91 33.41 12.81
CA THR C 141 3.74 32.75 11.83
C THR C 141 4.15 31.36 12.34
N PHE C 142 4.52 31.26 13.63
CA PHE C 142 4.89 29.96 14.22
C PHE C 142 3.70 29.06 14.44
N GLU C 143 2.57 29.62 14.86
CA GLU C 143 1.35 28.83 15.12
C GLU C 143 0.87 28.10 13.90
N VAL C 144 0.91 28.76 12.73
CA VAL C 144 0.45 28.18 11.48
C VAL C 144 1.53 27.34 10.80
N ASN C 145 2.72 27.92 10.57
CA ASN C 145 3.80 27.27 9.81
C ASN C 145 4.48 26.07 10.49
N ILE C 146 4.46 25.96 11.84
CA ILE C 146 5.07 24.80 12.49
C ILE C 146 4.22 24.18 13.63
N LEU C 147 3.71 24.98 14.58
CA LEU C 147 2.94 24.42 15.68
C LEU C 147 1.72 23.64 15.23
N GLY C 148 1.03 24.12 14.21
CA GLY C 148 -0.13 23.43 13.66
C GLY C 148 0.23 22.07 13.07
N HIS C 149 1.46 21.92 12.55
CA HIS C 149 1.95 20.65 12.01
C HIS C 149 2.06 19.64 13.15
N PHE C 150 2.48 20.07 14.35
CA PHE C 150 2.62 19.20 15.50
C PHE C 150 1.29 18.66 15.98
N TRP C 151 0.25 19.51 16.02
CA TRP C 151 -1.06 19.09 16.53
C TRP C 151 -1.80 18.22 15.55
N ILE C 152 -1.70 18.52 14.25
CA ILE C 152 -2.35 17.72 13.22
C ILE C 152 -1.71 16.33 13.16
N THR C 153 -0.37 16.28 13.19
CA THR C 153 0.35 15.02 13.15
C THR C 153 0.08 14.20 14.38
N LYS C 154 0.21 14.75 15.59
CA LYS C 154 -0.06 14.01 16.84
C LYS C 154 -1.46 13.37 16.86
N ALA C 155 -2.43 14.05 16.22
CA ALA C 155 -3.81 13.56 16.20
C ALA C 155 -4.03 12.45 15.17
N LEU C 156 -3.37 12.54 14.00
CA LEU C 156 -3.55 11.55 12.93
C LEU C 156 -2.56 10.38 12.95
N LEU C 157 -1.42 10.57 13.59
CA LEU C 157 -0.37 9.57 13.66
C LEU C 157 -0.76 8.27 14.37
N PRO C 158 -1.52 8.26 15.49
CA PRO C 158 -1.85 6.97 16.15
C PRO C 158 -2.44 5.86 15.27
N SER C 159 -3.36 6.24 14.37
CA SER C 159 -4.03 5.35 13.43
C SER C 159 -3.00 4.83 12.41
N MET C 160 -2.14 5.72 11.91
CA MET C 160 -1.10 5.37 10.93
C MET C 160 -0.09 4.42 11.56
N MET C 161 0.23 4.60 12.85
CA MET C 161 1.16 3.76 13.60
C MET C 161 0.57 2.36 13.75
N LYS C 162 -0.71 2.27 14.11
CA LYS C 162 -1.38 1.00 14.27
C LYS C 162 -1.37 0.16 13.00
N ARG C 163 -1.63 0.78 11.84
CA ARG C 163 -1.61 0.06 10.57
C ARG C 163 -0.22 -0.03 9.94
N ASN C 164 0.75 0.80 10.38
CA ASN C 164 2.07 0.95 9.77
C ASN C 164 1.89 1.48 8.34
N HIS C 165 1.00 2.47 8.17
CA HIS C 165 0.69 2.99 6.86
C HIS C 165 0.26 4.41 6.97
N GLY C 166 0.93 5.26 6.22
CA GLY C 166 0.60 6.68 6.17
C GLY C 166 1.58 7.50 5.35
N HIS C 167 1.31 8.80 5.24
CA HIS C 167 2.20 9.72 4.54
C HIS C 167 2.05 11.11 5.12
N ILE C 168 3.11 11.65 5.73
CA ILE C 168 3.07 12.99 6.28
C ILE C 168 3.87 13.91 5.35
N VAL C 169 3.19 14.85 4.69
CA VAL C 169 3.80 15.80 3.77
C VAL C 169 3.91 17.16 4.46
N THR C 170 5.12 17.63 4.68
CA THR C 170 5.36 18.93 5.30
C THR C 170 5.67 19.91 4.17
N VAL C 171 4.85 20.95 4.00
CA VAL C 171 5.14 21.97 2.99
C VAL C 171 5.97 23.07 3.64
N ALA C 172 7.30 22.97 3.52
CA ALA C 172 8.20 23.96 4.10
C ALA C 172 8.55 25.09 3.03
N SER C 173 9.82 25.30 2.55
CA SER C 173 10.24 26.33 1.59
C SER C 173 11.78 26.31 1.49
N VAL C 174 12.38 26.98 0.47
CA VAL C 174 13.85 27.15 0.46
C VAL C 174 14.30 27.96 1.68
N CYS C 175 13.39 28.80 2.24
CA CYS C 175 13.56 29.57 3.46
C CYS C 175 13.73 28.68 4.71
N GLY C 176 13.53 27.37 4.60
CA GLY C 176 13.78 26.40 5.65
C GLY C 176 15.22 25.86 5.60
N HIS C 177 15.97 26.27 4.56
CA HIS C 177 17.36 25.90 4.30
C HIS C 177 18.32 27.10 4.36
N GLU C 178 17.80 28.30 4.08
CA GLU C 178 18.60 29.51 4.15
C GLU C 178 17.75 30.69 4.58
N GLY C 179 18.29 31.51 5.47
CA GLY C 179 17.64 32.73 5.94
C GLY C 179 17.78 33.86 4.95
N ILE C 180 16.72 34.64 4.79
CA ILE C 180 16.68 35.74 3.85
C ILE C 180 16.19 37.04 4.55
N PRO C 181 16.68 38.24 4.15
CA PRO C 181 16.24 39.48 4.81
C PRO C 181 14.75 39.75 4.68
N TYR C 182 14.23 40.48 5.67
CA TYR C 182 12.84 40.92 5.75
C TYR C 182 11.84 39.75 5.90
N LEU C 183 12.32 38.54 6.20
CA LEU C 183 11.50 37.36 6.39
C LEU C 183 12.10 36.49 7.54
N ILE C 184 12.74 37.09 8.56
CA ILE C 184 13.36 36.34 9.66
C ILE C 184 12.37 35.43 10.42
N PRO C 185 11.18 35.89 10.90
CA PRO C 185 10.25 34.94 11.57
C PRO C 185 9.71 33.86 10.64
N TYR C 186 9.53 34.18 9.36
CA TYR C 186 9.05 33.22 8.39
C TYR C 186 10.09 32.14 8.11
N CYS C 187 11.34 32.54 7.91
CA CYS C 187 12.43 31.59 7.69
C CYS C 187 12.61 30.71 8.94
N SER C 188 12.58 31.31 10.14
CA SER C 188 12.71 30.57 11.38
C SER C 188 11.61 29.49 11.50
N SER C 189 10.35 29.85 11.21
CA SER C 189 9.24 28.89 11.25
C SER C 189 9.37 27.79 10.16
N LYS C 190 9.89 28.15 8.97
CA LYS C 190 10.13 27.18 7.89
C LYS C 190 11.31 26.24 8.19
N PHE C 191 12.32 26.72 8.92
CA PHE C 191 13.47 25.91 9.35
C PHE C 191 12.93 24.88 10.35
N ALA C 192 12.01 25.30 11.24
CA ALA C 192 11.35 24.45 12.22
C ALA C 192 10.56 23.39 11.53
N ALA C 193 9.88 23.71 10.40
CA ALA C 193 9.11 22.75 9.60
C ALA C 193 10.02 21.68 9.01
N VAL C 194 11.22 22.08 8.52
CA VAL C 194 12.21 21.16 7.97
C VAL C 194 12.70 20.25 9.09
N GLY C 195 13.01 20.82 10.24
CA GLY C 195 13.48 20.08 11.41
C GLY C 195 12.48 19.09 11.95
N PHE C 196 11.19 19.43 11.88
CA PHE C 196 10.09 18.58 12.28
C PHE C 196 10.06 17.36 11.35
N HIS C 197 10.15 17.59 10.04
CA HIS C 197 10.17 16.52 9.05
C HIS C 197 11.38 15.60 9.28
N ARG C 198 12.57 16.19 9.47
CA ARG C 198 13.79 15.42 9.67
C ARG C 198 13.70 14.57 10.93
N GLY C 199 13.13 15.12 12.00
CA GLY C 199 13.01 14.42 13.26
C GLY C 199 11.96 13.32 13.20
N LEU C 200 10.84 13.61 12.54
CA LEU C 200 9.74 12.66 12.36
C LEU C 200 10.24 11.46 11.57
N THR C 201 11.00 11.72 10.49
CA THR C 201 11.58 10.68 9.64
C THR C 201 12.50 9.77 10.46
N SER C 202 13.37 10.34 11.33
CA SER C 202 14.29 9.57 12.18
C SER C 202 13.54 8.76 13.20
N GLU C 203 12.53 9.36 13.84
CA GLU C 203 11.79 8.67 14.87
C GLU C 203 11.01 7.51 14.30
N LEU C 204 10.37 7.68 13.14
CA LEU C 204 9.62 6.59 12.52
C LEU C 204 10.56 5.43 12.13
N GLN C 205 11.78 5.74 11.72
CA GLN C 205 12.79 4.77 11.36
C GLN C 205 13.23 4.02 12.60
N ALA C 206 13.48 4.73 13.71
CA ALA C 206 13.88 4.14 14.99
C ALA C 206 12.76 3.27 15.57
N LEU C 207 11.50 3.70 15.43
CA LEU C 207 10.34 2.95 15.89
C LEU C 207 9.94 1.78 14.98
N GLY C 208 10.58 1.64 13.81
CA GLY C 208 10.28 0.56 12.90
C GLY C 208 9.07 0.77 12.03
N LYS C 209 8.50 1.97 12.04
CA LYS C 209 7.33 2.31 11.23
C LYS C 209 7.69 2.65 9.79
N THR C 210 8.28 1.68 9.10
CA THR C 210 8.73 1.73 7.70
C THR C 210 7.63 2.16 6.74
N GLY C 211 6.39 1.77 7.04
CA GLY C 211 5.21 2.04 6.22
C GLY C 211 4.70 3.45 6.25
N ILE C 212 5.13 4.24 7.25
CA ILE C 212 4.70 5.63 7.34
C ILE C 212 5.72 6.49 6.63
N LYS C 213 5.37 6.99 5.45
CA LYS C 213 6.27 7.79 4.64
C LYS C 213 6.24 9.26 5.02
N THR C 214 7.33 9.99 4.74
CA THR C 214 7.41 11.42 5.01
C THR C 214 8.00 12.13 3.80
N SER C 215 7.50 13.33 3.49
CA SER C 215 7.97 14.16 2.37
C SER C 215 8.01 15.61 2.81
N CYS C 216 8.98 16.38 2.33
CA CYS C 216 9.11 17.79 2.65
C CYS C 216 9.25 18.58 1.38
N LEU C 217 8.27 19.45 1.09
CA LEU C 217 8.31 20.28 -0.12
C LEU C 217 9.01 21.61 0.13
N CYS C 218 10.12 21.87 -0.55
CA CYS C 218 10.86 23.13 -0.40
C CYS C 218 10.97 23.89 -1.72
N PRO C 219 9.94 24.65 -2.12
CA PRO C 219 10.03 25.41 -3.37
C PRO C 219 10.63 26.81 -3.22
N VAL C 220 11.12 27.38 -4.33
CA VAL C 220 11.58 28.77 -4.37
C VAL C 220 10.31 29.66 -4.56
N PHE C 221 10.44 30.98 -4.81
CA PHE C 221 9.27 31.84 -4.96
C PHE C 221 8.30 31.35 -6.03
N VAL C 222 7.03 31.15 -5.64
CA VAL C 222 5.94 30.71 -6.51
C VAL C 222 4.98 31.87 -6.67
N ASN C 223 4.49 32.09 -7.90
CA ASN C 223 3.53 33.14 -8.23
C ASN C 223 2.09 32.78 -7.74
N THR C 224 1.85 32.78 -6.41
CA THR C 224 0.52 32.50 -5.84
C THR C 224 -0.08 33.70 -5.07
N GLY C 225 0.64 34.81 -5.00
CA GLY C 225 0.22 35.99 -4.27
C GLY C 225 0.57 35.95 -2.79
N PHE C 226 1.21 34.86 -2.32
CA PHE C 226 1.63 34.68 -0.93
C PHE C 226 2.54 35.85 -0.51
N THR C 227 3.48 36.18 -1.37
CA THR C 227 4.37 37.34 -1.22
C THR C 227 4.33 38.11 -2.54
N LYS C 228 4.70 39.40 -2.53
CA LYS C 228 4.61 40.30 -3.70
C LYS C 228 5.49 39.89 -4.95
N ASN C 229 6.84 39.78 -4.85
CA ASN C 229 7.63 39.39 -6.04
C ASN C 229 9.07 38.86 -5.83
N PRO C 230 9.52 38.41 -4.64
CA PRO C 230 10.93 37.94 -4.52
C PRO C 230 11.22 36.64 -5.27
N PRO C 236 14.27 32.53 -8.68
CA PRO C 236 13.39 32.47 -9.85
C PRO C 236 11.88 32.53 -9.52
N VAL C 237 11.06 32.75 -10.56
CA VAL C 237 9.61 32.79 -10.39
C VAL C 237 9.05 31.47 -10.89
N LEU C 238 8.46 30.70 -9.98
CA LEU C 238 7.87 29.39 -10.28
C LEU C 238 6.37 29.51 -10.48
N GLU C 239 5.80 28.63 -11.30
CA GLU C 239 4.36 28.56 -11.49
C GLU C 239 3.82 27.46 -10.60
N THR C 240 2.61 27.63 -10.10
CA THR C 240 1.98 26.68 -9.19
C THR C 240 1.94 25.25 -9.74
N ASP C 241 1.65 25.12 -11.04
CA ASP C 241 1.58 23.83 -11.73
C ASP C 241 2.89 23.04 -11.67
N GLU C 242 4.04 23.72 -11.82
CA GLU C 242 5.33 23.05 -11.75
C GLU C 242 5.57 22.51 -10.35
N VAL C 243 5.24 23.32 -9.32
CA VAL C 243 5.42 22.95 -7.92
C VAL C 243 4.57 21.74 -7.58
N VAL C 244 3.30 21.75 -8.00
CA VAL C 244 2.37 20.65 -7.74
C VAL C 244 2.78 19.39 -8.50
N ARG C 245 3.34 19.54 -9.70
CA ARG C 245 3.85 18.41 -10.47
C ARG C 245 5.02 17.78 -9.74
N SER C 246 5.90 18.58 -9.16
CA SER C 246 7.05 18.08 -8.40
C SER C 246 6.61 17.44 -7.06
N LEU C 247 5.56 18.00 -6.44
CA LEU C 247 5.04 17.49 -5.19
C LEU C 247 4.39 16.13 -5.39
N ILE C 248 3.55 15.98 -6.41
CA ILE C 248 2.87 14.72 -6.68
C ILE C 248 3.87 13.65 -7.07
N ASP C 249 4.86 13.97 -7.91
CA ASP C 249 5.88 13.01 -8.30
C ASP C 249 6.67 12.53 -7.08
N GLY C 250 6.93 13.44 -6.14
CA GLY C 250 7.63 13.14 -4.92
C GLY C 250 6.81 12.29 -3.98
N ILE C 251 5.51 12.58 -3.83
CA ILE C 251 4.64 11.82 -2.94
C ILE C 251 4.51 10.40 -3.42
N LEU C 252 4.23 10.20 -4.71
CA LEU C 252 4.07 8.87 -5.30
C LEU C 252 5.34 8.04 -5.32
N THR C 253 6.50 8.69 -5.39
CA THR C 253 7.77 7.96 -5.39
C THR C 253 8.50 7.97 -4.02
N ASN C 254 7.78 8.39 -2.93
CA ASN C 254 8.23 8.46 -1.54
C ASN C 254 9.53 9.26 -1.35
N LYS C 255 9.69 10.34 -2.13
CA LYS C 255 10.83 11.26 -2.07
C LYS C 255 10.73 11.98 -0.73
N LYS C 256 11.81 11.99 0.06
CA LYS C 256 11.80 12.65 1.35
C LYS C 256 11.99 14.14 1.26
N MET C 257 12.99 14.61 0.48
CA MET C 257 13.22 16.05 0.35
C MET C 257 12.95 16.49 -1.10
N ILE C 258 11.89 17.25 -1.29
CA ILE C 258 11.47 17.67 -2.61
C ILE C 258 11.75 19.16 -2.82
N PHE C 259 12.89 19.49 -3.46
CA PHE C 259 13.23 20.87 -3.78
C PHE C 259 12.60 21.25 -5.11
N VAL C 260 12.05 22.46 -5.24
CA VAL C 260 11.47 22.91 -6.51
C VAL C 260 12.10 24.27 -6.94
N PRO C 261 12.89 24.33 -8.03
CA PRO C 261 13.28 23.23 -8.93
C PRO C 261 14.35 22.35 -8.27
N SER C 262 14.35 21.08 -8.63
CA SER C 262 15.22 20.06 -8.07
C SER C 262 16.66 20.45 -7.86
N TYR C 263 17.23 21.24 -8.76
CA TYR C 263 18.65 21.58 -8.69
C TYR C 263 19.05 22.60 -7.62
N ILE C 264 18.08 23.29 -6.96
CA ILE C 264 18.47 24.27 -5.94
C ILE C 264 19.22 23.64 -4.77
N ASN C 265 19.15 22.30 -4.64
CA ASN C 265 19.86 21.50 -3.65
C ASN C 265 21.37 21.56 -3.89
N ILE C 266 21.78 21.65 -5.16
CA ILE C 266 23.19 21.74 -5.51
C ILE C 266 23.74 23.06 -4.97
N PHE C 267 22.98 24.17 -5.13
CA PHE C 267 23.39 25.48 -4.64
C PHE C 267 23.56 25.45 -3.13
N LEU C 268 22.59 24.87 -2.42
CA LEU C 268 22.60 24.74 -0.97
C LEU C 268 23.76 23.86 -0.46
N ARG C 269 24.11 22.84 -1.25
CA ARG C 269 25.23 21.96 -0.95
C ARG C 269 26.53 22.73 -1.08
N LEU C 270 26.69 23.52 -2.17
CA LEU C 270 27.90 24.29 -2.42
C LEU C 270 28.06 25.43 -1.39
N GLN C 271 26.94 25.99 -0.93
CA GLN C 271 26.93 27.02 0.10
C GLN C 271 27.56 26.54 1.38
N LYS C 272 27.44 25.23 1.72
CA LYS C 272 28.04 24.66 2.96
C LYS C 272 29.57 24.86 3.05
N PHE C 273 30.24 25.03 1.90
CA PHE C 273 31.68 25.25 1.86
C PHE C 273 32.07 26.75 2.01
N LEU C 274 31.09 27.63 2.34
CA LEU C 274 31.32 29.07 2.48
C LEU C 274 30.90 29.58 3.88
N GLY D 2 22.07 30.09 -14.74
CA GLY D 2 21.78 28.75 -14.24
C GLY D 2 23.02 27.99 -13.83
N ASN D 3 23.74 27.44 -14.82
CA ASN D 3 25.00 26.73 -14.57
C ASN D 3 26.15 27.71 -14.23
N ILE D 4 25.98 29.01 -14.54
CA ILE D 4 26.92 30.10 -14.25
C ILE D 4 26.95 30.34 -12.73
N ILE D 5 25.81 30.18 -12.04
CA ILE D 5 25.76 30.33 -10.58
C ILE D 5 26.55 29.18 -9.89
N LEU D 6 26.55 27.96 -10.51
CA LEU D 6 27.31 26.80 -10.02
C LEU D 6 28.82 27.10 -10.06
N GLU D 7 29.26 27.85 -11.09
CA GLU D 7 30.64 28.30 -11.34
C GLU D 7 31.06 29.44 -10.40
N ILE D 8 30.15 30.41 -10.17
CA ILE D 8 30.38 31.52 -9.27
C ILE D 8 30.54 31.02 -7.85
N LEU D 9 29.79 29.97 -7.45
CA LEU D 9 29.89 29.38 -6.12
C LEU D 9 31.25 28.70 -5.91
N LEU D 10 31.76 28.01 -6.94
CA LEU D 10 33.08 27.39 -6.88
C LEU D 10 34.19 28.46 -6.80
N LEU D 11 33.98 29.60 -7.47
CA LEU D 11 34.92 30.71 -7.46
C LEU D 11 35.01 31.30 -6.04
N LEU D 12 33.85 31.55 -5.41
CA LEU D 12 33.79 32.09 -4.05
C LEU D 12 34.42 31.13 -3.05
N ILE D 13 34.20 29.82 -3.21
CA ILE D 13 34.78 28.82 -2.32
C ILE D 13 36.31 28.80 -2.42
N THR D 14 36.84 28.92 -3.64
CA THR D 14 38.28 28.96 -3.84
C THR D 14 38.92 30.25 -3.21
N ILE D 15 38.24 31.40 -3.36
CA ILE D 15 38.68 32.69 -2.82
C ILE D 15 38.47 32.79 -1.27
N ILE D 16 37.46 32.08 -0.69
CA ILE D 16 37.30 32.05 0.76
C ILE D 16 38.44 31.18 1.36
N TYR D 17 38.79 30.05 0.69
CA TYR D 17 39.90 29.19 1.15
C TYR D 17 41.26 29.90 1.02
N SER D 18 41.41 30.77 0.00
CA SER D 18 42.63 31.55 -0.18
C SER D 18 42.74 32.68 0.87
N TYR D 19 41.58 33.25 1.28
CA TYR D 19 41.51 34.32 2.27
C TYR D 19 41.84 33.80 3.67
N LEU D 20 41.31 32.63 4.03
CA LEU D 20 41.59 32.00 5.32
C LEU D 20 43.06 31.59 5.41
N GLU D 21 43.68 31.19 4.27
CA GLU D 21 45.10 30.83 4.22
C GLU D 21 45.97 32.04 4.53
N SER D 22 45.58 33.24 4.02
CA SER D 22 46.31 34.49 4.28
C SER D 22 46.19 34.90 5.75
N LEU D 23 45.02 34.65 6.35
CA LEU D 23 44.78 34.93 7.75
C LEU D 23 45.71 34.06 8.63
N VAL D 24 45.82 32.74 8.31
CA VAL D 24 46.69 31.85 9.08
C VAL D 24 48.15 32.22 8.89
N ARG D 31 42.83 38.34 15.36
CA ARG D 31 42.68 39.22 16.53
C ARG D 31 41.50 38.77 17.42
N ARG D 32 41.70 38.85 18.74
CA ARG D 32 40.67 38.49 19.72
C ARG D 32 40.22 39.79 20.35
N LYS D 33 38.99 40.20 20.05
CA LYS D 33 38.44 41.46 20.54
C LYS D 33 38.36 41.50 22.07
N SER D 34 38.10 42.69 22.62
CA SER D 34 37.98 42.82 24.04
C SER D 34 36.51 42.96 24.42
N VAL D 35 36.06 42.16 25.37
CA VAL D 35 34.69 42.26 25.87
C VAL D 35 34.67 42.98 27.25
N ALA D 36 35.80 43.61 27.66
CA ALA D 36 35.87 44.30 28.92
C ALA D 36 34.96 45.53 28.90
N GLY D 37 34.19 45.73 29.95
CA GLY D 37 33.28 46.86 30.06
C GLY D 37 31.96 46.70 29.32
N GLU D 38 31.89 45.74 28.40
CA GLU D 38 30.70 45.44 27.60
C GLU D 38 29.57 44.94 28.51
N ILE D 39 28.29 45.31 28.23
CA ILE D 39 27.17 44.81 29.03
C ILE D 39 26.69 43.52 28.41
N VAL D 40 26.95 42.41 29.07
CA VAL D 40 26.64 41.07 28.57
C VAL D 40 25.44 40.45 29.28
N LEU D 41 24.39 40.10 28.54
CA LEU D 41 23.22 39.45 29.11
C LEU D 41 23.35 37.95 28.83
N ILE D 42 23.31 37.11 29.89
CA ILE D 42 23.36 35.66 29.70
C ILE D 42 22.11 35.00 30.23
N THR D 43 21.27 34.42 29.35
CA THR D 43 20.05 33.74 29.78
C THR D 43 20.40 32.30 30.14
N GLY D 44 19.67 31.70 31.08
CA GLY D 44 19.97 30.36 31.54
C GLY D 44 21.34 30.29 32.20
N ALA D 45 21.67 31.33 32.99
CA ALA D 45 22.95 31.49 33.66
C ALA D 45 23.06 30.78 35.03
N GLY D 46 22.02 30.07 35.42
CA GLY D 46 22.00 29.39 36.71
C GLY D 46 22.58 27.99 36.73
N HIS D 47 23.07 27.51 35.58
CA HIS D 47 23.64 26.17 35.49
C HIS D 47 24.31 25.93 34.12
N GLY D 48 25.11 24.86 34.04
CA GLY D 48 25.76 24.37 32.83
C GLY D 48 26.50 25.38 32.00
N ILE D 49 26.23 25.38 30.69
CA ILE D 49 26.88 26.24 29.71
C ILE D 49 26.74 27.70 30.05
N GLY D 50 25.56 28.12 30.45
CA GLY D 50 25.32 29.51 30.81
C GLY D 50 26.11 29.96 32.03
N ARG D 51 26.22 29.09 33.04
CA ARG D 51 26.97 29.39 34.25
C ARG D 51 28.46 29.51 33.94
N GLN D 52 29.04 28.58 33.17
CA GLN D 52 30.46 28.64 32.83
C GLN D 52 30.78 29.78 31.90
N THR D 53 29.89 30.10 30.96
CA THR D 53 30.06 31.23 30.03
C THR D 53 30.12 32.53 30.81
N THR D 54 29.25 32.67 31.82
CA THR D 54 29.21 33.81 32.72
C THR D 54 30.59 34.04 33.37
N TYR D 55 31.22 32.96 33.88
CA TYR D 55 32.52 33.06 34.53
C TYR D 55 33.60 33.50 33.57
N GLU D 56 33.51 33.12 32.29
CA GLU D 56 34.48 33.57 31.29
C GLU D 56 34.38 35.05 31.00
N PHE D 57 33.16 35.60 31.02
CA PHE D 57 32.97 37.03 30.82
C PHE D 57 33.40 37.81 32.09
N ALA D 58 33.15 37.24 33.30
CA ALA D 58 33.54 37.84 34.57
C ALA D 58 35.05 37.93 34.64
N LYS D 59 35.77 36.89 34.18
CA LYS D 59 37.22 36.89 34.15
C LYS D 59 37.76 37.97 33.22
N ARG D 60 37.05 38.22 32.09
CA ARG D 60 37.43 39.22 31.11
C ARG D 60 36.95 40.65 31.42
N LYS D 61 36.45 40.86 32.65
CA LYS D 61 35.98 42.13 33.18
C LYS D 61 34.81 42.75 32.40
N SER D 62 33.84 41.92 32.04
CA SER D 62 32.62 42.38 31.37
C SER D 62 31.60 42.77 32.45
N ARG D 63 30.66 43.65 32.12
CA ARG D 63 29.58 44.01 33.02
C ARG D 63 28.52 42.94 32.76
N LEU D 64 28.04 42.25 33.80
CA LEU D 64 27.15 41.12 33.63
C LEU D 64 25.72 41.29 34.08
N VAL D 65 24.78 40.81 33.26
CA VAL D 65 23.35 40.76 33.57
C VAL D 65 22.98 39.29 33.42
N LEU D 66 22.57 38.63 34.51
CA LEU D 66 22.27 37.21 34.48
C LEU D 66 20.79 36.95 34.60
N TRP D 67 20.26 36.04 33.79
CA TRP D 67 18.83 35.70 33.81
C TRP D 67 18.63 34.19 33.93
N ASP D 68 17.65 33.77 34.71
CA ASP D 68 17.30 32.37 34.88
C ASP D 68 15.96 32.23 35.61
N ILE D 69 15.21 31.16 35.30
CA ILE D 69 13.94 30.86 35.95
C ILE D 69 14.16 30.29 37.38
N ASN D 70 15.36 29.70 37.65
CA ASN D 70 15.80 29.10 38.90
C ASN D 70 16.55 30.15 39.74
N LYS D 71 15.83 30.74 40.71
CA LYS D 71 16.30 31.79 41.62
C LYS D 71 17.56 31.41 42.37
N HIS D 72 17.65 30.18 42.87
CA HIS D 72 18.82 29.75 43.62
C HIS D 72 20.06 29.61 42.75
N GLY D 73 19.89 29.06 41.57
CA GLY D 73 20.98 28.84 40.62
C GLY D 73 21.59 30.13 40.11
N VAL D 74 20.75 31.11 39.73
CA VAL D 74 21.24 32.40 39.23
C VAL D 74 21.94 33.19 40.33
N GLU D 75 21.46 33.06 41.59
CA GLU D 75 22.07 33.72 42.75
C GLU D 75 23.44 33.10 43.06
N GLU D 76 23.56 31.78 42.93
CA GLU D 76 24.77 31.00 43.15
C GLU D 76 25.85 31.43 42.12
N THR D 77 25.43 31.70 40.86
CA THR D 77 26.33 32.15 39.78
C THR D 77 26.81 33.57 40.03
N ALA D 78 25.90 34.45 40.46
CA ALA D 78 26.21 35.84 40.77
C ALA D 78 27.16 35.94 41.97
N ALA D 79 27.08 35.00 42.93
CA ALA D 79 27.94 34.96 44.11
C ALA D 79 29.36 34.57 43.70
N GLU D 80 29.49 33.61 42.78
CA GLU D 80 30.79 33.22 42.27
C GLU D 80 31.42 34.31 41.38
N CYS D 81 30.59 35.13 40.72
CA CYS D 81 31.05 36.26 39.93
C CYS D 81 31.70 37.29 40.84
N ARG D 82 31.12 37.52 42.03
CA ARG D 82 31.67 38.46 42.99
C ARG D 82 33.07 38.02 43.43
N LYS D 83 33.28 36.69 43.60
CA LYS D 83 34.58 36.11 43.93
C LYS D 83 35.58 36.32 42.77
N LEU D 84 35.10 36.27 41.53
CA LEU D 84 35.90 36.50 40.32
C LEU D 84 36.21 38.00 40.06
N GLY D 85 35.65 38.90 40.88
CA GLY D 85 35.88 40.34 40.80
C GLY D 85 34.81 41.17 40.16
N VAL D 86 33.73 40.54 39.66
CA VAL D 86 32.66 41.28 38.99
C VAL D 86 31.33 41.13 39.72
N THR D 87 30.69 42.25 40.10
CA THR D 87 29.38 42.14 40.73
C THR D 87 28.35 42.10 39.58
N ALA D 88 27.70 40.94 39.46
CA ALA D 88 26.72 40.71 38.41
C ALA D 88 25.33 41.18 38.83
N HIS D 89 24.47 41.47 37.86
CA HIS D 89 23.10 41.85 38.14
C HIS D 89 22.24 40.67 37.82
N ALA D 90 21.89 39.87 38.84
CA ALA D 90 21.11 38.67 38.61
C ALA D 90 19.62 38.97 38.69
N TYR D 91 18.82 38.34 37.84
CA TYR D 91 17.37 38.53 37.79
C TYR D 91 16.70 37.16 37.56
N VAL D 92 15.48 37.02 38.07
CA VAL D 92 14.71 35.82 37.89
C VAL D 92 13.70 36.14 36.81
N VAL D 93 14.02 35.75 35.57
CA VAL D 93 13.15 36.02 34.44
C VAL D 93 12.86 34.73 33.69
N ASP D 94 11.60 34.52 33.30
CA ASP D 94 11.17 33.37 32.54
C ASP D 94 11.21 33.77 31.05
N CYS D 95 12.19 33.24 30.29
CA CYS D 95 12.37 33.52 28.86
C CYS D 95 11.29 32.93 27.94
N SER D 96 10.30 32.26 28.51
CA SER D 96 9.15 31.81 27.74
C SER D 96 8.13 32.95 27.64
N ASN D 97 8.04 33.82 28.69
CA ASN D 97 7.10 34.93 28.83
C ASN D 97 7.55 36.20 28.12
N ARG D 98 6.83 36.62 27.07
CA ARG D 98 7.14 37.82 26.31
C ARG D 98 6.99 39.08 27.17
N GLU D 99 5.93 39.17 27.98
CA GLU D 99 5.65 40.29 28.86
C GLU D 99 6.77 40.45 29.86
N GLU D 100 7.13 39.35 30.52
CA GLU D 100 8.13 39.32 31.56
C GLU D 100 9.51 39.71 31.04
N ILE D 101 9.85 39.32 29.81
CA ILE D 101 11.12 39.64 29.18
C ILE D 101 11.23 41.15 29.01
N TYR D 102 10.18 41.78 28.46
CA TYR D 102 10.13 43.22 28.22
C TYR D 102 10.25 44.03 29.51
N ARG D 103 9.48 43.66 30.57
CA ARG D 103 9.49 44.33 31.87
C ARG D 103 10.88 44.24 32.48
N SER D 104 11.52 43.05 32.39
CA SER D 104 12.85 42.86 32.96
C SER D 104 13.90 43.61 32.21
N LEU D 105 13.75 43.75 30.87
CA LEU D 105 14.70 44.50 30.06
C LEU D 105 14.62 46.02 30.34
N ASN D 106 13.45 46.52 30.72
CA ASN D 106 13.32 47.93 31.12
C ASN D 106 14.06 48.14 32.45
N GLN D 107 13.99 47.16 33.36
CA GLN D 107 14.68 47.19 34.63
C GLN D 107 16.20 47.16 34.39
N VAL D 108 16.66 46.31 33.44
CA VAL D 108 18.06 46.22 33.07
C VAL D 108 18.53 47.56 32.49
N LYS D 109 17.70 48.22 31.67
CA LYS D 109 18.06 49.52 31.10
C LYS D 109 18.26 50.55 32.22
N LYS D 110 17.35 50.56 33.20
CA LYS D 110 17.40 51.50 34.33
C LYS D 110 18.59 51.28 35.27
N GLU D 111 18.82 50.01 35.67
CA GLU D 111 19.84 49.63 36.65
C GLU D 111 21.23 49.40 36.08
N VAL D 112 21.33 48.86 34.88
CA VAL D 112 22.62 48.51 34.28
C VAL D 112 22.95 49.39 33.05
N GLY D 113 22.05 49.43 32.08
CA GLY D 113 22.22 50.19 30.84
C GLY D 113 21.78 49.41 29.63
N ASP D 114 22.30 49.78 28.46
CA ASP D 114 21.99 49.12 27.20
C ASP D 114 22.89 47.90 26.99
N VAL D 115 22.28 46.70 26.88
CA VAL D 115 23.01 45.46 26.64
C VAL D 115 23.72 45.54 25.28
N THR D 116 24.98 45.08 25.24
CA THR D 116 25.86 45.10 24.06
C THR D 116 26.06 43.71 23.47
N ILE D 117 26.16 42.69 24.34
CA ILE D 117 26.31 41.29 23.92
C ILE D 117 25.17 40.49 24.54
N VAL D 118 24.45 39.70 23.74
CA VAL D 118 23.36 38.85 24.25
C VAL D 118 23.69 37.39 24.01
N VAL D 119 23.72 36.55 25.05
CA VAL D 119 23.90 35.12 24.89
C VAL D 119 22.59 34.44 25.21
N ASN D 120 21.82 34.09 24.15
CA ASN D 120 20.53 33.44 24.28
C ASN D 120 20.81 31.97 24.51
N ASN D 121 21.07 31.63 25.77
CA ASN D 121 21.44 30.28 26.13
C ASN D 121 20.30 29.47 26.71
N ALA D 122 19.35 30.06 27.47
CA ALA D 122 18.23 29.34 28.09
C ALA D 122 17.55 28.38 27.12
N GLY D 123 17.47 27.14 27.53
CA GLY D 123 16.88 26.11 26.72
C GLY D 123 16.10 25.13 27.56
N THR D 124 15.12 24.45 26.93
CA THR D 124 14.31 23.45 27.60
C THR D 124 14.06 22.23 26.70
N VAL D 125 13.94 21.05 27.31
CA VAL D 125 13.71 19.82 26.56
C VAL D 125 12.86 18.85 27.40
N TYR D 126 11.98 18.11 26.73
CA TYR D 126 11.15 17.12 27.37
C TYR D 126 11.23 15.86 26.55
N PRO D 127 12.31 15.07 26.66
CA PRO D 127 12.46 13.90 25.79
C PRO D 127 11.30 12.89 25.81
N ALA D 128 10.72 12.61 24.63
CA ALA D 128 9.63 11.67 24.45
C ALA D 128 9.34 11.47 22.97
N ASP D 129 8.81 10.29 22.60
CA ASP D 129 8.39 10.05 21.22
C ASP D 129 7.14 10.92 20.99
N LEU D 130 6.92 11.41 19.77
CA LEU D 130 5.83 12.33 19.44
C LEU D 130 4.47 12.03 20.12
N LEU D 131 4.04 10.76 20.14
CA LEU D 131 2.74 10.41 20.74
C LEU D 131 2.72 10.46 22.27
N SER D 132 3.89 10.42 22.92
CA SER D 132 4.02 10.53 24.37
C SER D 132 4.27 11.98 24.83
N THR D 133 4.42 12.94 23.90
CA THR D 133 4.66 14.32 24.28
C THR D 133 3.38 14.97 24.80
N LYS D 134 3.54 16.00 25.65
CA LYS D 134 2.45 16.80 26.18
C LYS D 134 2.44 18.07 25.35
N ASP D 135 1.27 18.49 24.88
CA ASP D 135 1.16 19.71 24.07
C ASP D 135 1.69 20.98 24.77
N GLU D 136 1.56 21.07 26.10
CA GLU D 136 2.06 22.20 26.88
C GLU D 136 3.59 22.24 26.83
N GLU D 137 4.24 21.06 26.85
CA GLU D 137 5.67 20.91 26.76
C GLU D 137 6.20 21.27 25.39
N ILE D 138 5.41 20.96 24.32
CA ILE D 138 5.78 21.31 22.95
C ILE D 138 5.78 22.84 22.83
N THR D 139 4.74 23.49 23.37
CA THR D 139 4.61 24.95 23.33
C THR D 139 5.74 25.58 24.13
N LYS D 140 6.04 25.04 25.32
CA LYS D 140 7.10 25.56 26.17
C LYS D 140 8.48 25.42 25.52
N THR D 141 8.71 24.32 24.78
CA THR D 141 9.95 24.12 24.04
C THR D 141 10.16 25.24 23.02
N PHE D 142 9.11 25.62 22.29
CA PHE D 142 9.22 26.71 21.30
C PHE D 142 9.31 28.09 21.94
N GLU D 143 8.61 28.32 23.07
CA GLU D 143 8.58 29.60 23.74
C GLU D 143 9.95 29.98 24.27
N VAL D 144 10.70 29.02 24.82
CA VAL D 144 12.03 29.26 25.38
C VAL D 144 13.15 29.26 24.35
N ASN D 145 13.22 28.17 23.54
CA ASN D 145 14.26 27.89 22.58
C ASN D 145 14.22 28.75 21.34
N ILE D 146 13.07 29.34 20.95
CA ILE D 146 13.08 30.22 19.76
C ILE D 146 12.29 31.54 19.97
N LEU D 147 11.01 31.51 20.41
CA LEU D 147 10.24 32.75 20.56
C LEU D 147 10.89 33.72 21.52
N GLY D 148 11.54 33.20 22.55
CA GLY D 148 12.24 34.03 23.52
C GLY D 148 13.39 34.76 22.88
N HIS D 149 14.06 34.14 21.89
CA HIS D 149 15.18 34.78 21.19
C HIS D 149 14.66 36.00 20.40
N PHE D 150 13.47 35.92 19.81
CA PHE D 150 12.87 36.99 19.05
C PHE D 150 12.55 38.20 19.90
N TRP D 151 11.97 38.00 21.10
CA TRP D 151 11.59 39.14 21.96
C TRP D 151 12.80 39.81 22.60
N ILE D 152 13.83 39.03 22.98
CA ILE D 152 15.03 39.59 23.56
C ILE D 152 15.78 40.40 22.52
N THR D 153 15.94 39.84 21.29
CA THR D 153 16.64 40.56 20.24
C THR D 153 15.90 41.80 19.80
N LYS D 154 14.57 41.72 19.53
CA LYS D 154 13.78 42.90 19.16
C LYS D 154 13.90 44.05 20.18
N ALA D 155 14.05 43.72 21.47
CA ALA D 155 14.16 44.72 22.50
C ALA D 155 15.55 45.34 22.61
N LEU D 156 16.60 44.53 22.41
CA LEU D 156 17.98 45.01 22.54
C LEU D 156 18.62 45.53 21.25
N LEU D 157 18.10 45.11 20.11
CA LEU D 157 18.61 45.50 18.80
C LEU D 157 18.55 47.00 18.50
N PRO D 158 17.50 47.76 18.83
CA PRO D 158 17.48 49.20 18.52
C PRO D 158 18.71 50.03 18.94
N SER D 159 19.22 49.78 20.17
CA SER D 159 20.41 50.45 20.72
C SER D 159 21.63 50.05 19.90
N MET D 160 21.74 48.74 19.58
CA MET D 160 22.86 48.21 18.80
C MET D 160 22.88 48.81 17.43
N MET D 161 21.69 49.00 16.81
CA MET D 161 21.52 49.56 15.49
C MET D 161 22.00 51.00 15.50
N LYS D 162 21.57 51.78 16.50
CA LYS D 162 21.97 53.18 16.63
C LYS D 162 23.50 53.32 16.73
N ARG D 163 24.15 52.46 17.52
CA ARG D 163 25.60 52.50 17.70
C ARG D 163 26.40 51.70 16.68
N ASN D 164 25.73 50.90 15.82
CA ASN D 164 26.33 49.94 14.87
C ASN D 164 27.33 49.03 15.62
N HIS D 165 26.90 48.56 16.80
CA HIS D 165 27.75 47.76 17.65
C HIS D 165 26.92 46.84 18.53
N GLY D 166 27.24 45.56 18.47
CA GLY D 166 26.57 44.54 19.26
C GLY D 166 27.01 43.15 18.90
N HIS D 167 26.51 42.17 19.62
CA HIS D 167 26.80 40.76 19.36
C HIS D 167 25.63 39.91 19.83
N ILE D 168 24.97 39.22 18.89
CA ILE D 168 23.86 38.32 19.22
C ILE D 168 24.35 36.89 19.12
N VAL D 169 24.42 36.19 20.25
CA VAL D 169 24.86 34.80 20.32
C VAL D 169 23.66 33.90 20.49
N THR D 170 23.38 33.05 19.50
CA THR D 170 22.27 32.13 19.56
C THR D 170 22.83 30.78 19.96
N VAL D 171 22.40 30.24 21.12
CA VAL D 171 22.87 28.91 21.52
C VAL D 171 21.87 27.88 20.98
N ALA D 172 22.16 27.32 19.80
CA ALA D 172 21.28 26.33 19.20
C ALA D 172 21.75 24.87 19.63
N SER D 173 22.20 23.94 18.75
CA SER D 173 22.62 22.58 19.04
C SER D 173 22.88 21.86 17.70
N VAL D 174 23.54 20.65 17.69
CA VAL D 174 23.61 19.87 16.43
C VAL D 174 22.19 19.51 15.99
N CYS D 175 21.24 19.39 16.95
CA CYS D 175 19.83 19.16 16.70
C CYS D 175 19.14 20.26 15.89
N GLY D 176 19.83 21.38 15.65
CA GLY D 176 19.36 22.43 14.75
C GLY D 176 19.82 22.19 13.32
N HIS D 177 20.62 21.15 13.08
CA HIS D 177 21.16 20.73 11.80
C HIS D 177 20.63 19.35 11.36
N GLU D 178 20.26 18.49 12.32
CA GLU D 178 19.69 17.18 12.01
C GLU D 178 18.70 16.78 13.12
N GLY D 179 17.56 16.22 12.70
CA GLY D 179 16.53 15.71 13.60
C GLY D 179 16.89 14.35 14.16
N ILE D 180 16.61 14.13 15.44
CA ILE D 180 16.94 12.88 16.10
C ILE D 180 15.68 12.28 16.80
N PRO D 181 15.57 10.94 16.95
CA PRO D 181 14.36 10.37 17.58
C PRO D 181 14.17 10.78 19.03
N TYR D 182 12.90 10.78 19.46
CA TYR D 182 12.49 11.11 20.84
C TYR D 182 12.80 12.56 21.25
N LEU D 183 13.14 13.44 20.28
CA LEU D 183 13.43 14.84 20.51
C LEU D 183 12.90 15.70 19.34
N ILE D 184 11.78 15.30 18.69
CA ILE D 184 11.20 16.00 17.54
C ILE D 184 10.85 17.47 17.83
N PRO D 185 10.09 17.83 18.89
CA PRO D 185 9.84 19.27 19.18
C PRO D 185 11.11 20.05 19.53
N TYR D 186 12.06 19.40 20.20
CA TYR D 186 13.32 20.05 20.58
C TYR D 186 14.16 20.36 19.33
N CYS D 187 14.30 19.40 18.43
CA CYS D 187 15.04 19.59 17.19
C CYS D 187 14.35 20.66 16.34
N SER D 188 13.03 20.67 16.29
CA SER D 188 12.28 21.63 15.50
C SER D 188 12.49 23.03 16.01
N SER D 189 12.49 23.22 17.34
CA SER D 189 12.76 24.53 17.95
C SER D 189 14.25 24.96 17.73
N LYS D 190 15.20 24.00 17.77
CA LYS D 190 16.62 24.30 17.56
C LYS D 190 16.91 24.61 16.08
N PHE D 191 16.14 24.03 15.14
CA PHE D 191 16.28 24.33 13.72
C PHE D 191 15.82 25.78 13.51
N ALA D 192 14.75 26.21 14.21
CA ALA D 192 14.23 27.56 14.19
C ALA D 192 15.26 28.52 14.75
N ALA D 193 16.02 28.13 15.80
CA ALA D 193 17.09 28.96 16.37
C ALA D 193 18.22 29.16 15.35
N VAL D 194 18.58 28.10 14.60
CA VAL D 194 19.59 28.21 13.56
C VAL D 194 19.10 29.14 12.45
N GLY D 195 17.86 28.98 12.06
CA GLY D 195 17.23 29.78 11.01
C GLY D 195 17.13 31.24 11.38
N PHE D 196 16.90 31.50 12.68
CA PHE D 196 16.81 32.85 13.25
C PHE D 196 18.18 33.50 13.05
N HIS D 197 19.25 32.82 13.47
CA HIS D 197 20.61 33.31 13.34
C HIS D 197 20.96 33.59 11.88
N ARG D 198 20.65 32.65 10.98
CA ARG D 198 20.96 32.81 9.58
C ARG D 198 20.24 33.99 8.97
N GLY D 199 18.98 34.19 9.35
CA GLY D 199 18.18 35.29 8.84
C GLY D 199 18.62 36.62 9.41
N LEU D 200 18.94 36.65 10.71
CA LEU D 200 19.41 37.85 11.40
C LEU D 200 20.71 38.31 10.78
N THR D 201 21.64 37.37 10.52
CA THR D 201 22.93 37.64 9.89
C THR D 201 22.75 38.27 8.51
N SER D 202 21.83 37.73 7.69
CA SER D 202 21.59 38.27 6.36
C SER D 202 20.93 39.64 6.41
N GLU D 203 19.98 39.83 7.34
CA GLU D 203 19.28 41.10 7.43
C GLU D 203 20.21 42.20 7.90
N LEU D 204 21.08 41.91 8.88
CA LEU D 204 22.03 42.91 9.35
C LEU D 204 23.01 43.31 8.24
N GLN D 205 23.40 42.35 7.41
CA GLN D 205 24.29 42.56 6.28
C GLN D 205 23.59 43.45 5.23
N ALA D 206 22.30 43.17 4.94
CA ALA D 206 21.48 43.93 3.99
C ALA D 206 21.21 45.34 4.51
N LEU D 207 21.05 45.49 5.83
CA LEU D 207 20.82 46.81 6.44
C LEU D 207 22.13 47.62 6.64
N GLY D 208 23.28 47.03 6.34
CA GLY D 208 24.56 47.69 6.49
C GLY D 208 25.11 47.75 7.90
N LYS D 209 24.48 47.02 8.84
CA LYS D 209 24.91 46.99 10.23
C LYS D 209 26.05 46.00 10.46
N THR D 210 27.18 46.28 9.81
CA THR D 210 28.42 45.52 9.84
C THR D 210 28.95 45.30 11.26
N GLY D 211 28.75 46.29 12.13
CA GLY D 211 29.22 46.30 13.50
C GLY D 211 28.48 45.39 14.45
N ILE D 212 27.27 44.93 14.05
CA ILE D 212 26.50 44.02 14.89
C ILE D 212 26.84 42.60 14.49
N LYS D 213 27.60 41.91 15.32
CA LYS D 213 28.03 40.55 15.05
C LYS D 213 27.01 39.50 15.49
N THR D 214 27.06 38.32 14.87
CA THR D 214 26.18 37.22 15.22
C THR D 214 27.01 35.93 15.31
N SER D 215 26.66 35.05 16.27
CA SER D 215 27.33 33.76 16.45
C SER D 215 26.27 32.72 16.80
N CYS D 216 26.47 31.48 16.36
CA CYS D 216 25.55 30.40 16.63
C CYS D 216 26.33 29.22 17.17
N LEU D 217 26.06 28.84 18.42
CA LEU D 217 26.76 27.73 19.05
C LEU D 217 25.96 26.44 18.84
N CYS D 218 26.57 25.45 18.16
CA CYS D 218 25.92 24.17 17.92
C CYS D 218 26.73 23.02 18.48
N PRO D 219 26.63 22.72 19.78
CA PRO D 219 27.40 21.60 20.34
C PRO D 219 26.68 20.24 20.25
N VAL D 220 27.45 19.15 20.36
CA VAL D 220 26.89 17.80 20.45
C VAL D 220 26.52 17.58 21.96
N PHE D 221 26.13 16.36 22.38
CA PHE D 221 25.75 16.11 23.77
C PHE D 221 26.82 16.57 24.78
N VAL D 222 26.44 17.43 25.70
CA VAL D 222 27.29 17.95 26.77
C VAL D 222 26.77 17.35 28.10
N ASN D 223 27.71 16.96 28.99
CA ASN D 223 27.42 16.40 30.29
C ASN D 223 26.98 17.52 31.29
N THR D 224 25.76 18.09 31.12
CA THR D 224 25.24 19.16 32.00
C THR D 224 23.96 18.79 32.75
N GLY D 225 23.47 17.59 32.56
CA GLY D 225 22.22 17.15 33.18
C GLY D 225 20.98 17.60 32.44
N PHE D 226 21.13 18.41 31.38
CA PHE D 226 20.05 18.89 30.53
C PHE D 226 19.24 17.68 30.01
N THR D 227 19.94 16.64 29.48
CA THR D 227 19.38 15.34 29.10
C THR D 227 20.12 14.25 29.91
N LYS D 228 19.42 13.20 30.34
CA LYS D 228 20.05 12.14 31.13
C LYS D 228 20.80 11.13 30.24
N VAL D 237 30.68 12.08 25.01
CA VAL D 237 30.12 13.08 25.94
C VAL D 237 31.08 14.30 26.15
N LEU D 238 30.67 15.48 25.65
CA LEU D 238 31.45 16.73 25.78
C LEU D 238 31.41 17.26 27.21
N GLU D 239 32.50 17.93 27.62
CA GLU D 239 32.52 18.57 28.93
C GLU D 239 32.18 20.05 28.76
N THR D 240 31.49 20.62 29.72
CA THR D 240 31.04 22.01 29.67
C THR D 240 32.17 22.99 29.36
N ASP D 241 33.33 22.78 29.98
CA ASP D 241 34.52 23.61 29.82
C ASP D 241 35.00 23.69 28.37
N GLU D 242 34.94 22.58 27.62
CA GLU D 242 35.37 22.57 26.22
C GLU D 242 34.40 23.40 25.37
N VAL D 243 33.09 23.29 25.65
CA VAL D 243 32.05 24.01 24.94
C VAL D 243 32.21 25.49 25.17
N VAL D 244 32.41 25.90 26.42
CA VAL D 244 32.58 27.30 26.78
C VAL D 244 33.88 27.86 26.21
N ARG D 245 34.94 27.05 26.13
CA ARG D 245 36.20 27.48 25.53
C ARG D 245 35.99 27.75 24.05
N SER D 246 35.23 26.90 23.35
CA SER D 246 34.91 27.07 21.93
C SER D 246 33.99 28.26 21.71
N LEU D 247 33.05 28.50 22.63
CA LEU D 247 32.10 29.60 22.53
C LEU D 247 32.81 30.93 22.68
N ILE D 248 33.68 31.08 23.71
CA ILE D 248 34.39 32.32 23.95
C ILE D 248 35.34 32.59 22.81
N ASP D 249 36.05 31.56 22.29
CA ASP D 249 36.97 31.75 21.17
C ASP D 249 36.22 32.23 19.94
N GLY D 250 35.01 31.73 19.74
CA GLY D 250 34.15 32.10 18.63
C GLY D 250 33.63 33.51 18.76
N ILE D 251 33.18 33.89 19.96
CA ILE D 251 32.67 35.24 20.20
C ILE D 251 33.75 36.30 19.96
N LEU D 252 34.94 36.11 20.56
CA LEU D 252 36.05 37.04 20.43
C LEU D 252 36.61 37.15 19.01
N THR D 253 36.49 36.07 18.22
CA THR D 253 36.98 36.07 16.85
C THR D 253 35.86 36.26 15.79
N ASN D 254 34.65 36.64 16.24
CA ASN D 254 33.46 36.90 15.43
C ASN D 254 33.05 35.74 14.51
N LYS D 255 33.29 34.48 14.96
CA LYS D 255 32.93 33.26 14.26
C LYS D 255 31.41 33.19 14.19
N LYS D 256 30.84 32.99 13.00
CA LYS D 256 29.37 32.94 12.86
C LYS D 256 28.78 31.59 13.23
N MET D 257 29.37 30.48 12.76
CA MET D 257 28.85 29.14 13.06
C MET D 257 29.90 28.40 13.86
N ILE D 258 29.60 28.18 15.14
CA ILE D 258 30.52 27.52 16.07
C ILE D 258 30.02 26.11 16.42
N PHE D 259 30.49 25.10 15.70
CA PHE D 259 30.16 23.71 16.01
C PHE D 259 31.11 23.21 17.10
N VAL D 260 30.61 22.41 18.05
CA VAL D 260 31.48 21.86 19.11
C VAL D 260 31.32 20.34 19.17
N PRO D 261 32.34 19.56 18.77
CA PRO D 261 33.65 19.98 18.22
C PRO D 261 33.55 20.51 16.80
N SER D 262 34.50 21.34 16.41
CA SER D 262 34.50 21.99 15.09
C SER D 262 34.28 21.09 13.89
N TYR D 263 34.78 19.86 13.93
CA TYR D 263 34.66 18.94 12.82
C TYR D 263 33.30 18.29 12.64
N ILE D 264 32.33 18.47 13.57
CA ILE D 264 31.02 17.83 13.36
C ILE D 264 30.31 18.38 12.09
N ASN D 265 30.79 19.46 11.50
CA ASN D 265 30.29 20.00 10.27
C ASN D 265 30.57 18.99 9.14
N ILE D 266 31.76 18.30 9.16
CA ILE D 266 32.14 17.26 8.19
C ILE D 266 31.15 16.09 8.27
N PHE D 267 30.84 15.63 9.51
CA PHE D 267 29.92 14.54 9.79
C PHE D 267 28.54 14.83 9.22
N LEU D 268 28.05 16.06 9.36
CA LEU D 268 26.74 16.45 8.83
C LEU D 268 26.75 16.32 7.29
N ARG D 269 27.87 16.69 6.65
CA ARG D 269 28.08 16.63 5.20
C ARG D 269 28.30 15.23 4.63
N LEU D 270 28.74 14.30 5.48
CA LEU D 270 28.92 12.90 5.09
C LEU D 270 27.70 12.07 5.43
N GLN D 271 26.56 12.68 5.79
CA GLN D 271 25.40 11.90 6.19
C GLN D 271 24.87 11.05 5.05
N LYS D 272 24.88 11.57 3.80
CA LYS D 272 24.39 10.82 2.61
C LYS D 272 25.00 9.42 2.52
N PHE D 273 26.27 9.29 2.97
CA PHE D 273 27.09 8.10 2.87
C PHE D 273 27.04 7.16 4.07
N LEU D 274 26.15 7.43 5.04
CA LEU D 274 26.07 6.63 6.26
C LEU D 274 25.65 5.24 5.90
N PRO D 275 26.48 4.22 6.19
CA PRO D 275 26.10 2.87 5.81
C PRO D 275 24.80 2.45 6.48
N GLU D 276 24.01 1.64 5.79
CA GLU D 276 22.75 1.14 6.33
C GLU D 276 22.95 0.39 7.67
N ARG D 277 24.06 -0.37 7.77
CA ARG D 277 24.37 -1.10 8.99
C ARG D 277 24.68 -0.20 10.15
N ALA D 278 25.34 0.94 9.89
CA ALA D 278 25.64 1.91 10.93
C ALA D 278 24.37 2.58 11.40
N SER D 279 23.45 2.92 10.47
CA SER D 279 22.17 3.56 10.82
C SER D 279 21.34 2.65 11.72
N ALA D 280 21.40 1.32 11.46
CA ALA D 280 20.71 0.30 12.26
C ALA D 280 21.28 0.23 13.70
N ILE D 281 22.60 0.32 13.88
CA ILE D 281 23.21 0.31 15.22
C ILE D 281 22.85 1.61 15.94
N LEU D 282 22.98 2.75 15.24
CA LEU D 282 22.68 4.07 15.82
C LEU D 282 21.25 4.15 16.27
N ASN D 283 20.31 3.57 15.51
CA ASN D 283 18.90 3.54 15.90
C ASN D 283 18.67 2.68 17.14
N ARG D 284 19.36 1.54 17.24
CA ARG D 284 19.30 0.67 18.40
C ARG D 284 19.85 1.39 19.62
N MET D 285 20.87 2.24 19.45
CA MET D 285 21.42 3.00 20.56
C MET D 285 20.47 4.05 21.08
N GLN D 286 19.82 4.81 20.18
CA GLN D 286 18.85 5.81 20.64
C GLN D 286 17.60 5.18 21.24
N ASN D 287 17.27 3.92 20.88
CA ASN D 287 16.15 3.21 21.50
C ASN D 287 16.56 2.79 22.92
N ILE D 288 17.70 2.07 23.09
CA ILE D 288 18.22 1.66 24.40
C ILE D 288 18.25 2.86 25.40
N GLN D 289 18.75 4.04 24.96
CA GLN D 289 18.84 5.27 25.74
C GLN D 289 17.46 5.69 26.19
N PHE D 290 16.50 5.76 25.26
CA PHE D 290 15.13 6.13 25.58
C PHE D 290 14.52 5.16 26.60
N GLU D 291 14.64 3.85 26.39
CA GLU D 291 14.16 2.82 27.32
C GLU D 291 14.74 3.04 28.72
N ALA D 292 16.03 3.36 28.82
CA ALA D 292 16.67 3.58 30.10
C ALA D 292 16.16 4.84 30.76
N VAL D 293 15.94 5.89 29.97
CA VAL D 293 15.46 7.19 30.42
C VAL D 293 13.96 7.19 30.86
N VAL D 294 13.07 6.41 30.20
CA VAL D 294 11.66 6.39 30.61
C VAL D 294 11.49 5.70 31.98
N GLY D 295 12.08 4.51 32.15
CA GLY D 295 12.03 3.77 33.42
C GLY D 295 13.24 3.98 34.32
N GLY E 2 51.46 24.07 12.68
CA GLY E 2 50.95 22.96 13.46
C GLY E 2 49.99 22.16 12.61
N ASN E 3 48.79 22.69 12.44
CA ASN E 3 47.82 22.08 11.54
C ASN E 3 48.30 22.40 10.09
N ILE E 4 48.82 23.65 9.86
CA ILE E 4 49.35 24.14 8.58
C ILE E 4 50.55 23.30 8.14
N ILE E 5 51.50 23.07 9.06
CA ILE E 5 52.67 22.29 8.75
C ILE E 5 52.32 20.83 8.55
N LEU E 6 51.42 20.26 9.37
CA LEU E 6 51.01 18.87 9.18
C LEU E 6 50.19 18.63 7.91
N GLU E 7 49.54 19.66 7.39
CA GLU E 7 48.80 19.53 6.14
C GLU E 7 49.78 19.67 4.96
N ILE E 8 50.76 20.62 5.02
CA ILE E 8 51.72 20.75 3.90
C ILE E 8 52.66 19.52 3.89
N LEU E 9 52.97 18.94 5.06
CA LEU E 9 53.79 17.74 5.14
C LEU E 9 53.09 16.58 4.46
N LEU E 10 51.75 16.49 4.62
CA LEU E 10 50.98 15.43 3.98
C LEU E 10 50.98 15.60 2.45
N LEU E 11 51.00 16.85 1.96
CA LEU E 11 51.05 17.14 0.53
C LEU E 11 52.38 16.60 -0.04
N LEU E 12 53.52 16.96 0.60
CA LEU E 12 54.86 16.53 0.16
C LEU E 12 54.98 15.01 0.17
N ILE E 13 54.45 14.37 1.22
CA ILE E 13 54.52 12.94 1.36
C ILE E 13 53.71 12.22 0.29
N THR E 14 52.52 12.76 -0.05
CA THR E 14 51.68 12.17 -1.09
C THR E 14 52.37 12.24 -2.45
N ILE E 15 53.01 13.38 -2.72
CA ILE E 15 53.75 13.63 -3.93
C ILE E 15 55.00 12.74 -4.03
N ILE E 16 55.79 12.63 -2.94
CA ILE E 16 56.97 11.77 -2.93
C ILE E 16 56.55 10.31 -3.11
N TYR E 17 55.42 9.89 -2.48
CA TYR E 17 54.94 8.52 -2.63
C TYR E 17 54.57 8.27 -4.10
N SER E 18 53.85 9.22 -4.70
CA SER E 18 53.44 9.10 -6.09
C SER E 18 54.65 9.05 -7.05
N TYR E 19 55.78 9.74 -6.72
CA TYR E 19 56.98 9.65 -7.56
C TYR E 19 57.61 8.26 -7.42
N LEU E 20 57.76 7.77 -6.17
CA LEU E 20 58.39 6.48 -5.91
C LEU E 20 57.58 5.29 -6.45
N GLU E 21 56.26 5.31 -6.28
CA GLU E 21 55.37 4.28 -6.76
C GLU E 21 55.36 4.25 -8.31
N SER E 22 55.53 5.41 -8.95
CA SER E 22 55.61 5.50 -10.41
C SER E 22 56.97 5.01 -10.89
N LEU E 23 58.04 5.25 -10.12
CA LEU E 23 59.37 4.76 -10.41
C LEU E 23 59.35 3.23 -10.45
N VAL E 24 58.78 2.57 -9.44
CA VAL E 24 58.74 1.11 -9.42
C VAL E 24 57.87 0.56 -10.58
N LYS E 25 56.73 1.23 -10.90
CA LYS E 25 55.88 0.85 -12.05
C LYS E 25 56.71 0.85 -13.34
N PHE E 26 57.51 1.92 -13.54
CA PHE E 26 58.31 2.23 -14.71
C PHE E 26 59.52 1.34 -14.90
N PHE E 27 60.34 1.17 -13.86
CA PHE E 27 61.56 0.37 -13.95
C PHE E 27 61.36 -1.10 -13.73
N ILE E 28 60.42 -1.49 -12.86
CA ILE E 28 60.17 -2.91 -12.61
C ILE E 28 58.80 -3.33 -13.16
N PRO E 29 58.67 -3.62 -14.46
CA PRO E 29 57.38 -4.09 -14.98
C PRO E 29 57.24 -5.62 -14.89
N GLN E 30 56.01 -6.12 -15.09
CA GLN E 30 55.73 -7.55 -15.13
C GLN E 30 56.22 -8.06 -16.48
N ARG E 31 56.84 -9.26 -16.53
CA ARG E 31 57.28 -9.79 -17.82
C ARG E 31 56.21 -10.62 -18.46
N ARG E 32 55.87 -10.33 -19.71
CA ARG E 32 54.89 -11.12 -20.44
C ARG E 32 55.58 -12.43 -20.96
N LYS E 33 54.97 -13.58 -20.68
CA LYS E 33 55.40 -14.93 -21.07
C LYS E 33 55.34 -15.15 -22.60
N SER E 34 55.81 -16.32 -23.06
CA SER E 34 55.61 -16.73 -24.44
C SER E 34 54.78 -18.01 -24.38
N VAL E 35 53.65 -18.00 -25.06
CA VAL E 35 52.79 -19.20 -25.15
C VAL E 35 52.97 -19.89 -26.55
N ALA E 36 54.03 -19.52 -27.31
CA ALA E 36 54.29 -20.09 -28.60
C ALA E 36 54.68 -21.55 -28.46
N GLY E 37 54.08 -22.41 -29.28
CA GLY E 37 54.34 -23.84 -29.24
C GLY E 37 53.55 -24.61 -28.20
N GLU E 38 52.86 -23.92 -27.30
CA GLU E 38 52.06 -24.55 -26.26
C GLU E 38 50.82 -25.21 -26.81
N ILE E 39 50.39 -26.31 -26.17
CA ILE E 39 49.17 -26.98 -26.59
C ILE E 39 48.01 -26.39 -25.76
N VAL E 40 47.28 -25.46 -26.35
CA VAL E 40 46.21 -24.73 -25.67
C VAL E 40 44.81 -25.32 -25.99
N LEU E 41 44.09 -25.76 -24.94
CA LEU E 41 42.72 -26.26 -25.09
C LEU E 41 41.77 -25.14 -24.70
N ILE E 42 40.85 -24.75 -25.60
CA ILE E 42 39.89 -23.70 -25.27
C ILE E 42 38.47 -24.25 -25.38
N THR E 43 37.74 -24.36 -24.25
CA THR E 43 36.36 -24.83 -24.27
C THR E 43 35.44 -23.64 -24.57
N GLY E 44 34.32 -23.91 -25.21
CA GLY E 44 33.39 -22.85 -25.61
C GLY E 44 34.02 -21.90 -26.61
N ALA E 45 34.80 -22.47 -27.54
CA ALA E 45 35.54 -21.71 -28.54
C ALA E 45 34.75 -21.35 -29.82
N GLY E 46 33.46 -21.68 -29.85
CA GLY E 46 32.62 -21.41 -31.00
C GLY E 46 31.94 -20.05 -31.03
N HIS E 47 32.19 -19.22 -30.02
CA HIS E 47 31.59 -17.91 -29.93
C HIS E 47 32.18 -17.09 -28.75
N GLY E 48 31.91 -15.78 -28.78
CA GLY E 48 32.27 -14.83 -27.75
C GLY E 48 33.70 -14.84 -27.27
N ILE E 49 33.86 -14.83 -25.94
CA ILE E 49 35.15 -14.80 -25.25
C ILE E 49 36.07 -15.94 -25.69
N GLY E 50 35.53 -17.15 -25.79
CA GLY E 50 36.31 -18.30 -26.22
C GLY E 50 36.83 -18.18 -27.64
N ARG E 51 35.99 -17.67 -28.55
CA ARG E 51 36.38 -17.47 -29.95
C ARG E 51 37.50 -16.43 -30.07
N GLN E 52 37.37 -15.28 -29.39
CA GLN E 52 38.37 -14.23 -29.47
C GLN E 52 39.66 -14.63 -28.78
N THR E 53 39.57 -15.38 -27.67
CA THR E 53 40.75 -15.86 -26.94
C THR E 53 41.55 -16.78 -27.83
N THR E 54 40.90 -17.69 -28.58
CA THR E 54 41.65 -18.57 -29.50
C THR E 54 42.44 -17.78 -30.54
N TYR E 55 41.83 -16.72 -31.11
CA TYR E 55 42.52 -15.90 -32.10
C TYR E 55 43.78 -15.26 -31.51
N GLU E 56 43.76 -14.89 -30.22
CA GLU E 56 44.94 -14.33 -29.58
C GLU E 56 46.05 -15.36 -29.40
N PHE E 57 45.69 -16.63 -29.16
CA PHE E 57 46.68 -17.69 -29.05
C PHE E 57 47.22 -18.06 -30.43
N ALA E 58 46.35 -18.05 -31.48
CA ALA E 58 46.72 -18.32 -32.86
C ALA E 58 47.73 -17.28 -33.35
N LYS E 59 47.51 -15.99 -32.99
CA LYS E 59 48.44 -14.92 -33.34
C LYS E 59 49.80 -15.11 -32.66
N ARG E 60 49.80 -15.65 -31.44
CA ARG E 60 51.04 -15.90 -30.68
C ARG E 60 51.70 -17.25 -30.99
N LYS E 61 51.26 -17.92 -32.07
CA LYS E 61 51.78 -19.18 -32.58
C LYS E 61 51.70 -20.33 -31.56
N SER E 62 50.56 -20.46 -30.90
CA SER E 62 50.31 -21.58 -29.99
C SER E 62 49.70 -22.71 -30.81
N ARG E 63 49.84 -23.95 -30.34
CA ARG E 63 49.21 -25.10 -30.96
C ARG E 63 47.79 -25.17 -30.34
N LEU E 64 46.71 -25.28 -31.14
CA LEU E 64 45.35 -25.17 -30.60
C LEU E 64 44.36 -26.34 -30.75
N VAL E 65 43.71 -26.70 -29.66
CA VAL E 65 42.60 -27.66 -29.70
C VAL E 65 41.37 -26.89 -29.20
N LEU E 66 40.30 -26.90 -30.00
CA LEU E 66 39.09 -26.14 -29.72
C LEU E 66 37.93 -27.09 -29.40
N TRP E 67 37.11 -26.74 -28.41
CA TRP E 67 35.96 -27.55 -28.00
C TRP E 67 34.71 -26.68 -27.92
N ASP E 68 33.57 -27.18 -28.35
CA ASP E 68 32.29 -26.46 -28.27
C ASP E 68 31.15 -27.36 -28.73
N ILE E 69 30.01 -27.36 -28.03
CA ILE E 69 28.87 -28.19 -28.41
C ILE E 69 28.30 -27.81 -29.78
N ASN E 70 28.45 -26.54 -30.18
CA ASN E 70 27.97 -25.98 -31.44
C ASN E 70 28.98 -26.27 -32.56
N LYS E 71 28.72 -27.34 -33.35
CA LYS E 71 29.57 -27.80 -34.45
C LYS E 71 29.90 -26.72 -35.46
N HIS E 72 28.91 -25.91 -35.86
CA HIS E 72 29.15 -24.87 -36.86
C HIS E 72 30.07 -23.76 -36.34
N GLY E 73 29.83 -23.34 -35.10
CA GLY E 73 30.60 -22.29 -34.45
C GLY E 73 32.05 -22.65 -34.24
N VAL E 74 32.33 -23.86 -33.74
CA VAL E 74 33.72 -24.30 -33.50
C VAL E 74 34.48 -24.46 -34.84
N GLU E 75 33.77 -24.89 -35.91
CA GLU E 75 34.34 -25.03 -37.25
C GLU E 75 34.69 -23.67 -37.86
N GLU E 76 33.82 -22.67 -37.62
CA GLU E 76 33.97 -21.28 -38.06
C GLU E 76 35.22 -20.65 -37.40
N THR E 77 35.46 -20.98 -36.11
CA THR E 77 36.61 -20.47 -35.36
C THR E 77 37.91 -21.12 -35.87
N ALA E 78 37.87 -22.43 -36.14
CA ALA E 78 39.02 -23.16 -36.65
C ALA E 78 39.42 -22.69 -38.07
N ALA E 79 38.42 -22.25 -38.87
CA ALA E 79 38.63 -21.74 -40.21
C ALA E 79 39.33 -20.39 -40.14
N GLU E 80 38.93 -19.52 -39.20
CA GLU E 80 39.57 -18.23 -39.03
C GLU E 80 41.00 -18.38 -38.46
N CYS E 81 41.25 -19.45 -37.69
CA CYS E 81 42.58 -19.75 -37.17
C CYS E 81 43.52 -20.06 -38.32
N ARG E 82 43.04 -20.81 -39.34
CA ARG E 82 43.83 -21.14 -40.52
C ARG E 82 44.25 -19.86 -41.24
N LYS E 83 43.36 -18.86 -41.32
CA LYS E 83 43.63 -17.54 -41.90
C LYS E 83 44.71 -16.80 -41.09
N LEU E 84 44.72 -16.99 -39.76
CA LEU E 84 45.70 -16.41 -38.85
C LEU E 84 47.08 -17.12 -38.86
N GLY E 85 47.17 -18.24 -39.57
CA GLY E 85 48.41 -18.98 -39.72
C GLY E 85 48.53 -20.25 -38.90
N VAL E 86 47.52 -20.58 -38.08
CA VAL E 86 47.59 -21.79 -37.25
C VAL E 86 46.45 -22.75 -37.59
N THR E 87 46.75 -24.03 -37.90
CA THR E 87 45.67 -24.98 -38.18
C THR E 87 45.17 -25.52 -36.82
N ALA E 88 43.90 -25.20 -36.47
CA ALA E 88 43.29 -25.65 -35.22
C ALA E 88 42.85 -27.12 -35.36
N HIS E 89 42.73 -27.83 -34.21
CA HIS E 89 42.34 -29.23 -34.26
C HIS E 89 40.83 -29.43 -34.20
N ALA E 90 40.12 -28.70 -33.32
CA ALA E 90 38.65 -28.72 -33.19
C ALA E 90 38.03 -30.10 -32.84
N TYR E 91 36.82 -30.08 -32.28
CA TYR E 91 35.98 -31.21 -31.87
C TYR E 91 34.68 -30.67 -31.23
N VAL E 92 33.56 -31.45 -31.27
CA VAL E 92 32.31 -31.00 -30.67
C VAL E 92 32.37 -31.05 -29.13
N VAL E 93 32.31 -32.21 -28.46
CA VAL E 93 32.36 -32.32 -27.00
C VAL E 93 31.30 -31.43 -26.24
N ASP E 94 30.62 -32.05 -25.29
CA ASP E 94 29.64 -31.47 -24.37
C ASP E 94 30.33 -31.49 -23.01
N CYS E 95 30.77 -30.31 -22.56
CA CYS E 95 31.49 -30.17 -21.31
C CYS E 95 30.65 -30.44 -20.04
N SER E 96 29.34 -30.67 -20.20
CA SER E 96 28.47 -30.98 -19.07
C SER E 96 28.67 -32.43 -18.57
N ASN E 97 28.91 -33.42 -19.48
CA ASN E 97 29.08 -34.84 -19.08
C ASN E 97 30.56 -35.37 -19.09
N ARG E 98 30.95 -36.00 -17.97
CA ARG E 98 32.31 -36.51 -17.75
C ARG E 98 32.78 -37.52 -18.77
N GLU E 99 31.89 -38.37 -19.28
CA GLU E 99 32.29 -39.43 -20.20
C GLU E 99 32.67 -38.96 -21.60
N GLU E 100 31.97 -37.97 -22.15
CA GLU E 100 32.29 -37.44 -23.47
C GLU E 100 33.68 -36.74 -23.41
N ILE E 101 33.95 -36.01 -22.31
CA ILE E 101 35.21 -35.28 -22.04
C ILE E 101 36.40 -36.28 -21.97
N TYR E 102 36.26 -37.34 -21.15
CA TYR E 102 37.33 -38.35 -20.96
C TYR E 102 37.72 -39.03 -22.26
N ARG E 103 36.71 -39.27 -23.10
CA ARG E 103 36.76 -39.87 -24.41
C ARG E 103 37.47 -38.89 -25.36
N SER E 104 37.00 -37.65 -25.45
CA SER E 104 37.59 -36.65 -26.31
C SER E 104 39.03 -36.25 -25.97
N LEU E 105 39.39 -36.24 -24.68
CA LEU E 105 40.74 -35.91 -24.27
C LEU E 105 41.72 -37.01 -24.68
N ASN E 106 41.27 -38.29 -24.75
CA ASN E 106 42.11 -39.39 -25.21
C ASN E 106 42.39 -39.25 -26.71
N GLN E 107 41.38 -38.78 -27.47
CA GLN E 107 41.50 -38.49 -28.88
C GLN E 107 42.49 -37.32 -29.07
N VAL E 108 42.42 -36.30 -28.18
CA VAL E 108 43.30 -35.14 -28.16
C VAL E 108 44.74 -35.63 -27.97
N LYS E 109 44.96 -36.53 -26.98
CA LYS E 109 46.28 -37.11 -26.65
C LYS E 109 46.82 -37.80 -27.90
N LYS E 110 45.97 -38.64 -28.51
CA LYS E 110 46.21 -39.39 -29.72
C LYS E 110 46.70 -38.46 -30.82
N GLU E 111 45.87 -37.50 -31.26
CA GLU E 111 46.28 -36.58 -32.29
C GLU E 111 47.39 -35.58 -31.84
N VAL E 112 47.00 -34.48 -31.16
CA VAL E 112 47.82 -33.33 -30.79
C VAL E 112 48.89 -33.63 -29.73
N GLY E 113 48.50 -34.23 -28.62
CA GLY E 113 49.43 -34.53 -27.54
C GLY E 113 48.91 -34.11 -26.18
N ASP E 114 49.82 -33.82 -25.26
CA ASP E 114 49.48 -33.39 -23.91
C ASP E 114 49.23 -31.88 -23.84
N VAL E 115 48.02 -31.48 -23.45
CA VAL E 115 47.64 -30.07 -23.30
C VAL E 115 48.48 -29.43 -22.18
N THR E 116 48.97 -28.21 -22.40
CA THR E 116 49.76 -27.49 -21.40
C THR E 116 48.96 -26.33 -20.80
N ILE E 117 48.14 -25.64 -21.62
CA ILE E 117 47.32 -24.55 -21.13
C ILE E 117 45.85 -24.88 -21.36
N VAL E 118 45.02 -24.82 -20.31
CA VAL E 118 43.58 -25.10 -20.41
C VAL E 118 42.78 -23.85 -20.11
N VAL E 119 41.91 -23.43 -21.02
CA VAL E 119 41.03 -22.30 -20.77
C VAL E 119 39.62 -22.86 -20.64
N ASN E 120 39.16 -23.06 -19.40
CA ASN E 120 37.83 -23.58 -19.08
C ASN E 120 36.84 -22.43 -19.23
N ASN E 121 36.44 -22.17 -20.47
CA ASN E 121 35.59 -21.04 -20.79
C ASN E 121 34.14 -21.40 -20.96
N ALA E 122 33.81 -22.61 -21.47
CA ALA E 122 32.41 -23.01 -21.70
C ALA E 122 31.51 -22.78 -20.48
N GLY E 123 30.37 -22.15 -20.72
CA GLY E 123 29.45 -21.82 -19.65
C GLY E 123 28.00 -21.75 -20.09
N THR E 124 27.09 -21.80 -19.11
CA THR E 124 25.67 -21.75 -19.36
C THR E 124 24.92 -20.97 -18.24
N VAL E 125 23.82 -20.33 -18.62
CA VAL E 125 23.00 -19.53 -17.69
C VAL E 125 21.53 -19.60 -18.12
N TYR E 126 20.62 -19.63 -17.13
CA TYR E 126 19.20 -19.63 -17.42
C TYR E 126 18.58 -18.59 -16.49
N PRO E 127 18.68 -17.28 -16.83
CA PRO E 127 18.16 -16.24 -15.93
C PRO E 127 16.69 -16.39 -15.55
N ALA E 128 16.41 -16.37 -14.24
CA ALA E 128 15.06 -16.46 -13.66
C ALA E 128 15.14 -16.34 -12.16
N ASP E 129 14.05 -15.90 -11.52
CA ASP E 129 14.00 -15.88 -10.05
C ASP E 129 13.95 -17.35 -9.57
N LEU E 130 14.57 -17.67 -8.44
CA LEU E 130 14.64 -19.05 -7.93
C LEU E 130 13.36 -19.92 -8.13
N LEU E 131 12.16 -19.38 -7.84
CA LEU E 131 10.93 -20.15 -7.97
C LEU E 131 10.49 -20.39 -9.43
N SER E 132 11.00 -19.62 -10.38
CA SER E 132 10.73 -19.82 -11.80
C SER E 132 11.78 -20.69 -12.51
N THR E 133 12.86 -21.07 -11.82
CA THR E 133 13.90 -21.90 -12.42
C THR E 133 13.43 -23.34 -12.64
N LYS E 134 14.08 -24.04 -13.58
CA LYS E 134 13.78 -25.45 -13.87
C LYS E 134 14.90 -26.24 -13.21
N ASP E 135 14.58 -27.31 -12.47
CA ASP E 135 15.58 -28.13 -11.78
C ASP E 135 16.62 -28.74 -12.72
N GLU E 136 16.24 -29.06 -13.95
CA GLU E 136 17.15 -29.62 -14.96
C GLU E 136 18.20 -28.57 -15.35
N GLU E 137 17.76 -27.28 -15.44
CA GLU E 137 18.59 -26.13 -15.78
C GLU E 137 19.56 -25.80 -14.64
N ILE E 138 19.13 -26.01 -13.38
CA ILE E 138 19.99 -25.81 -12.21
C ILE E 138 21.12 -26.83 -12.25
N THR E 139 20.78 -28.10 -12.53
CA THR E 139 21.77 -29.17 -12.63
C THR E 139 22.73 -28.89 -13.80
N LYS E 140 22.19 -28.49 -14.96
CA LYS E 140 22.99 -28.19 -16.13
C LYS E 140 23.94 -27.02 -15.91
N THR E 141 23.52 -26.01 -15.10
CA THR E 141 24.36 -24.86 -14.77
C THR E 141 25.60 -25.34 -14.02
N PHE E 142 25.42 -26.26 -13.05
CA PHE E 142 26.54 -26.78 -12.29
C PHE E 142 27.42 -27.71 -13.12
N GLU E 143 26.82 -28.57 -13.96
CA GLU E 143 27.57 -29.53 -14.78
C GLU E 143 28.54 -28.86 -15.73
N VAL E 144 28.12 -27.76 -16.37
CA VAL E 144 28.98 -27.04 -17.31
C VAL E 144 29.93 -26.07 -16.61
N ASN E 145 29.40 -25.16 -15.75
CA ASN E 145 30.17 -24.09 -15.13
C ASN E 145 31.17 -24.52 -14.06
N ILE E 146 31.03 -25.75 -13.52
CA ILE E 146 31.96 -26.17 -12.47
C ILE E 146 32.31 -27.66 -12.58
N LEU E 147 31.34 -28.58 -12.59
CA LEU E 147 31.63 -30.02 -12.69
C LEU E 147 32.61 -30.37 -13.85
N GLY E 148 32.38 -29.81 -15.02
CA GLY E 148 33.22 -30.02 -16.19
C GLY E 148 34.65 -29.56 -16.00
N HIS E 149 34.88 -28.51 -15.19
CA HIS E 149 36.21 -28.01 -14.86
C HIS E 149 36.99 -29.09 -14.09
N PHE E 150 36.30 -29.82 -13.20
CA PHE E 150 36.93 -30.87 -12.40
C PHE E 150 37.41 -32.04 -13.26
N TRP E 151 36.60 -32.45 -14.23
CA TRP E 151 36.94 -33.61 -15.06
C TRP E 151 38.03 -33.26 -16.10
N ILE E 152 37.98 -32.06 -16.68
CA ILE E 152 39.01 -31.64 -17.64
C ILE E 152 40.35 -31.47 -16.92
N THR E 153 40.34 -30.85 -15.74
CA THR E 153 41.57 -30.65 -14.97
C THR E 153 42.15 -31.98 -14.52
N LYS E 154 41.35 -32.88 -13.92
CA LYS E 154 41.85 -34.18 -13.47
C LYS E 154 42.49 -34.99 -14.62
N ALA E 155 42.00 -34.81 -15.83
CA ALA E 155 42.54 -35.52 -16.99
C ALA E 155 43.85 -34.91 -17.53
N LEU E 156 43.97 -33.59 -17.51
CA LEU E 156 45.14 -32.90 -18.04
C LEU E 156 46.24 -32.62 -17.02
N LEU E 157 45.89 -32.60 -15.74
CA LEU E 157 46.83 -32.31 -14.66
C LEU E 157 47.97 -33.29 -14.52
N PRO E 158 47.79 -34.63 -14.64
CA PRO E 158 48.93 -35.56 -14.48
C PRO E 158 50.19 -35.24 -15.29
N SER E 159 50.03 -34.89 -16.57
CA SER E 159 51.10 -34.53 -17.46
C SER E 159 51.79 -33.24 -17.00
N MET E 160 50.98 -32.24 -16.59
CA MET E 160 51.48 -30.95 -16.10
C MET E 160 52.28 -31.14 -14.83
N MET E 161 51.84 -32.06 -13.96
CA MET E 161 52.50 -32.39 -12.69
C MET E 161 53.86 -33.05 -12.97
N LYS E 162 53.90 -34.00 -13.91
CA LYS E 162 55.11 -34.70 -14.28
C LYS E 162 56.20 -33.75 -14.77
N ARG E 163 55.84 -32.74 -15.57
CA ARG E 163 56.83 -31.77 -16.06
C ARG E 163 56.96 -30.53 -15.17
N ASN E 164 56.08 -30.34 -14.18
CA ASN E 164 56.03 -29.15 -13.34
C ASN E 164 55.81 -27.92 -14.24
N HIS E 165 54.88 -28.04 -15.21
CA HIS E 165 54.62 -26.99 -16.18
C HIS E 165 53.19 -27.05 -16.74
N GLY E 166 52.48 -25.94 -16.62
CA GLY E 166 51.12 -25.84 -17.11
C GLY E 166 50.42 -24.55 -16.73
N HIS E 167 49.18 -24.37 -17.18
CA HIS E 167 48.40 -23.18 -16.85
C HIS E 167 46.92 -23.53 -16.88
N ILE E 168 46.24 -23.43 -15.74
CA ILE E 168 44.81 -23.68 -15.66
C ILE E 168 44.08 -22.33 -15.57
N VAL E 169 43.34 -21.96 -16.60
CA VAL E 169 42.58 -20.72 -16.64
C VAL E 169 41.10 -21.05 -16.39
N THR E 170 40.55 -20.55 -15.27
CA THR E 170 39.16 -20.75 -14.93
C THR E 170 38.42 -19.49 -15.33
N VAL E 171 37.46 -19.59 -16.27
CA VAL E 171 36.68 -18.41 -16.65
C VAL E 171 35.44 -18.40 -15.76
N ALA E 172 35.50 -17.62 -14.66
CA ALA E 172 34.38 -17.54 -13.74
C ALA E 172 33.50 -16.27 -14.11
N SER E 173 33.28 -15.26 -13.25
CA SER E 173 32.47 -14.07 -13.52
C SER E 173 32.53 -13.19 -12.29
N VAL E 174 32.15 -11.91 -12.41
CA VAL E 174 32.04 -11.03 -11.24
C VAL E 174 30.95 -11.59 -10.27
N CYS E 175 30.04 -12.46 -10.79
CA CYS E 175 29.00 -13.24 -10.12
C CYS E 175 29.57 -14.42 -9.27
N GLY E 176 30.87 -14.65 -9.35
CA GLY E 176 31.56 -15.64 -8.52
C GLY E 176 32.08 -15.04 -7.23
N HIS E 177 31.89 -13.72 -7.04
CA HIS E 177 32.29 -12.91 -5.90
C HIS E 177 31.11 -12.28 -5.16
N GLU E 178 29.99 -12.08 -5.87
CA GLU E 178 28.79 -11.54 -5.25
C GLU E 178 27.56 -12.11 -5.93
N GLY E 179 26.57 -12.49 -5.13
CA GLY E 179 25.30 -13.01 -5.60
C GLY E 179 24.40 -11.89 -6.05
N ILE E 180 23.73 -12.06 -7.18
CA ILE E 180 22.82 -11.04 -7.71
C ILE E 180 21.43 -11.66 -7.98
N PRO E 181 20.34 -10.87 -7.88
CA PRO E 181 19.01 -11.44 -8.10
C PRO E 181 18.79 -12.00 -9.50
N TYR E 182 17.87 -12.95 -9.60
CA TYR E 182 17.47 -13.59 -10.86
C TYR E 182 18.58 -14.38 -11.55
N LEU E 183 19.68 -14.68 -10.82
CA LEU E 183 20.82 -15.45 -11.30
C LEU E 183 21.41 -16.29 -10.16
N ILE E 184 20.59 -16.78 -9.21
CA ILE E 184 21.10 -17.55 -8.06
C ILE E 184 21.80 -18.87 -8.45
N PRO E 185 21.23 -19.75 -9.32
CA PRO E 185 21.96 -20.97 -9.67
C PRO E 185 23.27 -20.63 -10.36
N TYR E 186 23.24 -19.64 -11.28
CA TYR E 186 24.43 -19.16 -11.99
C TYR E 186 25.52 -18.63 -11.05
N CYS E 187 25.12 -17.84 -10.05
CA CYS E 187 26.05 -17.28 -9.07
C CYS E 187 26.67 -18.38 -8.26
N SER E 188 25.87 -19.33 -7.81
CA SER E 188 26.34 -20.46 -7.04
C SER E 188 27.40 -21.27 -7.82
N SER E 189 27.18 -21.52 -9.13
CA SER E 189 28.14 -22.25 -9.95
C SER E 189 29.41 -21.43 -10.21
N LYS E 190 29.27 -20.10 -10.39
CA LYS E 190 30.39 -19.20 -10.59
C LYS E 190 31.22 -19.01 -9.31
N PHE E 191 30.58 -19.13 -8.14
CA PHE E 191 31.26 -19.08 -6.85
C PHE E 191 32.08 -20.38 -6.70
N ALA E 192 31.48 -21.54 -7.12
CA ALA E 192 32.13 -22.86 -7.11
C ALA E 192 33.33 -22.88 -8.07
N ALA E 193 33.28 -22.13 -9.19
CA ALA E 193 34.40 -22.01 -10.14
C ALA E 193 35.54 -21.20 -9.50
N VAL E 194 35.21 -20.11 -8.77
CA VAL E 194 36.21 -19.30 -8.06
C VAL E 194 36.87 -20.17 -6.98
N GLY E 195 36.06 -20.90 -6.21
CA GLY E 195 36.56 -21.77 -5.15
C GLY E 195 37.44 -22.88 -5.65
N PHE E 196 37.13 -23.39 -6.84
CA PHE E 196 37.93 -24.44 -7.47
C PHE E 196 39.31 -23.88 -7.80
N HIS E 197 39.38 -22.67 -8.38
CA HIS E 197 40.63 -22.00 -8.69
C HIS E 197 41.43 -21.72 -7.41
N ARG E 198 40.78 -21.17 -6.37
CA ARG E 198 41.47 -20.86 -5.11
C ARG E 198 42.03 -22.11 -4.44
N GLY E 199 41.30 -23.21 -4.48
CA GLY E 199 41.73 -24.48 -3.90
C GLY E 199 42.84 -25.13 -4.71
N LEU E 200 42.72 -25.08 -6.06
CA LEU E 200 43.72 -25.63 -6.96
C LEU E 200 45.03 -24.90 -6.77
N THR E 201 44.99 -23.55 -6.66
CA THR E 201 46.16 -22.71 -6.43
C THR E 201 46.85 -23.10 -5.12
N SER E 202 46.09 -23.33 -4.03
CA SER E 202 46.66 -23.73 -2.74
C SER E 202 47.27 -25.11 -2.79
N GLU E 203 46.58 -26.05 -3.45
CA GLU E 203 47.07 -27.42 -3.52
C GLU E 203 48.34 -27.51 -4.34
N LEU E 204 48.42 -26.79 -5.47
CA LEU E 204 49.64 -26.78 -6.28
C LEU E 204 50.81 -26.20 -5.51
N GLN E 205 50.56 -25.18 -4.70
CA GLN E 205 51.56 -24.53 -3.87
C GLN E 205 52.05 -25.52 -2.80
N ALA E 206 51.12 -26.25 -2.15
CA ALA E 206 51.43 -27.25 -1.12
C ALA E 206 52.16 -28.45 -1.71
N LEU E 207 51.83 -28.85 -2.94
CA LEU E 207 52.51 -29.94 -3.61
C LEU E 207 53.86 -29.55 -4.24
N GLY E 208 54.21 -28.26 -4.20
CA GLY E 208 55.46 -27.76 -4.76
C GLY E 208 55.46 -27.58 -6.26
N LYS E 209 54.30 -27.69 -6.90
CA LYS E 209 54.19 -27.53 -8.34
C LYS E 209 54.14 -26.07 -8.78
N THR E 210 55.23 -25.35 -8.49
CA THR E 210 55.44 -23.94 -8.77
C THR E 210 55.26 -23.59 -10.25
N GLY E 211 55.61 -24.52 -11.13
CA GLY E 211 55.53 -24.31 -12.57
C GLY E 211 54.15 -24.37 -13.16
N ILE E 212 53.16 -24.91 -12.40
CA ILE E 212 51.78 -24.97 -12.87
C ILE E 212 51.04 -23.71 -12.41
N LYS E 213 50.79 -22.80 -13.35
CA LYS E 213 50.15 -21.54 -13.05
C LYS E 213 48.62 -21.64 -13.08
N THR E 214 47.95 -20.73 -12.37
CA THR E 214 46.48 -20.67 -12.34
C THR E 214 46.03 -19.21 -12.52
N SER E 215 44.94 -19.01 -13.26
CA SER E 215 44.33 -17.70 -13.49
C SER E 215 42.81 -17.82 -13.44
N CYS E 216 42.14 -16.80 -12.94
CA CYS E 216 40.69 -16.79 -12.84
C CYS E 216 40.16 -15.50 -13.46
N LEU E 217 39.40 -15.60 -14.53
CA LEU E 217 38.84 -14.43 -15.19
C LEU E 217 37.45 -14.11 -14.63
N CYS E 218 37.27 -12.92 -14.02
CA CYS E 218 35.99 -12.50 -13.45
C CYS E 218 35.48 -11.21 -14.09
N PRO E 219 34.85 -11.33 -15.26
CA PRO E 219 34.35 -10.12 -15.93
C PRO E 219 32.94 -9.73 -15.51
N VAL E 220 32.54 -8.52 -15.88
CA VAL E 220 31.21 -7.96 -15.72
C VAL E 220 30.43 -8.34 -17.04
N PHE E 221 29.22 -7.81 -17.33
CA PHE E 221 28.50 -8.06 -18.60
C PHE E 221 29.44 -7.89 -19.81
N VAL E 222 29.48 -8.84 -20.77
CA VAL E 222 30.47 -8.77 -21.85
C VAL E 222 29.90 -8.51 -23.27
N ASN E 223 28.61 -8.59 -23.50
CA ASN E 223 28.02 -8.30 -24.82
C ASN E 223 28.39 -9.31 -25.90
N THR E 224 28.12 -10.55 -25.57
CA THR E 224 28.32 -11.72 -26.41
C THR E 224 27.00 -12.46 -26.69
N GLY E 225 25.87 -11.97 -26.15
CA GLY E 225 24.60 -12.64 -26.32
C GLY E 225 24.34 -13.76 -25.33
N PHE E 226 25.29 -14.00 -24.39
CA PHE E 226 25.21 -15.00 -23.34
C PHE E 226 23.93 -14.76 -22.52
N THR E 227 23.72 -13.51 -22.13
CA THR E 227 22.49 -13.10 -21.46
C THR E 227 21.81 -12.20 -22.49
N LYS E 228 20.57 -12.55 -22.88
CA LYS E 228 19.88 -11.82 -23.94
C LYS E 228 19.74 -10.32 -23.64
N ASN E 229 19.76 -9.53 -24.71
CA ASN E 229 19.73 -8.08 -24.63
C ASN E 229 18.40 -7.58 -24.06
N PRO E 230 18.47 -6.82 -22.94
CA PRO E 230 17.24 -6.36 -22.28
C PRO E 230 16.54 -5.21 -23.00
N SER E 231 15.25 -5.01 -22.72
CA SER E 231 14.50 -3.88 -23.27
C SER E 231 14.94 -2.52 -22.67
N THR E 232 15.72 -2.55 -21.57
CA THR E 232 16.27 -1.40 -20.88
C THR E 232 17.57 -1.85 -20.23
N ARG E 233 18.72 -1.42 -20.76
CA ARG E 233 20.00 -1.78 -20.18
C ARG E 233 20.53 -0.59 -19.42
N LEU E 234 20.79 -0.80 -18.13
CA LEU E 234 21.28 0.19 -17.19
C LEU E 234 22.68 -0.19 -16.72
N TRP E 235 22.95 -1.51 -16.55
CA TRP E 235 24.27 -1.97 -16.16
C TRP E 235 25.20 -1.98 -17.39
N PRO E 236 26.43 -1.44 -17.19
CA PRO E 236 27.39 -1.36 -18.29
C PRO E 236 27.76 -2.70 -18.88
N VAL E 237 27.99 -2.68 -20.20
CA VAL E 237 28.37 -3.86 -20.92
C VAL E 237 29.71 -3.68 -21.64
N LEU E 238 30.66 -4.54 -21.31
CA LEU E 238 32.00 -4.55 -21.89
C LEU E 238 31.96 -5.07 -23.33
N GLU E 239 33.03 -4.82 -24.06
CA GLU E 239 33.21 -5.39 -25.38
C GLU E 239 34.13 -6.59 -25.25
N THR E 240 33.88 -7.62 -26.06
CA THR E 240 34.64 -8.87 -25.99
C THR E 240 36.16 -8.67 -26.08
N ASP E 241 36.59 -7.74 -26.95
CA ASP E 241 37.99 -7.40 -27.14
C ASP E 241 38.67 -6.91 -25.87
N GLU E 242 37.99 -6.10 -25.04
CA GLU E 242 38.56 -5.61 -23.77
C GLU E 242 38.78 -6.76 -22.81
N VAL E 243 37.81 -7.67 -22.73
CA VAL E 243 37.86 -8.82 -21.83
C VAL E 243 39.00 -9.73 -22.24
N VAL E 244 39.11 -10.03 -23.55
CA VAL E 244 40.17 -10.89 -24.07
C VAL E 244 41.55 -10.24 -23.91
N ARG E 245 41.62 -8.90 -24.03
CA ARG E 245 42.87 -8.15 -23.81
C ARG E 245 43.31 -8.31 -22.36
N SER E 246 42.37 -8.22 -21.42
CA SER E 246 42.67 -8.36 -20.01
C SER E 246 43.02 -9.81 -19.66
N LEU E 247 42.38 -10.78 -20.31
CA LEU E 247 42.63 -12.19 -20.09
C LEU E 247 44.03 -12.58 -20.56
N ILE E 248 44.41 -12.17 -21.79
CA ILE E 248 45.72 -12.49 -22.34
C ILE E 248 46.82 -11.82 -21.52
N ASP E 249 46.63 -10.54 -21.13
CA ASP E 249 47.62 -9.85 -20.31
C ASP E 249 47.80 -10.54 -18.96
N GLY E 250 46.71 -11.08 -18.41
CA GLY E 250 46.74 -11.80 -17.15
C GLY E 250 47.42 -13.15 -17.28
N ILE E 251 47.14 -13.89 -18.37
CA ILE E 251 47.74 -15.20 -18.58
C ILE E 251 49.25 -15.06 -18.72
N LEU E 252 49.71 -14.12 -19.56
CA LEU E 252 51.13 -13.90 -19.82
C LEU E 252 51.90 -13.36 -18.60
N THR E 253 51.21 -12.64 -17.70
CA THR E 253 51.87 -12.13 -16.50
C THR E 253 51.57 -12.97 -15.23
N ASN E 254 50.97 -14.18 -15.41
CA ASN E 254 50.62 -15.13 -14.35
C ASN E 254 49.76 -14.52 -13.25
N LYS E 255 48.86 -13.59 -13.64
CA LYS E 255 47.90 -12.92 -12.76
C LYS E 255 46.93 -14.00 -12.30
N LYS E 256 46.74 -14.15 -10.98
CA LYS E 256 45.84 -15.17 -10.47
C LYS E 256 44.38 -14.75 -10.53
N MET E 257 44.05 -13.52 -10.12
CA MET E 257 42.67 -13.04 -10.15
C MET E 257 42.54 -11.87 -11.12
N ILE E 258 41.88 -12.09 -12.24
CA ILE E 258 41.73 -11.10 -13.29
C ILE E 258 40.30 -10.55 -13.33
N PHE E 259 40.05 -9.43 -12.67
CA PHE E 259 38.73 -8.78 -12.73
C PHE E 259 38.65 -7.89 -13.97
N VAL E 260 37.51 -7.86 -14.66
CA VAL E 260 37.37 -6.98 -15.82
C VAL E 260 36.15 -6.07 -15.68
N PRO E 261 36.30 -4.73 -15.49
CA PRO E 261 37.54 -3.96 -15.35
C PRO E 261 38.25 -4.23 -14.03
N SER E 262 39.57 -4.05 -14.01
CA SER E 262 40.37 -4.31 -12.83
C SER E 262 39.88 -3.71 -11.54
N TYR E 263 39.32 -2.48 -11.57
CA TYR E 263 38.89 -1.77 -10.35
C TYR E 263 37.59 -2.25 -9.70
N ILE E 264 36.94 -3.29 -10.25
CA ILE E 264 35.68 -3.86 -9.79
C ILE E 264 35.71 -4.24 -8.29
N ASN E 265 36.89 -4.59 -7.75
CA ASN E 265 37.08 -4.97 -6.35
C ASN E 265 36.65 -3.90 -5.37
N ILE E 266 36.77 -2.60 -5.75
CA ILE E 266 36.31 -1.54 -4.86
C ILE E 266 34.80 -1.62 -4.69
N PHE E 267 34.05 -1.98 -5.75
CA PHE E 267 32.59 -2.12 -5.69
C PHE E 267 32.17 -3.33 -4.85
N LEU E 268 32.84 -4.48 -5.03
CA LEU E 268 32.52 -5.68 -4.27
C LEU E 268 32.83 -5.47 -2.81
N ARG E 269 34.02 -4.91 -2.48
CA ARG E 269 34.48 -4.74 -1.11
C ARG E 269 33.73 -3.72 -0.30
N LEU E 270 33.07 -2.79 -0.96
CA LEU E 270 32.35 -1.75 -0.23
C LEU E 270 30.85 -1.88 -0.28
N GLN E 271 30.30 -2.97 -0.83
CA GLN E 271 28.85 -3.20 -0.87
C GLN E 271 28.29 -3.25 0.58
N LYS E 272 29.12 -3.77 1.53
CA LYS E 272 28.88 -3.90 2.97
C LYS E 272 28.35 -2.58 3.52
N PHE E 273 29.00 -1.48 3.12
CA PHE E 273 28.79 -0.14 3.66
C PHE E 273 27.90 0.77 2.87
N LEU E 274 27.26 0.28 1.82
CA LEU E 274 26.39 1.12 1.02
C LEU E 274 25.23 1.71 1.80
N PRO E 275 24.99 3.05 1.63
CA PRO E 275 23.78 3.67 2.24
C PRO E 275 22.50 3.04 1.68
N GLU E 276 21.44 3.00 2.48
CA GLU E 276 20.13 2.42 2.11
C GLU E 276 19.64 2.95 0.75
N ARG E 277 19.81 4.25 0.50
CA ARG E 277 19.42 4.88 -0.76
C ARG E 277 20.16 4.30 -1.94
N ALA E 278 21.48 4.10 -1.82
CA ALA E 278 22.30 3.55 -2.88
C ALA E 278 21.90 2.11 -3.20
N SER E 279 21.68 1.28 -2.17
CA SER E 279 21.28 -0.11 -2.35
C SER E 279 19.92 -0.19 -3.08
N ALA E 280 19.02 0.73 -2.77
CA ALA E 280 17.70 0.78 -3.36
C ALA E 280 17.78 1.12 -4.84
N ILE E 281 18.71 2.02 -5.24
CA ILE E 281 18.81 2.38 -6.66
C ILE E 281 19.38 1.18 -7.45
N LEU E 282 20.33 0.43 -6.86
CA LEU E 282 20.91 -0.77 -7.46
C LEU E 282 19.86 -1.83 -7.65
N ASN E 283 18.95 -2.00 -6.66
CA ASN E 283 17.84 -2.97 -6.73
C ASN E 283 16.83 -2.57 -7.80
N ARG E 284 16.55 -1.29 -7.94
CA ARG E 284 15.65 -0.77 -8.96
C ARG E 284 16.24 -1.05 -10.33
N MET E 285 17.55 -0.81 -10.51
CA MET E 285 18.23 -1.07 -11.76
C MET E 285 18.13 -2.55 -12.14
N GLN E 286 18.38 -3.45 -11.17
CA GLN E 286 18.28 -4.90 -11.38
C GLN E 286 16.86 -5.35 -11.77
N ASN E 287 15.85 -4.85 -11.07
CA ASN E 287 14.46 -5.14 -11.32
C ASN E 287 13.98 -4.69 -12.68
N ILE E 288 14.39 -3.50 -13.12
CA ILE E 288 14.06 -2.97 -14.45
C ILE E 288 14.73 -3.82 -15.58
N GLN E 289 16.06 -4.05 -15.51
CA GLN E 289 16.81 -4.78 -16.53
C GLN E 289 16.39 -6.23 -16.68
N PHE E 290 16.11 -6.87 -15.55
CA PHE E 290 15.68 -8.27 -15.55
C PHE E 290 14.14 -8.41 -15.57
N GLU E 291 13.39 -7.32 -15.85
CA GLU E 291 11.92 -7.31 -15.85
C GLU E 291 11.31 -8.50 -16.56
N ALA E 292 11.84 -8.80 -17.74
CA ALA E 292 11.41 -9.88 -18.62
C ALA E 292 11.77 -11.30 -18.17
N VAL E 293 12.15 -11.49 -16.89
CA VAL E 293 12.58 -12.82 -16.42
C VAL E 293 12.20 -13.04 -14.93
N VAL E 294 11.12 -12.38 -14.45
CA VAL E 294 10.65 -12.53 -13.09
C VAL E 294 9.18 -12.93 -13.10
N ASN F 3 46.60 1.45 -5.56
CA ASN F 3 46.33 0.01 -5.44
C ASN F 3 46.81 -0.58 -4.10
N ILE F 4 48.10 -0.43 -3.77
CA ILE F 4 48.61 -0.92 -2.49
C ILE F 4 48.03 -0.03 -1.38
N ILE F 5 47.99 1.29 -1.61
CA ILE F 5 47.38 2.22 -0.68
C ILE F 5 45.88 1.93 -0.55
N LEU F 6 45.22 1.56 -1.65
CA LEU F 6 43.80 1.21 -1.66
C LEU F 6 43.56 -0.04 -0.80
N GLU F 7 44.38 -1.08 -1.02
CA GLU F 7 44.29 -2.33 -0.28
C GLU F 7 44.56 -2.15 1.19
N ILE F 8 45.41 -1.19 1.56
CA ILE F 8 45.69 -0.95 2.96
C ILE F 8 44.54 -0.20 3.58
N LEU F 9 43.94 0.75 2.86
CA LEU F 9 42.80 1.55 3.36
C LEU F 9 41.56 0.69 3.57
N LEU F 10 41.29 -0.24 2.64
CA LEU F 10 40.18 -1.16 2.77
C LEU F 10 40.41 -2.14 3.94
N LEU F 11 41.66 -2.49 4.19
CA LEU F 11 42.03 -3.38 5.29
C LEU F 11 41.76 -2.67 6.61
N LEU F 12 42.19 -1.41 6.74
CA LEU F 12 41.97 -0.62 7.96
C LEU F 12 40.49 -0.44 8.23
N ILE F 13 39.69 -0.20 7.18
CA ILE F 13 38.25 -0.01 7.32
C ILE F 13 37.60 -1.29 7.81
N THR F 14 38.01 -2.45 7.29
CA THR F 14 37.45 -3.73 7.72
C THR F 14 37.79 -4.00 9.20
N ILE F 15 39.01 -3.67 9.60
CA ILE F 15 39.48 -3.82 10.97
C ILE F 15 38.77 -2.86 11.94
N ILE F 16 38.64 -1.57 11.56
CA ILE F 16 37.93 -0.59 12.39
C ILE F 16 36.48 -0.97 12.53
N TYR F 17 35.84 -1.37 11.43
CA TYR F 17 34.45 -1.76 11.49
C TYR F 17 34.26 -3.02 12.31
N SER F 18 35.17 -4.00 12.20
CA SER F 18 35.09 -5.22 13.00
C SER F 18 35.24 -4.91 14.49
N TYR F 19 36.06 -3.91 14.84
CA TYR F 19 36.27 -3.49 16.21
C TYR F 19 35.01 -2.86 16.78
N LEU F 20 34.40 -1.94 16.04
CA LEU F 20 33.17 -1.25 16.42
C LEU F 20 32.03 -2.24 16.52
N GLU F 21 31.97 -3.25 15.64
CA GLU F 21 30.94 -4.28 15.63
C GLU F 21 31.01 -5.08 16.94
N SER F 22 32.22 -5.40 17.40
CA SER F 22 32.42 -6.15 18.66
C SER F 22 32.02 -5.32 19.87
N LEU F 23 32.32 -4.01 19.84
CA LEU F 23 31.97 -3.05 20.87
C LEU F 23 30.45 -2.98 20.98
N VAL F 24 29.74 -2.84 19.83
CA VAL F 24 28.28 -2.75 19.82
C VAL F 24 27.69 -4.01 20.34
N LYS F 25 28.19 -5.18 19.94
CA LYS F 25 27.66 -6.45 20.44
C LYS F 25 27.83 -6.58 21.96
N PHE F 26 28.93 -6.07 22.50
CA PHE F 26 29.22 -6.13 23.91
C PHE F 26 28.41 -5.14 24.76
N PHE F 27 28.41 -3.86 24.40
CA PHE F 27 27.70 -2.83 25.17
C PHE F 27 26.21 -2.67 24.86
N ILE F 28 25.83 -2.77 23.58
CA ILE F 28 24.43 -2.62 23.17
C ILE F 28 23.94 -3.95 22.63
N PRO F 29 23.47 -4.87 23.48
CA PRO F 29 23.10 -6.19 22.98
C PRO F 29 21.85 -6.12 22.12
N GLN F 30 21.90 -6.87 21.03
CA GLN F 30 20.85 -6.87 20.03
C GLN F 30 19.69 -7.79 20.39
N ARG F 31 18.46 -7.32 20.14
CA ARG F 31 17.20 -8.03 20.36
C ARG F 31 17.18 -9.45 19.77
N ARG F 32 16.72 -10.43 20.54
CA ARG F 32 16.59 -11.80 20.05
C ARG F 32 15.12 -12.11 19.78
N LYS F 33 14.82 -12.59 18.58
CA LYS F 33 13.48 -12.99 18.21
C LYS F 33 13.10 -14.33 18.90
N SER F 34 11.83 -14.71 18.78
CA SER F 34 11.37 -15.95 19.36
C SER F 34 11.19 -16.99 18.31
N VAL F 35 11.82 -18.17 18.49
CA VAL F 35 11.61 -19.27 17.56
C VAL F 35 10.63 -20.31 18.16
N ALA F 36 9.93 -19.97 19.25
CA ALA F 36 8.97 -20.88 19.87
C ALA F 36 7.80 -21.10 18.92
N GLY F 37 7.35 -22.34 18.77
CA GLY F 37 6.24 -22.69 17.89
C GLY F 37 6.57 -22.75 16.41
N GLU F 38 7.75 -22.24 16.04
CA GLU F 38 8.22 -22.18 14.68
C GLU F 38 8.56 -23.60 14.18
N ILE F 39 8.19 -23.97 12.92
CA ILE F 39 8.51 -25.32 12.40
C ILE F 39 9.91 -25.29 11.84
N VAL F 40 10.84 -25.91 12.54
CA VAL F 40 12.25 -25.88 12.20
C VAL F 40 12.71 -27.22 11.62
N LEU F 41 13.24 -27.19 10.38
CA LEU F 41 13.76 -28.39 9.73
C LEU F 41 15.26 -28.37 9.88
N ILE F 42 15.87 -29.40 10.49
CA ILE F 42 17.33 -29.46 10.62
C ILE F 42 17.88 -30.68 9.86
N THR F 43 18.69 -30.45 8.78
CA THR F 43 19.26 -31.55 7.99
C THR F 43 20.62 -31.96 8.59
N GLY F 44 20.95 -33.24 8.54
CA GLY F 44 22.15 -33.75 9.19
C GLY F 44 22.06 -33.56 10.70
N ALA F 45 20.87 -33.85 11.29
CA ALA F 45 20.57 -33.70 12.72
C ALA F 45 20.97 -34.92 13.60
N GLY F 46 21.59 -35.91 13.00
CA GLY F 46 21.98 -37.13 13.69
C GLY F 46 23.33 -37.09 14.36
N HIS F 47 24.05 -35.96 14.25
CA HIS F 47 25.37 -35.84 14.85
C HIS F 47 25.90 -34.39 14.75
N GLY F 48 26.96 -34.11 15.51
CA GLY F 48 27.69 -32.86 15.52
C GLY F 48 26.88 -31.59 15.65
N ILE F 49 27.18 -30.62 14.78
CA ILE F 49 26.53 -29.30 14.75
C ILE F 49 25.00 -29.39 14.63
N GLY F 50 24.52 -30.26 13.76
CA GLY F 50 23.09 -30.45 13.57
C GLY F 50 22.39 -30.99 14.80
N ARG F 51 23.03 -31.92 15.51
CA ARG F 51 22.48 -32.50 16.71
C ARG F 51 22.39 -31.46 17.83
N GLN F 52 23.47 -30.69 18.06
CA GLN F 52 23.48 -29.69 19.12
C GLN F 52 22.54 -28.54 18.81
N THR F 53 22.45 -28.13 17.53
CA THR F 53 21.54 -27.07 17.08
C THR F 53 20.12 -27.47 17.39
N THR F 54 19.76 -28.73 17.12
CA THR F 54 18.45 -29.30 17.39
C THR F 54 18.07 -29.10 18.88
N TYR F 55 19.00 -29.39 19.80
CA TYR F 55 18.75 -29.25 21.22
C TYR F 55 18.50 -27.81 21.63
N GLU F 56 19.15 -26.84 20.96
CA GLU F 56 18.91 -25.43 21.24
C GLU F 56 17.51 -24.97 20.81
N PHE F 57 16.99 -25.53 19.71
CA PHE F 57 15.63 -25.21 19.26
C PHE F 57 14.62 -25.93 20.14
N ALA F 58 14.91 -27.16 20.61
CA ALA F 58 14.06 -27.92 21.50
C ALA F 58 13.93 -27.20 22.83
N LYS F 59 15.03 -26.61 23.35
CA LYS F 59 15.00 -25.82 24.59
C LYS F 59 14.10 -24.58 24.43
N ARG F 60 14.11 -23.98 23.24
CA ARG F 60 13.32 -22.80 22.95
C ARG F 60 11.87 -23.10 22.51
N LYS F 61 11.44 -24.36 22.62
CA LYS F 61 10.11 -24.87 22.31
C LYS F 61 9.71 -24.64 20.86
N SER F 62 10.61 -24.96 19.94
CA SER F 62 10.31 -24.92 18.52
C SER F 62 9.71 -26.27 18.14
N ARG F 63 8.93 -26.30 17.07
CA ARG F 63 8.39 -27.57 16.56
C ARG F 63 9.49 -28.12 15.67
N LEU F 64 9.94 -29.36 15.89
CA LEU F 64 11.11 -29.87 15.18
C LEU F 64 10.88 -30.96 14.17
N VAL F 65 11.53 -30.83 13.01
CA VAL F 65 11.54 -31.83 11.96
C VAL F 65 13.01 -32.15 11.74
N LEU F 66 13.44 -33.39 12.00
CA LEU F 66 14.83 -33.76 11.89
C LEU F 66 15.06 -34.69 10.71
N TRP F 67 16.12 -34.46 9.95
CA TRP F 67 16.43 -35.28 8.77
C TRP F 67 17.87 -35.74 8.87
N ASP F 68 18.14 -36.99 8.46
CA ASP F 68 19.50 -37.54 8.40
C ASP F 68 19.48 -38.88 7.65
N ILE F 69 20.60 -39.23 6.99
CA ILE F 69 20.71 -40.54 6.31
C ILE F 69 20.92 -41.65 7.35
N ASN F 70 21.57 -41.33 8.49
CA ASN F 70 21.88 -42.23 9.59
C ASN F 70 20.67 -42.39 10.50
N LYS F 71 19.90 -43.47 10.31
CA LYS F 71 18.69 -43.79 11.05
C LYS F 71 18.88 -43.82 12.57
N HIS F 72 19.98 -44.41 13.05
CA HIS F 72 20.21 -44.52 14.48
C HIS F 72 20.50 -43.16 15.11
N GLY F 73 21.30 -42.35 14.41
CA GLY F 73 21.70 -41.04 14.88
C GLY F 73 20.55 -40.08 15.00
N VAL F 74 19.69 -40.01 13.97
CA VAL F 74 18.52 -39.11 13.98
C VAL F 74 17.50 -39.54 15.05
N GLU F 75 17.37 -40.85 15.30
CA GLU F 75 16.49 -41.39 16.32
C GLU F 75 17.01 -41.06 17.72
N GLU F 76 18.35 -41.11 17.92
CA GLU F 76 19.05 -40.78 19.16
C GLU F 76 18.81 -39.29 19.50
N THR F 77 18.82 -38.41 18.47
CA THR F 77 18.60 -36.98 18.64
C THR F 77 17.15 -36.70 19.01
N ALA F 78 16.20 -37.38 18.34
CA ALA F 78 14.77 -37.24 18.60
C ALA F 78 14.39 -37.73 20.00
N ALA F 79 15.13 -38.73 20.52
CA ALA F 79 14.92 -39.29 21.85
C ALA F 79 15.36 -38.28 22.90
N GLU F 80 16.48 -37.60 22.68
CA GLU F 80 16.96 -36.57 23.59
C GLU F 80 16.05 -35.32 23.56
N CYS F 81 15.41 -35.06 22.41
CA CYS F 81 14.46 -33.97 22.27
C CYS F 81 13.25 -34.24 23.16
N ARG F 82 12.79 -35.51 23.24
CA ARG F 82 11.67 -35.88 24.10
C ARG F 82 11.99 -35.59 25.58
N LYS F 83 13.25 -35.84 25.99
CA LYS F 83 13.74 -35.53 27.33
C LYS F 83 13.75 -34.01 27.58
N LEU F 84 14.04 -33.21 26.53
CA LEU F 84 14.03 -31.75 26.55
C LEU F 84 12.62 -31.14 26.51
N GLY F 85 11.59 -31.96 26.39
CA GLY F 85 10.20 -31.54 26.38
C GLY F 85 9.52 -31.44 25.03
N VAL F 86 10.28 -31.69 23.95
CA VAL F 86 9.79 -31.60 22.58
C VAL F 86 9.74 -32.95 21.93
N THR F 87 8.60 -33.29 21.32
CA THR F 87 8.53 -34.54 20.56
C THR F 87 8.89 -34.12 19.12
N ALA F 88 10.05 -34.57 18.65
CA ALA F 88 10.53 -34.21 17.33
C ALA F 88 10.01 -35.19 16.29
N HIS F 89 9.94 -34.75 15.02
CA HIS F 89 9.50 -35.59 13.94
C HIS F 89 10.74 -35.97 13.17
N ALA F 90 11.33 -37.13 13.47
CA ALA F 90 12.55 -37.59 12.82
C ALA F 90 12.24 -38.37 11.56
N TYR F 91 13.05 -38.16 10.52
CA TYR F 91 12.89 -38.82 9.22
C TYR F 91 14.26 -39.24 8.68
N VAL F 92 14.30 -40.35 7.91
CA VAL F 92 15.55 -40.79 7.30
C VAL F 92 15.49 -40.39 5.85
N VAL F 93 16.12 -39.24 5.52
CA VAL F 93 16.07 -38.70 4.17
C VAL F 93 17.48 -38.37 3.70
N ASP F 94 17.79 -38.74 2.44
CA ASP F 94 19.07 -38.51 1.79
C ASP F 94 18.99 -37.16 1.09
N CYS F 95 19.69 -36.14 1.65
CA CYS F 95 19.68 -34.79 1.10
C CYS F 95 20.40 -34.63 -0.24
N SER F 96 21.01 -35.69 -0.76
CA SER F 96 21.61 -35.66 -2.10
C SER F 96 20.53 -35.87 -3.18
N ASN F 97 19.41 -36.57 -2.81
CA ASN F 97 18.28 -37.01 -3.63
C ASN F 97 17.10 -36.03 -3.80
N ARG F 98 17.06 -35.34 -4.94
CA ARG F 98 16.11 -34.32 -5.36
C ARG F 98 14.66 -34.71 -5.22
N GLU F 99 14.26 -35.85 -5.79
CA GLU F 99 12.87 -36.28 -5.73
C GLU F 99 12.50 -36.88 -4.38
N GLU F 100 13.47 -37.44 -3.65
CA GLU F 100 13.21 -37.94 -2.30
C GLU F 100 13.01 -36.75 -1.33
N ILE F 101 13.73 -35.63 -1.54
CA ILE F 101 13.58 -34.44 -0.72
C ILE F 101 12.15 -33.91 -0.91
N TYR F 102 11.67 -33.85 -2.17
CA TYR F 102 10.35 -33.37 -2.53
C TYR F 102 9.24 -34.23 -1.94
N ARG F 103 9.43 -35.54 -1.96
CA ARG F 103 8.48 -36.51 -1.45
C ARG F 103 8.44 -36.46 0.10
N SER F 104 9.63 -36.34 0.72
CA SER F 104 9.75 -36.24 2.17
C SER F 104 9.20 -34.94 2.70
N LEU F 105 9.26 -33.87 1.91
CA LEU F 105 8.69 -32.60 2.31
C LEU F 105 7.16 -32.61 2.21
N ASN F 106 6.58 -33.45 1.35
CA ASN F 106 5.12 -33.60 1.32
C ASN F 106 4.67 -34.28 2.61
N GLN F 107 5.45 -35.25 3.10
CA GLN F 107 5.17 -35.95 4.34
C GLN F 107 5.22 -34.99 5.49
N VAL F 108 6.25 -34.10 5.53
CA VAL F 108 6.40 -33.06 6.54
C VAL F 108 5.22 -32.10 6.49
N LYS F 109 4.76 -31.71 5.29
CA LYS F 109 3.59 -30.84 5.15
C LYS F 109 2.35 -31.50 5.75
N LYS F 110 2.12 -32.80 5.47
CA LYS F 110 0.96 -33.53 5.96
C LYS F 110 0.98 -33.79 7.47
N GLU F 111 2.11 -34.21 8.01
CA GLU F 111 2.25 -34.57 9.42
C GLU F 111 2.60 -33.43 10.37
N VAL F 112 3.39 -32.46 9.91
CA VAL F 112 3.85 -31.37 10.75
C VAL F 112 3.26 -30.02 10.32
N GLY F 113 3.44 -29.65 9.06
CA GLY F 113 2.95 -28.38 8.53
C GLY F 113 3.96 -27.72 7.62
N ASP F 114 3.83 -26.39 7.42
CA ASP F 114 4.76 -25.64 6.57
C ASP F 114 6.00 -25.23 7.36
N VAL F 115 7.19 -25.65 6.91
CA VAL F 115 8.46 -25.31 7.55
C VAL F 115 8.67 -23.80 7.47
N THR F 116 9.09 -23.19 8.60
CA THR F 116 9.32 -21.76 8.76
C THR F 116 10.81 -21.43 8.81
N ILE F 117 11.62 -22.28 9.46
CA ILE F 117 13.07 -22.10 9.55
C ILE F 117 13.73 -23.36 9.00
N VAL F 118 14.67 -23.21 8.04
CA VAL F 118 15.38 -24.35 7.45
C VAL F 118 16.86 -24.24 7.76
N VAL F 119 17.44 -25.24 8.45
CA VAL F 119 18.88 -25.25 8.70
C VAL F 119 19.50 -26.34 7.81
N ASN F 120 20.05 -25.91 6.67
CA ASN F 120 20.70 -26.79 5.70
C ASN F 120 22.09 -27.10 6.22
N ASN F 121 22.16 -28.06 7.13
CA ASN F 121 23.39 -28.42 7.80
C ASN F 121 24.06 -29.65 7.23
N ALA F 122 23.30 -30.66 6.72
CA ALA F 122 23.87 -31.89 6.17
C ALA F 122 24.99 -31.63 5.17
N GLY F 123 26.12 -32.30 5.36
CA GLY F 123 27.30 -32.13 4.53
C GLY F 123 28.14 -33.38 4.39
N THR F 124 29.00 -33.43 3.38
CA THR F 124 29.87 -34.57 3.13
C THR F 124 31.24 -34.13 2.63
N VAL F 125 32.27 -34.93 2.94
CA VAL F 125 33.63 -34.64 2.53
C VAL F 125 34.41 -35.93 2.30
N TYR F 126 35.29 -35.93 1.31
CA TYR F 126 36.15 -37.06 1.00
C TYR F 126 37.57 -36.51 0.81
N PRO F 127 38.29 -36.19 1.90
CA PRO F 127 39.62 -35.58 1.76
C PRO F 127 40.63 -36.36 0.92
N ALA F 128 41.20 -35.70 -0.10
CA ALA F 128 42.17 -36.24 -1.05
C ALA F 128 42.65 -35.14 -1.99
N ASP F 129 43.87 -35.28 -2.53
CA ASP F 129 44.36 -34.34 -3.54
C ASP F 129 43.54 -34.59 -4.82
N LEU F 130 43.27 -33.55 -5.62
CA LEU F 130 42.44 -33.66 -6.83
C LEU F 130 42.64 -34.93 -7.68
N LEU F 131 43.88 -35.33 -7.95
CA LEU F 131 44.14 -36.51 -8.77
C LEU F 131 43.81 -37.84 -8.09
N SER F 132 43.79 -37.83 -6.75
CA SER F 132 43.46 -38.98 -5.92
C SER F 132 41.94 -39.03 -5.51
N THR F 133 41.10 -38.11 -6.04
CA THR F 133 39.65 -38.10 -5.76
C THR F 133 38.89 -39.07 -6.66
N LYS F 134 37.72 -39.51 -6.23
CA LYS F 134 36.85 -40.36 -7.03
C LYS F 134 35.76 -39.46 -7.61
N ASP F 135 35.44 -39.58 -8.90
CA ASP F 135 34.43 -38.75 -9.54
C ASP F 135 33.05 -38.87 -8.89
N GLU F 136 32.70 -40.06 -8.38
CA GLU F 136 31.41 -40.27 -7.70
C GLU F 136 31.34 -39.45 -6.42
N GLU F 137 32.47 -39.35 -5.70
CA GLU F 137 32.62 -38.61 -4.47
C GLU F 137 32.55 -37.10 -4.71
N ILE F 138 33.08 -36.62 -5.87
CA ILE F 138 33.03 -35.22 -6.25
C ILE F 138 31.58 -34.84 -6.51
N THR F 139 30.84 -35.69 -7.25
CA THR F 139 29.43 -35.48 -7.54
C THR F 139 28.63 -35.49 -6.25
N LYS F 140 28.88 -36.47 -5.36
CA LYS F 140 28.19 -36.58 -4.08
C LYS F 140 28.44 -35.37 -3.18
N THR F 141 29.66 -34.81 -3.22
CA THR F 141 30.00 -33.62 -2.44
C THR F 141 29.10 -32.44 -2.88
N PHE F 142 28.90 -32.27 -4.19
CA PHE F 142 28.04 -31.20 -4.69
C PHE F 142 26.55 -31.47 -4.46
N GLU F 143 26.11 -32.73 -4.60
CA GLU F 143 24.71 -33.08 -4.41
C GLU F 143 24.23 -32.77 -2.99
N VAL F 144 25.07 -33.05 -1.98
CA VAL F 144 24.73 -32.80 -0.58
C VAL F 144 25.02 -31.36 -0.13
N ASN F 145 26.27 -30.87 -0.34
CA ASN F 145 26.68 -29.55 0.12
C ASN F 145 26.04 -28.34 -0.58
N ILE F 146 25.46 -28.51 -1.79
CA ILE F 146 24.86 -27.35 -2.46
C ILE F 146 23.57 -27.67 -3.19
N LEU F 147 23.56 -28.71 -4.06
CA LEU F 147 22.36 -29.02 -4.83
C LEU F 147 21.15 -29.32 -3.94
N GLY F 148 21.37 -30.00 -2.83
CA GLY F 148 20.30 -30.28 -1.86
C GLY F 148 19.70 -29.02 -1.26
N HIS F 149 20.53 -27.97 -1.10
CA HIS F 149 20.08 -26.69 -0.58
C HIS F 149 19.07 -26.06 -1.57
N PHE F 150 19.31 -26.22 -2.89
CA PHE F 150 18.44 -25.69 -3.93
C PHE F 150 17.08 -26.36 -3.93
N TRP F 151 17.04 -27.69 -3.78
CA TRP F 151 15.75 -28.40 -3.82
C TRP F 151 14.94 -28.19 -2.57
N ILE F 152 15.60 -28.16 -1.38
CA ILE F 152 14.89 -27.93 -0.12
C ILE F 152 14.33 -26.50 -0.10
N THR F 153 15.13 -25.51 -0.51
CA THR F 153 14.68 -24.11 -0.54
C THR F 153 13.55 -23.91 -1.55
N LYS F 154 13.69 -24.40 -2.79
CA LYS F 154 12.64 -24.25 -3.81
C LYS F 154 11.30 -24.84 -3.36
N ALA F 155 11.34 -25.90 -2.54
CA ALA F 155 10.13 -26.54 -2.04
C ALA F 155 9.49 -25.78 -0.86
N LEU F 156 10.30 -25.22 0.03
CA LEU F 156 9.80 -24.55 1.22
C LEU F 156 9.58 -23.05 1.07
N LEU F 157 10.26 -22.43 0.10
CA LEU F 157 10.18 -20.99 -0.14
C LEU F 157 8.78 -20.48 -0.51
N PRO F 158 7.98 -21.15 -1.37
CA PRO F 158 6.66 -20.61 -1.73
C PRO F 158 5.74 -20.19 -0.57
N SER F 159 5.67 -21.02 0.49
CA SER F 159 4.86 -20.76 1.71
C SER F 159 5.45 -19.54 2.43
N MET F 160 6.78 -19.43 2.51
CA MET F 160 7.48 -18.33 3.15
C MET F 160 7.27 -17.03 2.40
N MET F 161 7.16 -17.09 1.08
CA MET F 161 6.93 -15.95 0.22
C MET F 161 5.51 -15.45 0.44
N LYS F 162 4.53 -16.37 0.46
CA LYS F 162 3.14 -16.03 0.69
C LYS F 162 2.95 -15.32 2.04
N ARG F 163 3.59 -15.81 3.11
CA ARG F 163 3.46 -15.20 4.44
C ARG F 163 4.45 -14.08 4.73
N ASN F 164 5.45 -13.86 3.85
CA ASN F 164 6.57 -12.93 4.04
C ASN F 164 7.26 -13.22 5.39
N HIS F 165 7.48 -14.51 5.66
CA HIS F 165 8.06 -14.92 6.92
C HIS F 165 8.79 -16.24 6.76
N GLY F 166 10.05 -16.25 7.12
CA GLY F 166 10.88 -17.44 7.05
C GLY F 166 12.31 -17.18 7.43
N HIS F 167 13.13 -18.24 7.45
CA HIS F 167 14.54 -18.12 7.75
C HIS F 167 15.29 -19.27 7.08
N ILE F 168 16.19 -18.94 6.13
CA ILE F 168 16.99 -19.94 5.46
C ILE F 168 18.41 -19.86 6.03
N VAL F 169 18.85 -20.90 6.74
CA VAL F 169 20.17 -20.97 7.31
C VAL F 169 21.02 -21.93 6.45
N THR F 170 22.08 -21.38 5.84
CA THR F 170 22.98 -22.16 5.01
C THR F 170 24.21 -22.46 5.87
N VAL F 171 24.50 -23.74 6.15
CA VAL F 171 25.70 -24.08 6.90
C VAL F 171 26.82 -24.33 5.90
N ALA F 172 27.64 -23.30 5.65
CA ALA F 172 28.74 -23.41 4.71
C ALA F 172 30.07 -23.76 5.49
N SER F 173 31.16 -22.93 5.54
CA SER F 173 32.44 -23.20 6.20
C SER F 173 33.44 -22.06 5.85
N VAL F 174 34.59 -21.95 6.56
CA VAL F 174 35.64 -20.99 6.13
C VAL F 174 36.16 -21.39 4.74
N CYS F 175 36.04 -22.71 4.38
CA CYS F 175 36.35 -23.28 3.07
C CYS F 175 35.45 -22.74 1.95
N GLY F 176 34.41 -21.98 2.27
CA GLY F 176 33.57 -21.30 1.31
C GLY F 176 34.08 -19.89 1.01
N HIS F 177 35.16 -19.47 1.70
CA HIS F 177 35.82 -18.18 1.57
C HIS F 177 37.28 -18.32 1.09
N GLU F 178 37.91 -19.47 1.36
CA GLU F 178 39.27 -19.73 0.90
C GLU F 178 39.45 -21.22 0.63
N GLY F 179 40.12 -21.54 -0.48
CA GLY F 179 40.41 -22.91 -0.84
C GLY F 179 41.60 -23.43 -0.06
N ILE F 180 41.54 -24.69 0.34
CA ILE F 180 42.60 -25.32 1.10
C ILE F 180 43.04 -26.64 0.42
N PRO F 181 44.33 -27.05 0.52
CA PRO F 181 44.76 -28.26 -0.18
C PRO F 181 44.08 -29.52 0.33
N TYR F 182 43.99 -30.52 -0.54
CA TYR F 182 43.42 -31.83 -0.26
C TYR F 182 41.91 -31.79 0.05
N LEU F 183 41.24 -30.67 -0.26
CA LEU F 183 39.80 -30.48 -0.04
C LEU F 183 39.22 -29.61 -1.18
N ILE F 184 39.77 -29.69 -2.42
CA ILE F 184 39.30 -28.87 -3.55
C ILE F 184 37.80 -29.07 -3.88
N PRO F 185 37.24 -30.30 -4.03
CA PRO F 185 35.80 -30.41 -4.31
C PRO F 185 34.94 -29.93 -3.14
N TYR F 186 35.43 -30.14 -1.92
CA TYR F 186 34.71 -29.70 -0.73
C TYR F 186 34.66 -28.17 -0.65
N CYS F 187 35.79 -27.49 -0.85
CA CYS F 187 35.86 -26.03 -0.86
C CYS F 187 35.01 -25.48 -1.99
N SER F 188 35.05 -26.08 -3.18
CA SER F 188 34.26 -25.64 -4.33
C SER F 188 32.77 -25.70 -4.00
N SER F 189 32.30 -26.81 -3.38
CA SER F 189 30.90 -26.97 -2.98
C SER F 189 30.51 -25.97 -1.89
N LYS F 190 31.42 -25.69 -0.95
CA LYS F 190 31.18 -24.71 0.15
C LYS F 190 31.17 -23.26 -0.37
N PHE F 191 31.95 -22.97 -1.43
CA PHE F 191 31.96 -21.65 -2.07
C PHE F 191 30.59 -21.44 -2.74
N ALA F 192 30.06 -22.50 -3.38
CA ALA F 192 28.75 -22.52 -4.01
C ALA F 192 27.67 -22.31 -2.97
N ALA F 193 27.82 -22.86 -1.74
CA ALA F 193 26.85 -22.67 -0.66
C ALA F 193 26.82 -21.20 -0.22
N VAL F 194 28.01 -20.57 -0.13
CA VAL F 194 28.11 -19.15 0.22
C VAL F 194 27.43 -18.32 -0.87
N GLY F 195 27.71 -18.64 -2.13
CA GLY F 195 27.13 -17.94 -3.26
C GLY F 195 25.63 -18.06 -3.36
N PHE F 196 25.10 -19.21 -2.94
CA PHE F 196 23.67 -19.47 -2.91
C PHE F 196 23.03 -18.54 -1.90
N HIS F 197 23.61 -18.42 -0.71
CA HIS F 197 23.14 -17.55 0.35
C HIS F 197 23.20 -16.10 -0.11
N ARG F 198 24.31 -15.67 -0.68
CA ARG F 198 24.48 -14.30 -1.15
C ARG F 198 23.47 -13.92 -2.22
N GLY F 199 23.19 -14.84 -3.14
CA GLY F 199 22.21 -14.62 -4.21
C GLY F 199 20.78 -14.62 -3.69
N LEU F 200 20.48 -15.53 -2.77
CA LEU F 200 19.16 -15.63 -2.17
C LEU F 200 18.84 -14.36 -1.38
N THR F 201 19.82 -13.86 -0.61
CA THR F 201 19.71 -12.62 0.16
C THR F 201 19.40 -11.44 -0.75
N SER F 202 20.12 -11.31 -1.89
CA SER F 202 19.89 -10.23 -2.86
C SER F 202 18.54 -10.33 -3.51
N GLU F 203 18.13 -11.55 -3.92
CA GLU F 203 16.87 -11.72 -4.60
C GLU F 203 15.71 -11.43 -3.70
N LEU F 204 15.75 -11.87 -2.43
CA LEU F 204 14.66 -11.60 -1.50
C LEU F 204 14.54 -10.10 -1.26
N GLN F 205 15.66 -9.39 -1.21
CA GLN F 205 15.72 -7.95 -1.03
C GLN F 205 15.08 -7.24 -2.23
N ALA F 206 15.44 -7.67 -3.47
CA ALA F 206 14.91 -7.13 -4.72
C ALA F 206 13.41 -7.43 -4.86
N LEU F 207 12.97 -8.61 -4.40
CA LEU F 207 11.55 -8.97 -4.46
C LEU F 207 10.70 -8.36 -3.33
N GLY F 208 11.34 -7.68 -2.38
CA GLY F 208 10.65 -7.06 -1.27
C GLY F 208 10.26 -7.97 -0.13
N LYS F 209 10.76 -9.21 -0.14
CA LYS F 209 10.46 -10.19 0.90
C LYS F 209 11.31 -9.99 2.15
N THR F 210 11.12 -8.83 2.78
CA THR F 210 11.80 -8.35 3.98
C THR F 210 11.72 -9.34 5.16
N GLY F 211 10.60 -10.03 5.26
CA GLY F 211 10.33 -10.96 6.34
C GLY F 211 11.03 -12.28 6.26
N ILE F 212 11.58 -12.63 5.08
CA ILE F 212 12.32 -13.89 4.92
C ILE F 212 13.79 -13.63 5.18
N LYS F 213 14.28 -14.09 6.34
CA LYS F 213 15.66 -13.87 6.73
C LYS F 213 16.60 -14.95 6.21
N THR F 214 17.89 -14.63 6.09
CA THR F 214 18.91 -15.58 5.62
C THR F 214 20.11 -15.47 6.53
N SER F 215 20.77 -16.60 6.80
CA SER F 215 21.99 -16.66 7.63
C SER F 215 22.95 -17.69 7.02
N CYS F 216 24.25 -17.43 7.13
CA CYS F 216 25.25 -18.34 6.60
C CYS F 216 26.28 -18.60 7.67
N LEU F 217 26.40 -19.85 8.10
CA LEU F 217 27.36 -20.21 9.13
C LEU F 217 28.66 -20.65 8.50
N CYS F 218 29.77 -19.95 8.79
CA CYS F 218 31.09 -20.29 8.28
C CYS F 218 32.09 -20.52 9.39
N PRO F 219 32.10 -21.72 10.01
CA PRO F 219 33.07 -21.97 11.09
C PRO F 219 34.41 -22.53 10.58
N VAL F 220 35.44 -22.42 11.42
CA VAL F 220 36.75 -23.03 11.15
C VAL F 220 36.63 -24.54 11.58
N PHE F 221 37.73 -25.32 11.62
CA PHE F 221 37.67 -26.71 12.04
C PHE F 221 36.98 -26.90 13.40
N VAL F 222 35.90 -27.67 13.43
CA VAL F 222 35.14 -27.98 14.64
C VAL F 222 35.41 -29.47 14.95
N ASN F 223 35.70 -29.79 16.23
CA ASN F 223 36.00 -31.17 16.61
C ASN F 223 34.76 -32.10 16.64
N THR F 224 34.17 -32.40 15.46
CA THR F 224 32.97 -33.25 15.34
C THR F 224 33.23 -34.62 14.71
N GLY F 225 34.44 -34.85 14.25
CA GLY F 225 34.75 -36.10 13.55
C GLY F 225 34.52 -36.03 12.05
N PHE F 226 33.99 -34.92 11.53
CA PHE F 226 33.75 -34.70 10.11
C PHE F 226 35.07 -34.86 9.32
N THR F 227 36.14 -34.32 9.87
CA THR F 227 37.50 -34.37 9.34
C THR F 227 38.46 -34.72 10.51
N LYS F 228 39.61 -35.40 10.21
CA LYS F 228 40.59 -35.84 11.23
C LYS F 228 41.23 -34.73 12.10
N ASN F 229 41.74 -33.63 11.50
CA ASN F 229 42.37 -32.57 12.31
C ASN F 229 42.48 -31.20 11.60
N PRO F 236 43.49 -22.67 15.36
CA PRO F 236 42.30 -22.45 16.20
C PRO F 236 41.24 -23.57 16.12
N VAL F 237 41.32 -24.58 17.02
CA VAL F 237 40.33 -25.66 17.04
C VAL F 237 39.03 -25.20 17.72
N LEU F 238 37.88 -25.65 17.22
CA LEU F 238 36.60 -25.22 17.75
C LEU F 238 35.79 -26.34 18.35
N GLU F 239 35.01 -25.98 19.37
CA GLU F 239 34.11 -26.85 20.09
C GLU F 239 32.74 -26.80 19.41
N THR F 240 31.98 -27.91 19.45
CA THR F 240 30.65 -27.92 18.85
C THR F 240 29.73 -26.92 19.57
N ASP F 241 29.78 -26.88 20.89
CA ASP F 241 28.98 -25.97 21.74
C ASP F 241 29.22 -24.49 21.43
N GLU F 242 30.47 -24.08 21.22
CA GLU F 242 30.77 -22.70 20.92
C GLU F 242 30.31 -22.29 19.52
N VAL F 243 30.22 -23.26 18.58
CA VAL F 243 29.75 -23.07 17.19
C VAL F 243 28.22 -22.93 17.20
N VAL F 244 27.54 -23.81 17.92
CA VAL F 244 26.11 -23.77 18.06
C VAL F 244 25.66 -22.51 18.83
N ARG F 245 26.47 -22.05 19.79
CA ARG F 245 26.17 -20.81 20.53
C ARG F 245 26.22 -19.63 19.56
N SER F 246 27.22 -19.62 18.67
CA SER F 246 27.42 -18.61 17.65
C SER F 246 26.32 -18.66 16.59
N LEU F 247 25.80 -19.85 16.27
CA LEU F 247 24.75 -20.05 15.28
C LEU F 247 23.39 -19.58 15.82
N ILE F 248 23.03 -19.98 17.05
CA ILE F 248 21.77 -19.61 17.68
C ILE F 248 21.72 -18.09 17.89
N ASP F 249 22.82 -17.48 18.35
CA ASP F 249 22.85 -16.02 18.54
C ASP F 249 22.70 -15.32 17.20
N GLY F 250 23.30 -15.87 16.16
CA GLY F 250 23.25 -15.37 14.79
C GLY F 250 21.84 -15.46 14.25
N ILE F 251 21.21 -16.63 14.36
CA ILE F 251 19.83 -16.80 13.94
C ILE F 251 18.89 -15.78 14.62
N LEU F 252 18.80 -15.80 15.95
CA LEU F 252 17.91 -14.94 16.72
C LEU F 252 18.11 -13.45 16.47
N THR F 253 19.30 -13.03 16.05
CA THR F 253 19.54 -11.62 15.75
C THR F 253 19.51 -11.30 14.23
N ASN F 254 19.24 -12.31 13.41
CA ASN F 254 19.16 -12.18 11.97
C ASN F 254 20.49 -11.78 11.33
N LYS F 255 21.58 -12.29 11.90
CA LYS F 255 22.94 -12.08 11.37
C LYS F 255 23.03 -12.82 10.03
N LYS F 256 23.46 -12.13 8.96
CA LYS F 256 23.56 -12.77 7.66
C LYS F 256 24.82 -13.60 7.51
N MET F 257 25.98 -13.08 7.89
CA MET F 257 27.24 -13.85 7.77
C MET F 257 27.80 -14.12 9.15
N ILE F 258 27.74 -15.38 9.56
CA ILE F 258 28.17 -15.81 10.89
C ILE F 258 29.47 -16.58 10.79
N PHE F 259 30.62 -15.89 10.95
CA PHE F 259 31.92 -16.55 10.96
C PHE F 259 32.20 -17.02 12.37
N VAL F 260 32.79 -18.21 12.53
CA VAL F 260 33.15 -18.70 13.86
C VAL F 260 34.63 -19.07 13.91
N PRO F 261 35.49 -18.30 14.62
CA PRO F 261 35.20 -17.08 15.40
C PRO F 261 34.95 -15.87 14.50
N SER F 262 34.19 -14.90 14.99
CA SER F 262 33.81 -13.72 14.22
C SER F 262 34.95 -12.98 13.49
N TYR F 263 36.13 -12.89 14.11
CA TYR F 263 37.26 -12.15 13.55
C TYR F 263 37.97 -12.84 12.39
N ILE F 264 37.45 -13.97 11.95
CA ILE F 264 38.04 -14.77 10.89
C ILE F 264 38.03 -14.05 9.52
N ASN F 265 37.15 -13.04 9.35
CA ASN F 265 37.15 -12.27 8.11
C ASN F 265 38.43 -11.45 7.98
N ILE F 266 39.02 -10.98 9.14
CA ILE F 266 40.28 -10.25 9.14
C ILE F 266 41.37 -11.18 8.59
N PHE F 267 41.43 -12.41 9.10
CA PHE F 267 42.39 -13.42 8.67
C PHE F 267 42.26 -13.74 7.18
N LEU F 268 41.02 -13.90 6.69
CA LEU F 268 40.76 -14.18 5.28
C LEU F 268 41.29 -13.04 4.42
N ARG F 269 41.05 -11.80 4.83
CA ARG F 269 41.48 -10.63 4.08
C ARG F 269 43.02 -10.46 4.03
N LEU F 270 43.83 -11.25 4.77
CA LEU F 270 45.29 -11.10 4.73
C LEU F 270 46.01 -12.12 3.79
N ASN G 3 -32.49 25.16 -50.50
CA ASN G 3 -32.97 24.45 -49.30
C ASN G 3 -34.18 23.51 -49.57
N ILE G 4 -35.27 24.02 -50.18
CA ILE G 4 -36.42 23.18 -50.52
C ILE G 4 -36.12 22.45 -51.81
N ILE G 5 -35.58 23.16 -52.82
CA ILE G 5 -35.16 22.50 -54.04
C ILE G 5 -34.00 21.50 -53.74
N LEU G 6 -33.15 21.83 -52.73
CA LEU G 6 -32.05 20.99 -52.24
C LEU G 6 -32.60 19.72 -51.55
N GLU G 7 -33.58 19.87 -50.64
CA GLU G 7 -34.18 18.72 -49.99
C GLU G 7 -34.90 17.81 -51.01
N ILE G 8 -35.41 18.39 -52.11
CA ILE G 8 -36.02 17.60 -53.19
C ILE G 8 -34.95 16.84 -53.94
N LEU G 9 -33.82 17.49 -54.22
CA LEU G 9 -32.74 16.84 -54.93
C LEU G 9 -32.14 15.69 -54.12
N LEU G 10 -31.95 15.88 -52.80
CA LEU G 10 -31.46 14.83 -51.92
C LEU G 10 -32.47 13.66 -51.82
N LEU G 11 -33.76 13.95 -51.95
CA LEU G 11 -34.81 12.94 -51.96
C LEU G 11 -34.65 12.08 -53.24
N LEU G 12 -34.46 12.74 -54.40
CA LEU G 12 -34.28 12.04 -55.68
C LEU G 12 -33.05 11.15 -55.64
N ILE G 13 -31.95 11.63 -55.04
CA ILE G 13 -30.71 10.87 -54.93
C ILE G 13 -30.90 9.63 -54.05
N THR G 14 -31.63 9.76 -52.94
CA THR G 14 -31.91 8.64 -52.06
C THR G 14 -32.74 7.56 -52.78
N ILE G 15 -33.73 8.02 -53.57
CA ILE G 15 -34.59 7.15 -54.37
C ILE G 15 -33.82 6.46 -55.50
N ILE G 16 -33.01 7.21 -56.26
CA ILE G 16 -32.21 6.66 -57.35
C ILE G 16 -31.23 5.64 -56.84
N TYR G 17 -30.51 5.97 -55.75
CA TYR G 17 -29.55 5.01 -55.22
C TYR G 17 -30.23 3.76 -54.70
N SER G 18 -31.38 3.88 -54.01
CA SER G 18 -32.09 2.68 -53.53
C SER G 18 -32.65 1.83 -54.67
N TYR G 19 -33.00 2.48 -55.80
CA TYR G 19 -33.47 1.75 -56.98
C TYR G 19 -32.30 0.96 -57.58
N LEU G 20 -31.13 1.62 -57.69
CA LEU G 20 -29.88 1.06 -58.19
C LEU G 20 -29.47 -0.10 -57.26
N GLU G 21 -29.63 0.07 -55.93
CA GLU G 21 -29.28 -0.93 -54.95
C GLU G 21 -30.12 -2.17 -55.11
N SER G 22 -31.42 -2.03 -55.44
CA SER G 22 -32.31 -3.18 -55.64
C SER G 22 -31.93 -3.97 -56.88
N LEU G 23 -31.54 -3.25 -57.93
CA LEU G 23 -31.08 -3.83 -59.18
C LEU G 23 -29.81 -4.65 -58.92
N VAL G 24 -28.83 -4.07 -58.23
CA VAL G 24 -27.59 -4.74 -57.91
C VAL G 24 -27.84 -5.96 -57.03
N LYS G 25 -28.71 -5.86 -56.00
CA LYS G 25 -29.09 -6.98 -55.12
C LYS G 25 -29.58 -8.17 -55.95
N PHE G 26 -30.46 -7.87 -56.92
CA PHE G 26 -31.11 -8.83 -57.75
C PHE G 26 -30.24 -9.47 -58.84
N PHE G 27 -29.55 -8.66 -59.64
CA PHE G 27 -28.74 -9.17 -60.73
C PHE G 27 -27.34 -9.63 -60.35
N ILE G 28 -26.69 -8.93 -59.43
CA ILE G 28 -25.33 -9.28 -59.02
C ILE G 28 -25.37 -9.76 -57.58
N PRO G 29 -25.67 -11.04 -57.30
CA PRO G 29 -25.77 -11.46 -55.90
C PRO G 29 -24.41 -11.39 -55.23
N GLN G 30 -24.36 -10.66 -54.10
CA GLN G 30 -23.14 -10.48 -53.32
C GLN G 30 -22.72 -11.83 -52.75
N ARG G 31 -21.43 -12.08 -52.74
CA ARG G 31 -20.90 -13.33 -52.22
C ARG G 31 -21.16 -13.45 -50.70
N ARG G 32 -21.94 -14.45 -50.31
CA ARG G 32 -22.24 -14.69 -48.90
C ARG G 32 -21.05 -15.41 -48.23
N LYS G 33 -20.70 -15.02 -47.00
CA LYS G 33 -19.55 -15.61 -46.31
C LYS G 33 -19.88 -16.91 -45.58
N SER G 34 -18.86 -17.56 -45.03
CA SER G 34 -19.06 -18.76 -44.26
C SER G 34 -18.87 -18.45 -42.79
N VAL G 35 -19.87 -18.76 -41.99
CA VAL G 35 -19.79 -18.61 -40.55
C VAL G 35 -19.57 -19.99 -39.87
N ALA G 36 -19.17 -21.01 -40.62
CA ALA G 36 -18.94 -22.33 -40.07
C ALA G 36 -17.69 -22.28 -39.18
N GLY G 37 -17.79 -22.92 -38.02
CA GLY G 37 -16.68 -22.96 -37.07
C GLY G 37 -16.51 -21.72 -36.22
N GLU G 38 -17.11 -20.60 -36.63
CA GLU G 38 -17.05 -19.33 -35.93
C GLU G 38 -17.76 -19.41 -34.60
N ILE G 39 -17.27 -18.73 -33.55
CA ILE G 39 -17.95 -18.74 -32.26
C ILE G 39 -18.93 -17.59 -32.25
N VAL G 40 -20.23 -17.90 -32.30
CA VAL G 40 -21.29 -16.91 -32.37
C VAL G 40 -22.05 -16.77 -31.05
N LEU G 41 -22.07 -15.55 -30.50
CA LEU G 41 -22.80 -15.28 -29.28
C LEU G 41 -24.10 -14.59 -29.65
N ILE G 42 -25.25 -15.09 -29.18
CA ILE G 42 -26.52 -14.41 -29.44
C ILE G 42 -27.14 -14.10 -28.11
N THR G 43 -27.31 -12.79 -27.81
CA THR G 43 -27.96 -12.32 -26.57
C THR G 43 -29.47 -12.25 -26.81
N GLY G 44 -30.26 -12.64 -25.82
CA GLY G 44 -31.71 -12.66 -25.97
C GLY G 44 -32.09 -13.73 -26.96
N ALA G 45 -31.46 -14.93 -26.82
CA ALA G 45 -31.60 -16.08 -27.71
C ALA G 45 -32.60 -17.15 -27.29
N GLY G 46 -33.55 -16.80 -26.45
CA GLY G 46 -34.55 -17.76 -25.98
C GLY G 46 -35.95 -17.33 -26.28
N HIS G 47 -36.17 -16.76 -27.49
CA HIS G 47 -37.45 -16.26 -28.03
C HIS G 47 -37.24 -15.34 -29.26
N GLY G 48 -38.32 -15.21 -30.05
CA GLY G 48 -38.44 -14.34 -31.22
C GLY G 48 -37.32 -14.36 -32.24
N ILE G 49 -36.89 -13.16 -32.64
CA ILE G 49 -35.80 -12.93 -33.59
C ILE G 49 -34.52 -13.62 -33.13
N GLY G 50 -34.25 -13.56 -31.82
CA GLY G 50 -33.06 -14.18 -31.25
C GLY G 50 -33.02 -15.68 -31.41
N ARG G 51 -34.19 -16.33 -31.29
CA ARG G 51 -34.35 -17.77 -31.41
C ARG G 51 -34.16 -18.26 -32.86
N GLN G 52 -34.80 -17.60 -33.83
CA GLN G 52 -34.67 -17.99 -35.22
C GLN G 52 -33.29 -17.71 -35.82
N THR G 53 -32.59 -16.69 -35.31
CA THR G 53 -31.23 -16.34 -35.72
C THR G 53 -30.29 -17.46 -35.29
N THR G 54 -30.45 -17.97 -34.04
CA THR G 54 -29.63 -19.08 -33.51
C THR G 54 -29.83 -20.39 -34.30
N TYR G 55 -31.02 -20.60 -34.84
CA TYR G 55 -31.28 -21.76 -35.69
C TYR G 55 -30.59 -21.58 -37.05
N GLU G 56 -30.44 -20.34 -37.52
CA GLU G 56 -29.75 -20.06 -38.78
C GLU G 56 -28.27 -20.33 -38.70
N PHE G 57 -27.65 -20.03 -37.55
CA PHE G 57 -26.23 -20.29 -37.36
C PHE G 57 -26.00 -21.80 -37.09
N ALA G 58 -26.97 -22.48 -36.46
CA ALA G 58 -26.90 -23.93 -36.21
C ALA G 58 -26.97 -24.66 -37.57
N LYS G 59 -27.83 -24.19 -38.48
CA LYS G 59 -27.93 -24.78 -39.82
C LYS G 59 -26.62 -24.59 -40.61
N ARG G 60 -25.87 -23.49 -40.34
CA ARG G 60 -24.60 -23.17 -41.01
C ARG G 60 -23.32 -23.68 -40.31
N LYS G 61 -23.43 -24.62 -39.37
CA LYS G 61 -22.25 -25.23 -38.72
C LYS G 61 -21.40 -24.25 -37.84
N SER G 62 -22.04 -23.24 -37.25
CA SER G 62 -21.36 -22.31 -36.35
C SER G 62 -21.27 -22.90 -34.95
N ARG G 63 -20.29 -22.47 -34.17
CA ARG G 63 -20.19 -22.86 -32.77
C ARG G 63 -21.07 -21.85 -32.03
N LEU G 64 -22.08 -22.30 -31.25
CA LEU G 64 -23.03 -21.38 -30.64
C LEU G 64 -22.96 -21.19 -29.13
N VAL G 65 -23.11 -19.93 -28.70
CA VAL G 65 -23.14 -19.49 -27.29
C VAL G 65 -24.42 -18.67 -27.06
N LEU G 66 -25.49 -19.24 -26.48
CA LEU G 66 -26.74 -18.48 -26.27
C LEU G 66 -26.78 -17.78 -24.92
N TRP G 67 -27.49 -16.66 -24.82
CA TRP G 67 -27.64 -15.91 -23.57
C TRP G 67 -29.08 -15.43 -23.41
N ASP G 68 -29.61 -15.39 -22.16
CA ASP G 68 -30.98 -14.93 -21.87
C ASP G 68 -31.30 -14.95 -20.36
N ILE G 69 -32.11 -13.97 -19.86
CA ILE G 69 -32.59 -13.91 -18.45
C ILE G 69 -33.52 -15.08 -18.14
N ASN G 70 -34.25 -15.57 -19.17
CA ASN G 70 -35.26 -16.62 -19.14
C ASN G 70 -34.64 -18.00 -19.34
N LYS G 71 -34.36 -18.70 -18.23
CA LYS G 71 -33.74 -20.03 -18.19
C LYS G 71 -34.48 -21.07 -19.04
N HIS G 72 -35.81 -21.10 -19.00
CA HIS G 72 -36.57 -22.07 -19.78
C HIS G 72 -36.41 -21.83 -21.30
N GLY G 73 -36.38 -20.55 -21.67
CA GLY G 73 -36.23 -20.09 -23.04
C GLY G 73 -34.90 -20.46 -23.65
N VAL G 74 -33.79 -20.15 -22.96
CA VAL G 74 -32.46 -20.50 -23.47
C VAL G 74 -32.27 -22.00 -23.57
N GLU G 75 -32.78 -22.76 -22.57
CA GLU G 75 -32.62 -24.20 -22.57
C GLU G 75 -33.42 -24.85 -23.72
N GLU G 76 -34.59 -24.29 -24.09
CA GLU G 76 -35.37 -24.87 -25.19
C GLU G 76 -34.78 -24.53 -26.54
N THR G 77 -34.16 -23.34 -26.70
CA THR G 77 -33.53 -23.00 -27.98
C THR G 77 -32.32 -23.89 -28.20
N ALA G 78 -31.47 -24.06 -27.17
CA ALA G 78 -30.28 -24.91 -27.23
C ALA G 78 -30.63 -26.37 -27.50
N ALA G 79 -31.84 -26.80 -27.07
CA ALA G 79 -32.33 -28.16 -27.28
C ALA G 79 -32.77 -28.31 -28.75
N GLU G 80 -33.55 -27.36 -29.28
CA GLU G 80 -33.97 -27.40 -30.68
C GLU G 80 -32.79 -27.23 -31.67
N CYS G 81 -31.60 -26.83 -31.15
CA CYS G 81 -30.32 -26.70 -31.85
C CYS G 81 -29.63 -28.05 -31.89
N ARG G 82 -29.74 -28.87 -30.83
CA ARG G 82 -29.20 -30.22 -30.85
C ARG G 82 -29.92 -31.05 -31.95
N LYS G 83 -31.24 -30.79 -32.15
CA LYS G 83 -32.03 -31.41 -33.22
C LYS G 83 -31.50 -31.00 -34.60
N LEU G 84 -31.02 -29.74 -34.72
CA LEU G 84 -30.42 -29.19 -35.95
C LEU G 84 -28.98 -29.66 -36.21
N GLY G 85 -28.38 -30.38 -35.26
CA GLY G 85 -27.04 -30.94 -35.39
C GLY G 85 -25.91 -30.22 -34.68
N VAL G 86 -26.18 -29.08 -34.00
CA VAL G 86 -25.13 -28.35 -33.28
C VAL G 86 -25.45 -28.27 -31.80
N THR G 87 -24.55 -28.74 -30.92
CA THR G 87 -24.80 -28.66 -29.48
C THR G 87 -24.41 -27.25 -29.03
N ALA G 88 -25.40 -26.45 -28.62
CA ALA G 88 -25.14 -25.08 -28.21
C ALA G 88 -24.76 -24.99 -26.71
N HIS G 89 -24.13 -23.87 -26.27
CA HIS G 89 -23.66 -23.74 -24.89
C HIS G 89 -24.67 -23.11 -23.89
N ALA G 90 -25.48 -22.10 -24.29
CA ALA G 90 -26.56 -21.50 -23.48
C ALA G 90 -26.24 -21.17 -21.99
N TYR G 91 -26.27 -19.90 -21.64
CA TYR G 91 -25.98 -19.39 -20.30
C TYR G 91 -27.12 -18.48 -19.89
N VAL G 92 -27.50 -18.48 -18.61
CA VAL G 92 -28.52 -17.57 -18.13
C VAL G 92 -27.79 -16.32 -17.65
N VAL G 93 -27.75 -15.28 -18.49
CA VAL G 93 -27.03 -14.05 -18.17
C VAL G 93 -27.95 -12.85 -18.38
N ASP G 94 -27.95 -11.91 -17.41
CA ASP G 94 -28.75 -10.70 -17.47
C ASP G 94 -27.93 -9.63 -18.16
N CYS G 95 -28.28 -9.30 -19.42
CA CYS G 95 -27.60 -8.31 -20.28
C CYS G 95 -27.67 -6.87 -19.77
N SER G 96 -28.43 -6.62 -18.69
CA SER G 96 -28.47 -5.30 -18.09
C SER G 96 -27.31 -5.10 -17.09
N ASN G 97 -26.83 -6.22 -16.49
CA ASN G 97 -25.79 -6.26 -15.46
C ASN G 97 -24.37 -6.32 -16.04
N ARG G 98 -23.59 -5.27 -15.84
CA ARG G 98 -22.22 -5.18 -16.33
C ARG G 98 -21.33 -6.28 -15.74
N GLU G 99 -21.43 -6.52 -14.42
CA GLU G 99 -20.64 -7.55 -13.71
C GLU G 99 -20.98 -8.95 -14.21
N GLU G 100 -22.26 -9.21 -14.47
CA GLU G 100 -22.75 -10.50 -14.94
C GLU G 100 -22.26 -10.79 -16.36
N ILE G 101 -22.26 -9.77 -17.24
CA ILE G 101 -21.75 -9.86 -18.62
C ILE G 101 -20.29 -10.36 -18.58
N TYR G 102 -19.42 -9.65 -17.83
CA TYR G 102 -18.00 -9.93 -17.70
C TYR G 102 -17.71 -11.30 -17.12
N ARG G 103 -18.42 -11.65 -16.04
CA ARG G 103 -18.28 -12.93 -15.37
C ARG G 103 -18.64 -14.07 -16.32
N SER G 104 -19.74 -13.90 -17.07
CA SER G 104 -20.20 -14.93 -18.00
C SER G 104 -19.30 -15.03 -19.21
N LEU G 105 -18.70 -13.91 -19.65
CA LEU G 105 -17.80 -13.96 -20.80
C LEU G 105 -16.48 -14.63 -20.46
N ASN G 106 -16.04 -14.58 -19.19
CA ASN G 106 -14.85 -15.32 -18.77
C ASN G 106 -15.14 -16.83 -18.81
N GLN G 107 -16.36 -17.22 -18.43
CA GLN G 107 -16.82 -18.59 -18.46
C GLN G 107 -16.88 -19.08 -19.91
N VAL G 108 -17.40 -18.23 -20.84
CA VAL G 108 -17.46 -18.53 -22.27
C VAL G 108 -16.04 -18.69 -22.83
N LYS G 109 -15.08 -17.86 -22.40
CA LYS G 109 -13.69 -17.98 -22.83
C LYS G 109 -13.11 -19.33 -22.40
N LYS G 110 -13.35 -19.75 -21.14
CA LYS G 110 -12.86 -21.01 -20.60
C LYS G 110 -13.52 -22.24 -21.24
N GLU G 111 -14.84 -22.24 -21.41
CA GLU G 111 -15.60 -23.38 -21.93
C GLU G 111 -15.70 -23.48 -23.45
N VAL G 112 -15.79 -22.35 -24.13
CA VAL G 112 -15.98 -22.34 -25.59
C VAL G 112 -14.77 -21.75 -26.35
N GLY G 113 -14.35 -20.55 -25.95
CA GLY G 113 -13.24 -19.85 -26.58
C GLY G 113 -13.53 -18.37 -26.80
N ASP G 114 -12.81 -17.76 -27.73
CA ASP G 114 -12.99 -16.35 -28.04
C ASP G 114 -14.14 -16.15 -29.03
N VAL G 115 -15.17 -15.38 -28.67
CA VAL G 115 -16.31 -15.09 -29.53
C VAL G 115 -15.82 -14.30 -30.73
N THR G 116 -16.29 -14.68 -31.95
CA THR G 116 -15.93 -14.12 -33.24
C THR G 116 -17.06 -13.26 -33.81
N ILE G 117 -18.31 -13.69 -33.63
CA ILE G 117 -19.46 -12.94 -34.10
C ILE G 117 -20.38 -12.67 -32.91
N VAL G 118 -20.71 -11.39 -32.63
CA VAL G 118 -21.61 -11.02 -31.53
C VAL G 118 -22.92 -10.52 -32.13
N VAL G 119 -24.06 -11.05 -31.69
CA VAL G 119 -25.35 -10.57 -32.18
C VAL G 119 -26.11 -10.05 -30.96
N ASN G 120 -25.96 -8.75 -30.71
CA ASN G 120 -26.57 -8.06 -29.60
C ASN G 120 -28.05 -7.89 -29.87
N ASN G 121 -28.82 -8.94 -29.58
CA ASN G 121 -30.24 -8.95 -29.85
C ASN G 121 -31.06 -8.46 -28.64
N ALA G 122 -30.91 -9.11 -27.46
CA ALA G 122 -31.61 -8.80 -26.20
C ALA G 122 -32.05 -7.35 -26.05
N GLY G 123 -33.35 -7.15 -25.96
CA GLY G 123 -33.94 -5.82 -25.81
C GLY G 123 -35.05 -5.82 -24.80
N THR G 124 -35.44 -4.64 -24.36
CA THR G 124 -36.55 -4.49 -23.43
C THR G 124 -37.35 -3.23 -23.74
N VAL G 125 -38.66 -3.27 -23.46
CA VAL G 125 -39.54 -2.14 -23.71
C VAL G 125 -40.65 -2.10 -22.64
N TYR G 126 -40.99 -0.88 -22.20
CA TYR G 126 -42.05 -0.66 -21.24
C TYR G 126 -42.93 0.45 -21.82
N PRO G 127 -43.84 0.11 -22.77
CA PRO G 127 -44.66 1.16 -23.41
C PRO G 127 -45.50 1.99 -22.46
N ALA G 128 -45.38 3.32 -22.55
CA ALA G 128 -46.10 4.31 -21.76
C ALA G 128 -45.74 5.71 -22.23
N ASP G 129 -46.67 6.68 -22.06
CA ASP G 129 -46.36 8.08 -22.37
C ASP G 129 -45.35 8.55 -21.30
N LEU G 130 -44.41 9.45 -21.68
CA LEU G 130 -43.35 9.92 -20.78
C LEU G 130 -43.76 10.15 -19.30
N LEU G 131 -44.91 10.83 -19.06
CA LEU G 131 -45.36 11.12 -17.70
C LEU G 131 -45.89 9.90 -16.94
N SER G 132 -46.31 8.85 -17.68
CA SER G 132 -46.84 7.60 -17.13
C SER G 132 -45.82 6.44 -17.12
N THR G 133 -44.52 6.75 -17.24
CA THR G 133 -43.46 5.75 -17.19
C THR G 133 -42.82 5.76 -15.80
N LYS G 134 -42.10 4.68 -15.43
CA LYS G 134 -41.36 4.72 -14.17
C LYS G 134 -39.84 4.82 -14.45
N ASP G 135 -39.13 5.54 -13.55
CA ASP G 135 -37.71 5.85 -13.67
C ASP G 135 -36.80 4.62 -13.70
N GLU G 136 -37.15 3.55 -12.95
CA GLU G 136 -36.41 2.29 -12.93
C GLU G 136 -36.50 1.60 -14.29
N GLU G 137 -37.66 1.70 -14.96
CA GLU G 137 -37.90 1.15 -16.29
C GLU G 137 -37.12 1.92 -17.37
N ILE G 138 -37.05 3.26 -17.28
CA ILE G 138 -36.29 4.10 -18.22
C ILE G 138 -34.79 3.74 -18.14
N THR G 139 -34.30 3.47 -16.93
CA THR G 139 -32.93 3.05 -16.70
C THR G 139 -32.75 1.66 -17.30
N LYS G 140 -33.63 0.69 -16.94
CA LYS G 140 -33.56 -0.71 -17.42
C LYS G 140 -33.57 -0.80 -18.94
N THR G 141 -34.29 0.11 -19.60
CA THR G 141 -34.32 0.16 -21.06
C THR G 141 -32.94 0.53 -21.57
N PHE G 142 -32.30 1.52 -20.95
CA PHE G 142 -30.98 1.99 -21.32
C PHE G 142 -29.85 0.99 -21.08
N GLU G 143 -29.87 0.24 -19.97
CA GLU G 143 -28.80 -0.71 -19.72
C GLU G 143 -28.95 -2.00 -20.52
N VAL G 144 -30.14 -2.30 -21.04
CA VAL G 144 -30.33 -3.50 -21.85
C VAL G 144 -30.12 -3.20 -23.32
N ASN G 145 -30.77 -2.15 -23.83
CA ASN G 145 -30.74 -1.81 -25.24
C ASN G 145 -29.45 -1.19 -25.72
N ILE G 146 -28.66 -0.54 -24.82
CA ILE G 146 -27.41 0.07 -25.30
C ILE G 146 -26.22 -0.08 -24.34
N LEU G 147 -26.43 -0.03 -23.02
CA LEU G 147 -25.31 -0.16 -22.09
C LEU G 147 -24.71 -1.57 -22.14
N GLY G 148 -25.55 -2.59 -22.29
CA GLY G 148 -25.08 -3.97 -22.44
C GLY G 148 -24.20 -4.18 -23.66
N HIS G 149 -24.54 -3.48 -24.76
CA HIS G 149 -23.78 -3.49 -26.02
C HIS G 149 -22.37 -2.99 -25.73
N PHE G 150 -22.22 -1.94 -24.91
CA PHE G 150 -20.91 -1.41 -24.58
C PHE G 150 -20.04 -2.41 -23.82
N TRP G 151 -20.63 -3.11 -22.85
CA TRP G 151 -19.84 -4.01 -22.03
C TRP G 151 -19.52 -5.30 -22.75
N ILE G 152 -20.44 -5.81 -23.58
CA ILE G 152 -20.20 -7.03 -24.34
C ILE G 152 -19.13 -6.76 -25.40
N THR G 153 -19.26 -5.60 -26.11
CA THR G 153 -18.31 -5.18 -27.16
C THR G 153 -16.90 -4.96 -26.59
N LYS G 154 -16.77 -4.21 -25.50
CA LYS G 154 -15.48 -3.94 -24.86
C LYS G 154 -14.78 -5.22 -24.44
N ALA G 155 -15.54 -6.22 -24.00
CA ALA G 155 -14.96 -7.48 -23.56
C ALA G 155 -14.49 -8.39 -24.69
N LEU G 156 -15.26 -8.49 -25.77
CA LEU G 156 -14.94 -9.39 -26.88
C LEU G 156 -14.12 -8.76 -28.00
N LEU G 157 -13.99 -7.43 -28.01
CA LEU G 157 -13.27 -6.69 -29.04
C LEU G 157 -11.74 -6.83 -29.00
N PRO G 158 -11.06 -6.93 -27.83
CA PRO G 158 -9.59 -7.10 -27.86
C PRO G 158 -9.06 -8.33 -28.63
N SER G 159 -9.78 -9.48 -28.62
CA SER G 159 -9.37 -10.67 -29.37
C SER G 159 -9.59 -10.43 -30.88
N MET G 160 -10.73 -9.81 -31.23
CA MET G 160 -11.02 -9.44 -32.61
C MET G 160 -9.95 -8.49 -33.13
N MET G 161 -9.54 -7.53 -32.32
CA MET G 161 -8.49 -6.55 -32.58
C MET G 161 -7.16 -7.24 -32.92
N LYS G 162 -6.75 -8.20 -32.07
CA LYS G 162 -5.51 -8.93 -32.23
C LYS G 162 -5.55 -9.77 -33.52
N ARG G 163 -6.70 -10.39 -33.83
CA ARG G 163 -6.80 -11.23 -35.00
C ARG G 163 -7.40 -10.54 -36.22
N ASN G 164 -7.60 -9.19 -36.19
CA ASN G 164 -8.25 -8.35 -37.22
C ASN G 164 -9.45 -9.08 -37.84
N HIS G 165 -10.26 -9.71 -36.98
CA HIS G 165 -11.36 -10.52 -37.44
C HIS G 165 -12.48 -10.57 -36.43
N GLY G 166 -13.68 -10.22 -36.86
CA GLY G 166 -14.86 -10.25 -36.01
C GLY G 166 -16.09 -9.71 -36.69
N HIS G 167 -17.27 -9.81 -36.02
CA HIS G 167 -18.53 -9.26 -36.55
C HIS G 167 -19.47 -8.81 -35.41
N ILE G 168 -19.53 -7.50 -35.12
CA ILE G 168 -20.39 -6.97 -34.07
C ILE G 168 -21.75 -6.54 -34.67
N VAL G 169 -22.80 -7.31 -34.40
CA VAL G 169 -24.15 -7.07 -34.93
C VAL G 169 -25.06 -6.38 -33.90
N THR G 170 -25.43 -5.15 -34.17
CA THR G 170 -26.29 -4.37 -33.27
C THR G 170 -27.74 -4.51 -33.72
N VAL G 171 -28.62 -5.18 -32.94
CA VAL G 171 -30.04 -5.26 -33.33
C VAL G 171 -30.76 -4.04 -32.75
N ALA G 172 -30.87 -2.96 -33.55
CA ALA G 172 -31.53 -1.73 -33.13
C ALA G 172 -33.07 -1.76 -33.52
N SER G 173 -33.63 -0.93 -34.43
CA SER G 173 -35.05 -0.87 -34.81
C SER G 173 -35.32 0.39 -35.67
N VAL G 174 -36.47 0.50 -36.38
CA VAL G 174 -36.79 1.77 -37.09
C VAL G 174 -36.91 2.93 -36.06
N CYS G 175 -37.22 2.60 -34.79
CA CYS G 175 -37.28 3.50 -33.65
C CYS G 175 -35.93 4.13 -33.30
N GLY G 176 -34.84 3.67 -33.92
CA GLY G 176 -33.51 4.23 -33.78
C GLY G 176 -33.21 5.28 -34.85
N HIS G 177 -34.20 5.51 -35.74
CA HIS G 177 -34.17 6.46 -36.85
C HIS G 177 -35.28 7.52 -36.73
N GLU G 178 -36.40 7.17 -36.08
CA GLU G 178 -37.50 8.10 -35.85
C GLU G 178 -38.19 7.79 -34.51
N GLY G 179 -38.51 8.83 -33.76
CA GLY G 179 -39.18 8.69 -32.49
C GLY G 179 -40.67 8.50 -32.67
N ILE G 180 -41.27 7.63 -31.85
CA ILE G 180 -42.70 7.36 -31.96
C ILE G 180 -43.39 7.56 -30.57
N PRO G 181 -44.68 7.97 -30.53
CA PRO G 181 -45.33 8.20 -29.22
C PRO G 181 -45.43 6.96 -28.37
N TYR G 182 -45.48 7.16 -27.05
CA TYR G 182 -45.63 6.12 -26.02
C TYR G 182 -44.45 5.15 -25.96
N LEU G 183 -43.31 5.50 -26.60
CA LEU G 183 -42.10 4.68 -26.62
C LEU G 183 -40.86 5.59 -26.60
N ILE G 184 -40.92 6.78 -25.96
CA ILE G 184 -39.79 7.72 -25.94
C ILE G 184 -38.50 7.13 -25.31
N PRO G 185 -38.50 6.47 -24.13
CA PRO G 185 -37.22 5.90 -23.64
C PRO G 185 -36.73 4.76 -24.50
N TYR G 186 -37.64 3.98 -25.12
CA TYR G 186 -37.25 2.89 -26.00
C TYR G 186 -36.59 3.43 -27.28
N CYS G 187 -37.21 4.44 -27.93
CA CYS G 187 -36.68 5.10 -29.12
C CYS G 187 -35.35 5.72 -28.81
N SER G 188 -35.20 6.40 -27.66
CA SER G 188 -33.94 7.02 -27.24
C SER G 188 -32.81 5.98 -27.13
N SER G 189 -33.08 4.78 -26.59
CA SER G 189 -32.08 3.70 -26.45
C SER G 189 -31.76 3.03 -27.79
N LYS G 190 -32.74 2.97 -28.69
CA LYS G 190 -32.56 2.44 -30.04
C LYS G 190 -31.76 3.44 -30.89
N PHE G 191 -31.91 4.76 -30.65
CA PHE G 191 -31.14 5.80 -31.33
C PHE G 191 -29.67 5.68 -30.88
N ALA G 192 -29.45 5.43 -29.57
CA ALA G 192 -28.16 5.19 -28.95
C ALA G 192 -27.53 3.95 -29.53
N ALA G 193 -28.31 2.89 -29.79
CA ALA G 193 -27.81 1.63 -30.37
C ALA G 193 -27.31 1.85 -31.80
N VAL G 194 -28.05 2.69 -32.58
CA VAL G 194 -27.68 3.06 -33.95
C VAL G 194 -26.39 3.86 -33.91
N GLY G 195 -26.31 4.82 -32.99
CA GLY G 195 -25.13 5.66 -32.79
C GLY G 195 -23.91 4.88 -32.40
N PHE G 196 -24.10 3.82 -31.60
CA PHE G 196 -23.04 2.90 -31.18
C PHE G 196 -22.48 2.20 -32.44
N HIS G 197 -23.35 1.68 -33.30
CA HIS G 197 -22.96 1.02 -34.54
C HIS G 197 -22.24 2.00 -35.46
N ARG G 198 -22.76 3.22 -35.61
CA ARG G 198 -22.14 4.22 -36.48
C ARG G 198 -20.74 4.58 -36.00
N GLY G 199 -20.60 4.86 -34.70
CA GLY G 199 -19.36 5.23 -34.06
C GLY G 199 -18.34 4.11 -34.07
N LEU G 200 -18.82 2.87 -33.91
CA LEU G 200 -17.97 1.68 -33.92
C LEU G 200 -17.41 1.44 -35.31
N THR G 201 -18.27 1.55 -36.34
CA THR G 201 -17.89 1.41 -37.74
C THR G 201 -16.83 2.44 -38.10
N SER G 202 -17.01 3.70 -37.63
CA SER G 202 -16.08 4.79 -37.89
C SER G 202 -14.73 4.51 -37.27
N GLU G 203 -14.74 4.08 -36.00
CA GLU G 203 -13.52 3.83 -35.25
C GLU G 203 -12.72 2.68 -35.80
N LEU G 204 -13.38 1.57 -36.13
CA LEU G 204 -12.68 0.41 -36.69
C LEU G 204 -12.03 0.78 -38.04
N GLN G 205 -12.67 1.66 -38.83
CA GLN G 205 -12.18 2.13 -40.11
C GLN G 205 -10.94 3.01 -39.90
N ALA G 206 -11.01 3.93 -38.91
CA ALA G 206 -9.93 4.85 -38.56
C ALA G 206 -8.73 4.10 -37.99
N LEU G 207 -8.99 3.04 -37.21
CA LEU G 207 -7.91 2.22 -36.63
C LEU G 207 -7.33 1.18 -37.60
N GLY G 208 -7.90 1.06 -38.81
CA GLY G 208 -7.42 0.14 -39.83
C GLY G 208 -7.90 -1.30 -39.66
N LYS G 209 -8.82 -1.55 -38.72
CA LYS G 209 -9.38 -2.88 -38.46
C LYS G 209 -10.46 -3.28 -39.47
N THR G 210 -10.05 -3.39 -40.72
CA THR G 210 -10.86 -3.79 -41.88
C THR G 210 -11.58 -5.15 -41.71
N GLY G 211 -10.95 -6.10 -41.03
CA GLY G 211 -11.49 -7.43 -40.82
C GLY G 211 -12.56 -7.54 -39.75
N ILE G 212 -12.80 -6.45 -38.99
CA ILE G 212 -13.87 -6.46 -38.00
C ILE G 212 -15.11 -5.82 -38.62
N LYS G 213 -16.09 -6.64 -38.98
CA LYS G 213 -17.32 -6.17 -39.61
C LYS G 213 -18.39 -5.78 -38.60
N THR G 214 -19.33 -4.92 -39.03
CA THR G 214 -20.41 -4.43 -38.18
C THR G 214 -21.72 -4.39 -38.99
N SER G 215 -22.82 -4.77 -38.36
CA SER G 215 -24.12 -4.77 -39.00
C SER G 215 -25.13 -4.19 -38.03
N CYS G 216 -26.14 -3.48 -38.55
CA CYS G 216 -27.17 -2.90 -37.71
C CYS G 216 -28.51 -3.27 -38.28
N LEU G 217 -29.28 -4.03 -37.50
CA LEU G 217 -30.59 -4.47 -37.93
C LEU G 217 -31.67 -3.49 -37.46
N CYS G 218 -32.38 -2.85 -38.40
CA CYS G 218 -33.45 -1.92 -38.07
C CYS G 218 -34.78 -2.35 -38.70
N PRO G 219 -35.51 -3.28 -38.06
CA PRO G 219 -36.80 -3.70 -38.62
C PRO G 219 -37.98 -2.88 -38.12
N VAL G 220 -39.11 -2.95 -38.86
CA VAL G 220 -40.35 -2.32 -38.44
C VAL G 220 -41.05 -3.32 -37.45
N PHE G 221 -42.29 -3.07 -37.01
CA PHE G 221 -42.98 -3.96 -36.08
C PHE G 221 -43.03 -5.42 -36.59
N VAL G 222 -42.48 -6.34 -35.79
CA VAL G 222 -42.48 -7.78 -36.04
C VAL G 222 -43.40 -8.44 -35.00
N ASN G 223 -44.22 -9.41 -35.44
CA ASN G 223 -45.15 -10.14 -34.57
C ASN G 223 -44.41 -11.17 -33.69
N THR G 224 -43.63 -10.72 -32.68
CA THR G 224 -42.88 -11.64 -31.79
C THR G 224 -43.30 -11.61 -30.32
N GLY G 225 -44.25 -10.75 -29.98
CA GLY G 225 -44.70 -10.65 -28.59
C GLY G 225 -43.96 -9.59 -27.78
N PHE G 226 -43.27 -8.68 -28.48
CA PHE G 226 -42.54 -7.58 -27.89
C PHE G 226 -43.53 -6.43 -27.57
N THR G 227 -44.51 -6.19 -28.47
CA THR G 227 -45.60 -5.19 -28.39
C THR G 227 -46.86 -5.74 -29.14
N LYS G 228 -48.00 -5.03 -29.11
CA LYS G 228 -49.24 -5.47 -29.80
C LYS G 228 -49.47 -4.70 -31.11
N LEU G 238 -45.34 -7.81 -40.71
CA LEU G 238 -43.96 -8.30 -40.86
C LEU G 238 -43.69 -9.49 -39.92
N GLU G 239 -43.06 -10.56 -40.44
CA GLU G 239 -42.82 -11.76 -39.63
C GLU G 239 -41.35 -12.03 -39.20
N THR G 240 -41.23 -12.79 -38.07
CA THR G 240 -39.97 -13.19 -37.46
C THR G 240 -39.08 -13.98 -38.44
N ASP G 241 -39.66 -14.86 -39.28
CA ASP G 241 -38.91 -15.63 -40.25
C ASP G 241 -38.33 -14.71 -41.32
N GLU G 242 -39.12 -13.76 -41.79
CA GLU G 242 -38.70 -12.83 -42.82
C GLU G 242 -37.53 -11.96 -42.33
N VAL G 243 -37.68 -11.43 -41.11
CA VAL G 243 -36.65 -10.60 -40.52
C VAL G 243 -35.38 -11.38 -40.24
N VAL G 244 -35.49 -12.65 -39.84
CA VAL G 244 -34.31 -13.47 -39.60
C VAL G 244 -33.61 -13.79 -40.93
N ARG G 245 -34.37 -13.98 -42.03
CA ARG G 245 -33.76 -14.19 -43.35
C ARG G 245 -33.05 -12.92 -43.81
N SER G 246 -33.64 -11.76 -43.54
CA SER G 246 -33.07 -10.48 -43.91
C SER G 246 -31.76 -10.19 -43.16
N LEU G 247 -31.78 -10.37 -41.81
CA LEU G 247 -30.62 -10.16 -40.95
C LEU G 247 -29.52 -11.14 -41.31
N ILE G 248 -29.84 -12.41 -41.53
CA ILE G 248 -28.83 -13.41 -41.91
C ILE G 248 -28.17 -13.05 -43.23
N ASP G 249 -28.95 -12.49 -44.16
CA ASP G 249 -28.40 -12.09 -45.43
C ASP G 249 -27.46 -10.90 -45.31
N GLY G 250 -27.79 -9.96 -44.44
CA GLY G 250 -26.95 -8.78 -44.22
C GLY G 250 -25.67 -9.10 -43.49
N ILE G 251 -25.71 -10.05 -42.51
CA ILE G 251 -24.55 -10.51 -41.76
C ILE G 251 -23.59 -11.18 -42.74
N LEU G 252 -24.11 -12.10 -43.58
CA LEU G 252 -23.29 -12.84 -44.55
C LEU G 252 -22.86 -12.02 -45.77
N THR G 253 -23.43 -10.84 -45.97
CA THR G 253 -23.06 -9.96 -47.07
C THR G 253 -22.27 -8.72 -46.56
N ASN G 254 -21.99 -8.67 -45.23
CA ASN G 254 -21.25 -7.61 -44.54
C ASN G 254 -21.94 -6.22 -44.62
N LYS G 255 -23.26 -6.21 -44.92
CA LYS G 255 -24.11 -5.03 -45.04
C LYS G 255 -24.11 -4.32 -43.69
N LYS G 256 -23.75 -3.03 -43.68
CA LYS G 256 -23.65 -2.26 -42.44
C LYS G 256 -24.99 -1.85 -41.88
N MET G 257 -25.90 -1.33 -42.71
CA MET G 257 -27.22 -0.92 -42.23
C MET G 257 -28.35 -1.71 -42.94
N ILE G 258 -28.91 -2.68 -42.21
CA ILE G 258 -29.94 -3.61 -42.65
C ILE G 258 -31.34 -3.16 -42.21
N PHE G 259 -32.15 -2.64 -43.12
CA PHE G 259 -33.53 -2.23 -42.80
C PHE G 259 -34.49 -3.32 -43.26
N VAL G 260 -35.49 -3.63 -42.44
CA VAL G 260 -36.49 -4.60 -42.84
C VAL G 260 -37.83 -3.89 -42.85
N PRO G 261 -38.40 -3.56 -44.03
CA PRO G 261 -37.91 -3.83 -45.40
C PRO G 261 -36.89 -2.82 -45.92
N SER G 262 -36.11 -3.18 -46.94
CA SER G 262 -35.03 -2.31 -47.42
C SER G 262 -35.44 -0.84 -47.72
N TYR G 263 -36.52 -0.63 -48.49
CA TYR G 263 -37.07 0.67 -48.91
C TYR G 263 -37.66 1.54 -47.79
N ILE G 264 -37.52 1.11 -46.55
CA ILE G 264 -38.04 1.85 -45.41
C ILE G 264 -37.25 3.18 -45.20
N ASN G 265 -36.00 3.27 -45.71
CA ASN G 265 -35.20 4.49 -45.63
C ASN G 265 -35.89 5.61 -46.40
N ILE G 266 -36.51 5.29 -47.57
CA ILE G 266 -37.21 6.29 -48.37
C ILE G 266 -38.36 6.89 -47.59
N PHE G 267 -39.14 6.05 -46.89
CA PHE G 267 -40.27 6.49 -46.06
C PHE G 267 -39.82 7.40 -44.95
N LEU G 268 -38.70 7.08 -44.33
CA LEU G 268 -38.14 7.89 -43.26
C LEU G 268 -37.71 9.25 -43.80
N ARG G 269 -37.04 9.29 -44.95
CA ARG G 269 -36.61 10.56 -45.54
C ARG G 269 -37.82 11.40 -46.03
N LEU G 270 -38.88 10.72 -46.49
CA LEU G 270 -40.14 11.30 -46.95
C LEU G 270 -40.87 12.02 -45.82
N GLN G 271 -40.66 11.59 -44.52
CA GLN G 271 -41.26 12.15 -43.30
C GLN G 271 -41.14 13.68 -43.25
N LYS G 272 -39.93 14.24 -43.47
CA LYS G 272 -39.80 15.71 -43.49
C LYS G 272 -40.36 16.30 -44.85
N PHE G 273 -39.65 16.12 -46.00
CA PHE G 273 -40.09 16.59 -47.33
C PHE G 273 -39.33 15.92 -48.49
N ASN H 3 -32.92 22.64 -77.78
CA ASN H 3 -31.93 22.28 -76.76
C ASN H 3 -31.23 23.50 -76.16
N ILE H 4 -30.61 24.36 -76.98
CA ILE H 4 -29.99 25.59 -76.46
C ILE H 4 -31.09 26.51 -75.90
N ILE H 5 -32.21 26.58 -76.63
CA ILE H 5 -33.40 27.31 -76.23
C ILE H 5 -34.01 26.69 -74.94
N LEU H 6 -33.83 25.38 -74.73
CA LEU H 6 -34.24 24.72 -73.51
C LEU H 6 -33.26 24.99 -72.34
N GLU H 7 -31.97 25.24 -72.65
CA GLU H 7 -30.98 25.62 -71.64
C GLU H 7 -31.30 27.06 -71.19
N ILE H 8 -31.59 27.95 -72.16
CA ILE H 8 -31.93 29.34 -71.88
C ILE H 8 -33.20 29.42 -71.05
N LEU H 9 -34.18 28.51 -71.31
CA LEU H 9 -35.39 28.44 -70.53
C LEU H 9 -35.10 28.05 -69.07
N LEU H 10 -34.18 27.10 -68.86
CA LEU H 10 -33.78 26.69 -67.51
C LEU H 10 -33.08 27.86 -66.78
N LEU H 11 -32.32 28.69 -67.49
CA LEU H 11 -31.63 29.83 -66.92
C LEU H 11 -32.69 30.83 -66.41
N LEU H 12 -33.68 31.20 -67.27
CA LEU H 12 -34.74 32.15 -66.92
C LEU H 12 -35.55 31.64 -65.75
N ILE H 13 -35.88 30.35 -65.75
CA ILE H 13 -36.66 29.75 -64.69
C ILE H 13 -35.92 29.79 -63.34
N THR H 14 -34.60 29.53 -63.37
CA THR H 14 -33.80 29.54 -62.14
C THR H 14 -33.72 30.93 -61.58
N ILE H 15 -33.58 31.93 -62.45
CA ILE H 15 -33.58 33.35 -62.08
C ILE H 15 -34.93 33.81 -61.52
N ILE H 16 -36.07 33.45 -62.19
CA ILE H 16 -37.40 33.81 -61.72
C ILE H 16 -37.67 33.13 -60.39
N TYR H 17 -37.24 31.86 -60.25
CA TYR H 17 -37.43 31.13 -58.99
C TYR H 17 -36.68 31.83 -57.86
N SER H 18 -35.43 32.17 -58.14
CA SER H 18 -34.55 32.82 -57.18
C SER H 18 -35.12 34.16 -56.73
N TYR H 19 -35.69 34.94 -57.68
CA TYR H 19 -36.33 36.22 -57.36
C TYR H 19 -37.58 36.07 -56.47
N LEU H 20 -38.48 35.12 -56.79
CA LEU H 20 -39.70 34.90 -56.02
C LEU H 20 -39.39 34.39 -54.61
N GLU H 21 -38.38 33.53 -54.45
CA GLU H 21 -38.03 33.02 -53.12
C GLU H 21 -37.43 34.13 -52.26
N SER H 22 -36.69 35.09 -52.87
CA SER H 22 -36.14 36.25 -52.17
C SER H 22 -37.26 37.19 -51.78
N LEU H 23 -38.30 37.33 -52.62
CA LEU H 23 -39.47 38.14 -52.32
C LEU H 23 -40.18 37.59 -51.08
N VAL H 24 -40.39 36.27 -51.01
CA VAL H 24 -41.03 35.65 -49.83
C VAL H 24 -40.19 35.87 -48.59
N LYS H 25 -38.87 35.69 -48.70
CA LYS H 25 -37.93 35.85 -47.61
C LYS H 25 -38.02 37.30 -47.05
N PHE H 26 -38.10 38.27 -47.95
CA PHE H 26 -38.16 39.69 -47.66
C PHE H 26 -39.47 40.17 -47.08
N PHE H 27 -40.59 39.85 -47.72
CA PHE H 27 -41.90 40.30 -47.24
C PHE H 27 -42.51 39.44 -46.14
N ILE H 28 -42.34 38.12 -46.20
CA ILE H 28 -42.91 37.23 -45.19
C ILE H 28 -41.81 36.58 -44.35
N PRO H 29 -41.27 37.28 -43.34
CA PRO H 29 -40.24 36.64 -42.51
C PRO H 29 -40.88 35.78 -41.44
N GLN H 30 -40.05 34.90 -40.87
CA GLN H 30 -40.49 34.01 -39.82
C GLN H 30 -40.81 34.85 -38.58
N ARG H 31 -42.03 34.71 -38.05
CA ARG H 31 -42.46 35.46 -36.90
C ARG H 31 -41.79 34.90 -35.65
N ARG H 32 -41.23 35.77 -34.82
CA ARG H 32 -40.56 35.34 -33.61
C ARG H 32 -41.54 35.26 -32.37
N LYS H 33 -41.05 34.75 -31.24
CA LYS H 33 -41.80 34.61 -29.99
C LYS H 33 -41.20 35.61 -28.96
N SER H 34 -41.94 35.92 -27.88
CA SER H 34 -41.36 36.76 -26.84
C SER H 34 -41.11 35.88 -25.66
N VAL H 35 -39.86 35.88 -25.18
CA VAL H 35 -39.52 35.08 -24.00
C VAL H 35 -39.76 35.88 -22.69
N ALA H 36 -40.44 37.05 -22.75
CA ALA H 36 -40.72 37.82 -21.55
C ALA H 36 -41.80 37.15 -20.69
N GLY H 37 -41.56 37.06 -19.38
CA GLY H 37 -42.50 36.44 -18.46
C GLY H 37 -42.38 34.93 -18.30
N GLU H 38 -41.43 34.33 -19.01
CA GLU H 38 -41.20 32.90 -18.94
C GLU H 38 -40.13 32.63 -17.93
N ILE H 39 -40.21 31.49 -17.27
CA ILE H 39 -39.18 31.07 -16.33
C ILE H 39 -38.28 30.08 -17.10
N VAL H 40 -37.02 30.47 -17.40
CA VAL H 40 -36.08 29.66 -18.17
C VAL H 40 -35.04 28.95 -17.29
N LEU H 41 -34.98 27.62 -17.42
CA LEU H 41 -34.02 26.79 -16.70
C LEU H 41 -32.89 26.47 -17.66
N ILE H 42 -31.66 26.83 -17.29
CA ILE H 42 -30.50 26.59 -18.14
C ILE H 42 -29.47 25.73 -17.41
N THR H 43 -29.38 24.43 -17.78
CA THR H 43 -28.41 23.55 -17.14
C THR H 43 -27.05 23.78 -17.78
N GLY H 44 -25.98 23.56 -17.01
CA GLY H 44 -24.62 23.80 -17.48
C GLY H 44 -24.38 25.27 -17.79
N ALA H 45 -24.99 26.16 -16.99
CA ALA H 45 -24.93 27.63 -17.17
C ALA H 45 -23.67 28.32 -16.63
N GLY H 46 -22.72 27.56 -16.13
CA GLY H 46 -21.50 28.11 -15.57
C GLY H 46 -20.35 28.34 -16.54
N HIS H 47 -20.56 28.04 -17.82
CA HIS H 47 -19.53 28.22 -18.83
C HIS H 47 -20.09 27.98 -20.24
N GLY H 48 -19.32 28.40 -21.24
CA GLY H 48 -19.60 28.19 -22.65
C GLY H 48 -20.99 28.53 -23.16
N ILE H 49 -21.58 27.60 -23.92
CA ILE H 49 -22.89 27.75 -24.53
C ILE H 49 -23.98 28.09 -23.51
N GLY H 50 -23.98 27.39 -22.37
CA GLY H 50 -24.97 27.64 -21.33
C GLY H 50 -24.88 29.03 -20.75
N ARG H 51 -23.65 29.54 -20.54
CA ARG H 51 -23.45 30.90 -20.00
C ARG H 51 -23.91 31.96 -20.98
N GLN H 52 -23.52 31.84 -22.26
CA GLN H 52 -23.90 32.81 -23.26
C GLN H 52 -25.38 32.79 -23.52
N THR H 53 -25.99 31.60 -23.52
CA THR H 53 -27.45 31.45 -23.72
C THR H 53 -28.20 32.16 -22.60
N THR H 54 -27.69 32.05 -21.37
CA THR H 54 -28.24 32.71 -20.18
C THR H 54 -28.32 34.22 -20.38
N TYR H 55 -27.23 34.82 -20.87
CA TYR H 55 -27.12 36.24 -21.13
C TYR H 55 -28.14 36.69 -22.19
N GLU H 56 -28.45 35.85 -23.19
CA GLU H 56 -29.45 36.19 -24.22
C GLU H 56 -30.85 36.20 -23.66
N PHE H 57 -31.15 35.32 -22.71
CA PHE H 57 -32.46 35.30 -22.06
C PHE H 57 -32.57 36.47 -21.09
N ALA H 58 -31.46 36.85 -20.42
CA ALA H 58 -31.43 38.01 -19.52
C ALA H 58 -31.73 39.27 -20.32
N LYS H 59 -31.11 39.43 -21.50
CA LYS H 59 -31.37 40.58 -22.35
C LYS H 59 -32.84 40.67 -22.77
N ARG H 60 -33.49 39.51 -22.95
CA ARG H 60 -34.89 39.42 -23.35
C ARG H 60 -35.87 39.47 -22.17
N LYS H 61 -35.38 39.79 -20.97
CA LYS H 61 -36.14 39.95 -19.73
C LYS H 61 -36.90 38.68 -19.33
N SER H 62 -36.15 37.57 -19.26
CA SER H 62 -36.69 36.27 -18.88
C SER H 62 -36.47 35.99 -17.38
N ARG H 63 -36.89 34.81 -16.88
CA ARG H 63 -36.70 34.49 -15.46
C ARG H 63 -35.72 33.33 -15.28
N LEU H 64 -34.46 33.71 -15.18
CA LEU H 64 -33.27 32.88 -15.11
C LEU H 64 -33.12 31.97 -13.89
N VAL H 65 -33.08 30.62 -14.11
CA VAL H 65 -32.83 29.56 -13.13
C VAL H 65 -31.57 28.81 -13.64
N LEU H 66 -30.41 29.21 -13.15
CA LEU H 66 -29.10 28.72 -13.56
C LEU H 66 -28.64 27.50 -12.80
N TRP H 67 -28.38 26.37 -13.47
CA TRP H 67 -27.92 25.14 -12.82
C TRP H 67 -26.53 24.76 -13.31
N ASP H 68 -25.65 24.29 -12.43
CA ASP H 68 -24.31 23.81 -12.80
C ASP H 68 -23.65 23.11 -11.61
N ILE H 69 -22.76 22.15 -11.87
CA ILE H 69 -22.01 21.48 -10.80
C ILE H 69 -20.90 22.39 -10.25
N ASN H 70 -20.38 23.30 -11.08
CA ASN H 70 -19.30 24.25 -10.79
C ASN H 70 -19.89 25.51 -10.12
N LYS H 71 -19.81 25.55 -8.78
CA LYS H 71 -20.34 26.65 -7.96
C LYS H 71 -19.81 28.03 -8.34
N HIS H 72 -18.50 28.13 -8.64
CA HIS H 72 -17.92 29.42 -9.00
C HIS H 72 -18.40 29.93 -10.35
N GLY H 73 -18.49 29.03 -11.32
CA GLY H 73 -18.93 29.35 -12.67
C GLY H 73 -20.37 29.81 -12.73
N VAL H 74 -21.29 29.09 -12.04
CA VAL H 74 -22.71 29.46 -12.04
C VAL H 74 -22.94 30.80 -11.32
N GLU H 75 -22.13 31.08 -10.27
CA GLU H 75 -22.18 32.33 -9.52
C GLU H 75 -21.67 33.50 -10.37
N GLU H 76 -20.63 33.26 -11.17
CA GLU H 76 -20.02 34.23 -12.10
C GLU H 76 -21.05 34.62 -13.18
N THR H 77 -21.86 33.65 -13.65
CA THR H 77 -22.90 33.88 -14.67
C THR H 77 -24.05 34.70 -14.08
N ALA H 78 -24.46 34.35 -12.86
CA ALA H 78 -25.52 35.07 -12.15
C ALA H 78 -25.13 36.52 -11.83
N ALA H 79 -23.83 36.77 -11.61
CA ALA H 79 -23.31 38.09 -11.30
C ALA H 79 -23.38 38.98 -12.54
N GLU H 80 -22.96 38.46 -13.71
CA GLU H 80 -23.05 39.23 -14.95
C GLU H 80 -24.49 39.41 -15.43
N CYS H 81 -25.43 38.57 -14.94
CA CYS H 81 -26.85 38.72 -15.23
C CYS H 81 -27.40 39.91 -14.48
N ARG H 82 -26.96 40.12 -13.21
CA ARG H 82 -27.36 41.26 -12.42
C ARG H 82 -26.95 42.58 -13.10
N LYS H 83 -25.73 42.60 -13.70
CA LYS H 83 -25.20 43.75 -14.45
C LYS H 83 -26.07 44.04 -15.68
N LEU H 84 -26.50 42.98 -16.38
CA LEU H 84 -27.37 43.10 -17.56
C LEU H 84 -28.71 43.74 -17.16
N GLY H 85 -29.24 43.34 -16.01
CA GLY H 85 -30.52 43.84 -15.53
C GLY H 85 -31.47 42.79 -14.99
N VAL H 86 -31.05 41.51 -14.91
CA VAL H 86 -31.91 40.44 -14.40
C VAL H 86 -31.26 39.75 -13.22
N THR H 87 -31.96 39.65 -12.07
CA THR H 87 -31.39 38.94 -10.92
C THR H 87 -31.73 37.46 -11.10
N ALA H 88 -30.71 36.65 -11.36
CA ALA H 88 -30.89 35.24 -11.62
C ALA H 88 -30.89 34.41 -10.34
N HIS H 89 -31.50 33.23 -10.39
CA HIS H 89 -31.53 32.30 -9.28
C HIS H 89 -30.58 31.19 -9.62
N ALA H 90 -29.34 31.26 -9.13
CA ALA H 90 -28.34 30.25 -9.42
C ALA H 90 -28.38 29.12 -8.41
N TYR H 91 -28.19 27.88 -8.87
CA TYR H 91 -28.19 26.69 -8.02
C TYR H 91 -27.05 25.75 -8.39
N VAL H 92 -26.54 25.00 -7.43
CA VAL H 92 -25.49 24.03 -7.70
C VAL H 92 -26.12 22.65 -7.73
N VAL H 93 -26.29 22.11 -8.93
CA VAL H 93 -26.90 20.79 -9.09
C VAL H 93 -26.01 19.84 -9.93
N ASP H 94 -26.12 18.55 -9.68
CA ASP H 94 -25.44 17.54 -10.46
C ASP H 94 -26.54 16.90 -11.31
N CYS H 95 -26.57 17.24 -12.61
CA CYS H 95 -27.59 16.74 -13.53
C CYS H 95 -27.48 15.23 -13.84
N SER H 96 -26.44 14.55 -13.33
CA SER H 96 -26.32 13.09 -13.48
C SER H 96 -27.19 12.38 -12.42
N ASN H 97 -27.38 13.01 -11.24
CA ASN H 97 -28.13 12.51 -10.10
C ASN H 97 -29.65 12.76 -10.20
N ARG H 98 -30.44 11.68 -10.35
CA ARG H 98 -31.89 11.75 -10.46
C ARG H 98 -32.49 12.31 -9.19
N GLU H 99 -32.04 11.79 -8.04
CA GLU H 99 -32.50 12.25 -6.73
C GLU H 99 -32.27 13.76 -6.53
N GLU H 100 -31.00 14.22 -6.65
CA GLU H 100 -30.58 15.61 -6.53
C GLU H 100 -31.31 16.53 -7.52
N ILE H 101 -31.71 16.02 -8.71
CA ILE H 101 -32.47 16.80 -9.70
C ILE H 101 -33.85 17.15 -9.13
N TYR H 102 -34.56 16.17 -8.53
CA TYR H 102 -35.88 16.39 -7.94
C TYR H 102 -35.80 17.27 -6.70
N ARG H 103 -34.75 17.07 -5.89
CA ARG H 103 -34.43 17.85 -4.69
C ARG H 103 -34.19 19.32 -5.10
N SER H 104 -33.51 19.54 -6.21
CA SER H 104 -33.21 20.86 -6.75
C SER H 104 -34.46 21.47 -7.39
N LEU H 105 -35.29 20.64 -8.06
CA LEU H 105 -36.51 21.08 -8.77
C LEU H 105 -37.63 21.49 -7.85
N ASN H 106 -37.70 20.90 -6.64
CA ASN H 106 -38.73 21.34 -5.70
C ASN H 106 -38.32 22.68 -5.05
N GLN H 107 -36.99 22.93 -4.90
CA GLN H 107 -36.44 24.18 -4.36
C GLN H 107 -36.78 25.33 -5.28
N VAL H 108 -36.66 25.13 -6.61
CA VAL H 108 -36.96 26.19 -7.58
C VAL H 108 -38.47 26.42 -7.74
N LYS H 109 -39.32 25.39 -7.52
CA LYS H 109 -40.77 25.59 -7.60
C LYS H 109 -41.23 26.51 -6.44
N LYS H 110 -40.58 26.35 -5.25
CA LYS H 110 -40.85 27.14 -4.06
C LYS H 110 -40.35 28.58 -4.19
N GLU H 111 -39.11 28.76 -4.65
CA GLU H 111 -38.47 30.09 -4.74
C GLU H 111 -38.74 30.90 -6.00
N VAL H 112 -38.90 30.23 -7.15
CA VAL H 112 -39.09 30.92 -8.43
C VAL H 112 -40.49 30.69 -9.03
N GLY H 113 -40.88 29.43 -9.16
CA GLY H 113 -42.18 29.06 -9.70
C GLY H 113 -42.09 27.90 -10.67
N ASP H 114 -43.06 27.77 -11.58
CA ASP H 114 -43.07 26.70 -12.56
C ASP H 114 -42.23 27.06 -13.78
N VAL H 115 -41.19 26.26 -14.07
CA VAL H 115 -40.33 26.47 -15.23
C VAL H 115 -41.16 26.30 -16.52
N THR H 116 -41.00 27.21 -17.51
CA THR H 116 -41.76 27.15 -18.76
C THR H 116 -40.89 26.82 -20.00
N ILE H 117 -39.61 27.19 -19.96
CA ILE H 117 -38.67 26.88 -21.03
C ILE H 117 -37.50 26.14 -20.37
N VAL H 118 -37.08 24.97 -20.90
CA VAL H 118 -35.95 24.19 -20.36
C VAL H 118 -34.87 24.07 -21.42
N VAL H 119 -33.65 24.50 -21.11
CA VAL H 119 -32.52 24.33 -22.00
C VAL H 119 -31.61 23.28 -21.35
N ASN H 120 -31.77 22.02 -21.73
CA ASN H 120 -30.96 20.93 -21.20
C ASN H 120 -29.64 20.99 -21.92
N ASN H 121 -28.72 21.82 -21.40
CA ASN H 121 -27.43 22.07 -22.01
C ASN H 121 -26.28 21.29 -21.37
N ALA H 122 -26.31 21.01 -20.04
CA ALA H 122 -25.24 20.30 -19.35
C ALA H 122 -24.83 18.99 -20.06
N GLY H 123 -23.53 18.81 -20.24
CA GLY H 123 -23.01 17.65 -20.93
C GLY H 123 -21.61 17.27 -20.49
N THR H 124 -21.20 16.04 -20.82
CA THR H 124 -19.87 15.52 -20.45
C THR H 124 -19.28 14.63 -21.56
N VAL H 125 -17.95 14.60 -21.65
CA VAL H 125 -17.25 13.81 -22.66
C VAL H 125 -15.91 13.33 -22.13
N TYR H 126 -15.52 12.10 -22.50
CA TYR H 126 -14.22 11.56 -22.11
C TYR H 126 -13.58 10.95 -23.36
N PRO H 127 -13.02 11.79 -24.26
CA PRO H 127 -12.49 11.25 -25.54
C PRO H 127 -11.44 10.17 -25.41
N ALA H 128 -11.69 9.03 -26.07
CA ALA H 128 -10.80 7.86 -26.10
C ALA H 128 -11.36 6.80 -27.04
N ASP H 129 -10.49 5.93 -27.56
CA ASP H 129 -10.95 4.80 -28.36
C ASP H 129 -11.65 3.83 -27.39
N LEU H 130 -12.70 3.13 -27.84
CA LEU H 130 -13.51 2.24 -27.00
C LEU H 130 -12.72 1.40 -25.97
N LEU H 131 -11.61 0.78 -26.38
CA LEU H 131 -10.83 -0.06 -25.48
C LEU H 131 -10.04 0.71 -24.40
N SER H 132 -9.83 2.01 -24.61
CA SER H 132 -9.20 2.89 -23.63
C SER H 132 -10.20 3.63 -22.73
N THR H 133 -11.51 3.43 -22.94
CA THR H 133 -12.52 4.09 -22.14
C THR H 133 -12.66 3.45 -20.76
N LYS H 134 -13.13 4.24 -19.79
CA LYS H 134 -13.39 3.74 -18.45
C LYS H 134 -14.89 3.50 -18.37
N ASP H 135 -15.33 2.34 -17.86
CA ASP H 135 -16.75 2.03 -17.74
C ASP H 135 -17.53 3.03 -16.89
N GLU H 136 -16.90 3.63 -15.87
CA GLU H 136 -17.55 4.64 -15.02
C GLU H 136 -17.86 5.90 -15.84
N GLU H 137 -16.94 6.27 -16.75
CA GLU H 137 -17.04 7.41 -17.65
C GLU H 137 -18.12 7.19 -18.69
N ILE H 138 -18.30 5.92 -19.16
CA ILE H 138 -19.35 5.57 -20.13
C ILE H 138 -20.71 5.78 -19.45
N THR H 139 -20.86 5.28 -18.21
CA THR H 139 -22.08 5.43 -17.44
C THR H 139 -22.36 6.92 -17.19
N LYS H 140 -21.34 7.69 -16.78
CA LYS H 140 -21.46 9.11 -16.54
C LYS H 140 -21.85 9.90 -17.78
N THR H 141 -21.35 9.48 -18.97
CA THR H 141 -21.69 10.14 -20.23
C THR H 141 -23.21 10.01 -20.47
N PHE H 142 -23.79 8.83 -20.23
CA PHE H 142 -25.21 8.62 -20.41
C PHE H 142 -26.06 9.32 -19.33
N GLU H 143 -25.57 9.34 -18.09
CA GLU H 143 -26.28 9.98 -16.98
C GLU H 143 -26.46 11.50 -17.20
N VAL H 144 -25.43 12.18 -17.71
CA VAL H 144 -25.52 13.62 -17.94
C VAL H 144 -26.15 13.98 -19.26
N ASN H 145 -25.69 13.33 -20.36
CA ASN H 145 -26.12 13.67 -21.72
C ASN H 145 -27.52 13.21 -22.11
N ILE H 146 -28.09 12.17 -21.45
CA ILE H 146 -29.45 11.74 -21.83
C ILE H 146 -30.35 11.43 -20.62
N LEU H 147 -29.91 10.62 -19.65
CA LEU H 147 -30.75 10.29 -18.51
C LEU H 147 -31.25 11.52 -17.73
N GLY H 148 -30.37 12.51 -17.54
CA GLY H 148 -30.73 13.76 -16.89
C GLY H 148 -31.82 14.51 -17.62
N HIS H 149 -31.85 14.42 -18.96
CA HIS H 149 -32.89 15.04 -19.80
C HIS H 149 -34.26 14.44 -19.47
N PHE H 150 -34.30 13.11 -19.23
CA PHE H 150 -35.53 12.40 -18.91
C PHE H 150 -36.09 12.84 -17.58
N TRP H 151 -35.25 12.98 -16.56
CA TRP H 151 -35.74 13.32 -15.23
C TRP H 151 -36.16 14.77 -15.12
N ILE H 152 -35.42 15.69 -15.77
CA ILE H 152 -35.78 17.10 -15.76
C ILE H 152 -37.09 17.33 -16.52
N THR H 153 -37.24 16.70 -17.70
CA THR H 153 -38.44 16.83 -18.50
C THR H 153 -39.65 16.22 -17.79
N LYS H 154 -39.55 14.98 -17.29
CA LYS H 154 -40.66 14.34 -16.58
C LYS H 154 -41.17 15.18 -15.40
N ALA H 155 -40.27 15.92 -14.74
CA ALA H 155 -40.62 16.74 -13.61
C ALA H 155 -41.26 18.07 -14.01
N LEU H 156 -40.79 18.68 -15.10
CA LEU H 156 -41.31 19.98 -15.52
C LEU H 156 -42.47 19.94 -16.52
N LEU H 157 -42.62 18.82 -17.21
CA LEU H 157 -43.66 18.62 -18.21
C LEU H 157 -45.09 18.71 -17.68
N PRO H 158 -45.45 18.16 -16.49
CA PRO H 158 -46.84 18.28 -16.01
C PRO H 158 -47.47 19.68 -16.01
N SER H 159 -46.71 20.70 -15.57
CA SER H 159 -47.14 22.09 -15.55
C SER H 159 -47.35 22.60 -16.99
N MET H 160 -46.45 22.23 -17.90
CA MET H 160 -46.49 22.56 -19.33
C MET H 160 -47.73 21.98 -19.98
N MET H 161 -48.06 20.74 -19.60
CA MET H 161 -49.21 20.02 -20.11
C MET H 161 -50.49 20.69 -19.67
N LYS H 162 -50.57 21.08 -18.39
CA LYS H 162 -51.74 21.77 -17.85
C LYS H 162 -51.99 23.10 -18.59
N ARG H 163 -50.93 23.88 -18.83
CA ARG H 163 -51.06 25.17 -19.50
C ARG H 163 -51.04 25.12 -21.03
N ASN H 164 -50.75 23.93 -21.63
CA ASN H 164 -50.60 23.73 -23.09
C ASN H 164 -49.72 24.82 -23.71
N HIS H 165 -48.61 25.11 -23.01
CA HIS H 165 -47.64 26.14 -23.37
C HIS H 165 -46.30 25.87 -22.67
N GLY H 166 -45.28 25.57 -23.46
CA GLY H 166 -43.93 25.33 -22.98
C GLY H 166 -42.93 25.10 -24.10
N HIS H 167 -41.64 24.90 -23.75
CA HIS H 167 -40.62 24.68 -24.78
C HIS H 167 -39.45 23.88 -24.22
N ILE H 168 -39.16 22.71 -24.83
CA ILE H 168 -38.08 21.85 -24.40
C ILE H 168 -36.94 21.94 -25.42
N VAL H 169 -35.80 22.50 -25.00
CA VAL H 169 -34.62 22.63 -25.85
C VAL H 169 -33.59 21.56 -25.47
N THR H 170 -33.30 20.64 -26.40
CA THR H 170 -32.34 19.58 -26.16
C THR H 170 -31.04 20.00 -26.81
N VAL H 171 -29.97 20.19 -26.04
CA VAL H 171 -28.67 20.52 -26.63
C VAL H 171 -27.94 19.22 -26.91
N ALA H 172 -28.04 18.71 -28.15
CA ALA H 172 -27.39 17.45 -28.53
C ALA H 172 -25.99 17.78 -29.20
N SER H 173 -25.71 17.44 -30.50
CA SER H 173 -24.45 17.69 -31.20
C SER H 173 -24.57 17.13 -32.64
N VAL H 174 -23.64 17.47 -33.59
CA VAL H 174 -23.62 16.78 -34.89
C VAL H 174 -23.35 15.26 -34.66
N CYS H 175 -22.68 14.91 -33.51
CA CYS H 175 -22.42 13.58 -33.01
C CYS H 175 -23.70 12.81 -32.68
N GLY H 176 -24.86 13.47 -32.64
CA GLY H 176 -26.14 12.82 -32.46
C GLY H 176 -26.75 12.39 -33.80
N HIS H 177 -26.08 12.72 -34.92
CA HIS H 177 -26.46 12.41 -36.28
C HIS H 177 -25.47 11.48 -36.99
N GLU H 178 -24.21 11.52 -36.57
CA GLU H 178 -23.18 10.65 -37.13
C GLU H 178 -22.17 10.28 -36.03
N GLY H 179 -21.79 9.02 -35.99
CA GLY H 179 -20.79 8.51 -35.06
C GLY H 179 -19.39 8.80 -35.55
N ILE H 180 -18.54 9.27 -34.66
CA ILE H 180 -17.18 9.67 -35.03
C ILE H 180 -16.16 8.89 -34.16
N PRO H 181 -14.96 8.58 -34.68
CA PRO H 181 -14.02 7.80 -33.88
C PRO H 181 -13.56 8.53 -32.63
N TYR H 182 -13.15 7.74 -31.64
CA TYR H 182 -12.62 8.18 -30.36
C TYR H 182 -13.66 8.94 -29.51
N LEU H 183 -14.95 8.85 -29.86
CA LEU H 183 -16.05 9.49 -29.14
C LEU H 183 -17.30 8.58 -29.21
N ILE H 184 -17.15 7.24 -29.23
CA ILE H 184 -18.28 6.29 -29.34
C ILE H 184 -19.32 6.43 -28.22
N PRO H 185 -18.96 6.45 -26.90
CA PRO H 185 -20.00 6.63 -25.87
C PRO H 185 -20.65 8.01 -25.94
N TYR H 186 -19.89 9.04 -26.31
CA TYR H 186 -20.40 10.38 -26.42
C TYR H 186 -21.41 10.48 -27.55
N CYS H 187 -21.07 9.94 -28.73
CA CYS H 187 -21.98 9.94 -29.88
C CYS H 187 -23.22 9.14 -29.56
N SER H 188 -23.09 7.97 -28.94
CA SER H 188 -24.26 7.17 -28.59
C SER H 188 -25.18 7.90 -27.63
N SER H 189 -24.62 8.62 -26.64
CA SER H 189 -25.46 9.37 -25.70
C SER H 189 -26.08 10.57 -26.39
N LYS H 190 -25.37 11.21 -27.36
CA LYS H 190 -25.89 12.37 -28.12
C LYS H 190 -26.93 11.95 -29.19
N PHE H 191 -26.90 10.69 -29.64
CA PHE H 191 -27.89 10.10 -30.54
C PHE H 191 -29.17 9.87 -29.72
N ALA H 192 -29.04 9.39 -28.47
CA ALA H 192 -30.15 9.19 -27.55
C ALA H 192 -30.84 10.53 -27.26
N ALA H 193 -30.07 11.65 -27.15
CA ALA H 193 -30.62 12.99 -26.92
C ALA H 193 -31.47 13.41 -28.12
N VAL H 194 -30.98 13.13 -29.36
CA VAL H 194 -31.72 13.43 -30.58
C VAL H 194 -33.00 12.60 -30.63
N GLY H 195 -32.90 11.32 -30.31
CA GLY H 195 -34.04 10.41 -30.27
C GLY H 195 -35.11 10.78 -29.26
N PHE H 196 -34.68 11.26 -28.10
CA PHE H 196 -35.59 11.72 -27.07
C PHE H 196 -36.29 12.98 -27.59
N HIS H 197 -35.58 13.89 -28.26
CA HIS H 197 -36.18 15.10 -28.83
C HIS H 197 -37.24 14.71 -29.89
N ARG H 198 -36.88 13.82 -30.84
CA ARG H 198 -37.77 13.34 -31.92
C ARG H 198 -39.01 12.58 -31.37
N GLY H 199 -38.80 11.83 -30.28
CA GLY H 199 -39.85 11.05 -29.65
C GLY H 199 -40.83 11.91 -28.88
N LEU H 200 -40.29 12.96 -28.24
CA LEU H 200 -41.07 13.91 -27.46
C LEU H 200 -41.94 14.74 -28.38
N THR H 201 -41.37 15.23 -29.49
CA THR H 201 -42.04 16.02 -30.51
C THR H 201 -43.23 15.27 -31.11
N SER H 202 -43.07 13.97 -31.39
CA SER H 202 -44.14 13.14 -31.96
C SER H 202 -45.21 12.81 -30.94
N GLU H 203 -44.80 12.52 -29.69
CA GLU H 203 -45.75 12.20 -28.64
C GLU H 203 -46.61 13.42 -28.28
N LEU H 204 -46.01 14.62 -28.19
CA LEU H 204 -46.76 15.85 -27.92
C LEU H 204 -47.76 16.15 -29.04
N GLN H 205 -47.37 15.85 -30.27
CA GLN H 205 -48.22 16.05 -31.43
C GLN H 205 -49.41 15.11 -31.36
N ALA H 206 -49.17 13.82 -31.02
CA ALA H 206 -50.21 12.81 -30.86
C ALA H 206 -51.16 13.14 -29.69
N LEU H 207 -50.58 13.68 -28.62
CA LEU H 207 -51.26 14.12 -27.42
C LEU H 207 -52.15 15.35 -27.65
N GLY H 208 -51.78 16.19 -28.63
CA GLY H 208 -52.49 17.42 -28.97
C GLY H 208 -51.92 18.67 -28.32
N LYS H 209 -50.83 18.53 -27.54
CA LYS H 209 -50.18 19.68 -26.86
C LYS H 209 -49.34 20.50 -27.83
N THR H 210 -50.01 21.19 -28.74
CA THR H 210 -49.44 22.04 -29.76
C THR H 210 -48.63 23.23 -29.19
N GLY H 211 -48.95 23.65 -27.98
CA GLY H 211 -48.27 24.77 -27.35
C GLY H 211 -46.88 24.45 -26.82
N ILE H 212 -46.63 23.16 -26.55
CA ILE H 212 -45.32 22.74 -26.07
C ILE H 212 -44.43 22.49 -27.29
N LYS H 213 -43.49 23.40 -27.52
CA LYS H 213 -42.56 23.33 -28.62
C LYS H 213 -41.29 22.55 -28.20
N THR H 214 -40.57 22.03 -29.20
CA THR H 214 -39.32 21.31 -28.99
C THR H 214 -38.28 21.82 -29.99
N SER H 215 -37.03 21.96 -29.53
CA SER H 215 -35.90 22.37 -30.36
C SER H 215 -34.69 21.50 -30.01
N CYS H 216 -33.85 21.20 -31.01
CA CYS H 216 -32.67 20.38 -30.80
C CYS H 216 -31.47 21.10 -31.41
N LEU H 217 -30.50 21.47 -30.57
CA LEU H 217 -29.30 22.15 -31.05
C LEU H 217 -28.20 21.15 -31.36
N CYS H 218 -27.72 21.13 -32.59
CA CYS H 218 -26.69 20.22 -33.02
C CYS H 218 -25.51 20.92 -33.67
N PRO H 219 -24.60 21.46 -32.87
CA PRO H 219 -23.44 22.18 -33.44
C PRO H 219 -22.20 21.29 -33.69
N VAL H 220 -21.25 21.79 -34.50
CA VAL H 220 -19.96 21.14 -34.73
C VAL H 220 -18.99 21.60 -33.58
N PHE H 221 -17.65 21.35 -33.62
CA PHE H 221 -16.69 21.80 -32.58
C PHE H 221 -16.86 23.27 -32.23
N VAL H 222 -17.09 23.59 -30.97
CA VAL H 222 -17.20 24.98 -30.49
C VAL H 222 -16.01 25.29 -29.56
N ASN H 223 -15.35 26.44 -29.82
CA ASN H 223 -14.20 26.97 -29.09
C ASN H 223 -14.66 27.32 -27.70
N THR H 224 -14.59 26.34 -26.79
CA THR H 224 -15.15 26.44 -25.44
C THR H 224 -14.40 25.56 -24.38
N GLY H 225 -13.47 24.73 -24.83
CA GLY H 225 -12.67 23.90 -23.94
C GLY H 225 -13.34 22.62 -23.47
N PHE H 226 -14.56 22.32 -23.97
CA PHE H 226 -15.31 21.09 -23.65
C PHE H 226 -14.41 19.85 -23.96
N THR H 227 -13.71 19.89 -25.11
CA THR H 227 -12.67 18.93 -25.50
C THR H 227 -11.37 19.78 -25.58
N LYS H 228 -10.23 19.21 -25.18
CA LYS H 228 -8.99 19.96 -25.12
C LYS H 228 -8.45 20.39 -26.49
N ASN H 229 -7.63 21.45 -26.51
CA ASN H 229 -7.04 21.94 -27.75
C ASN H 229 -6.01 20.92 -28.18
N PRO H 230 -6.20 20.33 -29.38
CA PRO H 230 -5.24 19.30 -29.83
C PRO H 230 -3.88 19.88 -30.19
N SER H 231 -2.87 19.01 -30.35
CA SER H 231 -1.54 19.43 -30.80
C SER H 231 -1.67 20.11 -32.20
N THR H 232 -2.52 19.49 -33.07
CA THR H 232 -2.81 19.99 -34.41
C THR H 232 -4.32 20.08 -34.59
N ARG H 233 -4.83 21.26 -34.91
CA ARG H 233 -6.26 21.46 -35.12
C ARG H 233 -6.53 21.52 -36.62
N LEU H 234 -7.39 20.62 -37.13
CA LEU H 234 -7.75 20.55 -38.54
C LEU H 234 -9.23 20.85 -38.78
N TRP H 235 -10.09 20.35 -37.89
CA TRP H 235 -11.52 20.57 -38.00
C TRP H 235 -11.90 21.96 -37.47
N PRO H 236 -12.73 22.70 -38.23
CA PRO H 236 -13.13 24.06 -37.81
C PRO H 236 -13.71 24.17 -36.41
N VAL H 237 -13.37 25.27 -35.71
CA VAL H 237 -13.88 25.50 -34.37
C VAL H 237 -14.75 26.75 -34.35
N LEU H 238 -16.07 26.53 -34.29
CA LEU H 238 -17.14 27.51 -34.17
C LEU H 238 -16.92 28.38 -32.94
N GLU H 239 -17.42 29.60 -32.99
CA GLU H 239 -17.33 30.53 -31.87
C GLU H 239 -18.63 30.48 -31.07
N THR H 240 -18.56 30.54 -29.72
CA THR H 240 -19.73 30.39 -28.85
C THR H 240 -20.89 31.32 -29.24
N ASP H 241 -20.56 32.57 -29.61
CA ASP H 241 -21.51 33.58 -30.02
C ASP H 241 -22.30 33.18 -31.22
N GLU H 242 -21.68 32.51 -32.22
CA GLU H 242 -22.42 32.06 -33.41
C GLU H 242 -23.44 30.99 -33.03
N VAL H 243 -23.05 30.05 -32.16
CA VAL H 243 -23.89 28.95 -31.72
C VAL H 243 -25.08 29.49 -30.97
N VAL H 244 -24.84 30.43 -30.04
CA VAL H 244 -25.90 31.03 -29.24
C VAL H 244 -26.82 31.88 -30.09
N ARG H 245 -26.27 32.57 -31.12
CA ARG H 245 -27.03 33.37 -32.09
C ARG H 245 -28.03 32.43 -32.78
N SER H 246 -27.54 31.27 -33.28
CA SER H 246 -28.35 30.28 -33.98
C SER H 246 -29.37 29.60 -33.06
N LEU H 247 -29.01 29.39 -31.80
CA LEU H 247 -29.89 28.76 -30.82
C LEU H 247 -31.07 29.69 -30.50
N ILE H 248 -30.79 30.98 -30.23
CA ILE H 248 -31.84 31.94 -29.89
C ILE H 248 -32.76 32.16 -31.08
N ASP H 249 -32.22 32.28 -32.29
CA ASP H 249 -33.05 32.45 -33.48
C ASP H 249 -33.95 31.23 -33.70
N GLY H 250 -33.45 30.05 -33.38
CA GLY H 250 -34.21 28.81 -33.50
C GLY H 250 -35.29 28.71 -32.46
N ILE H 251 -34.99 29.07 -31.20
CA ILE H 251 -35.97 29.03 -30.11
C ILE H 251 -37.13 29.98 -30.40
N LEU H 252 -36.83 31.23 -30.77
CA LEU H 252 -37.86 32.22 -31.06
C LEU H 252 -38.71 31.92 -32.29
N THR H 253 -38.14 31.19 -33.26
CA THR H 253 -38.89 30.82 -34.47
C THR H 253 -39.42 29.36 -34.45
N ASN H 254 -39.36 28.70 -33.27
CA ASN H 254 -39.81 27.34 -33.00
C ASN H 254 -39.22 26.29 -33.94
N LYS H 255 -37.94 26.49 -34.35
CA LYS H 255 -37.17 25.60 -35.21
C LYS H 255 -36.97 24.32 -34.44
N LYS H 256 -37.32 23.18 -35.03
CA LYS H 256 -37.17 21.90 -34.35
C LYS H 256 -35.74 21.36 -34.39
N MET H 257 -35.07 21.39 -35.54
CA MET H 257 -33.71 20.90 -35.65
C MET H 257 -32.79 22.04 -36.05
N ILE H 258 -31.93 22.45 -35.12
CA ILE H 258 -31.03 23.56 -35.32
C ILE H 258 -29.59 23.09 -35.47
N PHE H 259 -29.12 22.94 -36.72
CA PHE H 259 -27.73 22.56 -37.04
C PHE H 259 -26.85 23.80 -37.06
N VAL H 260 -25.64 23.73 -36.52
CA VAL H 260 -24.74 24.90 -36.54
C VAL H 260 -23.33 24.51 -37.07
N PRO H 261 -22.97 24.90 -38.31
CA PRO H 261 -23.73 25.77 -39.24
C PRO H 261 -24.91 25.08 -39.89
N SER H 262 -25.91 25.85 -40.27
CA SER H 262 -27.14 25.33 -40.88
C SER H 262 -26.95 24.33 -42.01
N TYR H 263 -25.92 24.52 -42.85
CA TYR H 263 -25.66 23.63 -43.99
C TYR H 263 -25.02 22.26 -43.67
N ILE H 264 -24.70 21.90 -42.38
CA ILE H 264 -24.11 20.58 -42.02
C ILE H 264 -24.89 19.42 -42.64
N ASN H 265 -26.20 19.56 -42.70
CA ASN H 265 -27.16 18.62 -43.26
C ASN H 265 -26.63 17.92 -44.54
N ILE H 266 -26.02 18.70 -45.46
CA ILE H 266 -25.52 18.14 -46.71
C ILE H 266 -24.36 17.15 -46.43
N PHE H 267 -23.43 17.50 -45.55
CA PHE H 267 -22.29 16.65 -45.22
C PHE H 267 -22.76 15.29 -44.70
N LEU H 268 -23.69 15.35 -43.76
CA LEU H 268 -24.31 14.25 -43.06
C LEU H 268 -25.04 13.35 -44.05
N ARG H 269 -25.85 13.94 -44.94
CA ARG H 269 -26.66 13.18 -45.88
C ARG H 269 -25.87 12.54 -47.03
N LEU H 270 -24.90 13.24 -47.62
CA LEU H 270 -24.12 12.65 -48.72
C LEU H 270 -22.78 12.05 -48.26
N GLN H 271 -22.70 11.60 -47.00
CA GLN H 271 -21.47 10.99 -46.48
C GLN H 271 -21.29 9.62 -47.10
N LYS H 272 -22.38 8.82 -47.17
CA LYS H 272 -22.34 7.50 -47.80
C LYS H 272 -21.84 7.51 -49.26
N PHE H 273 -21.87 8.68 -49.90
CA PHE H 273 -21.46 8.81 -51.28
C PHE H 273 -20.02 9.30 -51.48
N LEU H 274 -19.21 9.34 -50.41
CA LEU H 274 -17.83 9.79 -50.51
C LEU H 274 -16.87 8.81 -51.18
N PRO H 275 -16.04 9.32 -52.12
CA PRO H 275 -14.98 8.48 -52.70
C PRO H 275 -13.99 8.04 -51.63
N GLU H 276 -13.25 6.92 -51.86
CA GLU H 276 -12.28 6.44 -50.87
C GLU H 276 -11.20 7.48 -50.60
N ARG H 277 -10.83 8.30 -51.59
CA ARG H 277 -9.85 9.37 -51.39
C ARG H 277 -10.31 10.35 -50.34
N ALA H 278 -11.59 10.75 -50.41
CA ALA H 278 -12.18 11.70 -49.47
C ALA H 278 -12.30 11.10 -48.07
N SER H 279 -12.75 9.84 -47.95
CA SER H 279 -12.87 9.19 -46.65
C SER H 279 -11.51 9.03 -45.99
N ALA H 280 -10.45 8.77 -46.79
CA ALA H 280 -9.09 8.64 -46.30
C ALA H 280 -8.57 9.97 -45.76
N ILE H 281 -8.78 11.08 -46.49
CA ILE H 281 -8.30 12.38 -46.03
C ILE H 281 -9.04 12.79 -44.78
N LEU H 282 -10.33 12.45 -44.67
CA LEU H 282 -11.13 12.76 -43.48
C LEU H 282 -10.70 11.93 -42.27
N ASN H 283 -10.37 10.65 -42.48
CA ASN H 283 -9.93 9.76 -41.41
C ASN H 283 -8.56 10.13 -40.87
N ARG H 284 -7.63 10.53 -41.77
CA ARG H 284 -6.27 11.00 -41.44
C ARG H 284 -6.39 12.22 -40.53
N MET H 285 -7.36 13.11 -40.84
CA MET H 285 -7.62 14.30 -40.06
C MET H 285 -8.00 13.95 -38.66
N GLN H 286 -8.88 12.98 -38.48
CA GLN H 286 -9.35 12.56 -37.16
C GLN H 286 -8.23 11.93 -36.32
N ASN H 287 -7.36 11.17 -36.98
CA ASN H 287 -6.24 10.51 -36.30
C ASN H 287 -5.16 11.49 -35.87
N ILE H 288 -4.97 12.57 -36.64
CA ILE H 288 -4.00 13.61 -36.30
C ILE H 288 -4.58 14.42 -35.15
N GLN H 289 -5.79 14.98 -35.31
CA GLN H 289 -6.43 15.82 -34.30
C GLN H 289 -6.65 15.13 -32.97
N PHE H 290 -7.04 13.85 -32.99
CA PHE H 290 -7.27 13.11 -31.74
C PHE H 290 -6.03 12.29 -31.29
N GLU H 291 -4.80 12.79 -31.54
CA GLU H 291 -3.59 12.03 -31.19
C GLU H 291 -3.31 11.99 -29.67
PA NAD I . -29.75 -26.06 13.13
O1A NAD I . -31.20 -26.20 12.83
O2A NAD I . -29.18 -27.34 13.72
O5B NAD I . -28.94 -25.70 11.77
C5B NAD I . -27.53 -25.43 11.74
C4B NAD I . -27.02 -25.81 10.38
O4B NAD I . -25.61 -25.51 10.30
C3B NAD I . -27.17 -27.29 10.02
O3B NAD I . -27.85 -27.50 8.78
C2B NAD I . -25.73 -27.81 9.98
O2B NAD I . -25.55 -28.87 9.06
C1B NAD I . -24.98 -26.55 9.59
N9A NAD I . -23.56 -26.56 9.94
C8A NAD I . -23.00 -26.97 11.12
N7A NAD I . -21.70 -27.05 11.10
C5A NAD I . -21.37 -26.65 9.82
C6A NAD I . -20.13 -26.56 9.14
N6A NAD I . -18.96 -26.91 9.69
N1A NAD I . -20.15 -26.13 7.86
C2A NAD I . -21.32 -25.81 7.30
N3A NAD I . -22.55 -25.88 7.83
C4A NAD I . -22.50 -26.32 9.09
O3 NAD I . -29.54 -24.86 14.16
PN NAD I . -29.95 -23.30 14.21
O1N NAD I . -30.57 -22.89 12.93
O2N NAD I . -30.68 -23.04 15.47
O5D NAD I . -28.50 -22.65 14.37
C5D NAD I . -28.08 -21.59 13.49
C4D NAD I . -27.22 -20.61 14.26
O4D NAD I . -27.99 -19.95 15.28
C3D NAD I . -25.99 -21.21 14.95
O3D NAD I . -24.87 -20.36 14.75
C2D NAD I . -26.43 -21.24 16.42
O2D NAD I . -25.31 -21.17 17.30
C1D NAD I . -27.27 -19.97 16.47
N1N NAD I . -28.28 -19.91 17.65
C2N NAD I . -29.08 -20.98 17.83
C3N NAD I . -29.96 -21.01 18.90
C7N NAD I . -30.88 -22.16 19.12
O7N NAD I . -31.37 -22.34 20.25
N7N NAD I . -31.04 -23.04 18.13
C4N NAD I . -30.02 -19.91 19.74
C5N NAD I . -29.20 -18.82 19.52
C6N NAD I . -28.32 -18.84 18.47
C4 YYC J . -32.20 -15.03 31.75
C7 YYC J . -34.78 -14.11 32.02
C6 YYC J . -34.10 -13.89 30.84
C13 YYC J . -29.05 -16.76 28.41
C16 YYC J . -31.89 -16.71 28.32
C26 YYC J . -29.29 -22.25 24.16
C1 YYC J . -34.95 -15.06 34.36
C2 YYC J . -34.19 -14.80 33.07
C3 YYC J . -32.90 -15.25 32.91
C5 YYC J . -32.81 -14.36 30.71
S8 YYC J . -31.90 -14.05 29.21
O9 YYC J . -30.85 -13.11 29.52
O10 YYC J . -32.86 -13.71 28.19
C11 YYC J . -31.15 -15.60 28.77
C12 YYC J . -29.76 -15.64 28.83
C14 YYC J . -29.76 -17.86 27.96
C15 YYC J . -31.14 -17.84 27.93
C17 YYC J . -33.40 -16.67 28.23
S18 YYC J . -31.94 -19.34 27.40
O19 YYC J . -32.68 -19.06 26.20
O20 YYC J . -32.63 -19.87 28.54
N21 YYC J . -30.77 -20.42 27.02
C22 YYC J . -30.23 -20.69 25.73
C23 YYC J . -29.90 -19.65 24.86
C24 YYC J . -29.25 -19.90 23.68
C25 YYC J . -28.93 -21.20 23.31
C27 YYC J . -29.93 -22.00 25.36
C28 YYC J . -28.07 -21.47 22.12
O29 YYC J . -28.03 -22.60 21.60
O30 YYC J . -27.49 -20.43 21.61
C31 YYC J . -27.54 -16.77 28.43
H36 YYC J . -31.15 -15.35 31.67
H38 YYC J . -35.80 -13.73 32.14
H37 YYC J . -34.59 -13.35 30.03
H47 YYC J . -29.10 -23.28 23.88
H33 YYC J . -36.03 -14.98 34.21
H32 YYC J . -34.67 -14.32 35.11
H34 YYC J . -34.74 -16.04 34.77
H35 YYC J . -32.41 -15.78 33.73
H39 YYC J . -29.17 -14.80 29.21
H40 YYC J . -29.18 -18.71 27.63
H41 YYC J . -33.91 -17.62 28.08
H43 YYC J . -33.71 -16.04 27.39
H42 YYC J . -33.88 -16.31 29.12
H44 YYC J . -30.33 -21.02 27.72
H45 YYC J . -30.15 -18.62 25.11
H46 YYC J . -29.01 -19.05 23.04
H48 YYC J . -30.22 -22.84 25.98
H51 YYC J . -27.13 -17.50 27.75
H50 YYC J . -27.18 -17.00 29.43
H52 YYC J . -27.12 -15.81 28.13
C1 CE1 K . -30.79 -4.03 45.37
C2 CE1 K . -31.72 -4.84 44.46
C3 CE1 K . -33.23 -4.52 44.64
C4 CE1 K . -34.08 -5.67 45.20
C5 CE1 K . -35.51 -5.79 44.63
C6 CE1 K . -35.66 -6.86 43.53
C7 CE1 K . -37.10 -7.03 42.92
C8 CE1 K . -37.23 -7.92 41.67
C9 CE1 K . -36.02 -7.87 40.71
C10 CE1 K . -36.19 -8.59 39.37
C11 CE1 K . -34.88 -8.96 38.67
C12 CE1 K . -35.07 -9.76 37.41
O13 CE1 K . -33.86 -9.82 36.66
C14 CE1 K . -33.65 -11.05 35.96
C15 CE1 K . -32.37 -10.97 35.18
O16 CE1 K . -32.03 -12.24 34.63
C17 CE1 K . -30.94 -12.21 33.72
C18 CE1 K . -30.01 -13.32 34.04
O19 CE1 K . -29.33 -13.76 32.86
C20 CE1 K . -28.38 -14.80 33.12
C21 CE1 K . -28.50 -15.93 32.14
O22 CE1 K . -29.04 -17.10 32.75
C23 CE1 K . -30.24 -17.59 32.15
C24 CE1 K . -30.27 -19.07 32.20
O25 CE1 K . -31.56 -19.55 31.79
C26 CE1 K . -32.26 -20.22 32.84
C27 CE1 K . -33.24 -21.19 32.29
O28 CE1 K . -32.58 -22.39 31.92
C29 CE1 K . -33.40 -23.25 31.12
C30 CE1 K . -33.24 -22.95 29.65
O31 CE1 K . -33.88 -23.96 28.89
C32 CE1 K . -33.92 -23.73 27.49
C33 CE1 K . -32.65 -24.19 26.84
O34 CE1 K . -32.43 -25.59 27.00
C35 CE1 K . -31.25 -26.08 26.32
C36 CE1 K . -29.99 -25.58 27.00
O37 CE1 K . -28.95 -26.57 27.09
H11 CE1 K . -31.04 -4.15 46.42
H12 CE1 K . -29.75 -4.34 45.25
H13 CE1 K . -30.83 -2.97 45.15
H21 CE1 K . -31.53 -5.90 44.63
H22 CE1 K . -31.44 -4.68 43.43
H31 CE1 K . -33.63 -4.20 43.69
H32 CE1 K . -33.34 -3.65 45.28
H41 CE1 K . -33.57 -6.62 45.05
H42 CE1 K . -34.14 -5.57 46.28
H51 CE1 K . -36.20 -6.01 45.44
H52 CE1 K . -35.83 -4.83 44.25
H61 CE1 K . -34.96 -6.59 42.74
H62 CE1 K . -35.30 -7.82 43.90
H71 CE1 K . -37.77 -7.42 43.69
H72 CE1 K . -37.51 -6.04 42.70
H81 CE1 K . -37.41 -8.95 41.96
H82 CE1 K . -38.12 -7.64 41.12
H91 CE1 K . -35.74 -6.83 40.52
H92 CE1 K . -35.15 -8.30 41.20
H101 CE1 K . -36.79 -9.49 39.53
H102 CE1 K . -36.80 -7.98 38.71
H111 CE1 K . -34.31 -8.05 38.45
H112 CE1 K . -34.22 -9.50 39.35
H121 CE1 K . -35.42 -10.77 37.65
H122 CE1 K . -35.87 -9.32 36.82
H141 CE1 K . -33.61 -11.88 36.66
H142 CE1 K . -34.47 -11.26 35.28
H151 CE1 K . -32.48 -10.23 34.39
H152 CE1 K . -31.56 -10.62 35.81
H171 CE1 K . -31.29 -12.26 32.70
H172 CE1 K . -30.40 -11.26 33.81
H181 CE1 K . -29.29 -12.99 34.78
H182 CE1 K . -30.55 -14.15 34.48
H201 CE1 K . -27.37 -14.40 33.09
H202 CE1 K . -28.51 -15.19 34.12
H211 CE1 K . -29.08 -15.59 31.28
H212 CE1 K . -27.52 -16.17 31.73
H231 CE1 K . -31.12 -17.22 32.67
H232 CE1 K . -30.35 -17.28 31.11
H241 CE1 K . -29.50 -19.46 31.53
H242 CE1 K . -30.00 -19.41 33.19
H261 CE1 K . -31.58 -20.73 33.52
H262 CE1 K . -32.79 -19.48 33.45
H271 CE1 K . -33.99 -21.40 33.05
H272 CE1 K . -33.78 -20.77 31.45
H291 CE1 K . -33.16 -24.29 31.31
H292 CE1 K . -34.44 -23.13 31.40
H301 CE1 K . -33.66 -21.97 29.44
H302 CE1 K . -32.18 -22.89 29.40
H321 CE1 K . -34.77 -24.24 27.04
H322 CE1 K . -34.06 -22.67 27.28
H331 CE1 K . -32.71 -23.95 25.78
H332 CE1 K . -31.82 -23.61 27.23
H351 CE1 K . -31.26 -27.17 26.29
H352 CE1 K . -31.26 -25.75 25.27
H361 CE1 K . -29.52 -24.79 26.42
H362 CE1 K . -30.20 -25.17 27.99
H37 CE1 K . -29.06 -27.06 27.95
S SO4 L . -28.35 -0.48 17.02
O1 SO4 L . -28.54 -0.44 15.56
O2 SO4 L . -27.37 0.56 17.43
O3 SO4 L . -29.63 -0.22 17.68
O4 SO4 L . -27.88 -1.81 17.41
S SO4 M . -40.17 -5.86 2.98
O1 SO4 M . -41.51 -5.88 2.37
O2 SO4 M . -39.22 -6.58 2.12
O3 SO4 M . -39.79 -4.45 3.14
O4 SO4 M . -40.20 -6.55 4.28
PA NAD N . 4.12 -8.46 27.93
O1A NAD N . 4.95 -7.60 28.80
O2A NAD N . 4.59 -8.35 26.48
O5B NAD N . 4.27 -9.99 28.43
C5B NAD N . 3.55 -11.09 27.84
C4B NAD N . 4.37 -12.33 28.09
O4B NAD N . 3.67 -13.49 27.58
C3B NAD N . 5.76 -12.34 27.43
O3B NAD N . 6.80 -12.66 28.35
C2B NAD N . 5.60 -13.36 26.29
O2B NAD N . 6.80 -13.99 25.87
C1B NAD N . 4.59 -14.32 26.92
N9A NAD N . 3.89 -15.17 25.97
C8A NAD N . 3.40 -14.79 24.75
N7A NAD N . 2.99 -15.79 24.00
C5A NAD N . 3.22 -16.91 24.80
C6A NAD N . 3.03 -18.29 24.58
N6A NAD N . 2.56 -18.80 23.43
N1A NAD N . 3.38 -19.14 25.56
C2A NAD N . 3.87 -18.63 26.70
N3A NAD N . 4.10 -17.35 27.03
C4A NAD N . 3.75 -16.53 26.02
O3 NAD N . 2.60 -8.03 28.05
PN NAD N . 1.53 -7.85 29.22
O1N NAD N . 2.14 -8.28 30.51
O2N NAD N . 0.94 -6.49 29.12
O5D NAD N . 0.41 -8.88 28.78
C5D NAD N . -0.08 -9.87 29.71
C4D NAD N . -1.54 -10.10 29.43
O4D NAD N . -2.29 -8.89 29.72
C3D NAD N . -1.89 -10.51 28.00
O3D NAD N . -2.84 -11.58 28.04
C2D NAD N . -2.53 -9.24 27.42
O2D NAD N . -3.48 -9.51 26.41
C1D NAD N . -3.19 -8.67 28.67
N1N NAD N . -3.51 -7.15 28.61
C2N NAD N . -2.48 -6.34 28.27
C3N NAD N . -2.70 -4.97 28.19
C7N NAD N . -1.59 -4.03 27.87
O7N NAD N . -1.85 -2.91 27.44
N7N NAD N . -0.34 -4.49 27.92
C4N NAD N . -3.96 -4.47 28.48
C5N NAD N . -4.96 -5.33 28.86
C6N NAD N . -4.73 -6.68 28.90
C4 YYC O . -13.26 4.19 26.43
C7 YYC O . -13.00 5.96 28.53
C6 YYC O . -12.80 4.61 28.74
C13 YYC O . -11.08 -0.08 24.98
C16 YYC O . -10.16 1.90 26.80
C26 YYC O . -6.40 -2.58 25.86
C1 YYC O . -13.46 7.93 27.03
C2 YYC O . -13.33 6.45 27.27
C3 YYC O . -13.47 5.54 26.23
C5 YYC O . -12.93 3.73 27.68
S8 YYC O . -12.71 2.01 27.96
O9 YYC O . -13.95 1.34 27.66
O10 YYC O . -12.13 1.84 29.27
C11 YYC O . -11.50 1.47 26.78
C12 YYC O . -11.94 0.51 25.88
C14 YYC O . -9.75 0.33 24.97
C15 YYC O . -9.30 1.32 25.85
C17 YYC O . -9.66 2.94 27.76
S18 YYC O . -7.62 1.86 25.67
O19 YYC O . -6.96 1.61 26.92
O20 YYC O . -7.64 3.18 25.14
N21 YYC O . -6.92 0.88 24.55
C22 YYC O . -6.40 -0.44 24.77
C23 YYC O . -5.36 -0.86 23.96
C24 YYC O . -4.83 -2.13 24.11
C25 YYC O . -5.38 -3.02 25.02
C27 YYC O . -6.90 -1.30 25.73
C28 YYC O . -4.82 -4.41 25.08
O29 YYC O . -3.74 -4.66 24.52
O30 YYC O . -5.43 -5.30 25.82
C31 YYC O . -11.54 -1.19 24.07
H36 YYC O . -13.37 3.50 25.59
H38 YYC O . -12.91 6.65 29.36
H37 YYC O . -12.56 4.27 29.75
H47 YYC O . -6.80 -3.21 26.65
H33 YYC O . -13.00 8.23 26.09
H32 YYC O . -12.95 8.49 27.83
H34 YYC O . -14.49 8.25 27.01
H35 YYC O . -13.74 5.89 25.24
H39 YYC O . -12.98 0.20 25.83
H40 YYC O . -9.08 -0.14 24.25
H41 YYC O . -8.75 2.67 28.30
H43 YYC O . -9.41 3.85 27.22
H42 YYC O . -10.33 3.20 28.57
H44 YYC O . -6.82 1.16 23.57
H45 YYC O . -4.93 -0.20 23.21
H46 YYC O . -3.99 -2.39 23.48
H48 YYC O . -7.71 -1.01 26.40
H49 YYC O . -6.26 -5.00 26.27
H51 YYC O . -11.73 -2.12 24.61
H50 YYC O . -12.46 -0.91 23.56
H52 YYC O . -10.80 -1.43 23.29
S SO4 P . -1.99 -8.91 51.83
O1 SO4 P . -1.20 -10.09 51.48
O2 SO4 P . -2.23 -8.14 50.61
O3 SO4 P . -3.26 -9.33 52.44
O4 SO4 P . -1.26 -8.06 52.78
S SO4 Q . 1.60 -0.87 18.10
O1 SO4 Q . 2.49 -0.87 16.94
O2 SO4 Q . 0.29 -1.37 17.71
O3 SO4 Q . 1.42 0.51 18.62
O4 SO4 Q . 2.17 -1.76 19.11
PA NAD R . -1.66 30.91 -1.01
O1A NAD R . -2.03 30.89 -2.44
O2A NAD R . -1.85 32.32 -0.41
O5B NAD R . -2.59 29.87 -0.20
C5B NAD R . -2.39 29.60 1.20
C4B NAD R . -3.72 29.18 1.76
O4B NAD R . -3.56 28.89 3.17
C3B NAD R . -4.85 30.23 1.65
O3B NAD R . -6.02 29.69 1.04
C2B NAD R . -5.08 30.65 3.10
O2B NAD R . -6.41 31.06 3.38
C1B NAD R . -4.69 29.39 3.84
N9A NAD R . -4.36 29.58 5.24
C8A NAD R . -3.58 30.57 5.78
N7A NAD R . -3.59 30.61 7.09
C5A NAD R . -4.43 29.56 7.44
C6A NAD R . -4.88 29.08 8.68
N6A NAD R . -4.56 29.64 9.86
N1A NAD R . -5.69 28.01 8.68
C2A NAD R . -6.05 27.46 7.51
N3A NAD R . -5.71 27.84 6.28
C4A NAD R . -4.89 28.90 6.31
O3 NAD R . -0.14 30.49 -0.86
PN NAD R . 0.75 29.24 -1.32
O1N NAD R . -0.12 28.21 -1.90
O2N NAD R . 1.92 29.71 -2.09
O5D NAD R . 1.30 28.74 0.10
C5D NAD R . 1.16 27.36 0.50
C4D NAD R . 2.37 26.95 1.31
O4D NAD R . 3.55 26.98 0.47
C3D NAD R . 2.68 27.82 2.54
O3D NAD R . 3.01 26.97 3.63
C2D NAD R . 3.90 28.63 2.09
O2D NAD R . 4.73 29.03 3.18
C1D NAD R . 4.58 27.63 1.18
N1N NAD R . 5.56 28.23 0.16
C2N NAD R . 5.10 29.24 -0.60
C3N NAD R . 5.94 29.85 -1.51
C7N NAD R . 5.47 30.96 -2.40
O7N NAD R . 6.29 31.72 -2.92
N7N NAD R . 4.15 31.18 -2.48
C4N NAD R . 7.23 29.36 -1.66
C5N NAD R . 7.66 28.31 -0.88
C6N NAD R . 6.82 27.76 0.04
C4 YYC S . 19.99 31.85 -4.04
C7 YYC S . 20.77 31.31 -6.64
C6 YYC S . 19.84 30.49 -6.01
C13 YYC S . 16.27 31.41 -0.94
C16 YYC S . 16.17 31.39 -3.78
C26 YYC S . 9.72 33.69 -0.95
C1 YYC S . 22.34 33.28 -6.66
C2 YYC S . 21.31 32.40 -5.99
C3 YYC S . 20.91 32.67 -4.68
C5 YYC S . 19.47 30.76 -4.70
S8 YYC S . 18.39 29.66 -3.85
O9 YYC S . 19.16 29.00 -2.83
O10 YYC S . 17.72 28.85 -4.83
C11 YYC S . 17.16 30.69 -3.07
C12 YYC S . 17.21 30.71 -1.69
C14 YYC S . 15.28 32.10 -1.62
C15 YYC S . 15.23 32.11 -3.01
C17 YYC S . 16.12 31.36 -5.29
S18 YYC S . 13.93 33.05 -3.75
O19 YYC S . 14.51 34.15 -4.46
O20 YYC S . 13.07 32.15 -4.46
N21 YYC S . 13.06 33.75 -2.56
C22 YYC S . 11.85 33.25 -1.97
C23 YYC S . 11.72 31.91 -1.65
C24 YYC S . 10.60 31.47 -0.96
C25 YYC S . 9.60 32.35 -0.59
C27 YYC S . 10.84 34.13 -1.63
C28 YYC S . 8.51 31.89 0.32
O29 YYC S . 8.58 30.79 0.85
O30 YYC S . 7.57 32.75 0.56
C31 YYC S . 16.34 31.41 0.57
H36 YYC S . 19.72 32.08 -3.01
H38 YYC S . 21.05 31.09 -7.67
H37 YYC S . 19.44 29.64 -6.55
H47 YYC S . 8.95 34.41 -0.68
H33 YYC S . 22.30 33.19 -7.75
H32 YYC S . 23.34 33.00 -6.36
H34 YYC S . 22.20 34.33 -6.42
H35 YYC S . 21.31 33.54 -4.16
H39 YYC S . 17.99 30.19 -1.13
H40 YYC S . 14.55 32.61 -1.01
H41 YYC S . 15.45 32.08 -5.77
H43 YYC S . 15.76 30.37 -5.60
H42 YYC S . 17.07 31.55 -5.76
H44 YYC S . 13.34 34.61 -2.09
H45 YYC S . 12.49 31.19 -1.92
H46 YYC S . 10.54 30.41 -0.73
H48 YYC S . 10.91 35.20 -1.87
H49 YYC S . 6.88 32.37 1.18
H51 YYC S . 16.36 30.40 0.97
H50 YYC S . 15.58 31.96 1.09
H52 YYC S . 17.31 31.81 0.89
C1 CE1 T . 19.65 9.65 -5.60
C2 CE1 T . 20.75 8.61 -5.80
C3 CE1 T . 22.20 9.05 -5.49
C4 CE1 T . 23.23 8.27 -6.32
C5 CE1 T . 24.68 8.28 -5.83
C6 CE1 T . 25.00 7.23 -4.75
C7 CE1 T . 26.44 7.22 -4.24
C8 CE1 T . 26.74 6.22 -3.12
C9 CE1 T . 28.16 6.34 -2.53
C10 CE1 T . 28.40 5.55 -1.25
C11 CE1 T . 29.85 5.13 -0.98
C12 CE1 T . 30.02 4.14 0.17
S SO4 U . 0.53 8.58 -12.10
O1 SO4 U . 0.48 8.23 -13.55
O2 SO4 U . 1.12 9.93 -11.95
O3 SO4 U . -0.83 8.52 -11.51
O4 SO4 U . 1.36 7.61 -11.39
S SO4 V . 22.45 16.55 1.17
O1 SO4 V . 23.10 15.86 0.06
O2 SO4 V . 21.20 17.19 0.71
O3 SO4 V . 23.37 17.58 1.69
O4 SO4 V . 22.15 15.57 2.21
S SO4 W . 15.26 11.17 -0.77
O1 SO4 W . 16.32 10.76 -1.69
O2 SO4 W . 14.93 12.57 -1.03
O3 SO4 W . 15.72 11.03 0.61
O4 SO4 W . 14.13 10.25 -0.99
S SO4 X . -1.89 -1.43 5.15
O1 SO4 X . -2.32 -2.67 4.55
O2 SO4 X . -2.30 -0.34 4.27
O3 SO4 X . -2.51 -1.28 6.46
O4 SO4 X . -0.42 -1.42 5.30
PA NAD Y . 21.38 23.19 31.85
O1A NAD Y . 22.55 22.84 32.67
O2A NAD Y . 20.18 22.33 32.31
O5B NAD Y . 21.03 24.81 31.94
C5B NAD Y . 19.83 25.42 31.42
C4B NAD Y . 19.41 26.59 32.28
O4B NAD Y . 18.40 27.36 31.61
C3B NAD Y . 18.85 26.23 33.67
O3B NAD Y . 19.48 27.00 34.68
C2B NAD Y . 17.37 26.59 33.55
O2B NAD Y . 16.73 26.90 34.78
C1B NAD Y . 17.43 27.75 32.57
N9A NAD Y . 16.16 28.06 31.91
C8A NAD Y . 15.26 27.15 31.39
N7A NAD Y . 14.09 27.66 31.10
C5A NAD Y . 14.24 29.01 31.42
C6A NAD Y . 13.35 30.10 31.31
N6A NAD Y . 12.06 29.98 31.01
N1A NAD Y . 13.85 31.33 31.59
C2A NAD Y . 15.12 31.43 31.99
N3A NAD Y . 16.02 30.47 32.19
C4A NAD Y . 15.52 29.27 31.88
O3 NAD Y . 21.66 22.81 30.33
PN NAD Y . 22.69 23.37 29.25
O1N NAD Y . 23.70 24.20 29.93
O2N NAD Y . 23.15 22.24 28.41
O5D NAD Y . 21.66 24.23 28.38
C5D NAD Y . 22.04 25.51 27.82
C4D NAD Y . 21.81 25.47 26.34
O4D NAD Y . 22.65 24.47 25.73
C3D NAD Y . 20.37 25.17 25.90
O3D NAD Y . 19.94 26.14 24.96
C2D NAD Y . 20.49 23.79 25.22
O2D NAD Y . 19.53 23.59 24.20
C1D NAD Y . 21.92 23.88 24.69
N1N NAD Y . 22.56 22.56 24.33
C2N NAD Y . 22.67 21.64 25.31
C3N NAD Y . 23.26 20.42 25.05
C7N NAD Y . 23.45 19.40 26.14
O7N NAD Y . 23.65 18.22 25.83
N7N NAD Y . 23.29 19.80 27.40
C4N NAD Y . 23.76 20.18 23.78
C5N NAD Y . 23.66 21.14 22.80
C6N NAD Y . 23.03 22.33 23.09
C4 YYC Z . 26.27 11.58 14.09
C7 YYC Z . 28.90 10.75 14.10
C6 YYC Z . 28.60 12.07 14.39
C13 YYC Z . 23.21 14.79 16.19
C16 YYC Z . 25.69 13.82 17.17
C26 YYC Z . 21.38 15.87 22.84
C1 YYC Z . 28.25 8.39 13.57
C2 YYC Z . 27.90 9.82 13.83
C3 YYC Z . 26.59 10.26 13.82
C5 YYC Z . 27.28 12.48 14.39
S8 YYC Z . 26.86 14.18 14.64
O9 YYC Z . 26.37 14.71 13.39
O10 YYC Z . 28.00 14.82 15.25
C11 YYC Z . 25.52 14.19 15.83
C12 YYC Z . 24.30 14.66 15.35
C14 YYC Z . 23.35 14.44 17.52
C15 YYC Z . 24.56 13.94 18.00
C17 YYC Z . 27.02 13.35 17.70
S18 YYC Z . 24.59 13.47 19.71
O19 YYC Z . 24.73 12.05 19.77
O20 YYC Z . 25.56 14.31 20.36
N21 YYC Z . 23.12 13.75 20.35
C22 YYC Z . 22.73 14.89 21.10
C23 YYC Z . 23.05 16.17 20.66
C24 YYC Z . 22.53 17.28 21.29
C25 YYC Z . 21.68 17.14 22.38
C27 YYC Z . 21.90 14.76 22.20
C28 YYC Z . 20.97 18.31 22.96
O29 YYC Z . 20.43 18.24 24.06
O30 YYC Z . 21.05 19.41 22.25
C31 YYC Z . 21.88 15.34 15.69
H36 YYC Z . 25.23 11.92 14.04
H38 YYC Z . 29.93 10.43 14.10
H37 YYC Z . 29.40 12.79 14.59
H47 YYC Z . 20.75 15.72 23.72
H33 YYC Z . 27.56 7.69 14.05
H32 YYC Z . 28.22 8.18 12.49
H34 YYC Z . 29.25 8.13 13.91
H35 YYC Z . 25.79 9.56 13.62
H39 YYC Z . 24.14 14.91 14.30
H40 YYC Z . 22.49 14.58 18.17
H41 YYC Z . 27.04 12.88 18.68
H43 YYC Z . 27.71 14.19 17.77
H42 YYC Z . 27.49 12.58 17.09
H44 YYC Z . 22.36 13.09 20.28
H45 YYC Z . 23.72 16.32 19.80
H46 YYC Z . 22.82 18.26 20.91
H48 YYC Z . 21.65 13.77 22.60
H51 YYC Z . 21.99 16.22 15.06
H50 YYC Z . 21.35 14.57 15.15
H52 YYC Z . 21.24 15.64 16.50
C7 CE1 AA . 32.56 3.69 3.61
C8 CE1 AA . 32.52 4.45 4.95
C9 CE1 AA . 31.63 5.72 4.95
C10 CE1 AA . 31.63 6.50 6.26
C11 CE1 AA . 30.43 7.43 6.48
C12 CE1 AA . 30.43 8.05 7.86
O13 CE1 AA . 29.54 9.17 7.93
C14 CE1 AA . 28.83 9.28 9.18
C15 CE1 AA . 27.88 10.44 9.13
O16 CE1 AA . 27.04 10.47 10.29
C17 CE1 AA . 26.26 11.65 10.39
C18 CE1 AA . 24.87 11.27 10.77
O19 CE1 AA . 24.24 12.32 11.51
C20 CE1 AA . 22.90 11.99 11.87
C21 CE1 AA . 22.62 12.26 13.33
O22 CE1 AA . 22.45 11.05 14.07
C23 CE1 AA . 23.31 10.90 15.18
C24 CE1 AA . 22.60 10.22 16.29
O25 CE1 AA . 23.51 9.89 17.32
C26 CE1 AA . 23.69 8.48 17.49
C27 CE1 AA . 24.13 8.15 18.88
O28 CE1 AA . 23.04 8.27 19.78
C29 CE1 AA . 23.44 8.21 21.14
C30 CE1 AA . 23.67 9.60 21.68
O31 CE1 AA . 23.89 9.54 23.09
C32 CE1 AA . 24.21 10.78 23.69
C33 CE1 AA . 22.98 11.59 23.97
O34 CE1 AA . 22.08 10.92 24.86
C35 CE1 AA . 20.94 11.71 25.25
C36 CE1 AA . 19.97 11.84 24.10
O37 CE1 AA . 18.58 11.76 24.52
H71 CE1 AA . 32.89 2.67 3.78
H72 CE1 AA . 33.34 4.12 2.97
H81 CE1 AA . 32.18 3.76 5.72
H82 CE1 AA . 33.53 4.72 5.26
H91 CE1 AA . 31.93 6.38 4.13
H92 CE1 AA . 30.61 5.44 4.70
H101 CE1 AA . 31.68 5.79 7.09
H102 CE1 AA . 32.54 7.08 6.34
H111 CE1 AA . 30.41 8.20 5.72
H112 CE1 AA . 29.49 6.87 6.33
H121 CE1 AA . 30.17 7.30 8.60
H122 CE1 AA . 31.44 8.37 8.13
H141 CE1 AA . 28.29 8.37 9.40
H142 CE1 AA . 29.53 9.43 10.00
H151 CE1 AA . 28.44 11.36 9.04
H152 CE1 AA . 27.25 10.38 8.22
H171 CE1 AA . 26.68 12.33 11.13
H172 CE1 AA . 26.24 12.18 9.43
H181 CE1 AA . 24.30 11.05 9.87
H182 CE1 AA . 24.88 10.35 11.35
H201 CE1 AA . 22.20 12.57 11.26
H202 CE1 AA . 22.68 10.95 11.66
H211 CE1 AA . 23.39 12.91 13.72
H212 CE1 AA . 21.70 12.85 13.40
H231 CE1 AA . 24.18 10.30 14.91
H232 CE1 AA . 23.69 11.85 15.55
H241 CE1 AA . 21.84 10.89 16.68
H242 CE1 AA . 22.06 9.36 15.92
H261 CE1 AA . 22.77 7.94 17.27
H262 CE1 AA . 24.43 8.11 16.79
H271 CE1 AA . 24.53 7.14 18.89
H272 CE1 AA . 24.94 8.82 19.19
H291 CE1 AA . 22.69 7.70 21.74
H292 CE1 AA . 24.36 7.64 21.25
H301 CE1 AA . 24.54 10.03 21.17
H302 CE1 AA . 22.81 10.23 21.42
H321 CE1 AA . 24.77 10.62 24.61
H322 CE1 AA . 24.87 11.36 23.04
H331 CE1 AA . 23.27 12.54 24.39
H332 CE1 AA . 22.48 11.84 23.04
H351 CE1 AA . 20.46 11.26 26.11
H352 CE1 AA . 21.27 12.70 25.58
H361 CE1 AA . 20.04 12.83 23.65
H362 CE1 AA . 20.18 11.13 23.31
H37 CE1 AA . 18.30 10.81 24.42
C1 CE1 BA . 22.49 4.63 -19.41
C2 CE1 BA . 22.33 4.26 -17.95
C3 CE1 BA . 22.97 5.26 -16.98
C4 CE1 BA . 23.17 4.70 -15.58
C5 CE1 BA . 23.58 5.72 -14.52
C6 CE1 BA . 23.71 5.13 -13.13
C7 CE1 BA . 24.43 6.03 -12.15
C8 CE1 BA . 25.16 5.28 -11.03
C9 CE1 BA . 24.46 5.27 -9.66
C10 CE1 BA . 25.11 4.34 -8.65
C11 CE1 BA . 24.40 4.28 -7.31
C12 CE1 BA . 25.06 3.38 -6.29
PA NAD CA . 28.88 -17.10 -25.60
O1A NAD CA . 29.19 -16.07 -26.63
O2A NAD CA . 27.38 -17.47 -25.66
O5B NAD CA . 29.81 -18.40 -25.81
C5B NAD CA . 29.77 -19.54 -24.95
C4B NAD CA . 30.10 -20.74 -25.79
O4B NAD CA . 30.15 -21.91 -24.95
C3B NAD CA . 29.12 -21.04 -26.93
O3B NAD CA . 29.77 -21.18 -28.19
C2B NAD CA . 28.43 -22.33 -26.47
O2B NAD CA . 28.02 -23.17 -27.54
C1B NAD CA . 29.53 -22.97 -25.64
N9A NAD CA . 29.05 -23.95 -24.68
C8A NAD CA . 27.97 -23.85 -23.85
N7A NAD CA . 27.67 -24.96 -23.21
C5A NAD CA . 28.65 -25.85 -23.63
C6A NAD CA . 28.87 -27.22 -23.36
N6A NAD CA . 28.07 -27.96 -22.58
N1A NAD CA . 29.93 -27.81 -23.95
C2A NAD CA . 30.72 -27.08 -24.76
N3A NAD CA . 30.59 -25.79 -25.10
C4A NAD CA . 29.53 -25.23 -24.51
O3 NAD CA . 29.22 -16.50 -24.16
PN NAD CA . 30.53 -15.87 -23.48
O1N NAD CA . 31.70 -16.00 -24.39
O2N NAD CA . 30.19 -14.54 -22.94
O5D NAD CA . 30.72 -16.85 -22.24
C5D NAD CA . 31.99 -17.48 -21.98
C4D NAD CA . 32.19 -17.62 -20.50
O4D NAD CA . 32.29 -16.31 -19.89
C3D NAD CA . 31.10 -18.37 -19.74
O3D NAD CA . 31.70 -19.26 -18.79
C2D NAD CA . 30.36 -17.25 -19.02
O2D NAD CA . 29.75 -17.69 -17.81
C1D NAD CA . 31.50 -16.29 -18.75
N1N NAD CA . 31.06 -14.83 -18.47
C2N NAD CA . 30.27 -14.25 -19.39
C3N NAD CA . 29.77 -12.98 -19.18
C7N NAD CA . 28.92 -12.28 -20.19
O7N NAD CA . 28.26 -11.27 -19.85
N7N NAD CA . 28.81 -12.82 -21.39
C4N NAD CA . 30.17 -12.30 -18.02
C5N NAD CA . 31.01 -12.90 -17.12
C6N NAD CA . 31.44 -14.18 -17.35
C4 YYC DA . 29.54 -2.34 -9.90
C7 YYC DA . 27.90 -2.37 -7.69
C6 YYC DA . 28.56 -3.52 -8.05
C13 YYC DA . 28.07 -8.24 -9.96
C16 YYC DA . 28.46 -5.86 -11.47
C26 YYC DA . 25.76 -11.17 -15.72
C1 YYC DA . 27.36 0.08 -7.96
C2 YYC DA . 28.04 -1.19 -8.40
C3 YYC DA . 28.87 -1.20 -9.52
C5 YYC DA . 29.40 -3.50 -9.15
S8 YYC DA . 30.31 -4.94 -9.59
O9 YYC DA . 30.86 -5.52 -8.40
O10 YYC DA . 31.21 -4.58 -10.66
C11 YYC DA . 29.12 -6.08 -10.24
C12 YYC DA . 28.92 -7.24 -9.51
C14 YYC DA . 27.40 -8.03 -11.16
C15 YYC DA . 27.60 -6.88 -11.91
C17 YYC DA . 28.63 -4.59 -12.25
S18 YYC DA . 26.83 -6.79 -13.50
O19 YYC DA . 27.86 -6.90 -14.48
O20 YYC DA . 25.97 -5.65 -13.48
N21 YYC DA . 25.88 -8.12 -13.64
C22 YYC DA . 26.30 -9.33 -14.28
C23 YYC DA . 27.61 -9.78 -14.22
C24 YYC DA . 27.99 -10.92 -14.90
C25 YYC DA . 27.06 -11.63 -15.66
C27 YYC DA . 25.37 -10.04 -15.02
C28 YYC DA . 27.41 -12.96 -16.25
O29 YYC DA . 28.40 -13.56 -15.88
O30 YYC DA . 26.51 -13.47 -17.06
C31 YYC DA . 27.99 -9.57 -9.26
H36 YYC DA . 30.17 -2.30 -10.79
H38 YYC DA . 27.24 -2.39 -6.82
H37 YYC DA . 28.44 -4.44 -7.47
H47 YYC DA . 25.01 -11.68 -16.32
H33 YYC DA . 26.51 -0.11 -7.32
H32 YYC DA . 27.00 0.64 -8.83
H34 YYC DA . 28.03 0.74 -7.41
H35 YYC DA . 28.98 -0.29 -10.11
H39 YYC DA . 29.40 -7.42 -8.56
H40 YYC DA . 26.70 -8.80 -11.47
H41 YYC DA . 28.35 -3.68 -11.71
H43 YYC DA . 29.68 -4.45 -12.51
H42 YYC DA . 28.05 -4.48 -13.17
H44 YYC DA . 24.93 -8.18 -13.29
H45 YYC DA . 28.36 -9.25 -13.63
H46 YYC DA . 29.02 -11.26 -14.80
H48 YYC DA . 24.32 -9.74 -15.06
H49 YYC DA . 26.81 -14.35 -17.41
H51 YYC DA . 27.61 -9.47 -8.24
H50 YYC DA . 27.34 -10.26 -9.78
H52 YYC DA . 28.97 -10.05 -9.18
S SO4 EA . 47.00 -11.54 -8.36
O1 SO4 EA . 47.71 -11.84 -9.59
O2 SO4 EA . 45.67 -11.01 -8.68
O3 SO4 EA . 47.78 -10.54 -7.63
O4 SO4 EA . 46.88 -12.73 -7.51
PA NAD FA . 29.11 -34.55 11.48
O1A NAD FA . 29.27 -34.64 12.95
O2A NAD FA . 29.86 -35.72 10.79
O5B NAD FA . 27.54 -34.60 11.10
C5B NAD FA . 27.03 -34.47 9.76
C4B NAD FA . 25.73 -35.22 9.70
O4B NAD FA . 25.15 -35.08 8.37
C3B NAD FA . 25.82 -36.73 9.99
O3B NAD FA . 24.89 -37.14 10.99
C2B NAD FA . 25.52 -37.36 8.62
O2B NAD FA . 24.87 -38.62 8.72
C1B NAD FA . 24.61 -36.32 8.00
N9A NAD FA . 24.53 -36.38 6.54
C8A NAD FA . 25.57 -36.56 5.66
N7A NAD FA . 25.19 -36.75 4.43
C5A NAD FA . 23.81 -36.68 4.48
C6A NAD FA . 22.81 -36.82 3.51
N6A NAD FA . 23.06 -37.12 2.23
N1A NAD FA . 21.53 -36.71 3.90
C2A NAD FA . 21.27 -36.46 5.18
N3A NAD FA . 22.13 -36.31 6.20
C4A NAD FA . 23.39 -36.43 5.78
O3 NAD FA . 29.71 -33.16 10.99
PN NAD FA . 29.46 -31.61 11.33
O1N NAD FA . 28.32 -31.46 12.26
O2N NAD FA . 30.75 -30.99 11.65
O5D NAD FA . 29.02 -31.06 9.90
C5D NAD FA . 27.82 -30.29 9.74
C4D NAD FA . 28.05 -29.27 8.66
O4D NAD FA . 29.04 -28.31 9.10
C3D NAD FA . 28.52 -29.81 7.31
O3D NAD FA . 27.80 -29.14 6.28
C2D NAD FA . 30.00 -29.41 7.27
O2D NAD FA . 30.50 -29.21 5.96
C1D NAD FA . 29.96 -28.10 8.06
N1N NAD FA . 31.29 -27.65 8.68
C2N NAD FA . 31.97 -28.57 9.39
C3N NAD FA . 33.20 -28.25 9.95
C7N NAD FA . 33.93 -29.22 10.83
O7N NAD FA . 35.13 -29.06 11.03
N7N NAD FA . 33.29 -30.30 11.24
C4N NAD FA . 33.69 -26.96 9.78
C5N NAD FA . 32.97 -26.04 9.06
C6N NAD FA . 31.77 -26.40 8.51
C4 YYC GA . 44.26 -19.28 8.19
C7 YYC GA . 45.10 -18.08 10.54
C6 YYC GA . 43.74 -18.20 10.27
C13 YYC GA . 40.64 -21.93 6.28
C16 YYC GA . 41.37 -21.66 9.01
C26 YYC GA . 38.17 -28.25 7.89
C1 YYC GA . 47.51 -18.52 10.00
C2 YYC GA . 46.04 -18.59 9.66
C3 YYC GA . 45.61 -19.18 8.48
C5 YYC GA . 43.33 -18.81 9.09
S8 YYC GA . 41.62 -18.88 8.70
O9 YYC GA . 41.37 -17.99 7.60
O10 YYC GA . 40.87 -18.68 9.92
C11 YYC GA . 41.31 -20.55 8.14
C12 YYC GA . 40.97 -20.69 6.81
C14 YYC GA . 40.68 -23.03 7.11
C15 YYC GA . 41.05 -22.91 8.45
C17 YYC GA . 41.72 -21.51 10.48
S18 YYC GA . 41.15 -24.42 9.40
O19 YYC GA . 40.15 -24.34 10.43
O20 YYC GA . 42.52 -24.60 9.76
N21 YYC GA . 40.76 -25.65 8.41
C22 YYC GA . 39.48 -26.27 8.28
C23 YYC GA . 38.33 -25.49 8.17
C24 YYC GA . 37.10 -26.10 7.90
C25 YYC GA . 37.02 -27.47 7.74
C27 YYC GA . 39.38 -27.65 8.15
C28 YYC GA . 35.77 -28.10 7.24
O29 YYC GA . 35.58 -29.32 7.34
O30 YYC GA . 34.86 -27.28 6.81
C31 YYC GA . 40.23 -22.07 4.83
H36 YYC GA . 43.95 -19.73 7.24
H38 YYC GA . 45.40 -17.58 11.45
H37 YYC GA . 43.02 -17.82 10.99
H47 YYC GA . 38.12 -29.33 7.80
H33 YYC GA . 47.68 -18.40 11.07
H32 YYC GA . 47.97 -17.67 9.50
H34 YYC GA . 48.06 -19.41 9.69
H35 YYC GA . 46.34 -19.56 7.78
H39 YYC GA . 40.95 -19.85 6.12
H40 YYC GA . 40.43 -23.99 6.67
H41 YYC GA . 41.94 -22.42 11.03
H43 YYC GA . 40.88 -21.05 10.99
H42 YYC GA . 42.61 -20.91 10.65
H44 YYC GA . 41.43 -26.11 7.81
H45 YYC GA . 38.37 -24.41 8.30
H46 YYC GA . 36.24 -25.45 7.82
H48 YYC GA . 40.27 -28.28 8.25
H51 YYC GA . 39.66 -22.98 4.64
H50 YYC GA . 41.10 -22.07 4.19
H52 YYC GA . 39.58 -21.24 4.51
S SO4 HA . 16.91 -16.78 24.45
O1 SO4 HA . 15.93 -17.31 23.51
O2 SO4 HA . 18.26 -17.03 23.93
O3 SO4 HA . 16.82 -17.39 25.79
O4 SO4 HA . 16.65 -15.35 24.60
S SO4 IA . 25.38 -9.01 8.66
O1 SO4 IA . 25.43 -8.24 7.43
O2 SO4 IA . 26.25 -10.17 8.54
O3 SO4 IA . 24.00 -9.42 8.92
O4 SO4 IA . 25.82 -8.18 9.78
S SO4 JA . 4.49 -30.74 17.90
O1 SO4 JA . 5.86 -30.31 18.19
O2 SO4 JA . 4.10 -30.27 16.58
O3 SO4 JA . 3.55 -30.27 18.92
O4 SO4 JA . 4.50 -32.19 17.85
PA NAD KA . -38.89 -11.20 -27.89
O1A NAD KA . -39.66 -12.21 -28.64
O2A NAD KA . -39.72 -10.74 -26.70
O5B NAD KA . -37.42 -11.74 -27.36
C5B NAD KA . -36.50 -10.93 -26.60
C4B NAD KA . -35.64 -11.84 -25.73
O4B NAD KA . -34.70 -11.05 -24.96
C3B NAD KA . -36.39 -12.73 -24.71
O3B NAD KA . -35.93 -14.07 -24.80
C2B NAD KA . -36.03 -12.08 -23.37
O2B NAD KA . -36.07 -12.96 -22.25
C1B NAD KA . -34.62 -11.61 -23.67
N9A NAD KA . -34.12 -10.60 -22.75
C8A NAD KA . -34.75 -9.46 -22.31
N7A NAD KA . -34.06 -8.76 -21.45
C5A NAD KA . -32.88 -9.48 -21.31
C6A NAD KA . -31.72 -9.27 -20.53
N6A NAD KA . -31.57 -8.25 -19.68
N1A NAD KA . -30.72 -10.17 -20.65
C2A NAD KA . -30.88 -11.21 -21.47
N3A NAD KA . -31.92 -11.52 -22.24
C4A NAD KA . -32.89 -10.61 -22.11
O3 NAD KA . -38.60 -9.94 -28.81
PN NAD KA . -37.89 -9.82 -30.24
O1N NAD KA . -37.05 -11.02 -30.44
O2N NAD KA . -38.88 -9.43 -31.26
O5D NAD KA . -36.92 -8.57 -30.05
C5D NAD KA . -35.49 -8.78 -30.00
C4D NAD KA . -34.81 -7.49 -30.38
O4D NAD KA . -35.39 -7.00 -31.61
C3D NAD KA . -34.90 -6.34 -29.36
O3D NAD KA . -33.67 -5.64 -29.26
C2D NAD KA . -35.99 -5.45 -29.95
O2D NAD KA . -35.85 -4.09 -29.55
C1D NAD KA . -35.71 -5.64 -31.44
N1N NAD KA . -36.86 -5.30 -32.38
C2N NAD KA . -38.04 -5.91 -32.20
C3N NAD KA . -39.14 -5.52 -32.96
C7N NAD KA . -40.49 -6.16 -32.78
O7N NAD KA . -41.47 -5.60 -33.26
N7N NAD KA . -40.57 -7.25 -32.04
C4N NAD KA . -38.97 -4.54 -33.92
C5N NAD KA . -37.74 -3.95 -34.11
C6N NAD KA . -36.68 -4.34 -33.32
C4 YYC LA . -43.83 5.46 -41.22
C7 YYC LA . -44.79 4.63 -43.68
C6 YYC LA . -43.66 4.04 -43.15
C13 YYC LA . -41.38 3.87 -37.29
C16 YYC LA . -42.84 2.32 -39.19
C26 YYC LA . -42.54 -1.18 -32.64
C1 YYC LA . -46.71 6.28 -43.56
C2 YYC LA . -45.46 5.65 -42.99
C3 YYC LA . -44.96 6.04 -41.76
C5 YYC LA . -43.19 4.46 -41.92
S8 YYC LA . -41.68 3.79 -41.29
O9 YYC LA . -40.69 4.82 -41.34
O10 YYC LA . -41.43 2.56 -41.99
C11 YYC LA . -42.00 3.39 -39.58
C12 YYC LA . -41.31 4.15 -38.65
C14 YYC LA . -42.20 2.83 -36.88
C15 YYC LA . -42.91 2.07 -37.79
C17 YYC LA . -43.58 1.48 -40.20
S18 YYC LA . -43.95 0.78 -37.13
O19 YYC LA . -43.43 -0.48 -37.60
O20 YYC LA . -45.31 1.12 -37.42
N21 YYC LA . -43.81 0.80 -35.51
C22 YYC LA . -42.94 -0.01 -34.71
C23 YYC LA . -41.62 -0.21 -35.06
C24 YYC LA . -40.76 -0.88 -34.21
C25 YYC LA . -41.20 -1.37 -32.99
C27 YYC LA . -43.40 -0.51 -33.49
C28 YYC LA . -40.25 -1.91 -31.98
O29 YYC LA . -40.63 -2.56 -31.01
O30 YYC LA . -38.98 -1.72 -32.25
C31 YYC LA . -40.61 4.68 -36.29
H36 YYC LA . -43.46 5.80 -40.26
H38 YYC LA . -45.17 4.30 -44.64
H37 YYC LA . -43.17 3.25 -43.71
H47 YYC LA . -42.92 -1.54 -31.68
H33 YYC LA . -47.19 5.64 -44.30
H32 YYC LA . -46.46 7.22 -44.04
H34 YYC LA . -47.46 6.47 -42.79
H35 YYC LA . -45.48 6.83 -41.20
H39 YYC LA . -40.68 4.99 -38.94
H40 YYC LA . -42.24 2.62 -35.82
H41 YYC LA . -44.36 0.83 -39.82
H43 YYC LA . -42.87 0.83 -40.71
H42 YYC LA . -44.11 2.08 -40.94
H44 YYC LA . -44.35 1.42 -34.93
H45 YYC LA . -41.25 0.15 -36.02
H46 YYC LA . -39.73 -1.01 -34.55
H48 YYC LA . -44.43 -0.37 -33.18
H49 YYC LA . -38.40 -2.10 -31.54
H51 YYC LA . -40.46 4.15 -35.35
H50 YYC LA . -41.14 5.61 -36.08
H52 YYC LA . -39.61 4.93 -36.66
S SO4 MA . -24.11 -0.47 -46.30
O1 SO4 MA . -23.06 -1.47 -46.41
O2 SO4 MA . -24.77 -0.27 -47.60
O3 SO4 MA . -23.50 0.76 -45.80
O4 SO4 MA . -25.12 -0.89 -45.34
S SO4 NA . -30.90 8.17 -46.76
O1 SO4 NA . -30.06 8.06 -47.96
O2 SO4 NA . -32.30 8.38 -47.13
O3 SO4 NA . -30.46 9.32 -45.97
O4 SO4 NA . -30.78 6.94 -45.97
PA NAD OA . -18.44 23.89 -21.43
O1A NAD OA . -17.91 25.24 -21.76
O2A NAD OA . -17.32 23.01 -20.83
O5B NAD OA . -19.67 23.99 -20.38
C5B NAD OA . -20.43 22.85 -19.95
C4B NAD OA . -20.93 23.15 -18.57
O4B NAD OA . -21.72 22.03 -18.10
C3B NAD OA . -19.84 23.40 -17.52
O3B NAD OA . -20.01 24.63 -16.83
C2B NAD OA . -19.94 22.17 -16.60
O2B NAD OA . -19.57 22.42 -15.25
C1B NAD OA . -21.42 21.83 -16.75
N9A NAD OA . -21.76 20.46 -16.39
C8A NAD OA . -21.11 19.31 -16.74
N7A NAD OA . -21.54 18.24 -16.13
C5A NAD OA . -22.57 18.71 -15.33
C6A NAD OA . -23.42 18.08 -14.39
N6A NAD OA . -23.34 16.79 -14.08
N1A NAD OA . -24.35 18.84 -13.77
C2A NAD OA . -24.41 20.15 -14.05
N3A NAD OA . -23.63 20.86 -14.88
C4A NAD OA . -22.73 20.08 -15.49
O3 NAD OA . -18.99 23.21 -22.77
PN NAD OA . -20.09 23.59 -23.86
O1N NAD OA . -20.80 24.83 -23.47
O2N NAD OA . -19.44 23.51 -25.18
O5D NAD OA . -21.09 22.36 -23.74
C5D NAD OA . -22.50 22.55 -23.60
C4D NAD OA . -23.24 21.46 -24.35
O4D NAD OA . -23.00 21.58 -25.77
C3D NAD OA . -22.90 20.00 -23.97
O3D NAD OA . -24.11 19.26 -23.89
C2D NAD OA . -22.06 19.53 -25.15
O2D NAD OA . -22.15 18.12 -25.36
C1D NAD OA . -22.70 20.30 -26.29
N1N NAD OA . -21.82 20.49 -27.53
C2N NAD OA . -20.58 20.98 -27.34
C3N NAD OA . -19.71 21.08 -28.41
C7N NAD OA . -18.33 21.67 -28.23
O7N NAD OA . -17.45 21.43 -29.08
N7N NAD OA . -18.06 22.29 -27.10
C4N NAD OA . -20.17 20.76 -29.68
C5N NAD OA . -21.46 20.30 -29.84
C6N NAD OA . -22.28 20.15 -28.75
C4 YYC PA . -18.51 15.99 -42.04
C7 YYC PA . -17.34 18.25 -43.11
C6 YYC PA . -18.28 18.38 -42.12
C13 YYC PA . -19.52 15.17 -37.03
C16 YYC PA . -18.25 17.43 -38.20
C26 YYC PA . -18.91 17.61 -32.10
C1 YYC PA . -15.93 16.88 -44.69
C2 YYC PA . -16.96 17.00 -43.59
C3 YYC PA . -17.57 15.88 -43.04
C5 YYC PA . -18.86 17.25 -41.58
S8 YYC PA . -20.09 17.40 -40.32
O9 YYC PA . -21.19 16.54 -40.67
O10 YYC PA . -20.35 18.80 -40.12
C11 YYC PA . -19.33 16.77 -38.84
C12 YYC PA . -19.93 15.66 -38.27
C14 YYC PA . -18.49 15.83 -36.38
C15 YYC PA . -17.86 16.93 -36.94
C17 YYC PA . -17.49 18.56 -38.85
S18 YYC PA . -16.53 17.67 -36.04
O19 YYC PA . -15.33 17.43 -36.77
O20 YYC PA . -16.91 19.02 -35.75
N21 YYC PA . -16.33 16.83 -34.66
C22 YYC PA . -16.96 17.11 -33.41
C23 YYC PA . -16.23 16.95 -32.23
C24 YYC PA . -16.85 17.13 -31.01
C25 YYC PA . -18.20 17.43 -30.93
C27 YYC PA . -18.29 17.46 -33.34
C28 YYC PA . -18.87 17.59 -29.62
O29 YYC PA . -20.09 17.62 -29.55
O30 YYC PA . -18.09 17.57 -28.56
C31 YYC PA . -20.17 13.94 -36.42
H36 YYC PA . -18.96 15.09 -41.63
H38 YYC PA . -16.87 19.14 -43.52
H37 YYC PA . -18.55 19.37 -41.77
H47 YYC PA . -19.97 17.88 -32.08
H33 YYC PA . -15.91 15.88 -45.12
H32 YYC PA . -16.14 17.59 -45.49
H34 YYC PA . -14.93 17.09 -44.33
H35 YYC PA . -17.28 14.89 -43.41
H39 YYC PA . -20.73 15.12 -38.76
H40 YYC PA . -18.20 15.44 -35.41
H41 YYC PA . -18.04 19.14 -39.58
H43 YYC PA . -16.63 18.16 -39.38
H42 YYC PA . -17.15 19.34 -38.17
H44 YYC PA . -15.72 16.02 -34.58
H45 YYC PA . -15.18 16.69 -32.26
H46 YYC PA . -16.23 17.00 -30.12
H48 YYC PA . -18.89 17.62 -34.23
H49 YYC PA . -18.60 17.68 -27.72
H51 YYC PA . -20.09 13.07 -37.07
H50 YYC PA . -21.23 14.14 -36.25
H52 YYC PA . -19.73 13.67 -35.47
S SO4 QA . -37.49 21.95 -38.68
O1 SO4 QA . -36.47 20.91 -38.42
O2 SO4 QA . -37.37 22.38 -40.06
O3 SO4 QA . -37.27 23.09 -37.81
O4 SO4 QA . -38.84 21.44 -38.44
S SO4 RA . -3.69 10.14 -55.96
O1 SO4 RA . -4.43 9.55 -57.09
O2 SO4 RA . -2.55 10.82 -56.51
O3 SO4 RA . -4.57 11.10 -55.28
O4 SO4 RA . -3.25 9.10 -55.01
S SO4 SA . -34.08 17.02 -39.88
O1 SO4 SA . -33.79 16.64 -41.26
O2 SO4 SA . -33.83 18.46 -39.74
O3 SO4 SA . -35.50 16.77 -39.57
O4 SO4 SA . -33.23 16.27 -38.97
#